data_3TEO
#
_entry.id   3TEO
#
_cell.length_a   227.180
_cell.length_b   165.510
_cell.length_c   115.940
_cell.angle_alpha   90.00
_cell.angle_beta   91.17
_cell.angle_gamma   90.00
#
_symmetry.space_group_name_H-M   'C 1 2 1'
#
loop_
_entity.id
_entity.type
_entity.pdbx_description
1 polymer 'Carbon disulfide hydrolase'
2 non-polymer 'CHLORIDE ION'
3 non-polymer 3,6,9,12,15,18,21,24,27,30,33,36,39-TRIDECAOXAHENTETRACONTANE-1,41-DIOL
4 water water
#
_entity_poly.entity_id   1
_entity_poly.type   'polypeptide(L)'
_entity_poly.pdbx_seq_one_letter_code
;(MSE)VSEYIDSELKRLEDYALRRVKGIPNNRRLWVLTC(MSE)DERVHIEQSLGIQPDDAHIYRNAGGIVTDDAIRSAS
LTTNFFGTKEIIVVTHTDCG(MSE)LRFTGEEVAKYFISKGIKPTEVQLDPLLPAFRISSEEDFIKWFKFYEDLGVKSPD
E(MSE)ALKGVEILRNHPLIPKDVRITGYVYEVETHRLRKPNQIIYNETSKFEHGTIVKE
;
_entity_poly.pdbx_strand_id   A,B,C,D,E,F,G,H,I,J,K,L,M,N,O,P
#
loop_
_chem_comp.id
_chem_comp.type
_chem_comp.name
_chem_comp.formula
CL non-polymer 'CHLORIDE ION' 'Cl -1'
PE3 non-polymer 3,6,9,12,15,18,21,24,27,30,33,36,39-TRIDECAOXAHENTETRACONTANE-1,41-DIOL 'C28 H58 O15'
#
# COMPACT_ATOMS: atom_id res chain seq x y z
N VAL A 2 40.82 -10.50 -6.31
CA VAL A 2 39.72 -10.52 -7.32
C VAL A 2 39.88 -11.68 -8.31
N SER A 3 41.12 -12.05 -8.61
CA SER A 3 41.42 -13.11 -9.58
C SER A 3 41.00 -14.50 -9.11
N GLU A 4 41.05 -14.73 -7.80
CA GLU A 4 40.72 -16.05 -7.24
C GLU A 4 39.25 -16.42 -7.39
N TYR A 5 38.35 -15.43 -7.35
CA TYR A 5 36.93 -15.68 -7.63
C TYR A 5 36.70 -15.98 -9.12
N ILE A 6 37.39 -15.23 -9.98
CA ILE A 6 37.31 -15.44 -11.42
C ILE A 6 37.73 -16.87 -11.75
N ASP A 7 38.85 -17.30 -11.19
CA ASP A 7 39.37 -18.65 -11.38
C ASP A 7 38.39 -19.71 -10.88
N SER A 8 37.78 -19.43 -9.73
CA SER A 8 36.77 -20.31 -9.15
C SER A 8 35.57 -20.50 -10.08
N GLU A 9 35.07 -19.39 -10.61
CA GLU A 9 33.87 -19.41 -11.45
C GLU A 9 34.14 -19.99 -12.85
N LEU A 10 35.38 -19.90 -13.31
CA LEU A 10 35.79 -20.53 -14.57
C LEU A 10 35.82 -22.05 -14.45
N LYS A 11 36.32 -22.57 -13.33
CA LYS A 11 36.35 -24.01 -13.09
C LYS A 11 34.93 -24.59 -12.97
N ARG A 12 34.03 -23.82 -12.35
CA ARG A 12 32.62 -24.20 -12.24
C ARG A 12 31.99 -24.30 -13.63
N LEU A 13 32.28 -23.31 -14.46
CA LEU A 13 31.80 -23.27 -15.84
C LEU A 13 32.36 -24.43 -16.67
N GLU A 14 33.61 -24.81 -16.41
CA GLU A 14 34.24 -25.94 -17.07
C GLU A 14 33.54 -27.26 -16.72
N ASP A 15 33.29 -27.48 -15.44
CA ASP A 15 32.60 -28.69 -14.98
C ASP A 15 31.22 -28.83 -15.62
N TYR A 16 30.47 -27.73 -15.67
CA TYR A 16 29.14 -27.71 -16.27
C TYR A 16 29.18 -28.01 -17.78
N ALA A 17 30.17 -27.45 -18.47
CA ALA A 17 30.30 -27.62 -19.91
C ALA A 17 30.82 -29.00 -20.30
N LEU A 18 31.44 -29.71 -19.36
CA LEU A 18 32.09 -30.98 -19.64
C LEU A 18 31.64 -32.09 -18.68
N ARG A 19 30.37 -32.06 -18.28
CA ARG A 19 29.83 -33.05 -17.34
C ARG A 19 29.99 -34.47 -17.85
N ARG A 20 29.73 -34.66 -19.13
CA ARG A 20 29.75 -35.99 -19.75
C ARG A 20 31.17 -36.48 -20.02
N VAL A 21 32.13 -35.57 -20.10
CA VAL A 21 33.55 -35.93 -20.17
C VAL A 21 34.07 -36.31 -18.78
N LYS A 22 33.74 -35.51 -17.78
CA LYS A 22 34.30 -35.65 -16.43
C LYS A 22 33.55 -36.65 -15.53
N GLY A 23 32.40 -37.13 -15.98
CA GLY A 23 31.61 -38.07 -15.19
C GLY A 23 30.85 -37.38 -14.07
N ILE A 24 30.16 -36.29 -14.41
CA ILE A 24 29.26 -35.60 -13.49
C ILE A 24 27.83 -35.92 -13.93
N PRO A 25 26.98 -36.36 -12.98
CA PRO A 25 25.61 -36.70 -13.32
C PRO A 25 24.72 -35.48 -13.42
N ASN A 26 23.44 -35.68 -13.77
CA ASN A 26 22.43 -34.63 -13.59
C ASN A 26 22.15 -34.47 -12.09
N ASN A 27 21.53 -33.36 -11.71
CA ASN A 27 21.52 -32.94 -10.30
C ASN A 27 20.75 -33.85 -9.33
N ARG A 28 19.69 -34.50 -9.80
CA ARG A 28 18.94 -35.46 -8.96
C ARG A 28 19.12 -36.93 -9.38
N ARG A 29 20.12 -37.19 -10.23
CA ARG A 29 20.36 -38.55 -10.77
C ARG A 29 19.05 -39.19 -11.21
N LEU A 30 18.31 -38.46 -12.03
CA LEU A 30 16.94 -38.81 -12.39
C LEU A 30 16.78 -38.91 -13.90
N TRP A 31 15.97 -39.87 -14.33
CA TRP A 31 15.61 -40.02 -15.74
C TRP A 31 14.09 -40.14 -15.84
N VAL A 32 13.49 -39.39 -16.76
CA VAL A 32 12.04 -39.33 -16.88
C VAL A 32 11.60 -39.78 -18.28
N LEU A 33 10.70 -40.76 -18.32
CA LEU A 33 10.04 -41.18 -19.56
C LEU A 33 8.68 -40.54 -19.58
N THR A 34 8.46 -39.62 -20.52
CA THR A 34 7.18 -38.94 -20.60
C THR A 34 6.77 -38.64 -22.04
N CYS A 35 5.71 -37.83 -22.17
CA CYS A 35 5.06 -37.60 -23.44
C CYS A 35 5.54 -36.32 -24.11
N MSE A 36 5.57 -36.34 -25.44
CA MSE A 36 5.94 -35.15 -26.22
C MSE A 36 4.83 -34.11 -26.25
O MSE A 36 5.05 -32.96 -26.63
CB MSE A 36 6.29 -35.55 -27.66
CG MSE A 36 5.09 -35.97 -28.50
SE MSE A 36 5.60 -36.36 -30.33
CE MSE A 36 3.84 -36.77 -31.07
N ASP A 37 3.62 -34.52 -25.86
CA ASP A 37 2.45 -33.64 -25.81
C ASP A 37 2.80 -32.28 -25.21
N GLU A 38 2.33 -31.22 -25.83
CA GLU A 38 2.70 -29.85 -25.48
C GLU A 38 2.12 -29.40 -24.13
N ARG A 39 1.05 -30.06 -23.69
CA ARG A 39 0.36 -29.69 -22.46
C ARG A 39 1.00 -30.36 -21.23
N VAL A 40 1.83 -31.37 -21.46
CA VAL A 40 2.51 -32.05 -20.37
C VAL A 40 3.74 -31.26 -19.95
N HIS A 41 3.54 -30.30 -19.04
CA HIS A 41 4.61 -29.48 -18.50
C HIS A 41 5.24 -30.26 -17.35
N ILE A 42 6.29 -31.00 -17.67
CA ILE A 42 6.78 -32.07 -16.81
C ILE A 42 7.52 -31.60 -15.54
N GLU A 43 8.35 -30.57 -15.68
CA GLU A 43 9.27 -30.17 -14.60
C GLU A 43 8.56 -29.66 -13.35
N GLN A 44 7.57 -28.79 -13.53
CA GLN A 44 6.79 -28.26 -12.41
C GLN A 44 5.97 -29.33 -11.70
N SER A 45 5.45 -30.29 -12.46
CA SER A 45 4.63 -31.37 -11.88
C SER A 45 5.46 -32.39 -11.10
N LEU A 46 6.75 -32.50 -11.45
CA LEU A 46 7.69 -33.36 -10.71
C LEU A 46 8.37 -32.59 -9.57
N GLY A 47 8.21 -31.27 -9.56
CA GLY A 47 8.88 -30.41 -8.58
C GLY A 47 10.38 -30.40 -8.78
N ILE A 48 10.83 -30.29 -10.03
CA ILE A 48 12.26 -30.30 -10.32
C ILE A 48 12.71 -29.04 -11.04
N GLN A 49 14.02 -28.83 -11.06
CA GLN A 49 14.65 -27.66 -11.67
C GLN A 49 15.30 -28.06 -13.00
N PRO A 50 15.63 -27.07 -13.86
CA PRO A 50 16.17 -27.32 -15.20
C PRO A 50 17.27 -28.38 -15.33
N ASP A 51 18.25 -28.37 -14.44
CA ASP A 51 19.40 -29.29 -14.52
C ASP A 51 19.23 -30.59 -13.70
N ASP A 52 18.01 -30.88 -13.24
CA ASP A 52 17.80 -32.01 -12.32
C ASP A 52 17.68 -33.39 -12.98
N ALA A 53 17.16 -33.46 -14.20
CA ALA A 53 16.86 -34.75 -14.82
C ALA A 53 17.18 -34.85 -16.32
N HIS A 54 17.45 -36.07 -16.76
CA HIS A 54 17.42 -36.41 -18.17
C HIS A 54 15.97 -36.72 -18.53
N ILE A 55 15.38 -35.89 -19.39
CA ILE A 55 13.98 -36.06 -19.75
C ILE A 55 13.86 -36.63 -21.16
N TYR A 56 13.42 -37.90 -21.24
CA TYR A 56 13.12 -38.56 -22.51
C TYR A 56 11.64 -38.35 -22.83
N ARG A 57 11.35 -37.97 -24.07
CA ARG A 57 9.97 -37.68 -24.49
C ARG A 57 9.67 -38.29 -25.88
N ASN A 58 8.53 -38.96 -25.99
CA ASN A 58 8.05 -39.51 -27.26
C ASN A 58 6.53 -39.47 -27.35
N ALA A 59 5.97 -40.05 -28.41
CA ALA A 59 4.53 -40.12 -28.59
C ALA A 59 3.91 -41.14 -27.62
N GLY A 60 3.20 -40.64 -26.61
CA GLY A 60 2.50 -41.48 -25.64
C GLY A 60 3.21 -41.75 -24.34
N GLY A 61 4.52 -41.47 -24.27
CA GLY A 61 5.33 -41.82 -23.11
C GLY A 61 5.40 -43.33 -22.94
N ILE A 62 5.57 -44.03 -24.06
CA ILE A 62 5.60 -45.49 -24.10
C ILE A 62 7.03 -45.98 -24.22
N VAL A 63 7.29 -47.15 -23.67
CA VAL A 63 8.62 -47.76 -23.70
C VAL A 63 8.89 -48.32 -25.10
N THR A 64 9.76 -47.63 -25.84
CA THR A 64 10.24 -48.10 -27.13
C THR A 64 11.68 -48.55 -26.96
N ASP A 65 12.27 -49.07 -28.04
CA ASP A 65 13.70 -49.46 -28.02
C ASP A 65 14.58 -48.25 -27.75
N ASP A 66 14.18 -47.09 -28.25
CA ASP A 66 14.92 -45.85 -28.05
C ASP A 66 14.81 -45.41 -26.58
N ALA A 67 13.63 -45.59 -25.98
CA ALA A 67 13.47 -45.35 -24.55
C ALA A 67 14.43 -46.22 -23.74
N ILE A 68 14.52 -47.50 -24.10
CA ILE A 68 15.43 -48.44 -23.44
C ILE A 68 16.89 -48.10 -23.72
N ARG A 69 17.21 -47.78 -24.98
CA ARG A 69 18.55 -47.33 -25.36
C ARG A 69 19.00 -46.17 -24.46
N SER A 70 18.16 -45.14 -24.40
CA SER A 70 18.42 -43.95 -23.61
C SER A 70 18.47 -44.23 -22.11
N ALA A 71 17.50 -44.99 -21.61
CA ALA A 71 17.47 -45.38 -20.20
C ALA A 71 18.70 -46.19 -19.78
N SER A 72 19.16 -47.06 -20.67
CA SER A 72 20.31 -47.93 -20.36
C SER A 72 21.63 -47.17 -20.28
N LEU A 73 21.73 -46.06 -21.02
CA LEU A 73 22.96 -45.26 -21.01
C LEU A 73 22.99 -44.31 -19.81
N THR A 74 21.88 -43.63 -19.54
CA THR A 74 21.83 -42.70 -18.41
C THR A 74 22.08 -43.39 -17.07
N THR A 75 21.52 -44.58 -16.90
CA THR A 75 21.64 -45.33 -15.65
C THR A 75 23.01 -45.96 -15.49
N ASN A 76 23.49 -46.64 -16.53
CA ASN A 76 24.78 -47.34 -16.47
C ASN A 76 26.01 -46.45 -16.59
N PHE A 77 25.90 -45.37 -17.36
CA PHE A 77 27.06 -44.53 -17.68
C PHE A 77 27.03 -43.11 -17.11
N PHE A 78 25.83 -42.53 -16.94
CA PHE A 78 25.71 -41.15 -16.44
C PHE A 78 25.15 -41.07 -15.01
N GLY A 79 25.19 -42.18 -14.29
CA GLY A 79 24.94 -42.19 -12.84
C GLY A 79 23.51 -41.96 -12.38
N THR A 80 22.53 -42.22 -13.25
CA THR A 80 21.13 -42.08 -12.89
C THR A 80 20.69 -43.25 -11.99
N LYS A 81 20.01 -42.93 -10.88
CA LYS A 81 19.59 -43.92 -9.90
C LYS A 81 18.07 -44.03 -9.76
N GLU A 82 17.33 -43.11 -10.37
CA GLU A 82 15.88 -43.12 -10.29
C GLU A 82 15.26 -42.90 -11.66
N ILE A 83 14.16 -43.60 -11.92
CA ILE A 83 13.36 -43.43 -13.11
C ILE A 83 11.92 -43.11 -12.73
N ILE A 84 11.31 -42.17 -13.45
CA ILE A 84 9.88 -41.89 -13.27
C ILE A 84 9.20 -41.93 -14.63
N VAL A 85 8.18 -42.78 -14.75
CA VAL A 85 7.39 -42.91 -15.98
C VAL A 85 6.14 -42.04 -15.83
N VAL A 86 5.89 -41.17 -16.81
CA VAL A 86 4.75 -40.26 -16.76
C VAL A 86 3.95 -40.25 -18.06
N THR A 87 2.85 -41.00 -18.07
CA THR A 87 1.88 -40.93 -19.17
C THR A 87 0.97 -39.72 -18.93
N HIS A 88 0.01 -39.49 -19.81
CA HIS A 88 -0.89 -38.36 -19.65
C HIS A 88 -2.30 -38.59 -20.17
N THR A 89 -3.21 -37.72 -19.75
CA THR A 89 -4.61 -37.77 -20.15
C THR A 89 -4.81 -37.08 -21.50
N ASP A 90 -5.86 -37.51 -22.21
CA ASP A 90 -6.13 -37.07 -23.58
C ASP A 90 -4.92 -37.30 -24.48
N CYS A 91 -4.27 -38.44 -24.29
CA CYS A 91 -3.11 -38.83 -25.08
C CYS A 91 -3.57 -39.21 -26.49
N GLY A 92 -2.85 -38.72 -27.49
CA GLY A 92 -3.17 -39.01 -28.89
C GLY A 92 -3.17 -40.48 -29.22
N MSE A 93 -2.36 -41.25 -28.50
CA MSE A 93 -2.28 -42.70 -28.68
C MSE A 93 -3.53 -43.42 -28.13
O MSE A 93 -3.65 -44.63 -28.30
CB MSE A 93 -1.01 -43.24 -28.02
CG MSE A 93 0.29 -42.49 -28.36
SE MSE A 93 0.61 -42.16 -30.26
CE MSE A 93 -0.21 -40.41 -30.47
N LEU A 94 -4.42 -42.67 -27.49
CA LEU A 94 -5.75 -43.15 -27.09
C LEU A 94 -6.87 -42.52 -27.93
N ARG A 95 -6.51 -41.90 -29.06
CA ARG A 95 -7.50 -41.21 -29.91
C ARG A 95 -7.63 -41.82 -31.30
N PHE A 96 -6.66 -42.65 -31.69
CA PHE A 96 -6.68 -43.33 -32.97
C PHE A 96 -6.22 -44.77 -32.78
N THR A 97 -6.21 -45.53 -33.87
CA THR A 97 -5.69 -46.89 -33.87
C THR A 97 -4.66 -47.06 -34.97
N GLY A 98 -3.79 -48.07 -34.82
CA GLY A 98 -2.74 -48.35 -35.80
C GLY A 98 -3.30 -48.76 -37.15
N GLU A 99 -4.49 -49.37 -37.14
CA GLU A 99 -5.18 -49.77 -38.36
C GLU A 99 -5.56 -48.55 -39.22
N GLU A 100 -6.13 -47.53 -38.58
CA GLU A 100 -6.46 -46.26 -39.25
C GLU A 100 -5.22 -45.60 -39.83
N VAL A 101 -4.15 -45.58 -39.04
CA VAL A 101 -2.91 -44.91 -39.42
C VAL A 101 -2.21 -45.62 -40.57
N ALA A 102 -2.18 -46.95 -40.54
CA ALA A 102 -1.59 -47.74 -41.62
C ALA A 102 -2.33 -47.54 -42.93
N LYS A 103 -3.66 -47.61 -42.89
CA LYS A 103 -4.50 -47.40 -44.08
C LYS A 103 -4.36 -45.99 -44.64
N TYR A 104 -4.25 -45.01 -43.75
CA TYR A 104 -4.00 -43.62 -44.13
C TYR A 104 -2.73 -43.53 -44.98
N PHE A 105 -1.65 -44.16 -44.52
CA PHE A 105 -0.38 -44.13 -45.25
C PHE A 105 -0.40 -44.97 -46.53
N ILE A 106 -1.05 -46.14 -46.48
CA ILE A 106 -1.20 -47.00 -47.66
C ILE A 106 -1.99 -46.29 -48.77
N SER A 107 -2.94 -45.45 -48.39
CA SER A 107 -3.73 -44.68 -49.35
C SER A 107 -2.96 -43.50 -49.97
N LYS A 108 -1.79 -43.18 -49.43
CA LYS A 108 -0.91 -42.16 -50.02
C LYS A 108 0.24 -42.79 -50.81
N GLY A 109 0.29 -44.12 -50.86
CA GLY A 109 1.26 -44.84 -51.68
C GLY A 109 2.37 -45.56 -50.92
N ILE A 110 2.34 -45.45 -49.59
CA ILE A 110 3.38 -46.05 -48.73
C ILE A 110 3.22 -47.57 -48.70
N LYS A 111 4.34 -48.27 -48.59
CA LYS A 111 4.36 -49.73 -48.54
C LYS A 111 5.06 -50.20 -47.27
N PRO A 112 4.28 -50.53 -46.22
CA PRO A 112 4.75 -50.92 -44.89
C PRO A 112 5.92 -51.91 -44.85
N THR A 113 5.95 -52.85 -45.78
CA THR A 113 6.99 -53.89 -45.80
C THR A 113 8.38 -53.36 -46.18
N GLU A 114 8.44 -52.30 -47.00
CA GLU A 114 9.72 -51.78 -47.50
C GLU A 114 10.08 -50.37 -46.99
N VAL A 115 9.19 -49.76 -46.21
CA VAL A 115 9.48 -48.45 -45.60
C VAL A 115 10.59 -48.58 -44.55
N GLN A 116 11.62 -47.76 -44.67
CA GLN A 116 12.79 -47.84 -43.80
C GLN A 116 12.49 -47.14 -42.46
N LEU A 117 12.19 -47.94 -41.44
CA LEU A 117 11.73 -47.42 -40.14
C LEU A 117 12.84 -46.74 -39.35
N ASP A 118 14.06 -47.27 -39.43
CA ASP A 118 15.23 -46.65 -38.82
C ASP A 118 16.37 -46.59 -39.84
N PRO A 119 16.48 -45.46 -40.58
CA PRO A 119 17.52 -45.32 -41.60
C PRO A 119 18.95 -45.51 -41.08
N LEU A 120 19.19 -45.10 -39.84
CA LEU A 120 20.52 -45.25 -39.24
C LEU A 120 20.81 -46.68 -38.75
N LEU A 121 19.76 -47.50 -38.67
CA LEU A 121 19.92 -48.92 -38.32
C LEU A 121 19.07 -49.80 -39.26
N PRO A 122 19.62 -50.14 -40.45
CA PRO A 122 18.86 -50.98 -41.40
C PRO A 122 18.54 -52.40 -40.91
N ALA A 123 19.23 -52.86 -39.88
CA ALA A 123 18.97 -54.17 -39.28
C ALA A 123 17.53 -54.35 -38.76
N PHE A 124 16.85 -53.24 -38.48
CA PHE A 124 15.47 -53.28 -38.01
C PHE A 124 14.48 -53.32 -39.18
N ARG A 125 13.90 -54.50 -39.42
CA ARG A 125 12.83 -54.69 -40.40
C ARG A 125 11.63 -55.38 -39.76
N ILE A 126 10.46 -55.26 -40.39
CA ILE A 126 9.22 -55.86 -39.88
C ILE A 126 8.64 -56.95 -40.79
N SER A 127 8.67 -56.71 -42.11
CA SER A 127 8.19 -57.68 -43.10
C SER A 127 6.74 -58.17 -42.87
N SER A 128 5.87 -57.26 -42.42
CA SER A 128 4.47 -57.57 -42.16
C SER A 128 3.66 -56.30 -41.92
N GLU A 129 2.43 -56.26 -42.42
CA GLU A 129 1.55 -55.09 -42.23
C GLU A 129 1.03 -55.02 -40.80
N GLU A 130 0.91 -56.17 -40.14
CA GLU A 130 0.44 -56.26 -38.76
C GLU A 130 1.52 -55.76 -37.79
N ASP A 131 2.78 -56.06 -38.11
CA ASP A 131 3.92 -55.53 -37.37
C ASP A 131 4.06 -54.01 -37.58
N PHE A 132 3.66 -53.53 -38.75
CA PHE A 132 3.65 -52.09 -39.04
C PHE A 132 2.59 -51.36 -38.20
N ILE A 133 1.44 -51.99 -38.00
CA ILE A 133 0.39 -51.47 -37.13
C ILE A 133 0.87 -51.43 -35.68
N LYS A 134 1.53 -52.51 -35.26
CA LYS A 134 2.02 -52.66 -33.89
C LYS A 134 3.11 -51.64 -33.57
N TRP A 135 3.91 -51.32 -34.58
CA TRP A 135 5.05 -50.41 -34.44
C TRP A 135 4.65 -49.02 -33.93
N PHE A 136 3.49 -48.54 -34.37
CA PHE A 136 2.99 -47.23 -33.94
C PHE A 136 2.69 -47.16 -32.43
N LYS A 137 2.40 -48.32 -31.83
CA LYS A 137 2.16 -48.44 -30.39
C LYS A 137 0.98 -47.60 -29.91
N PHE A 138 -0.15 -47.73 -30.58
CA PHE A 138 -1.41 -47.16 -30.12
C PHE A 138 -1.98 -48.02 -28.99
N TYR A 139 -2.64 -47.39 -28.03
CA TYR A 139 -3.10 -48.05 -26.81
C TYR A 139 -3.94 -49.29 -27.09
N GLU A 140 -4.98 -49.14 -27.91
CA GLU A 140 -5.90 -50.24 -28.20
C GLU A 140 -5.22 -51.45 -28.86
N ASP A 141 -4.21 -51.19 -29.69
CA ASP A 141 -3.43 -52.26 -30.33
C ASP A 141 -2.55 -53.01 -29.31
N LEU A 142 -2.08 -52.28 -28.29
CA LEU A 142 -1.27 -52.88 -27.23
C LEU A 142 -2.12 -53.53 -26.14
N GLY A 143 -3.44 -53.31 -26.18
CA GLY A 143 -4.37 -53.87 -25.20
C GLY A 143 -4.45 -53.09 -23.90
N VAL A 144 -4.21 -51.78 -23.99
CA VAL A 144 -4.24 -50.89 -22.81
C VAL A 144 -5.42 -49.93 -22.94
N LYS A 145 -6.17 -49.77 -21.86
CA LYS A 145 -7.42 -48.99 -21.87
C LYS A 145 -7.27 -47.56 -21.32
N SER A 146 -6.20 -47.31 -20.56
CA SER A 146 -6.03 -46.03 -19.88
C SER A 146 -4.55 -45.65 -19.74
N PRO A 147 -4.26 -44.34 -19.56
CA PRO A 147 -2.89 -43.91 -19.31
C PRO A 147 -2.33 -44.41 -17.98
N ASP A 148 -3.21 -44.63 -17.01
CA ASP A 148 -2.85 -45.21 -15.72
C ASP A 148 -2.25 -46.60 -15.94
N GLU A 149 -2.95 -47.41 -16.72
CA GLU A 149 -2.51 -48.77 -17.04
C GLU A 149 -1.19 -48.75 -17.83
N MSE A 150 -1.03 -47.77 -18.72
CA MSE A 150 0.20 -47.63 -19.51
C MSE A 150 1.38 -47.16 -18.67
O MSE A 150 2.53 -47.54 -18.93
CB MSE A 150 -0.02 -46.67 -20.68
CG MSE A 150 1.13 -46.61 -21.68
SE MSE A 150 1.46 -48.30 -22.58
CE MSE A 150 -0.01 -48.25 -23.87
N ALA A 151 1.12 -46.32 -17.66
CA ALA A 151 2.16 -45.87 -16.74
C ALA A 151 2.75 -47.05 -15.96
N LEU A 152 1.87 -47.89 -15.41
CA LEU A 152 2.28 -49.09 -14.67
C LEU A 152 2.96 -50.11 -15.58
N LYS A 153 2.43 -50.26 -16.79
CA LYS A 153 3.00 -51.16 -17.79
C LYS A 153 4.44 -50.78 -18.14
N GLY A 154 4.67 -49.48 -18.36
CA GLY A 154 6.01 -48.98 -18.67
C GLY A 154 6.98 -49.16 -17.52
N VAL A 155 6.50 -48.95 -16.29
CA VAL A 155 7.31 -49.19 -15.10
C VAL A 155 7.76 -50.65 -15.04
N GLU A 156 6.84 -51.56 -15.35
CA GLU A 156 7.11 -53.01 -15.35
C GLU A 156 8.12 -53.42 -16.42
N ILE A 157 7.99 -52.87 -17.62
CA ILE A 157 8.89 -53.21 -18.72
C ILE A 157 10.33 -52.81 -18.38
N LEU A 158 10.52 -51.60 -17.86
CA LEU A 158 11.84 -51.12 -17.43
C LEU A 158 12.36 -51.91 -16.22
N ARG A 159 11.45 -52.30 -15.32
CA ARG A 159 11.79 -53.05 -14.11
C ARG A 159 12.39 -54.43 -14.43
N ASN A 160 11.88 -55.07 -15.48
CA ASN A 160 12.27 -56.42 -15.84
C ASN A 160 13.38 -56.49 -16.89
N HIS A 161 13.70 -55.34 -17.51
CA HIS A 161 14.69 -55.32 -18.59
C HIS A 161 16.11 -55.43 -18.04
N PRO A 162 16.94 -56.30 -18.65
CA PRO A 162 18.29 -56.55 -18.12
C PRO A 162 19.32 -55.44 -18.38
N LEU A 163 19.07 -54.57 -19.35
CA LEU A 163 19.97 -53.45 -19.64
C LEU A 163 19.97 -52.38 -18.53
N ILE A 164 18.94 -52.37 -17.71
CA ILE A 164 18.85 -51.44 -16.58
C ILE A 164 19.38 -52.11 -15.31
N PRO A 165 20.25 -51.42 -14.55
CA PRO A 165 20.67 -51.93 -13.25
C PRO A 165 19.57 -51.69 -12.22
N LYS A 166 19.40 -52.61 -11.28
CA LYS A 166 18.22 -52.53 -10.40
C LYS A 166 18.50 -52.03 -8.98
N ASP A 167 19.60 -51.30 -8.82
CA ASP A 167 19.69 -50.31 -7.74
C ASP A 167 18.79 -49.12 -8.08
N VAL A 168 18.34 -49.06 -9.35
CA VAL A 168 17.45 -48.03 -9.83
C VAL A 168 16.01 -48.23 -9.36
N ARG A 169 15.43 -47.17 -8.80
CA ARG A 169 14.04 -47.19 -8.33
C ARG A 169 13.13 -46.61 -9.41
N ILE A 170 12.00 -47.25 -9.65
CA ILE A 170 11.11 -46.88 -10.74
C ILE A 170 9.68 -46.68 -10.26
N THR A 171 9.05 -45.59 -10.69
CA THR A 171 7.69 -45.25 -10.30
C THR A 171 6.93 -44.66 -11.49
N GLY A 172 5.61 -44.87 -11.52
CA GLY A 172 4.77 -44.41 -12.62
C GLY A 172 3.65 -43.49 -12.16
N TYR A 173 3.42 -42.43 -12.93
CA TYR A 173 2.34 -41.48 -12.65
C TYR A 173 1.59 -41.16 -13.93
N VAL A 174 0.45 -40.49 -13.78
CA VAL A 174 -0.31 -39.99 -14.92
C VAL A 174 -0.43 -38.47 -14.81
N TYR A 175 -0.02 -37.77 -15.86
CA TYR A 175 -0.18 -36.32 -15.93
C TYR A 175 -1.59 -36.00 -16.41
N GLU A 176 -2.31 -35.19 -15.64
CA GLU A 176 -3.64 -34.75 -16.03
C GLU A 176 -3.54 -33.42 -16.76
N VAL A 177 -3.69 -33.43 -18.08
CA VAL A 177 -3.61 -32.21 -18.89
C VAL A 177 -4.68 -31.19 -18.52
N GLU A 178 -5.85 -31.67 -18.11
CA GLU A 178 -6.96 -30.80 -17.75
C GLU A 178 -6.76 -30.07 -16.42
N THR A 179 -5.80 -30.51 -15.60
CA THR A 179 -5.49 -29.83 -14.34
C THR A 179 -3.99 -29.56 -14.10
N HIS A 180 -3.13 -29.92 -15.05
CA HIS A 180 -1.68 -29.72 -14.95
C HIS A 180 -1.09 -30.30 -13.65
N ARG A 181 -1.52 -31.49 -13.30
CA ARG A 181 -1.12 -32.13 -12.03
C ARG A 181 -1.05 -33.64 -12.18
N LEU A 182 -0.15 -34.27 -11.42
CA LEU A 182 0.00 -35.72 -11.45
C LEU A 182 -1.02 -36.42 -10.56
N ARG A 183 -1.26 -37.70 -10.85
CA ARG A 183 -1.99 -38.59 -9.95
C ARG A 183 -1.31 -39.95 -9.94
N LYS A 184 -1.53 -40.72 -8.88
CA LYS A 184 -1.04 -42.10 -8.84
C LYS A 184 -1.96 -42.93 -9.72
N PRO A 185 -1.40 -43.89 -10.49
CA PRO A 185 -2.22 -44.71 -11.38
C PRO A 185 -3.43 -45.34 -10.69
N ASN A 186 -4.61 -45.09 -11.25
CA ASN A 186 -5.90 -45.61 -10.75
C ASN A 186 -6.42 -44.95 -9.47
N GLN A 187 -5.84 -43.82 -9.08
CA GLN A 187 -6.33 -43.05 -7.93
C GLN A 187 -7.08 -41.82 -8.41
N ILE A 188 -8.39 -41.96 -8.64
CA ILE A 188 -9.24 -40.90 -9.14
C ILE A 188 -10.18 -40.41 -8.04
N ILE A 189 -10.02 -39.15 -7.62
CA ILE A 189 -10.81 -38.57 -6.52
C ILE A 189 -11.98 -37.71 -7.00
N TYR A 190 -12.15 -37.56 -8.31
CA TYR A 190 -13.12 -36.61 -8.88
C TYR A 190 -14.56 -37.12 -8.81
N ASN A 191 -14.74 -38.44 -8.90
CA ASN A 191 -16.04 -39.06 -8.71
C ASN A 191 -16.45 -39.10 -7.23
N GLU A 192 -15.47 -39.28 -6.35
CA GLU A 192 -15.70 -39.37 -4.91
C GLU A 192 -16.18 -38.06 -4.27
N THR A 193 -15.76 -36.93 -4.83
CA THR A 193 -16.07 -35.62 -4.24
C THR A 193 -17.44 -35.06 -4.64
N SER A 194 -18.09 -35.66 -5.62
CA SER A 194 -19.39 -35.20 -6.12
C SER A 194 -20.57 -36.10 -5.71
N LYS A 195 -20.29 -37.12 -4.89
CA LYS A 195 -21.31 -38.02 -4.37
C LYS A 195 -21.36 -37.92 -2.85
N PHE A 196 -22.39 -38.51 -2.26
CA PHE A 196 -22.44 -38.67 -0.81
C PHE A 196 -21.38 -39.65 -0.34
N GLU A 197 -20.76 -39.34 0.79
CA GLU A 197 -19.79 -40.21 1.44
C GLU A 197 -19.75 -39.84 2.91
N HIS A 198 -19.87 -40.85 3.78
CA HIS A 198 -19.93 -40.60 5.21
C HIS A 198 -18.63 -40.00 5.73
N GLY A 199 -18.70 -38.77 6.19
CA GLY A 199 -17.54 -38.08 6.78
C GLY A 199 -17.48 -38.26 8.28
N THR A 200 -16.35 -37.86 8.88
CA THR A 200 -16.16 -37.99 10.32
C THR A 200 -16.05 -36.61 10.99
N ILE A 201 -16.47 -36.55 12.25
CA ILE A 201 -16.43 -35.32 13.04
C ILE A 201 -14.97 -34.98 13.40
N VAL A 202 -14.63 -33.70 13.33
CA VAL A 202 -13.26 -33.25 13.60
C VAL A 202 -12.93 -33.35 15.09
N LYS A 203 -11.83 -34.03 15.38
CA LYS A 203 -11.41 -34.29 16.76
C LYS A 203 -10.23 -33.39 17.14
N VAL B 2 -21.36 -11.16 -16.26
CA VAL B 2 -20.12 -11.86 -15.79
C VAL B 2 -20.11 -13.34 -16.18
N SER B 3 -21.29 -13.97 -16.23
CA SER B 3 -21.39 -15.40 -16.55
C SER B 3 -20.94 -15.76 -17.97
N GLU B 4 -20.99 -14.80 -18.89
CA GLU B 4 -20.57 -15.05 -20.27
C GLU B 4 -19.04 -15.12 -20.37
N TYR B 5 -18.34 -14.30 -19.59
CA TYR B 5 -16.88 -14.42 -19.48
C TYR B 5 -16.50 -15.80 -18.93
N ILE B 6 -17.26 -16.28 -17.96
CA ILE B 6 -17.01 -17.59 -17.35
C ILE B 6 -17.30 -18.73 -18.33
N ASP B 7 -18.38 -18.59 -19.11
CA ASP B 7 -18.77 -19.62 -20.07
C ASP B 7 -17.73 -19.81 -21.18
N SER B 8 -17.21 -18.70 -21.71
CA SER B 8 -16.20 -18.76 -22.76
C SER B 8 -14.88 -19.33 -22.24
N GLU B 9 -14.54 -19.01 -20.99
CA GLU B 9 -13.33 -19.55 -20.37
C GLU B 9 -13.46 -21.05 -20.08
N LEU B 10 -14.67 -21.50 -19.76
CA LEU B 10 -14.94 -22.93 -19.58
C LEU B 10 -14.81 -23.70 -20.90
N LYS B 11 -15.32 -23.13 -22.00
CA LYS B 11 -15.13 -23.72 -23.33
C LYS B 11 -13.66 -23.69 -23.76
N ARG B 12 -12.93 -22.67 -23.31
CA ARG B 12 -11.50 -22.55 -23.59
C ARG B 12 -10.73 -23.71 -22.94
N LEU B 13 -10.99 -23.94 -21.66
CA LEU B 13 -10.32 -25.02 -20.92
C LEU B 13 -10.81 -26.41 -21.33
N GLU B 14 -12.04 -26.48 -21.83
CA GLU B 14 -12.60 -27.72 -22.36
C GLU B 14 -11.84 -28.15 -23.64
N ASP B 15 -11.62 -27.19 -24.54
CA ASP B 15 -10.87 -27.44 -25.77
C ASP B 15 -9.42 -27.83 -25.48
N TYR B 16 -8.83 -27.17 -24.48
CA TYR B 16 -7.44 -27.44 -24.08
C TYR B 16 -7.27 -28.87 -23.56
N ALA B 17 -8.24 -29.34 -22.79
CA ALA B 17 -8.21 -30.69 -22.22
C ALA B 17 -8.54 -31.78 -23.24
N LEU B 18 -9.16 -31.40 -24.36
CA LEU B 18 -9.57 -32.35 -25.39
C LEU B 18 -9.02 -32.03 -26.77
N ARG B 19 -7.90 -31.32 -26.83
CA ARG B 19 -7.27 -30.94 -28.10
C ARG B 19 -7.11 -32.13 -29.05
N ARG B 20 -6.76 -33.28 -28.48
CA ARG B 20 -6.40 -34.46 -29.28
C ARG B 20 -7.64 -35.20 -29.82
N VAL B 21 -8.78 -35.00 -29.18
CA VAL B 21 -10.07 -35.50 -29.68
C VAL B 21 -10.63 -34.54 -30.73
N LYS B 22 -10.55 -33.25 -30.44
CA LYS B 22 -11.19 -32.22 -31.27
C LYS B 22 -10.40 -31.82 -32.51
N GLY B 23 -9.15 -32.28 -32.62
CA GLY B 23 -8.30 -31.95 -33.76
C GLY B 23 -7.71 -30.55 -33.68
N ILE B 24 -7.17 -30.22 -32.50
CA ILE B 24 -6.50 -28.95 -32.27
C ILE B 24 -5.00 -29.24 -32.16
N PRO B 25 -4.16 -28.48 -32.88
CA PRO B 25 -2.72 -28.71 -32.85
C PRO B 25 -2.07 -27.99 -31.68
N ASN B 26 -0.75 -28.13 -31.55
CA ASN B 26 -0.01 -27.28 -30.61
C ASN B 26 0.04 -25.85 -31.14
N ASN B 27 0.37 -24.89 -30.27
CA ASN B 27 0.18 -23.47 -30.59
C ASN B 27 1.03 -22.95 -31.75
N ARG B 28 2.17 -23.58 -32.03
CA ARG B 28 3.03 -23.19 -33.15
C ARG B 28 3.10 -24.24 -34.27
N ARG B 29 2.30 -25.30 -34.18
CA ARG B 29 2.36 -26.41 -35.14
C ARG B 29 3.82 -26.84 -35.34
N LEU B 30 4.51 -27.03 -34.22
CA LEU B 30 5.95 -27.28 -34.23
C LEU B 30 6.25 -28.61 -33.55
N TRP B 31 7.29 -29.28 -34.06
CA TRP B 31 7.82 -30.49 -33.45
C TRP B 31 9.34 -30.35 -33.35
N VAL B 32 9.88 -30.62 -32.16
CA VAL B 32 11.32 -30.51 -31.95
C VAL B 32 11.93 -31.88 -31.64
N LEU B 33 13.01 -32.22 -32.35
CA LEU B 33 13.82 -33.37 -32.03
C LEU B 33 15.09 -32.87 -31.34
N THR B 34 15.18 -33.10 -30.03
CA THR B 34 16.35 -32.68 -29.28
C THR B 34 16.82 -33.77 -28.31
N CYS B 35 17.79 -33.41 -27.46
CA CYS B 35 18.42 -34.36 -26.57
C CYS B 35 17.76 -34.38 -25.20
N MSE B 36 17.93 -35.50 -24.49
CA MSE B 36 17.42 -35.64 -23.12
C MSE B 36 18.32 -34.93 -22.10
O MSE B 36 17.92 -34.75 -20.95
CB MSE B 36 17.29 -37.12 -22.77
CG MSE B 36 18.62 -37.84 -22.55
SE MSE B 36 18.43 -39.76 -22.32
CE MSE B 36 20.28 -40.18 -21.85
N ASP B 37 19.54 -34.55 -22.51
CA ASP B 37 20.51 -33.91 -21.62
C ASP B 37 19.87 -32.83 -20.76
N GLU B 38 20.25 -32.79 -19.48
CA GLU B 38 19.62 -31.89 -18.50
C GLU B 38 19.99 -30.41 -18.72
N ARG B 39 21.11 -30.18 -19.40
CA ARG B 39 21.61 -28.82 -19.63
C ARG B 39 21.01 -28.19 -20.89
N VAL B 40 20.22 -28.95 -21.63
CA VAL B 40 19.59 -28.47 -22.85
C VAL B 40 18.19 -27.94 -22.53
N HIS B 41 18.12 -26.65 -22.26
CA HIS B 41 16.86 -25.97 -21.96
C HIS B 41 16.28 -25.47 -23.29
N ILE B 42 15.59 -26.37 -23.98
CA ILE B 42 15.22 -26.16 -25.37
C ILE B 42 14.16 -25.08 -25.56
N GLU B 43 13.18 -25.03 -24.67
CA GLU B 43 12.07 -24.06 -24.78
C GLU B 43 12.61 -22.63 -24.75
N GLN B 44 13.45 -22.33 -23.76
CA GLN B 44 14.06 -21.01 -23.61
C GLN B 44 14.88 -20.60 -24.83
N SER B 45 15.65 -21.55 -25.38
CA SER B 45 16.53 -21.25 -26.51
C SER B 45 15.78 -21.03 -27.83
N LEU B 46 14.55 -21.52 -27.91
CA LEU B 46 13.69 -21.31 -29.09
C LEU B 46 12.72 -20.14 -28.93
N GLY B 47 12.62 -19.60 -27.71
CA GLY B 47 11.73 -18.48 -27.43
C GLY B 47 10.27 -18.87 -27.41
N ILE B 48 10.00 -20.09 -26.97
CA ILE B 48 8.63 -20.63 -26.97
C ILE B 48 8.17 -20.98 -25.55
N GLN B 49 6.86 -21.16 -25.40
CA GLN B 49 6.28 -21.70 -24.18
C GLN B 49 5.97 -23.19 -24.40
N PRO B 50 5.80 -23.96 -23.32
CA PRO B 50 5.55 -25.40 -23.45
C PRO B 50 4.41 -25.78 -24.40
N ASP B 51 3.34 -24.99 -24.42
CA ASP B 51 2.17 -25.27 -25.27
C ASP B 51 2.42 -25.04 -26.76
N ASP B 52 3.59 -24.54 -27.13
CA ASP B 52 3.90 -24.20 -28.52
C ASP B 52 4.37 -25.37 -29.38
N ALA B 53 4.89 -26.43 -28.76
CA ALA B 53 5.53 -27.50 -29.53
C ALA B 53 5.41 -28.86 -28.88
N HIS B 54 5.40 -29.90 -29.72
CA HIS B 54 5.65 -31.26 -29.27
C HIS B 54 7.15 -31.45 -29.26
N ILE B 55 7.72 -31.73 -28.10
CA ILE B 55 9.17 -31.88 -27.99
C ILE B 55 9.53 -33.34 -27.77
N TYR B 56 10.17 -33.93 -28.78
CA TYR B 56 10.71 -35.28 -28.69
C TYR B 56 12.13 -35.18 -28.17
N ARG B 57 12.47 -36.02 -27.20
CA ARG B 57 13.80 -36.01 -26.58
C ARG B 57 14.33 -37.43 -26.38
N ASN B 58 15.55 -37.68 -26.86
CA ASN B 58 16.23 -38.95 -26.64
C ASN B 58 17.72 -38.73 -26.36
N ALA B 59 18.45 -39.82 -26.13
CA ALA B 59 19.89 -39.73 -25.92
C ALA B 59 20.58 -39.37 -27.23
N GLY B 60 20.99 -38.10 -27.35
CA GLY B 60 21.74 -37.63 -28.50
C GLY B 60 21.01 -36.71 -29.47
N GLY B 61 19.68 -36.69 -29.40
CA GLY B 61 18.88 -35.96 -30.39
C GLY B 61 19.10 -36.52 -31.78
N ILE B 62 19.15 -37.85 -31.86
CA ILE B 62 19.41 -38.58 -33.10
C ILE B 62 18.11 -39.16 -33.62
N VAL B 63 17.97 -39.20 -34.95
CA VAL B 63 16.78 -39.75 -35.58
C VAL B 63 16.74 -41.26 -35.40
N THR B 64 15.80 -41.74 -34.59
CA THR B 64 15.56 -43.16 -34.38
C THR B 64 14.21 -43.52 -34.98
N ASP B 65 13.87 -44.80 -34.95
CA ASP B 65 12.54 -45.25 -35.40
C ASP B 65 11.45 -44.61 -34.55
N ASP B 66 11.73 -44.42 -33.27
CA ASP B 66 10.78 -43.80 -32.35
C ASP B 66 10.63 -42.31 -32.65
N ALA B 67 11.71 -41.65 -33.05
CA ALA B 67 11.65 -40.27 -33.51
C ALA B 67 10.81 -40.16 -34.78
N ILE B 68 11.07 -41.06 -35.73
CA ILE B 68 10.31 -41.11 -36.98
C ILE B 68 8.85 -41.45 -36.72
N ARG B 69 8.61 -42.43 -35.86
CA ARG B 69 7.27 -42.78 -35.43
C ARG B 69 6.55 -41.54 -34.88
N SER B 70 7.20 -40.86 -33.95
CA SER B 70 6.62 -39.71 -33.27
C SER B 70 6.41 -38.54 -34.21
N ALA B 71 7.42 -38.24 -35.04
CA ALA B 71 7.35 -37.13 -35.99
C ALA B 71 6.28 -37.37 -37.05
N SER B 72 6.15 -38.63 -37.47
CA SER B 72 5.17 -39.03 -38.47
C SER B 72 3.72 -38.80 -37.99
N LEU B 73 3.48 -39.04 -36.71
CA LEU B 73 2.16 -38.85 -36.13
C LEU B 73 1.82 -37.38 -35.95
N THR B 74 2.80 -36.61 -35.45
CA THR B 74 2.58 -35.20 -35.19
C THR B 74 2.32 -34.41 -36.48
N THR B 75 3.02 -34.76 -37.56
CA THR B 75 2.90 -34.06 -38.84
C THR B 75 1.61 -34.42 -39.59
N ASN B 76 1.31 -35.71 -39.68
CA ASN B 76 0.16 -36.17 -40.46
C ASN B 76 -1.18 -36.04 -39.72
N PHE B 77 -1.19 -36.29 -38.42
CA PHE B 77 -2.44 -36.34 -37.65
C PHE B 77 -2.67 -35.17 -36.70
N PHE B 78 -1.60 -34.61 -36.13
CA PHE B 78 -1.73 -33.52 -35.15
C PHE B 78 -1.41 -32.14 -35.71
N GLY B 79 -1.21 -32.04 -37.03
CA GLY B 79 -1.16 -30.76 -37.73
C GLY B 79 0.15 -30.00 -37.69
N THR B 80 1.23 -30.66 -37.30
CA THR B 80 2.55 -30.02 -37.23
C THR B 80 3.11 -29.74 -38.64
N LYS B 81 3.53 -28.49 -38.86
CA LYS B 81 4.04 -28.05 -40.15
C LYS B 81 5.52 -27.64 -40.13
N GLU B 82 6.12 -27.58 -38.95
CA GLU B 82 7.52 -27.24 -38.81
C GLU B 82 8.24 -28.25 -37.92
N ILE B 83 9.45 -28.61 -38.33
CA ILE B 83 10.32 -29.47 -37.53
C ILE B 83 11.64 -28.75 -37.31
N ILE B 84 12.15 -28.79 -36.08
CA ILE B 84 13.46 -28.25 -35.76
C ILE B 84 14.29 -29.33 -35.05
N VAL B 85 15.42 -29.70 -35.66
CA VAL B 85 16.34 -30.66 -35.04
C VAL B 85 17.39 -29.88 -34.23
N VAL B 86 17.61 -30.31 -32.99
CA VAL B 86 18.59 -29.66 -32.11
C VAL B 86 19.48 -30.66 -31.40
N THR B 87 20.69 -30.84 -31.91
CA THR B 87 21.75 -31.57 -31.21
C THR B 87 22.40 -30.62 -30.21
N HIS B 88 23.39 -31.09 -29.47
CA HIS B 88 24.06 -30.23 -28.49
C HIS B 88 25.53 -30.57 -28.30
N THR B 89 26.27 -29.62 -27.75
CA THR B 89 27.69 -29.81 -27.44
C THR B 89 27.85 -30.54 -26.11
N ASP B 90 28.99 -31.22 -25.95
CA ASP B 90 29.25 -32.14 -24.83
C ASP B 90 28.19 -33.25 -24.76
N CYS B 91 27.81 -33.76 -25.92
CA CYS B 91 26.82 -34.83 -26.02
C CYS B 91 27.47 -36.12 -25.53
N GLY B 92 26.77 -36.84 -24.65
CA GLY B 92 27.23 -38.14 -24.16
C GLY B 92 27.52 -39.14 -25.26
N MSE B 93 26.84 -38.98 -26.40
CA MSE B 93 27.05 -39.84 -27.56
C MSE B 93 28.37 -39.54 -28.28
O MSE B 93 28.79 -40.29 -29.16
CB MSE B 93 25.87 -39.74 -28.53
CG MSE B 93 24.48 -39.90 -27.89
SE MSE B 93 24.27 -41.46 -26.70
CE MSE B 93 24.76 -42.85 -27.99
N LEU B 94 29.03 -38.43 -27.91
CA LEU B 94 30.40 -38.12 -28.36
C LEU B 94 31.46 -38.37 -27.28
N ARG B 95 31.12 -39.15 -26.25
CA ARG B 95 32.06 -39.45 -25.16
C ARG B 95 32.42 -40.94 -25.04
N PHE B 96 31.66 -41.81 -25.71
CA PHE B 96 31.92 -43.24 -25.69
C PHE B 96 31.68 -43.83 -27.08
N THR B 97 32.07 -45.10 -27.24
CA THR B 97 31.78 -45.86 -28.45
C THR B 97 30.81 -46.98 -28.11
N GLY B 98 30.11 -47.48 -29.13
CA GLY B 98 29.25 -48.65 -28.98
C GLY B 98 30.04 -49.90 -28.63
N GLU B 99 31.30 -49.95 -29.07
CA GLU B 99 32.20 -51.04 -28.74
C GLU B 99 32.46 -51.12 -27.24
N GLU B 100 32.75 -49.98 -26.62
CA GLU B 100 32.92 -49.90 -25.16
C GLU B 100 31.66 -50.34 -24.44
N VAL B 101 30.53 -49.78 -24.85
CA VAL B 101 29.24 -50.06 -24.21
C VAL B 101 28.84 -51.53 -24.35
N ALA B 102 29.08 -52.11 -25.52
CA ALA B 102 28.77 -53.51 -25.78
C ALA B 102 29.55 -54.43 -24.83
N LYS B 103 30.86 -54.20 -24.74
CA LYS B 103 31.73 -55.01 -23.88
C LYS B 103 31.40 -54.84 -22.39
N TYR B 104 30.92 -53.66 -22.01
CA TYR B 104 30.46 -53.40 -20.64
C TYR B 104 29.28 -54.31 -20.29
N PHE B 105 28.26 -54.32 -21.14
CA PHE B 105 27.07 -55.14 -20.91
C PHE B 105 27.38 -56.64 -21.02
N ILE B 106 28.21 -57.01 -21.98
CA ILE B 106 28.66 -58.39 -22.13
C ILE B 106 29.41 -58.89 -20.89
N SER B 107 30.15 -57.98 -20.24
CA SER B 107 30.84 -58.30 -19.00
C SER B 107 29.89 -58.52 -17.81
N LYS B 108 28.67 -58.02 -17.93
CA LYS B 108 27.62 -58.25 -16.93
C LYS B 108 26.66 -59.38 -17.34
N GLY B 109 27.05 -60.17 -18.34
CA GLY B 109 26.30 -61.37 -18.73
C GLY B 109 25.17 -61.15 -19.70
N ILE B 110 25.17 -60.00 -20.39
CA ILE B 110 24.15 -59.70 -21.39
C ILE B 110 24.46 -60.45 -22.69
N LYS B 111 23.41 -60.89 -23.37
CA LYS B 111 23.53 -61.58 -24.65
C LYS B 111 22.86 -60.73 -25.74
N PRO B 112 23.67 -59.98 -26.51
CA PRO B 112 23.19 -59.05 -27.55
C PRO B 112 22.11 -59.61 -28.47
N THR B 113 22.23 -60.87 -28.86
CA THR B 113 21.34 -61.50 -29.83
C THR B 113 19.93 -61.75 -29.31
N GLU B 114 19.79 -62.00 -28.00
CA GLU B 114 18.51 -62.42 -27.43
C GLU B 114 17.85 -61.40 -26.48
N VAL B 115 18.54 -60.29 -26.20
CA VAL B 115 17.95 -59.22 -25.38
C VAL B 115 16.81 -58.54 -26.14
N GLN B 116 15.65 -58.44 -25.50
CA GLN B 116 14.48 -57.80 -26.11
C GLN B 116 14.67 -56.29 -26.18
N LEU B 117 15.03 -55.80 -27.36
CA LEU B 117 15.31 -54.38 -27.54
C LEU B 117 14.03 -53.54 -27.53
N ASP B 118 12.96 -54.07 -28.13
CA ASP B 118 11.63 -53.47 -28.03
C ASP B 118 10.64 -54.54 -27.58
N PRO B 119 10.44 -54.68 -26.24
CA PRO B 119 9.52 -55.68 -25.68
C PRO B 119 8.12 -55.67 -26.29
N LEU B 120 7.57 -54.48 -26.53
CA LEU B 120 6.24 -54.34 -27.11
C LEU B 120 6.20 -54.56 -28.64
N LEU B 121 7.36 -54.69 -29.27
CA LEU B 121 7.46 -55.01 -30.69
C LEU B 121 8.48 -56.14 -30.92
N PRO B 122 8.04 -57.40 -30.73
CA PRO B 122 8.91 -58.57 -30.92
C PRO B 122 9.60 -58.64 -32.28
N ALA B 123 9.00 -58.03 -33.31
CA ALA B 123 9.58 -57.99 -34.65
C ALA B 123 10.93 -57.25 -34.73
N PHE B 124 11.22 -56.41 -33.74
CA PHE B 124 12.52 -55.74 -33.61
C PHE B 124 13.57 -56.75 -33.15
N ARG B 125 14.37 -57.24 -34.09
CA ARG B 125 15.47 -58.16 -33.78
C ARG B 125 16.71 -57.82 -34.61
N ILE B 126 17.89 -58.14 -34.08
CA ILE B 126 19.17 -57.76 -34.71
C ILE B 126 20.04 -58.95 -35.14
N SER B 127 20.09 -60.00 -34.31
CA SER B 127 20.86 -61.22 -34.62
C SER B 127 22.34 -60.98 -34.95
N SER B 128 22.96 -59.98 -34.30
CA SER B 128 24.38 -59.67 -34.51
C SER B 128 24.89 -58.70 -33.45
N GLU B 129 26.15 -58.86 -33.05
CA GLU B 129 26.79 -57.95 -32.11
C GLU B 129 27.12 -56.61 -32.78
N GLU B 130 27.46 -56.66 -34.06
CA GLU B 130 27.75 -55.43 -34.82
C GLU B 130 26.50 -54.56 -34.97
N ASP B 131 25.34 -55.20 -35.02
CA ASP B 131 24.06 -54.49 -35.03
C ASP B 131 23.71 -53.93 -33.64
N PHE B 132 24.10 -54.66 -32.60
CA PHE B 132 23.88 -54.22 -31.22
C PHE B 132 24.71 -52.97 -30.91
N ILE B 133 25.97 -52.99 -31.34
CA ILE B 133 26.86 -51.83 -31.25
C ILE B 133 26.27 -50.63 -32.01
N LYS B 134 25.72 -50.89 -33.19
CA LYS B 134 25.15 -49.85 -34.05
C LYS B 134 23.84 -49.29 -33.48
N TRP B 135 23.09 -50.13 -32.78
CA TRP B 135 21.80 -49.76 -32.20
C TRP B 135 21.89 -48.62 -31.18
N PHE B 136 23.00 -48.56 -30.46
CA PHE B 136 23.23 -47.48 -29.48
C PHE B 136 23.38 -46.10 -30.13
N LYS B 137 23.80 -46.09 -31.39
CA LYS B 137 23.91 -44.87 -32.19
C LYS B 137 24.84 -43.82 -31.57
N PHE B 138 26.05 -44.25 -31.24
CA PHE B 138 27.12 -43.32 -30.86
C PHE B 138 27.69 -42.66 -32.11
N TYR B 139 28.16 -41.43 -31.97
CA TYR B 139 28.58 -40.60 -33.10
C TYR B 139 29.65 -41.25 -33.99
N GLU B 140 30.74 -41.71 -33.37
CA GLU B 140 31.85 -42.32 -34.10
C GLU B 140 31.43 -43.55 -34.91
N ASP B 141 30.53 -44.35 -34.35
CA ASP B 141 30.05 -45.57 -34.99
C ASP B 141 29.14 -45.27 -36.20
N LEU B 142 28.57 -44.07 -36.24
CA LEU B 142 27.80 -43.60 -37.39
C LEU B 142 28.63 -42.70 -38.32
N GLY B 143 29.90 -42.47 -37.97
CA GLY B 143 30.80 -41.67 -38.78
C GLY B 143 30.66 -40.16 -38.60
N VAL B 144 29.90 -39.74 -37.59
CA VAL B 144 29.66 -38.32 -37.35
C VAL B 144 30.72 -37.75 -36.39
N LYS B 145 31.29 -36.61 -36.75
CA LYS B 145 32.39 -36.00 -36.00
C LYS B 145 31.95 -34.92 -35.01
N SER B 146 30.77 -34.34 -35.22
CA SER B 146 30.33 -33.19 -34.43
C SER B 146 28.82 -33.11 -34.33
N PRO B 147 28.32 -32.36 -33.32
CA PRO B 147 26.89 -32.10 -33.23
C PRO B 147 26.33 -31.33 -34.43
N ASP B 148 27.17 -30.50 -35.04
CA ASP B 148 26.80 -29.76 -36.25
C ASP B 148 26.43 -30.73 -37.37
N GLU B 149 27.32 -31.69 -37.61
CA GLU B 149 27.12 -32.72 -38.62
C GLU B 149 25.88 -33.59 -38.31
N MSE B 150 25.66 -33.87 -37.03
CA MSE B 150 24.52 -34.69 -36.61
C MSE B 150 23.20 -33.94 -36.76
O MSE B 150 22.18 -34.55 -37.10
CB MSE B 150 24.68 -35.18 -35.16
CG MSE B 150 23.66 -36.21 -34.72
SE MSE B 150 23.62 -37.81 -35.87
CE MSE B 150 25.13 -38.77 -35.08
N ALA B 151 23.21 -32.64 -36.52
CA ALA B 151 22.02 -31.81 -36.74
C ALA B 151 21.63 -31.80 -38.22
N LEU B 152 22.62 -31.66 -39.10
CA LEU B 152 22.41 -31.67 -40.54
C LEU B 152 22.01 -33.05 -41.07
N LYS B 153 22.55 -34.10 -40.47
CA LYS B 153 22.21 -35.48 -40.84
C LYS B 153 20.75 -35.78 -40.51
N GLY B 154 20.32 -35.37 -39.31
CA GLY B 154 18.94 -35.55 -38.87
C GLY B 154 17.93 -34.86 -39.77
N VAL B 155 18.21 -33.60 -40.10
CA VAL B 155 17.35 -32.82 -40.99
C VAL B 155 17.21 -33.48 -42.36
N GLU B 156 18.32 -33.97 -42.88
CA GLU B 156 18.36 -34.61 -44.19
C GLU B 156 17.56 -35.92 -44.24
N ILE B 157 17.64 -36.71 -43.18
CA ILE B 157 16.88 -37.96 -43.08
C ILE B 157 15.38 -37.67 -43.01
N LEU B 158 14.99 -36.75 -42.12
CA LEU B 158 13.60 -36.33 -41.97
C LEU B 158 13.01 -35.76 -43.27
N ARG B 159 13.83 -34.99 -43.99
CA ARG B 159 13.42 -34.41 -45.27
C ARG B 159 13.11 -35.46 -46.34
N ASN B 160 13.89 -36.54 -46.37
CA ASN B 160 13.75 -37.59 -47.37
C ASN B 160 12.93 -38.80 -46.91
N HIS B 161 12.20 -38.69 -45.81
CA HIS B 161 11.43 -39.83 -45.29
C HIS B 161 9.98 -39.82 -45.79
N PRO B 162 9.50 -40.98 -46.30
CA PRO B 162 8.13 -41.14 -46.81
C PRO B 162 7.01 -40.81 -45.82
N LEU B 163 7.21 -41.15 -44.55
CA LEU B 163 6.19 -40.97 -43.52
C LEU B 163 6.03 -39.52 -43.07
N ILE B 164 6.97 -38.65 -43.43
CA ILE B 164 6.88 -37.23 -43.13
C ILE B 164 6.49 -36.46 -44.38
N PRO B 165 5.46 -35.59 -44.30
CA PRO B 165 5.04 -34.79 -45.45
C PRO B 165 6.17 -33.92 -46.01
N LYS B 166 6.20 -33.74 -47.33
CA LYS B 166 7.28 -33.02 -47.99
C LYS B 166 7.12 -31.50 -47.93
N ASP B 167 5.96 -31.02 -47.47
CA ASP B 167 5.74 -29.58 -47.27
C ASP B 167 6.12 -29.09 -45.86
N VAL B 168 6.58 -29.99 -45.00
CA VAL B 168 7.01 -29.62 -43.65
C VAL B 168 8.37 -28.92 -43.71
N ARG B 169 8.47 -27.76 -43.06
CA ARG B 169 9.70 -26.97 -43.02
C ARG B 169 10.62 -27.50 -41.92
N ILE B 170 11.79 -27.97 -42.32
CA ILE B 170 12.74 -28.61 -41.41
C ILE B 170 14.03 -27.79 -41.31
N THR B 171 14.54 -27.60 -40.10
CA THR B 171 15.73 -26.78 -39.85
C THR B 171 16.57 -27.40 -38.74
N GLY B 172 17.89 -27.20 -38.80
CA GLY B 172 18.81 -27.76 -37.82
C GLY B 172 19.56 -26.70 -37.03
N TYR B 173 19.85 -27.00 -35.76
CA TYR B 173 20.66 -26.15 -34.90
C TYR B 173 21.50 -27.00 -33.95
N VAL B 174 22.46 -26.35 -33.29
CA VAL B 174 23.25 -26.98 -32.23
C VAL B 174 23.12 -26.14 -30.97
N TYR B 175 22.61 -26.76 -29.91
CA TYR B 175 22.52 -26.14 -28.60
C TYR B 175 23.89 -26.17 -27.93
N GLU B 176 24.40 -25.00 -27.57
CA GLU B 176 25.66 -24.90 -26.84
C GLU B 176 25.40 -24.88 -25.34
N VAL B 177 25.79 -25.96 -24.66
CA VAL B 177 25.60 -26.07 -23.20
C VAL B 177 26.46 -25.07 -22.43
N GLU B 178 27.57 -24.64 -23.04
CA GLU B 178 28.48 -23.68 -22.42
C GLU B 178 27.98 -22.22 -22.48
N THR B 179 26.91 -21.98 -23.22
CA THR B 179 26.32 -20.64 -23.33
C THR B 179 24.78 -20.61 -23.35
N HIS B 180 24.14 -21.78 -23.29
CA HIS B 180 22.67 -21.90 -23.32
C HIS B 180 22.08 -21.15 -24.50
N ARG B 181 22.56 -21.50 -25.68
CA ARG B 181 22.33 -20.73 -26.88
C ARG B 181 22.41 -21.64 -28.10
N LEU B 182 21.54 -21.41 -29.07
CA LEU B 182 21.56 -22.14 -30.33
C LEU B 182 22.56 -21.51 -31.31
N ARG B 183 23.15 -22.34 -32.15
CA ARG B 183 23.90 -21.86 -33.32
C ARG B 183 23.50 -22.67 -34.55
N LYS B 184 23.75 -22.11 -35.73
CA LYS B 184 23.59 -22.85 -36.97
C LYS B 184 24.74 -23.84 -37.10
N PRO B 185 24.49 -25.02 -37.68
CA PRO B 185 25.58 -25.98 -37.82
C PRO B 185 26.74 -25.42 -38.65
N ASN B 186 27.96 -25.64 -38.17
CA ASN B 186 29.19 -25.22 -38.85
C ASN B 186 29.38 -23.70 -38.99
N GLN B 187 28.59 -22.94 -38.24
CA GLN B 187 28.69 -21.48 -38.20
C GLN B 187 29.01 -21.08 -36.76
N ILE B 188 30.28 -21.26 -36.41
CA ILE B 188 30.79 -21.07 -35.06
C ILE B 188 31.55 -19.75 -34.98
N ILE B 189 31.03 -18.83 -34.18
CA ILE B 189 31.53 -17.45 -34.13
C ILE B 189 32.85 -17.29 -33.34
N TYR B 190 33.16 -18.25 -32.48
CA TYR B 190 34.25 -18.10 -31.52
C TYR B 190 35.64 -18.11 -32.15
N ASN B 191 35.90 -19.08 -33.02
CA ASN B 191 37.23 -19.20 -33.64
C ASN B 191 37.62 -17.92 -34.39
N GLU B 192 36.68 -17.38 -35.16
CA GLU B 192 36.89 -16.21 -36.01
C GLU B 192 37.30 -14.94 -35.25
N THR B 193 36.81 -14.78 -34.02
CA THR B 193 37.02 -13.56 -33.25
C THR B 193 38.35 -13.50 -32.48
N SER B 194 39.08 -14.62 -32.43
CA SER B 194 40.34 -14.69 -31.66
C SER B 194 41.58 -14.83 -32.55
N LYS B 195 41.43 -14.49 -33.83
CA LYS B 195 42.50 -14.57 -34.81
C LYS B 195 42.49 -13.31 -35.67
N PHE B 196 43.52 -13.15 -36.49
CA PHE B 196 43.54 -12.02 -37.43
C PHE B 196 42.55 -12.22 -38.56
N GLU B 197 41.86 -11.14 -38.89
CA GLU B 197 41.03 -11.08 -40.09
C GLU B 197 40.93 -9.63 -40.51
N HIS B 198 41.19 -9.35 -41.78
CA HIS B 198 41.23 -7.97 -42.24
C HIS B 198 39.87 -7.31 -42.04
N GLY B 199 39.88 -6.15 -41.38
CA GLY B 199 38.68 -5.41 -41.08
C GLY B 199 38.34 -4.39 -42.14
N THR B 200 37.19 -3.75 -41.96
CA THR B 200 36.72 -2.70 -42.86
C THR B 200 36.71 -1.38 -42.11
N ILE B 201 37.12 -0.31 -42.80
CA ILE B 201 37.06 1.04 -42.23
C ILE B 201 35.61 1.47 -42.17
N VAL B 202 35.19 2.04 -41.04
CA VAL B 202 33.79 2.43 -40.88
C VAL B 202 33.46 3.64 -41.75
N LYS B 203 32.32 3.57 -42.43
CA LYS B 203 31.90 4.57 -43.40
C LYS B 203 30.84 5.49 -42.81
N VAL C 2 8.91 -20.35 -36.00
CA VAL C 2 9.83 -20.38 -34.84
C VAL C 2 11.29 -20.21 -35.26
N SER C 3 11.67 -20.85 -36.37
CA SER C 3 13.06 -20.80 -36.85
C SER C 3 13.49 -19.42 -37.39
N GLU C 4 12.52 -18.56 -37.70
CA GLU C 4 12.83 -17.23 -38.24
C GLU C 4 13.38 -16.25 -37.19
N TYR C 5 12.80 -16.23 -35.99
CA TYR C 5 13.34 -15.37 -34.91
C TYR C 5 14.75 -15.79 -34.51
N ILE C 6 15.03 -17.09 -34.57
CA ILE C 6 16.35 -17.61 -34.21
C ILE C 6 17.40 -17.12 -35.19
N ASP C 7 17.15 -17.28 -36.48
CA ASP C 7 18.06 -16.82 -37.54
C ASP C 7 18.32 -15.32 -37.40
N SER C 8 17.26 -14.58 -37.10
CA SER C 8 17.35 -13.14 -36.94
C SER C 8 18.19 -12.73 -35.73
N GLU C 9 18.12 -13.50 -34.65
CA GLU C 9 18.89 -13.20 -33.45
C GLU C 9 20.35 -13.58 -33.61
N LEU C 10 20.62 -14.60 -34.42
CA LEU C 10 21.99 -14.99 -34.75
C LEU C 10 22.70 -13.93 -35.60
N LYS C 11 21.98 -13.34 -36.55
CA LYS C 11 22.50 -12.24 -37.38
C LYS C 11 22.95 -11.06 -36.53
N ARG C 12 22.10 -10.69 -35.57
CA ARG C 12 22.39 -9.58 -34.66
C ARG C 12 23.57 -9.91 -33.74
N LEU C 13 23.64 -11.16 -33.30
CA LEU C 13 24.76 -11.66 -32.51
C LEU C 13 26.07 -11.66 -33.31
N GLU C 14 25.98 -12.01 -34.59
CA GLU C 14 27.16 -12.02 -35.48
C GLU C 14 27.71 -10.60 -35.68
N ASP C 15 26.82 -9.66 -35.98
CA ASP C 15 27.19 -8.25 -36.16
C ASP C 15 27.85 -7.68 -34.91
N TYR C 16 27.27 -7.96 -33.75
CA TYR C 16 27.79 -7.47 -32.48
C TYR C 16 29.19 -8.04 -32.19
N ALA C 17 29.34 -9.35 -32.41
CA ALA C 17 30.61 -10.03 -32.15
C ALA C 17 31.72 -9.68 -33.16
N LEU C 18 31.36 -9.16 -34.34
CA LEU C 18 32.33 -8.84 -35.39
C LEU C 18 32.24 -7.39 -35.89
N ARG C 19 31.89 -6.47 -34.99
CA ARG C 19 31.80 -5.05 -35.34
C ARG C 19 33.07 -4.51 -36.00
N ARG C 20 34.23 -4.94 -35.51
CA ARG C 20 35.53 -4.46 -35.98
C ARG C 20 35.94 -5.04 -37.34
N VAL C 21 35.52 -6.29 -37.61
CA VAL C 21 35.72 -6.89 -38.92
C VAL C 21 34.79 -6.27 -39.96
N LYS C 22 33.53 -6.09 -39.58
CA LYS C 22 32.48 -5.64 -40.50
C LYS C 22 32.37 -4.12 -40.65
N GLY C 23 33.13 -3.37 -39.86
CA GLY C 23 33.10 -1.90 -39.93
C GLY C 23 31.84 -1.30 -39.34
N ILE C 24 31.51 -1.70 -38.12
CA ILE C 24 30.42 -1.10 -37.37
C ILE C 24 31.06 -0.29 -36.23
N PRO C 25 30.58 0.96 -36.01
CA PRO C 25 31.09 1.78 -34.92
C PRO C 25 30.38 1.53 -33.60
N ASN C 26 30.84 2.17 -32.54
CA ASN C 26 30.08 2.21 -31.28
C ASN C 26 28.80 3.00 -31.51
N ASN C 27 27.83 2.87 -30.61
CA ASN C 27 26.46 3.33 -30.88
C ASN C 27 26.27 4.83 -31.01
N ARG C 28 27.20 5.64 -30.46
CA ARG C 28 27.10 7.10 -30.54
C ARG C 28 28.29 7.73 -31.26
N ARG C 29 29.15 6.91 -31.87
CA ARG C 29 30.36 7.40 -32.56
C ARG C 29 31.13 8.35 -31.64
N LEU C 30 31.41 7.87 -30.42
CA LEU C 30 32.00 8.68 -29.37
C LEU C 30 33.27 8.04 -28.81
N TRP C 31 34.26 8.88 -28.55
CA TRP C 31 35.48 8.48 -27.85
C TRP C 31 35.63 9.37 -26.62
N VAL C 32 35.94 8.77 -25.47
CA VAL C 32 36.11 9.51 -24.23
C VAL C 32 37.54 9.37 -23.70
N LEU C 33 38.18 10.51 -23.44
CA LEU C 33 39.46 10.55 -22.74
C LEU C 33 39.18 10.91 -21.29
N THR C 34 39.43 9.97 -20.38
CA THR C 34 39.14 10.20 -18.97
C THR C 34 40.15 9.53 -18.05
N CYS C 35 39.86 9.53 -16.76
CA CYS C 35 40.81 9.08 -15.74
C CYS C 35 40.52 7.66 -15.25
N MSE C 36 41.56 6.95 -14.85
CA MSE C 36 41.44 5.59 -14.31
C MSE C 36 40.84 5.58 -12.91
O MSE C 36 40.45 4.51 -12.42
CB MSE C 36 42.81 4.91 -14.29
CG MSE C 36 43.77 5.50 -13.26
SE MSE C 36 45.51 4.68 -13.33
CE MSE C 36 46.35 5.62 -11.83
N ASP C 37 40.80 6.73 -12.25
CA ASP C 37 40.33 6.87 -10.86
C ASP C 37 39.02 6.10 -10.64
N GLU C 38 38.95 5.39 -9.52
CA GLU C 38 37.83 4.50 -9.21
C GLU C 38 36.53 5.26 -8.90
N ARG C 39 36.65 6.54 -8.55
CA ARG C 39 35.50 7.38 -8.21
C ARG C 39 34.88 8.04 -9.43
N VAL C 40 35.55 7.93 -10.58
CA VAL C 40 35.06 8.50 -11.83
C VAL C 40 34.17 7.50 -12.56
N HIS C 41 32.88 7.57 -12.29
CA HIS C 41 31.89 6.71 -12.92
C HIS C 41 31.38 7.45 -14.16
N ILE C 42 32.10 7.28 -15.27
CA ILE C 42 31.99 8.17 -16.41
C ILE C 42 30.69 8.02 -17.23
N GLU C 43 30.28 6.79 -17.53
CA GLU C 43 29.13 6.54 -18.40
C GLU C 43 27.86 7.22 -17.90
N GLN C 44 27.67 7.21 -16.58
CA GLN C 44 26.46 7.76 -15.97
C GLN C 44 26.51 9.29 -15.92
N SER C 45 27.71 9.84 -15.75
CA SER C 45 27.88 11.30 -15.80
C SER C 45 27.65 11.84 -17.22
N LEU C 46 28.06 11.08 -18.23
CA LEU C 46 27.86 11.46 -19.63
C LEU C 46 26.44 11.15 -20.13
N GLY C 47 25.69 10.36 -19.37
CA GLY C 47 24.33 9.99 -19.73
C GLY C 47 24.26 9.01 -20.89
N ILE C 48 25.21 8.07 -20.94
CA ILE C 48 25.31 7.12 -22.04
C ILE C 48 25.22 5.66 -21.58
N GLN C 49 25.09 4.76 -22.55
CA GLN C 49 24.88 3.34 -22.30
C GLN C 49 26.18 2.54 -22.56
N PRO C 50 26.23 1.27 -22.09
CA PRO C 50 27.41 0.41 -22.21
C PRO C 50 28.11 0.31 -23.59
N ASP C 51 27.34 0.25 -24.68
CA ASP C 51 27.92 0.11 -26.03
C ASP C 51 28.00 1.43 -26.81
N ASP C 52 27.89 2.57 -26.10
CA ASP C 52 27.84 3.88 -26.77
C ASP C 52 29.21 4.46 -27.13
N ALA C 53 30.24 4.20 -26.30
CA ALA C 53 31.50 4.93 -26.42
C ALA C 53 32.76 4.06 -26.30
N HIS C 54 33.82 4.53 -26.95
CA HIS C 54 35.16 4.00 -26.69
C HIS C 54 35.78 4.85 -25.58
N ILE C 55 35.95 4.24 -24.41
CA ILE C 55 36.42 4.96 -23.23
C ILE C 55 37.91 4.70 -22.99
N TYR C 56 38.72 5.71 -23.26
CA TYR C 56 40.14 5.69 -22.93
C TYR C 56 40.33 6.21 -21.50
N ARG C 57 41.15 5.49 -20.71
CA ARG C 57 41.38 5.85 -19.30
C ARG C 57 42.85 5.71 -18.93
N ASN C 58 43.42 6.76 -18.34
CA ASN C 58 44.78 6.74 -17.83
C ASN C 58 44.91 7.49 -16.50
N ALA C 59 46.13 7.61 -15.99
CA ALA C 59 46.39 8.38 -14.77
C ALA C 59 46.28 9.87 -15.04
N GLY C 60 45.13 10.45 -14.70
CA GLY C 60 44.91 11.90 -14.83
C GLY C 60 43.98 12.37 -15.93
N GLY C 61 43.69 11.50 -16.90
CA GLY C 61 42.91 11.90 -18.08
C GLY C 61 43.69 12.91 -18.92
N ILE C 62 44.98 12.65 -19.05
CA ILE C 62 45.92 13.57 -19.68
C ILE C 62 46.31 13.02 -21.05
N VAL C 63 46.40 13.90 -22.04
CA VAL C 63 46.73 13.50 -23.41
C VAL C 63 48.18 13.02 -23.49
N THR C 64 48.33 11.72 -23.72
CA THR C 64 49.63 11.09 -23.89
C THR C 64 49.72 10.59 -25.33
N ASP C 65 50.87 10.03 -25.70
CA ASP C 65 51.02 9.40 -27.02
C ASP C 65 50.02 8.26 -27.23
N ASP C 66 49.76 7.51 -26.16
CA ASP C 66 48.84 6.38 -26.21
C ASP C 66 47.40 6.87 -26.39
N ALA C 67 47.07 8.02 -25.81
CA ALA C 67 45.77 8.64 -26.00
C ALA C 67 45.60 9.09 -27.45
N ILE C 68 46.65 9.68 -28.01
CA ILE C 68 46.63 10.11 -29.41
C ILE C 68 46.59 8.91 -30.36
N ARG C 69 47.41 7.90 -30.08
CA ARG C 69 47.39 6.63 -30.81
C ARG C 69 45.96 6.08 -30.85
N SER C 70 45.37 5.94 -29.68
CA SER C 70 44.03 5.36 -29.54
C SER C 70 42.93 6.26 -30.14
N ALA C 71 43.09 7.57 -30.01
CA ALA C 71 42.13 8.53 -30.58
C ALA C 71 42.16 8.55 -32.10
N SER C 72 43.36 8.39 -32.66
CA SER C 72 43.53 8.46 -34.12
C SER C 72 42.99 7.22 -34.81
N LEU C 73 43.04 6.07 -34.13
CA LEU C 73 42.50 4.83 -34.67
C LEU C 73 40.98 4.79 -34.58
N THR C 74 40.43 5.22 -33.46
CA THR C 74 38.97 5.22 -33.28
C THR C 74 38.26 6.19 -34.21
N THR C 75 38.91 7.32 -34.51
CA THR C 75 38.31 8.34 -35.36
C THR C 75 38.45 8.02 -36.84
N ASN C 76 39.66 7.63 -37.25
CA ASN C 76 39.94 7.36 -38.65
C ASN C 76 39.44 6.00 -39.15
N PHE C 77 39.48 4.98 -38.30
CA PHE C 77 39.17 3.61 -38.72
C PHE C 77 37.88 3.01 -38.14
N PHE C 78 37.49 3.44 -36.95
CA PHE C 78 36.27 2.91 -36.31
C PHE C 78 35.11 3.90 -36.31
N GLY C 79 35.23 4.99 -37.06
CA GLY C 79 34.10 5.88 -37.34
C GLY C 79 33.64 6.81 -36.23
N THR C 80 34.50 7.07 -35.24
CA THR C 80 34.15 7.98 -34.15
C THR C 80 34.21 9.43 -34.63
N LYS C 81 33.13 10.17 -34.35
CA LYS C 81 32.97 11.56 -34.81
C LYS C 81 32.87 12.60 -33.68
N GLU C 82 32.92 12.14 -32.43
CA GLU C 82 32.86 13.03 -31.28
C GLU C 82 33.86 12.60 -30.22
N ILE C 83 34.54 13.58 -29.62
CA ILE C 83 35.50 13.33 -28.55
C ILE C 83 35.12 14.15 -27.32
N ILE C 84 35.15 13.51 -26.15
CA ILE C 84 34.91 14.19 -24.89
C ILE C 84 36.08 13.94 -23.94
N VAL C 85 36.67 15.01 -23.42
CA VAL C 85 37.73 14.93 -22.44
C VAL C 85 37.17 15.18 -21.04
N VAL C 86 37.40 14.25 -20.13
CA VAL C 86 36.93 14.38 -18.75
C VAL C 86 38.08 14.18 -17.77
N THR C 87 38.56 15.28 -17.21
CA THR C 87 39.47 15.24 -16.08
C THR C 87 38.62 15.17 -14.80
N HIS C 88 39.25 15.05 -13.64
CA HIS C 88 38.49 14.95 -12.39
C HIS C 88 39.11 15.68 -11.20
N THR C 89 38.26 15.94 -10.21
CA THR C 89 38.67 16.60 -8.97
C THR C 89 39.32 15.57 -8.05
N ASP C 90 40.20 16.07 -7.19
CA ASP C 90 41.08 15.25 -6.33
C ASP C 90 41.92 14.28 -7.13
N CYS C 91 42.39 14.71 -8.28
CA CYS C 91 43.21 13.87 -9.15
C CYS C 91 44.59 13.69 -8.54
N GLY C 92 45.06 12.44 -8.50
CA GLY C 92 46.37 12.10 -7.96
C GLY C 92 47.52 12.79 -8.66
N MSE C 93 47.31 13.17 -9.92
CA MSE C 93 48.30 13.93 -10.68
C MSE C 93 48.40 15.39 -10.19
O MSE C 93 49.28 16.12 -10.63
CB MSE C 93 47.96 13.90 -12.18
CG MSE C 93 47.77 12.49 -12.77
SE MSE C 93 49.21 11.24 -12.37
CE MSE C 93 48.48 10.41 -10.77
N LEU C 94 47.49 15.78 -9.30
CA LEU C 94 47.51 17.09 -8.67
C LEU C 94 47.78 17.00 -7.16
N ARG C 95 48.31 15.85 -6.72
CA ARG C 95 48.68 15.64 -5.31
C ARG C 95 50.18 15.40 -5.10
N PHE C 96 50.93 15.17 -6.18
CA PHE C 96 52.36 14.91 -6.10
C PHE C 96 53.10 15.66 -7.21
N THR C 97 54.43 15.65 -7.16
CA THR C 97 55.27 16.26 -8.19
C THR C 97 56.16 15.19 -8.83
N GLY C 98 56.63 15.47 -10.05
CA GLY C 98 57.51 14.57 -10.77
C GLY C 98 58.84 14.34 -10.09
N GLU C 99 59.36 15.37 -9.43
CA GLU C 99 60.65 15.30 -8.75
C GLU C 99 60.66 14.28 -7.62
N GLU C 100 59.67 14.37 -6.73
CA GLU C 100 59.60 13.46 -5.58
C GLU C 100 59.35 12.02 -6.02
N VAL C 101 58.55 11.84 -7.06
CA VAL C 101 58.29 10.52 -7.64
C VAL C 101 59.56 9.96 -8.28
N ALA C 102 60.26 10.78 -9.04
CA ALA C 102 61.53 10.40 -9.65
C ALA C 102 62.56 10.05 -8.59
N LYS C 103 62.62 10.86 -7.53
CA LYS C 103 63.49 10.59 -6.39
C LYS C 103 63.12 9.29 -5.68
N TYR C 104 61.82 9.00 -5.58
CA TYR C 104 61.35 7.77 -4.97
C TYR C 104 61.89 6.55 -5.71
N PHE C 105 61.75 6.54 -7.03
CA PHE C 105 62.22 5.41 -7.85
C PHE C 105 63.75 5.31 -7.86
N ILE C 106 64.43 6.45 -7.93
CA ILE C 106 65.89 6.47 -7.86
C ILE C 106 66.40 5.87 -6.55
N SER C 107 65.69 6.13 -5.45
CA SER C 107 66.06 5.57 -4.15
C SER C 107 65.88 4.05 -4.12
N LYS C 108 64.97 3.53 -4.96
CA LYS C 108 64.78 2.08 -5.11
C LYS C 108 65.76 1.43 -6.09
N GLY C 109 66.61 2.24 -6.71
CA GLY C 109 67.65 1.73 -7.61
C GLY C 109 67.28 1.79 -9.09
N ILE C 110 66.29 2.61 -9.42
CA ILE C 110 65.89 2.80 -10.82
C ILE C 110 66.86 3.77 -11.50
N LYS C 111 67.22 3.46 -12.73
CA LYS C 111 68.15 4.26 -13.51
C LYS C 111 67.39 4.92 -14.67
N PRO C 112 67.09 6.22 -14.55
CA PRO C 112 66.23 6.93 -15.50
C PRO C 112 66.61 6.77 -16.99
N THR C 113 67.91 6.73 -17.28
CA THR C 113 68.38 6.72 -18.67
C THR C 113 68.32 5.34 -19.33
N GLU C 114 68.22 4.28 -18.52
CA GLU C 114 68.20 2.91 -19.06
C GLU C 114 66.95 2.10 -18.67
N VAL C 115 65.94 2.75 -18.10
CA VAL C 115 64.67 2.09 -17.81
C VAL C 115 63.82 2.07 -19.09
N GLN C 116 63.30 0.91 -19.45
CA GLN C 116 62.48 0.76 -20.65
C GLN C 116 61.06 1.27 -20.39
N LEU C 117 60.79 2.50 -20.82
CA LEU C 117 59.48 3.11 -20.61
C LEU C 117 58.41 2.45 -21.49
N ASP C 118 58.80 2.00 -22.68
CA ASP C 118 57.91 1.24 -23.57
C ASP C 118 58.67 0.03 -24.12
N PRO C 119 58.57 -1.12 -23.42
CA PRO C 119 59.27 -2.34 -23.86
C PRO C 119 58.93 -2.81 -25.29
N LEU C 120 57.68 -2.63 -25.71
CA LEU C 120 57.25 -2.97 -27.07
C LEU C 120 57.71 -1.95 -28.12
N LEU C 121 58.10 -0.75 -27.69
CA LEU C 121 58.66 0.25 -28.60
C LEU C 121 59.98 0.81 -28.05
N PRO C 122 61.11 0.11 -28.32
CA PRO C 122 62.40 0.56 -27.81
C PRO C 122 62.90 1.90 -28.38
N ALA C 123 62.27 2.39 -29.46
CA ALA C 123 62.62 3.70 -30.04
C ALA C 123 62.36 4.87 -29.09
N PHE C 124 61.48 4.67 -28.11
CA PHE C 124 61.22 5.68 -27.09
C PHE C 124 62.31 5.66 -26.02
N ARG C 125 63.23 6.61 -26.11
CA ARG C 125 64.27 6.82 -25.09
C ARG C 125 64.22 8.24 -24.57
N ILE C 126 64.84 8.45 -23.40
CA ILE C 126 64.89 9.78 -22.78
C ILE C 126 66.33 10.22 -22.45
N SER C 127 67.13 9.33 -21.87
CA SER C 127 68.52 9.64 -21.50
C SER C 127 68.69 10.94 -20.69
N SER C 128 67.80 11.14 -19.72
CA SER C 128 67.89 12.29 -18.81
C SER C 128 66.92 12.13 -17.64
N GLU C 129 67.37 12.47 -16.44
CA GLU C 129 66.50 12.45 -15.26
C GLU C 129 65.37 13.48 -15.36
N GLU C 130 65.66 14.63 -15.97
CA GLU C 130 64.66 15.68 -16.14
C GLU C 130 63.57 15.29 -17.14
N ASP C 131 63.92 14.46 -18.13
CA ASP C 131 62.92 13.87 -19.03
C ASP C 131 62.02 12.87 -18.31
N PHE C 132 62.64 12.07 -17.44
CA PHE C 132 61.91 11.10 -16.60
C PHE C 132 60.87 11.80 -15.72
N ILE C 133 61.26 12.93 -15.14
CA ILE C 133 60.37 13.76 -14.35
C ILE C 133 59.16 14.24 -15.16
N LYS C 134 59.45 14.72 -16.37
CA LYS C 134 58.41 15.22 -17.29
C LYS C 134 57.47 14.11 -17.77
N TRP C 135 58.01 12.91 -17.94
CA TRP C 135 57.26 11.77 -18.47
C TRP C 135 56.04 11.40 -17.60
N PHE C 136 56.15 11.57 -16.29
CA PHE C 136 55.04 11.27 -15.39
C PHE C 136 53.82 12.17 -15.59
N LYS C 137 54.05 13.39 -16.06
CA LYS C 137 52.98 14.34 -16.42
C LYS C 137 52.12 14.79 -15.23
N PHE C 138 52.76 15.11 -14.11
CA PHE C 138 52.07 15.71 -12.97
C PHE C 138 51.69 17.16 -13.29
N TYR C 139 50.54 17.59 -12.76
CA TYR C 139 49.95 18.90 -13.06
C TYR C 139 50.94 20.05 -12.88
N GLU C 140 51.65 20.07 -11.74
CA GLU C 140 52.56 21.17 -11.41
C GLU C 140 53.73 21.29 -12.38
N ASP C 141 54.20 20.16 -12.90
CA ASP C 141 55.30 20.14 -13.86
C ASP C 141 54.86 20.59 -15.25
N LEU C 142 53.56 20.49 -15.52
CA LEU C 142 52.97 20.97 -16.77
C LEU C 142 52.45 22.40 -16.65
N GLY C 143 52.55 22.97 -15.45
CA GLY C 143 52.08 24.33 -15.21
C GLY C 143 50.56 24.46 -15.20
N VAL C 144 49.87 23.37 -14.91
CA VAL C 144 48.40 23.33 -14.86
C VAL C 144 47.98 23.35 -13.40
N LYS C 145 47.11 24.29 -13.03
CA LYS C 145 46.75 24.52 -11.62
C LYS C 145 45.45 23.85 -11.20
N SER C 146 44.63 23.43 -12.16
CA SER C 146 43.33 22.82 -11.87
C SER C 146 42.95 21.78 -12.91
N PRO C 147 42.01 20.87 -12.56
CA PRO C 147 41.45 19.95 -13.56
C PRO C 147 40.69 20.68 -14.67
N ASP C 148 40.16 21.86 -14.35
CA ASP C 148 39.47 22.71 -15.32
C ASP C 148 40.43 23.14 -16.43
N GLU C 149 41.62 23.61 -16.04
CA GLU C 149 42.64 24.02 -17.01
C GLU C 149 43.14 22.81 -17.80
N MSE C 150 43.26 21.66 -17.14
CA MSE C 150 43.75 20.45 -17.78
C MSE C 150 42.77 19.90 -18.83
O MSE C 150 43.19 19.36 -19.84
CB MSE C 150 44.06 19.36 -16.75
CG MSE C 150 44.78 18.14 -17.32
SE MSE C 150 46.48 18.59 -18.21
CE MSE C 150 47.67 18.57 -16.66
N ALA C 151 41.47 20.03 -18.56
CA ALA C 151 40.45 19.59 -19.51
C ALA C 151 40.55 20.40 -20.80
N LEU C 152 40.61 21.72 -20.67
CA LEU C 152 40.75 22.62 -21.81
C LEU C 152 42.06 22.41 -22.57
N LYS C 153 43.14 22.09 -21.84
CA LYS C 153 44.43 21.80 -22.48
C LYS C 153 44.37 20.51 -23.31
N GLY C 154 43.71 19.49 -22.78
CA GLY C 154 43.53 18.23 -23.49
C GLY C 154 42.74 18.43 -24.77
N VAL C 155 41.64 19.16 -24.66
CA VAL C 155 40.80 19.51 -25.81
C VAL C 155 41.62 20.20 -26.90
N GLU C 156 42.41 21.18 -26.50
CA GLU C 156 43.23 21.99 -27.43
C GLU C 156 44.33 21.18 -28.11
N ILE C 157 44.97 20.27 -27.38
CA ILE C 157 46.00 19.40 -27.94
C ILE C 157 45.40 18.49 -29.03
N LEU C 158 44.29 17.85 -28.70
CA LEU C 158 43.59 16.97 -29.65
C LEU C 158 42.97 17.76 -30.80
N ARG C 159 42.62 19.02 -30.55
CA ARG C 159 42.01 19.87 -31.57
C ARG C 159 43.01 20.24 -32.67
N ASN C 160 44.28 20.34 -32.32
CA ASN C 160 45.33 20.76 -33.24
C ASN C 160 46.21 19.62 -33.79
N HIS C 161 45.91 18.38 -33.40
CA HIS C 161 46.75 17.25 -33.79
C HIS C 161 46.36 16.76 -35.20
N PRO C 162 47.37 16.52 -36.06
CA PRO C 162 47.10 16.12 -37.45
C PRO C 162 46.52 14.71 -37.61
N LEU C 163 46.84 13.81 -36.68
CA LEU C 163 46.32 12.44 -36.73
C LEU C 163 44.84 12.34 -36.33
N ILE C 164 44.27 13.43 -35.82
CA ILE C 164 42.84 13.49 -35.49
C ILE C 164 42.09 14.37 -36.50
N PRO C 165 41.08 13.80 -37.20
CA PRO C 165 40.35 14.54 -38.24
C PRO C 165 39.73 15.84 -37.74
N LYS C 166 39.67 16.84 -38.62
CA LYS C 166 39.20 18.18 -38.24
C LYS C 166 37.68 18.28 -38.07
N ASP C 167 36.94 17.34 -38.65
CA ASP C 167 35.47 17.34 -38.54
C ASP C 167 34.97 16.71 -37.24
N VAL C 168 35.89 16.14 -36.44
CA VAL C 168 35.55 15.55 -35.14
C VAL C 168 35.32 16.66 -34.09
N ARG C 169 34.18 16.60 -33.41
CA ARG C 169 33.82 17.60 -32.41
C ARG C 169 34.46 17.25 -31.06
N ILE C 170 35.09 18.23 -30.43
CA ILE C 170 35.84 18.02 -29.18
C ILE C 170 35.31 18.93 -28.08
N THR C 171 35.02 18.33 -26.91
CA THR C 171 34.47 19.06 -25.77
C THR C 171 35.13 18.59 -24.46
N GLY C 172 35.33 19.52 -23.53
CA GLY C 172 36.01 19.24 -22.28
C GLY C 172 35.12 19.45 -21.07
N TYR C 173 35.25 18.57 -20.07
CA TYR C 173 34.50 18.68 -18.81
C TYR C 173 35.36 18.25 -17.63
N VAL C 174 34.87 18.55 -16.43
CA VAL C 174 35.50 18.12 -15.18
C VAL C 174 34.52 17.26 -14.38
N TYR C 175 34.94 16.06 -14.01
CA TYR C 175 34.16 15.17 -13.16
C TYR C 175 34.42 15.46 -11.68
N GLU C 176 33.38 15.82 -10.94
CA GLU C 176 33.47 16.07 -9.52
C GLU C 176 33.28 14.77 -8.74
N VAL C 177 34.37 14.23 -8.19
CA VAL C 177 34.30 12.98 -7.41
C VAL C 177 33.43 13.13 -6.17
N GLU C 178 33.39 14.33 -5.60
CA GLU C 178 32.58 14.61 -4.42
C GLU C 178 31.07 14.58 -4.70
N THR C 179 30.67 14.89 -5.94
CA THR C 179 29.26 14.93 -6.32
C THR C 179 28.85 13.90 -7.38
N HIS C 180 29.81 13.14 -7.90
CA HIS C 180 29.58 12.18 -8.99
C HIS C 180 28.86 12.83 -10.18
N ARG C 181 29.37 13.97 -10.63
CA ARG C 181 28.70 14.81 -11.60
C ARG C 181 29.67 15.72 -12.35
N LEU C 182 29.30 16.11 -13.57
CA LEU C 182 30.16 16.94 -14.42
C LEU C 182 29.90 18.43 -14.21
N ARG C 183 30.89 19.23 -14.58
CA ARG C 183 30.73 20.67 -14.71
C ARG C 183 31.52 21.17 -15.92
N LYS C 184 31.11 22.31 -16.48
CA LYS C 184 31.92 23.00 -17.47
C LYS C 184 33.20 23.49 -16.79
N PRO C 185 34.33 23.46 -17.51
CA PRO C 185 35.56 23.99 -16.94
C PRO C 185 35.41 25.44 -16.46
N ASN C 186 35.88 25.69 -15.24
CA ASN C 186 35.92 27.04 -14.65
C ASN C 186 34.56 27.70 -14.40
N GLN C 187 33.50 26.89 -14.30
CA GLN C 187 32.19 27.41 -13.91
C GLN C 187 31.76 26.73 -12.61
N ILE C 188 32.12 27.35 -11.50
CA ILE C 188 31.90 26.82 -10.17
C ILE C 188 30.65 27.45 -9.57
N ILE C 189 29.62 26.64 -9.38
CA ILE C 189 28.34 27.11 -8.83
C ILE C 189 28.41 27.35 -7.32
N TYR C 190 29.32 26.64 -6.65
CA TYR C 190 29.31 26.50 -5.19
C TYR C 190 29.59 27.80 -4.43
N ASN C 191 30.58 28.56 -4.90
CA ASN C 191 30.94 29.83 -4.27
C ASN C 191 29.83 30.88 -4.37
N GLU C 192 29.11 30.86 -5.48
CA GLU C 192 28.00 31.79 -5.74
C GLU C 192 26.77 31.53 -4.87
N THR C 193 26.57 30.29 -4.45
CA THR C 193 25.35 29.89 -3.73
C THR C 193 25.36 30.23 -2.24
N SER C 194 26.54 30.26 -1.62
CA SER C 194 26.67 30.55 -0.18
C SER C 194 27.09 31.99 0.11
N LYS C 195 26.83 32.88 -0.84
CA LYS C 195 27.12 34.31 -0.72
C LYS C 195 25.89 35.11 -1.12
N PHE C 196 25.88 36.40 -0.76
CA PHE C 196 24.80 37.29 -1.18
C PHE C 196 24.87 37.56 -2.67
N GLU C 197 23.70 37.60 -3.31
CA GLU C 197 23.58 37.97 -4.71
C GLU C 197 22.15 38.45 -4.96
N HIS C 198 22.03 39.55 -5.69
CA HIS C 198 20.72 40.14 -5.96
C HIS C 198 19.89 39.25 -6.88
N GLY C 199 18.79 38.71 -6.35
CA GLY C 199 17.88 37.86 -7.11
C GLY C 199 16.84 38.69 -7.84
N THR C 200 15.96 38.01 -8.57
CA THR C 200 14.88 38.67 -9.30
C THR C 200 13.52 38.14 -8.85
N ILE C 201 12.52 39.02 -8.87
CA ILE C 201 11.15 38.63 -8.55
C ILE C 201 10.60 37.70 -9.64
N VAL C 202 9.92 36.63 -9.25
CA VAL C 202 9.34 35.69 -10.20
C VAL C 202 8.20 36.37 -10.96
N LYS C 203 8.23 36.30 -12.29
CA LYS C 203 7.26 36.98 -13.13
C LYS C 203 6.05 36.09 -13.40
N VAL D 2 20.88 11.42 16.52
CA VAL D 2 20.76 11.52 15.04
C VAL D 2 21.97 12.24 14.43
N SER D 3 22.41 13.31 15.08
CA SER D 3 23.57 14.08 14.62
C SER D 3 24.85 13.22 14.59
N GLU D 4 24.91 12.25 15.48
CA GLU D 4 25.96 11.23 15.50
C GLU D 4 26.09 10.49 14.16
N TYR D 5 24.95 10.12 13.57
CA TYR D 5 24.93 9.43 12.27
C TYR D 5 25.32 10.39 11.14
N ILE D 6 24.88 11.63 11.24
CA ILE D 6 25.15 12.64 10.23
C ILE D 6 26.64 12.98 10.18
N ASP D 7 27.23 13.20 11.35
CA ASP D 7 28.67 13.52 11.44
C ASP D 7 29.53 12.37 10.93
N SER D 8 29.09 11.14 11.17
CA SER D 8 29.77 9.93 10.71
C SER D 8 29.71 9.80 9.18
N GLU D 9 28.59 10.21 8.59
CA GLU D 9 28.43 10.13 7.14
C GLU D 9 29.16 11.28 6.43
N LEU D 10 29.31 12.41 7.11
CA LEU D 10 30.09 13.54 6.59
C LEU D 10 31.59 13.23 6.57
N LYS D 11 32.04 12.48 7.57
CA LYS D 11 33.43 11.98 7.64
C LYS D 11 33.72 11.01 6.48
N ARG D 12 32.74 10.16 6.18
CA ARG D 12 32.87 9.17 5.12
C ARG D 12 32.96 9.82 3.74
N LEU D 13 32.15 10.85 3.51
CA LEU D 13 32.14 11.56 2.24
C LEU D 13 33.38 12.44 2.04
N GLU D 14 33.92 12.99 3.13
CA GLU D 14 35.16 13.76 3.08
C GLU D 14 36.35 12.86 2.73
N ASP D 15 36.40 11.68 3.34
CA ASP D 15 37.41 10.69 3.01
C ASP D 15 37.31 10.29 1.54
N TYR D 16 36.08 10.09 1.06
CA TYR D 16 35.84 9.70 -0.32
C TYR D 16 36.31 10.78 -1.31
N ALA D 17 36.08 12.04 -0.96
CA ALA D 17 36.44 13.16 -1.82
C ALA D 17 37.95 13.47 -1.84
N LEU D 18 38.67 13.05 -0.80
CA LEU D 18 40.09 13.38 -0.67
C LEU D 18 40.99 12.15 -0.51
N ARG D 19 40.60 11.05 -1.14
CA ARG D 19 41.36 9.79 -1.03
C ARG D 19 42.84 9.94 -1.40
N ARG D 20 43.12 10.70 -2.46
CA ARG D 20 44.49 10.87 -2.94
C ARG D 20 45.31 11.73 -1.99
N VAL D 21 44.68 12.69 -1.33
CA VAL D 21 45.33 13.50 -0.31
C VAL D 21 45.62 12.65 0.93
N LYS D 22 44.58 12.01 1.44
CA LYS D 22 44.66 11.26 2.69
C LYS D 22 45.45 9.96 2.59
N GLY D 23 45.66 9.47 1.37
CA GLY D 23 46.36 8.20 1.16
C GLY D 23 45.45 7.00 1.34
N ILE D 24 44.26 7.08 0.74
CA ILE D 24 43.29 6.00 0.76
C ILE D 24 43.26 5.33 -0.62
N PRO D 25 43.36 4.00 -0.67
CA PRO D 25 43.40 3.29 -1.95
C PRO D 25 42.00 3.05 -2.51
N ASN D 26 41.91 2.44 -3.69
CA ASN D 26 40.62 1.95 -4.19
C ASN D 26 40.22 0.72 -3.37
N ASN D 27 38.94 0.36 -3.41
CA ASN D 27 38.37 -0.60 -2.45
C ASN D 27 38.95 -2.02 -2.51
N ARG D 28 39.57 -2.40 -3.63
CA ARG D 28 40.19 -3.74 -3.76
C ARG D 28 41.69 -3.70 -3.99
N ARG D 29 42.29 -2.50 -3.91
CA ARG D 29 43.71 -2.31 -4.23
C ARG D 29 44.04 -2.99 -5.57
N LEU D 30 43.23 -2.68 -6.59
CA LEU D 30 43.28 -3.36 -7.88
C LEU D 30 43.48 -2.36 -9.02
N TRP D 31 44.36 -2.72 -9.95
CA TRP D 31 44.53 -1.97 -11.20
C TRP D 31 44.24 -2.92 -12.36
N VAL D 32 43.41 -2.47 -13.30
CA VAL D 32 43.09 -3.26 -14.47
C VAL D 32 43.63 -2.60 -15.75
N LEU D 33 44.32 -3.40 -16.56
CA LEU D 33 44.69 -3.02 -17.92
C LEU D 33 43.73 -3.72 -18.87
N THR D 34 42.90 -2.95 -19.55
CA THR D 34 41.95 -3.53 -20.50
C THR D 34 41.76 -2.62 -21.72
N CYS D 35 40.73 -2.91 -22.51
CA CYS D 35 40.55 -2.29 -23.80
C CYS D 35 39.49 -1.20 -23.77
N MSE D 36 39.63 -0.21 -24.66
CA MSE D 36 38.66 0.86 -24.79
C MSE D 36 37.38 0.41 -25.51
O MSE D 36 36.41 1.16 -25.54
CB MSE D 36 39.26 2.06 -25.53
CG MSE D 36 39.47 1.82 -27.03
SE MSE D 36 40.31 3.31 -27.92
CE MSE D 36 40.32 2.60 -29.74
N ASP D 37 37.41 -0.78 -26.11
CA ASP D 37 36.27 -1.30 -26.87
C ASP D 37 34.96 -1.13 -26.10
N GLU D 38 33.92 -0.69 -26.82
CA GLU D 38 32.62 -0.40 -26.20
C GLU D 38 31.91 -1.65 -25.70
N ARG D 39 32.26 -2.81 -26.27
CA ARG D 39 31.62 -4.07 -25.91
C ARG D 39 32.23 -4.71 -24.67
N VAL D 40 33.38 -4.21 -24.24
CA VAL D 40 34.06 -4.74 -23.05
C VAL D 40 33.52 -4.10 -21.78
N HIS D 41 32.54 -4.76 -21.17
CA HIS D 41 31.93 -4.31 -19.92
C HIS D 41 32.69 -4.94 -18.77
N ILE D 42 33.79 -4.30 -18.39
CA ILE D 42 34.84 -4.94 -17.60
C ILE D 42 34.45 -5.21 -16.13
N GLU D 43 33.80 -4.25 -15.49
CA GLU D 43 33.53 -4.36 -14.05
C GLU D 43 32.57 -5.51 -13.69
N GLN D 44 31.56 -5.74 -14.53
CA GLN D 44 30.63 -6.85 -14.29
C GLN D 44 31.26 -8.22 -14.56
N SER D 45 32.26 -8.25 -15.44
CA SER D 45 32.96 -9.50 -15.76
C SER D 45 34.00 -9.88 -14.70
N LEU D 46 34.45 -8.90 -13.92
CA LEU D 46 35.36 -9.13 -12.79
C LEU D 46 34.61 -9.19 -11.46
N GLY D 47 33.30 -8.97 -11.49
CA GLY D 47 32.48 -9.00 -10.28
C GLY D 47 32.72 -7.84 -9.34
N ILE D 48 33.13 -6.69 -9.88
CA ILE D 48 33.49 -5.52 -9.08
C ILE D 48 32.56 -4.34 -9.30
N GLN D 49 32.58 -3.40 -8.36
CA GLN D 49 31.91 -2.11 -8.50
C GLN D 49 32.94 -1.07 -8.91
N PRO D 50 32.49 0.07 -9.46
CA PRO D 50 33.41 1.13 -9.90
C PRO D 50 34.47 1.54 -8.88
N ASP D 51 34.09 1.72 -7.61
CA ASP D 51 35.04 2.10 -6.55
C ASP D 51 36.11 1.05 -6.23
N ASP D 52 35.98 -0.16 -6.77
CA ASP D 52 36.88 -1.27 -6.42
C ASP D 52 38.24 -1.24 -7.11
N ALA D 53 38.39 -0.49 -8.19
CA ALA D 53 39.61 -0.59 -8.99
C ALA D 53 39.93 0.62 -9.87
N HIS D 54 41.21 0.80 -10.13
CA HIS D 54 41.67 1.73 -11.14
C HIS D 54 41.70 0.99 -12.47
N ILE D 55 40.95 1.50 -13.45
CA ILE D 55 40.84 0.82 -14.74
C ILE D 55 41.52 1.66 -15.83
N TYR D 56 42.61 1.12 -16.37
CA TYR D 56 43.29 1.70 -17.52
C TYR D 56 42.69 1.09 -18.78
N ARG D 57 42.47 1.92 -19.80
CA ARG D 57 41.85 1.47 -21.04
C ARG D 57 42.47 2.16 -22.25
N ASN D 58 42.81 1.38 -23.27
CA ASN D 58 43.33 1.90 -24.52
C ASN D 58 42.98 1.00 -25.69
N ALA D 59 43.45 1.34 -26.89
CA ALA D 59 43.23 0.53 -28.07
C ALA D 59 44.06 -0.75 -27.98
N GLY D 60 43.41 -1.86 -27.63
CA GLY D 60 44.04 -3.17 -27.61
C GLY D 60 44.23 -3.80 -26.25
N GLY D 61 44.27 -2.97 -25.19
CA GLY D 61 44.66 -3.46 -23.86
C GLY D 61 46.12 -3.90 -23.87
N ILE D 62 46.95 -3.07 -24.51
CA ILE D 62 48.36 -3.36 -24.75
C ILE D 62 49.21 -2.48 -23.85
N VAL D 63 50.31 -3.03 -23.34
CA VAL D 63 51.20 -2.31 -22.43
C VAL D 63 52.00 -1.24 -23.17
N THR D 64 51.55 0.01 -23.08
CA THR D 64 52.26 1.16 -23.62
C THR D 64 53.05 1.84 -22.51
N ASP D 65 53.76 2.92 -22.84
CA ASP D 65 54.48 3.69 -21.82
C ASP D 65 53.51 4.34 -20.84
N ASP D 66 52.35 4.75 -21.34
CA ASP D 66 51.29 5.31 -20.51
C ASP D 66 50.69 4.27 -19.56
N ALA D 67 50.64 3.01 -19.99
CA ALA D 67 50.18 1.93 -19.11
C ALA D 67 51.13 1.74 -17.94
N ILE D 68 52.42 1.73 -18.24
CA ILE D 68 53.46 1.60 -17.22
C ILE D 68 53.48 2.83 -16.31
N ARG D 69 53.42 4.01 -16.90
CA ARG D 69 53.31 5.26 -16.14
C ARG D 69 52.19 5.14 -15.13
N SER D 70 51.00 4.82 -15.61
CA SER D 70 49.81 4.72 -14.77
C SER D 70 49.90 3.60 -13.74
N ALA D 71 50.42 2.45 -14.15
CA ALA D 71 50.54 1.29 -13.25
C ALA D 71 51.58 1.51 -12.16
N SER D 72 52.66 2.23 -12.49
CA SER D 72 53.72 2.51 -11.52
C SER D 72 53.23 3.43 -10.41
N LEU D 73 52.37 4.38 -10.76
CA LEU D 73 51.79 5.31 -9.80
C LEU D 73 50.75 4.63 -8.91
N THR D 74 49.85 3.85 -9.52
CA THR D 74 48.81 3.15 -8.76
C THR D 74 49.40 2.15 -7.77
N THR D 75 50.48 1.47 -8.16
CA THR D 75 51.08 0.44 -7.31
C THR D 75 51.96 1.04 -6.21
N ASN D 76 52.84 1.95 -6.57
CA ASN D 76 53.77 2.54 -5.61
C ASN D 76 53.14 3.61 -4.71
N PHE D 77 52.20 4.39 -5.25
CA PHE D 77 51.66 5.54 -4.54
C PHE D 77 50.21 5.41 -4.05
N PHE D 78 49.38 4.68 -4.81
CA PHE D 78 47.96 4.55 -4.45
C PHE D 78 47.61 3.18 -3.85
N GLY D 79 48.62 2.39 -3.51
CA GLY D 79 48.43 1.18 -2.72
C GLY D 79 47.87 -0.05 -3.43
N THR D 80 47.87 -0.03 -4.76
CA THR D 80 47.39 -1.17 -5.54
C THR D 80 48.33 -2.37 -5.40
N LYS D 81 47.77 -3.54 -5.08
CA LYS D 81 48.54 -4.76 -4.87
C LYS D 81 48.21 -5.88 -5.86
N GLU D 82 47.21 -5.68 -6.71
CA GLU D 82 46.84 -6.67 -7.72
C GLU D 82 46.65 -6.01 -9.08
N ILE D 83 47.24 -6.62 -10.10
CA ILE D 83 47.05 -6.20 -11.49
C ILE D 83 46.34 -7.30 -12.26
N ILE D 84 45.36 -6.91 -13.06
CA ILE D 84 44.66 -7.82 -13.96
C ILE D 84 44.68 -7.27 -15.39
N VAL D 85 45.25 -8.05 -16.31
CA VAL D 85 45.31 -7.68 -17.71
C VAL D 85 44.19 -8.39 -18.47
N VAL D 86 43.38 -7.63 -19.19
CA VAL D 86 42.23 -8.17 -19.93
C VAL D 86 42.19 -7.68 -21.37
N THR D 87 42.71 -8.49 -22.29
CA THR D 87 42.52 -8.26 -23.72
C THR D 87 41.14 -8.79 -24.12
N HIS D 88 40.76 -8.64 -25.38
CA HIS D 88 39.43 -9.09 -25.80
C HIS D 88 39.36 -9.61 -27.23
N THR D 89 38.31 -10.37 -27.50
CA THR D 89 38.06 -10.95 -28.81
C THR D 89 37.47 -9.90 -29.76
N ASP D 90 37.69 -10.10 -31.05
CA ASP D 90 37.35 -9.12 -32.11
C ASP D 90 37.97 -7.75 -31.85
N CYS D 91 39.20 -7.75 -31.36
CA CYS D 91 39.93 -6.52 -31.07
C CYS D 91 40.36 -5.85 -32.36
N GLY D 92 40.07 -4.55 -32.48
CA GLY D 92 40.50 -3.77 -33.63
C GLY D 92 41.97 -3.85 -33.98
N MSE D 93 42.82 -4.04 -32.96
CA MSE D 93 44.26 -4.18 -33.17
C MSE D 93 44.63 -5.51 -33.82
O MSE D 93 45.78 -5.73 -34.20
CB MSE D 93 45.03 -4.05 -31.84
CG MSE D 93 44.77 -2.75 -31.08
SE MSE D 93 44.80 -1.13 -32.15
CE MSE D 93 42.88 -0.89 -32.36
N LEU D 94 43.66 -6.41 -33.93
CA LEU D 94 43.83 -7.68 -34.64
C LEU D 94 43.03 -7.69 -35.96
N ARG D 95 42.62 -6.51 -36.42
CA ARG D 95 41.85 -6.38 -37.67
C ARG D 95 42.53 -5.55 -38.77
N PHE D 96 43.61 -4.84 -38.40
CA PHE D 96 44.39 -4.08 -39.37
C PHE D 96 45.87 -4.25 -39.09
N THR D 97 46.71 -3.60 -39.89
CA THR D 97 48.15 -3.64 -39.74
C THR D 97 48.73 -2.22 -39.70
N GLY D 98 49.91 -2.09 -39.09
CA GLY D 98 50.57 -0.78 -38.96
C GLY D 98 50.96 -0.19 -40.31
N GLU D 99 51.29 -1.06 -41.26
CA GLU D 99 51.64 -0.66 -42.62
C GLU D 99 50.46 0.07 -43.27
N GLU D 100 49.29 -0.55 -43.22
CA GLU D 100 48.04 0.01 -43.75
C GLU D 100 47.71 1.37 -43.15
N VAL D 101 47.84 1.46 -41.83
CA VAL D 101 47.51 2.68 -41.10
C VAL D 101 48.49 3.80 -41.43
N ALA D 102 49.78 3.48 -41.44
CA ALA D 102 50.81 4.45 -41.81
C ALA D 102 50.61 4.96 -43.24
N LYS D 103 50.36 4.04 -44.17
CA LYS D 103 50.06 4.38 -45.56
C LYS D 103 48.88 5.35 -45.66
N TYR D 104 47.82 5.06 -44.90
CA TYR D 104 46.62 5.89 -44.87
C TYR D 104 46.97 7.33 -44.47
N PHE D 105 47.76 7.48 -43.41
CA PHE D 105 48.17 8.81 -42.93
C PHE D 105 49.18 9.47 -43.86
N ILE D 106 50.15 8.70 -44.36
CA ILE D 106 51.16 9.22 -45.28
C ILE D 106 50.54 9.77 -46.56
N SER D 107 49.49 9.10 -47.07
CA SER D 107 48.80 9.56 -48.28
C SER D 107 47.95 10.81 -48.03
N LYS D 108 47.52 11.01 -46.79
CA LYS D 108 46.77 12.22 -46.41
C LYS D 108 47.68 13.43 -46.13
N GLY D 109 49.00 13.21 -46.14
CA GLY D 109 49.97 14.28 -46.01
C GLY D 109 50.79 14.24 -44.73
N ILE D 110 50.57 13.22 -43.90
CA ILE D 110 51.28 13.10 -42.62
C ILE D 110 52.73 12.68 -42.84
N LYS D 111 53.63 13.37 -42.15
CA LYS D 111 55.05 13.03 -42.15
C LYS D 111 55.40 12.32 -40.83
N PRO D 112 55.62 11.00 -40.87
CA PRO D 112 55.86 10.19 -39.67
C PRO D 112 56.91 10.75 -38.71
N THR D 113 58.06 11.13 -39.25
CA THR D 113 59.21 11.54 -38.44
C THR D 113 59.02 12.89 -37.73
N GLU D 114 58.10 13.73 -38.25
CA GLU D 114 57.92 15.10 -37.76
C GLU D 114 56.72 15.26 -36.83
N VAL D 115 55.68 14.46 -37.04
CA VAL D 115 54.47 14.55 -36.21
C VAL D 115 54.78 14.36 -34.73
N GLN D 116 54.19 15.22 -33.89
CA GLN D 116 54.38 15.16 -32.44
C GLN D 116 53.51 14.06 -31.85
N LEU D 117 54.13 12.92 -31.56
CA LEU D 117 53.40 11.78 -31.00
C LEU D 117 52.96 12.04 -29.56
N ASP D 118 53.78 12.80 -28.82
CA ASP D 118 53.42 13.24 -27.47
C ASP D 118 53.77 14.74 -27.32
N PRO D 119 52.79 15.62 -27.62
CA PRO D 119 52.98 17.07 -27.54
C PRO D 119 53.56 17.58 -26.21
N LEU D 120 53.09 17.05 -25.09
CA LEU D 120 53.54 17.47 -23.76
C LEU D 120 54.91 16.89 -23.37
N LEU D 121 55.39 15.90 -24.13
CA LEU D 121 56.71 15.31 -23.90
C LEU D 121 57.52 15.29 -25.21
N PRO D 122 58.19 16.41 -25.53
CA PRO D 122 59.06 16.51 -26.71
C PRO D 122 60.15 15.43 -26.80
N ALA D 123 60.59 14.91 -25.66
CA ALA D 123 61.66 13.90 -25.61
C ALA D 123 61.32 12.58 -26.33
N PHE D 124 60.05 12.34 -26.61
CA PHE D 124 59.63 11.14 -27.35
C PHE D 124 59.73 11.37 -28.87
N ARG D 125 60.76 10.79 -29.48
CA ARG D 125 61.04 10.95 -30.91
C ARG D 125 61.37 9.59 -31.53
N ILE D 126 60.95 9.37 -32.78
CA ILE D 126 61.11 8.07 -33.43
C ILE D 126 62.16 8.03 -34.55
N SER D 127 62.18 9.05 -35.40
CA SER D 127 63.17 9.17 -36.49
C SER D 127 63.17 8.01 -37.49
N SER D 128 62.02 7.41 -37.74
CA SER D 128 61.90 6.30 -38.69
C SER D 128 60.44 6.01 -39.01
N GLU D 129 60.18 5.54 -40.23
CA GLU D 129 58.83 5.15 -40.64
C GLU D 129 58.44 3.81 -40.03
N GLU D 130 59.42 2.92 -39.88
CA GLU D 130 59.19 1.61 -39.27
C GLU D 130 58.80 1.76 -37.79
N ASP D 131 59.43 2.70 -37.10
CA ASP D 131 59.07 3.04 -35.72
C ASP D 131 57.64 3.59 -35.62
N PHE D 132 57.24 4.37 -36.62
CA PHE D 132 55.88 4.91 -36.69
C PHE D 132 54.84 3.78 -36.85
N ILE D 133 55.16 2.79 -37.68
CA ILE D 133 54.31 1.61 -37.84
C ILE D 133 54.26 0.82 -36.52
N LYS D 134 55.42 0.65 -35.90
CA LYS D 134 55.55 -0.09 -34.65
C LYS D 134 54.81 0.59 -33.50
N TRP D 135 54.74 1.92 -33.55
CA TRP D 135 54.10 2.73 -32.52
C TRP D 135 52.61 2.42 -32.31
N PHE D 136 51.91 2.08 -33.39
CA PHE D 136 50.47 1.76 -33.32
C PHE D 136 50.18 0.47 -32.54
N LYS D 137 51.15 -0.43 -32.50
CA LYS D 137 51.05 -1.67 -31.72
C LYS D 137 49.88 -2.57 -32.17
N PHE D 138 49.78 -2.79 -33.47
CA PHE D 138 48.88 -3.81 -34.00
C PHE D 138 49.48 -5.18 -33.72
N TYR D 139 48.62 -6.16 -33.49
CA TYR D 139 49.02 -7.51 -33.07
C TYR D 139 50.04 -8.14 -34.04
N GLU D 140 49.75 -8.04 -35.33
CA GLU D 140 50.58 -8.67 -36.37
C GLU D 140 52.02 -8.17 -36.36
N ASP D 141 52.19 -6.87 -36.19
CA ASP D 141 53.53 -6.26 -36.15
C ASP D 141 54.31 -6.70 -34.92
N LEU D 142 53.63 -6.85 -33.79
CA LEU D 142 54.27 -7.34 -32.55
C LEU D 142 54.45 -8.86 -32.51
N GLY D 143 53.99 -9.56 -33.54
CA GLY D 143 54.13 -11.02 -33.61
C GLY D 143 53.20 -11.74 -32.66
N VAL D 144 52.00 -11.20 -32.48
CA VAL D 144 51.02 -11.76 -31.55
C VAL D 144 49.84 -12.36 -32.34
N LYS D 145 49.54 -13.61 -32.05
CA LYS D 145 48.57 -14.41 -32.82
C LYS D 145 47.13 -14.15 -32.37
N SER D 146 46.93 -14.01 -31.07
CA SER D 146 45.59 -13.94 -30.48
C SER D 146 45.54 -13.04 -29.24
N PRO D 147 44.32 -12.61 -28.84
CA PRO D 147 44.18 -11.88 -27.57
C PRO D 147 44.71 -12.68 -26.38
N ASP D 148 44.59 -14.00 -26.45
CA ASP D 148 45.15 -14.89 -25.44
C ASP D 148 46.66 -14.67 -25.29
N GLU D 149 47.37 -14.66 -26.42
CA GLU D 149 48.81 -14.43 -26.43
C GLU D 149 49.17 -13.04 -25.92
N MSE D 150 48.34 -12.05 -26.24
CA MSE D 150 48.58 -10.67 -25.85
C MSE D 150 48.33 -10.46 -24.35
O MSE D 150 49.01 -9.64 -23.72
CB MSE D 150 47.68 -9.72 -26.66
CG MSE D 150 47.99 -8.24 -26.47
SE MSE D 150 49.81 -7.76 -27.00
CE MSE D 150 49.55 -7.71 -28.94
N ALA D 151 47.37 -11.19 -23.79
CA ALA D 151 47.11 -11.15 -22.35
C ALA D 151 48.32 -11.66 -21.56
N LEU D 152 48.86 -12.80 -22.00
CA LEU D 152 50.05 -13.38 -21.37
C LEU D 152 51.30 -12.50 -21.57
N LYS D 153 51.38 -11.86 -22.73
CA LYS D 153 52.49 -10.96 -23.04
C LYS D 153 52.49 -9.76 -22.10
N GLY D 154 51.34 -9.12 -21.98
CA GLY D 154 51.18 -7.95 -21.12
C GLY D 154 51.48 -8.25 -19.65
N VAL D 155 51.01 -9.40 -19.18
CA VAL D 155 51.30 -9.85 -17.82
C VAL D 155 52.81 -9.99 -17.61
N GLU D 156 53.49 -10.57 -18.60
CA GLU D 156 54.93 -10.83 -18.54
C GLU D 156 55.75 -9.53 -18.56
N ILE D 157 55.31 -8.56 -19.35
CA ILE D 157 55.99 -7.26 -19.43
C ILE D 157 55.89 -6.51 -18.11
N LEU D 158 54.69 -6.47 -17.53
CA LEU D 158 54.46 -5.77 -16.27
C LEU D 158 55.19 -6.45 -15.10
N ARG D 159 55.22 -7.78 -15.14
CA ARG D 159 55.84 -8.59 -14.08
C ARG D 159 57.37 -8.44 -14.05
N ASN D 160 57.97 -8.13 -15.20
CA ASN D 160 59.42 -7.98 -15.31
C ASN D 160 59.89 -6.53 -15.25
N HIS D 161 58.95 -5.58 -15.16
CA HIS D 161 59.28 -4.16 -15.19
C HIS D 161 59.66 -3.65 -13.80
N PRO D 162 60.77 -2.90 -13.69
CA PRO D 162 61.28 -2.46 -12.39
C PRO D 162 60.50 -1.32 -11.70
N LEU D 163 59.58 -0.68 -12.42
CA LEU D 163 58.71 0.35 -11.83
C LEU D 163 57.48 -0.24 -11.13
N ILE D 164 57.25 -1.55 -11.31
CA ILE D 164 56.16 -2.25 -10.62
C ILE D 164 56.76 -3.20 -9.58
N PRO D 165 56.33 -3.07 -8.30
CA PRO D 165 56.91 -3.86 -7.21
C PRO D 165 56.82 -5.37 -7.42
N LYS D 166 57.79 -6.10 -6.87
CA LYS D 166 57.84 -7.56 -6.96
C LYS D 166 56.57 -8.24 -6.43
N ASP D 167 56.07 -7.75 -5.30
CA ASP D 167 54.99 -8.42 -4.59
C ASP D 167 53.58 -8.19 -5.17
N VAL D 168 53.48 -7.38 -6.22
CA VAL D 168 52.20 -7.16 -6.90
C VAL D 168 51.83 -8.41 -7.71
N ARG D 169 50.66 -8.96 -7.45
CA ARG D 169 50.20 -10.18 -8.12
C ARG D 169 49.56 -9.81 -9.46
N ILE D 170 50.02 -10.46 -10.53
CA ILE D 170 49.60 -10.13 -11.90
C ILE D 170 48.94 -11.35 -12.55
N THR D 171 47.82 -11.14 -13.24
CA THR D 171 47.07 -12.21 -13.89
C THR D 171 46.45 -11.73 -15.20
N GLY D 172 46.36 -12.63 -16.18
CA GLY D 172 45.83 -12.30 -17.50
C GLY D 172 44.54 -13.04 -17.81
N TYR D 173 43.63 -12.35 -18.51
CA TYR D 173 42.39 -12.96 -18.99
C TYR D 173 42.06 -12.43 -20.38
N VAL D 174 41.08 -13.05 -21.02
CA VAL D 174 40.57 -12.60 -22.32
C VAL D 174 39.05 -12.42 -22.23
N TYR D 175 38.60 -11.20 -22.48
CA TYR D 175 37.17 -10.91 -22.50
C TYR D 175 36.57 -11.33 -23.83
N GLU D 176 35.53 -12.17 -23.78
CA GLU D 176 34.82 -12.60 -24.97
C GLU D 176 33.62 -11.70 -25.21
N VAL D 177 33.69 -10.87 -26.25
CA VAL D 177 32.57 -9.98 -26.58
C VAL D 177 31.31 -10.74 -26.99
N GLU D 178 31.48 -11.94 -27.56
CA GLU D 178 30.36 -12.76 -28.03
C GLU D 178 29.63 -13.49 -26.90
N THR D 179 30.16 -13.41 -25.68
CA THR D 179 29.47 -13.96 -24.50
C THR D 179 29.59 -13.10 -23.24
N HIS D 180 30.18 -11.90 -23.36
CA HIS D 180 30.39 -11.00 -22.23
C HIS D 180 30.95 -11.72 -21.00
N ARG D 181 32.03 -12.47 -21.22
CA ARG D 181 32.54 -13.41 -20.25
C ARG D 181 34.06 -13.56 -20.41
N LEU D 182 34.76 -13.69 -19.29
CA LEU D 182 36.22 -13.86 -19.29
C LEU D 182 36.58 -15.33 -19.46
N ARG D 183 37.75 -15.56 -20.05
CA ARG D 183 38.36 -16.89 -20.06
C ARG D 183 39.85 -16.78 -19.76
N LYS D 184 40.45 -17.87 -19.30
CA LYS D 184 41.90 -17.93 -19.10
C LYS D 184 42.55 -18.06 -20.48
N PRO D 185 43.71 -17.39 -20.68
CA PRO D 185 44.40 -17.46 -21.98
C PRO D 185 44.68 -18.89 -22.45
N ASN D 186 44.25 -19.20 -23.67
CA ASN D 186 44.44 -20.52 -24.31
C ASN D 186 43.74 -21.69 -23.62
N GLN D 187 42.71 -21.39 -22.83
CA GLN D 187 41.87 -22.42 -22.24
C GLN D 187 40.47 -22.26 -22.80
N ILE D 188 40.26 -22.80 -23.99
CA ILE D 188 39.04 -22.62 -24.77
C ILE D 188 38.21 -23.90 -24.74
N ILE D 189 37.05 -23.83 -24.10
CA ILE D 189 36.16 -25.00 -24.01
C ILE D 189 35.38 -25.28 -25.31
N TYR D 190 35.25 -24.26 -26.16
CA TYR D 190 34.33 -24.29 -27.30
C TYR D 190 34.64 -25.37 -28.34
N ASN D 191 35.92 -25.61 -28.59
CA ASN D 191 36.35 -26.63 -29.56
C ASN D 191 36.22 -28.05 -28.98
N GLU D 192 36.61 -28.19 -27.71
CA GLU D 192 36.54 -29.46 -26.98
C GLU D 192 35.13 -30.05 -26.87
N THR D 193 34.10 -29.20 -26.85
CA THR D 193 32.72 -29.64 -26.66
C THR D 193 32.01 -30.10 -27.94
N SER D 194 32.63 -29.89 -29.10
CA SER D 194 32.02 -30.25 -30.38
C SER D 194 32.81 -31.32 -31.14
N LYS D 195 33.71 -31.99 -30.45
CA LYS D 195 34.48 -33.11 -31.02
C LYS D 195 34.50 -34.26 -30.04
N PHE D 196 34.88 -35.45 -30.51
CA PHE D 196 34.94 -36.63 -29.64
C PHE D 196 36.02 -36.46 -28.58
N GLU D 197 35.71 -36.94 -27.38
CA GLU D 197 36.68 -37.03 -26.29
C GLU D 197 36.20 -38.10 -25.33
N HIS D 198 37.08 -39.01 -24.95
CA HIS D 198 36.69 -40.15 -24.12
C HIS D 198 36.23 -39.68 -22.74
N GLY D 199 34.97 -39.97 -22.41
CA GLY D 199 34.40 -39.60 -21.11
C GLY D 199 34.67 -40.66 -20.06
N THR D 200 34.28 -40.37 -18.83
CA THR D 200 34.41 -41.32 -17.71
C THR D 200 33.04 -41.64 -17.14
N ILE D 201 32.84 -42.90 -16.74
CA ILE D 201 31.58 -43.37 -16.19
C ILE D 201 31.37 -42.79 -14.79
N VAL D 202 30.15 -42.35 -14.52
CA VAL D 202 29.82 -41.69 -13.24
C VAL D 202 29.81 -42.69 -12.09
N LYS D 203 30.49 -42.35 -11.00
CA LYS D 203 30.52 -43.17 -9.79
C LYS D 203 29.85 -42.44 -8.63
N VAL E 2 13.13 -38.47 -5.55
CA VAL E 2 12.18 -37.48 -6.11
C VAL E 2 10.74 -37.95 -5.96
N SER E 3 10.51 -39.23 -6.25
CA SER E 3 9.16 -39.81 -6.19
C SER E 3 8.53 -39.72 -4.79
N GLU E 4 9.35 -39.83 -3.75
CA GLU E 4 8.84 -39.78 -2.37
C GLU E 4 8.17 -38.43 -2.05
N TYR E 5 8.73 -37.35 -2.56
CA TYR E 5 8.19 -36.00 -2.33
C TYR E 5 7.00 -35.74 -3.23
N ILE E 6 6.96 -36.41 -4.38
CA ILE E 6 5.78 -36.42 -5.25
C ILE E 6 4.62 -37.13 -4.54
N ASP E 7 4.89 -38.33 -4.04
CA ASP E 7 3.89 -39.11 -3.29
C ASP E 7 3.40 -38.33 -2.07
N SER E 8 4.31 -37.63 -1.42
CA SER E 8 3.98 -36.78 -0.27
C SER E 8 3.04 -35.64 -0.66
N GLU E 9 3.25 -35.07 -1.84
CA GLU E 9 2.40 -33.99 -2.33
C GLU E 9 1.03 -34.47 -2.82
N LEU E 10 1.00 -35.67 -3.40
CA LEU E 10 -0.25 -36.29 -3.85
C LEU E 10 -1.19 -36.60 -2.67
N LYS E 11 -0.60 -37.07 -1.58
CA LYS E 11 -1.35 -37.40 -0.36
C LYS E 11 -1.94 -36.12 0.25
N ARG E 12 -1.12 -35.08 0.28
CA ARG E 12 -1.51 -33.77 0.79
C ARG E 12 -2.68 -33.16 0.00
N LEU E 13 -2.65 -33.32 -1.31
CA LEU E 13 -3.71 -32.83 -2.19
C LEU E 13 -5.00 -33.65 -2.04
N GLU E 14 -4.85 -34.95 -1.76
CA GLU E 14 -6.00 -35.81 -1.49
C GLU E 14 -6.70 -35.38 -0.20
N ASP E 15 -5.91 -35.08 0.83
CA ASP E 15 -6.43 -34.59 2.11
C ASP E 15 -7.19 -33.26 1.93
N TYR E 16 -6.61 -32.37 1.13
CA TYR E 16 -7.23 -31.08 0.84
C TYR E 16 -8.58 -31.24 0.12
N ALA E 17 -8.67 -32.19 -0.79
CA ALA E 17 -9.88 -32.39 -1.58
C ALA E 17 -10.97 -33.14 -0.79
N LEU E 18 -10.59 -33.80 0.30
CA LEU E 18 -11.52 -34.61 1.10
C LEU E 18 -11.55 -34.22 2.59
N ARG E 19 -11.35 -32.94 2.87
CA ARG E 19 -11.30 -32.44 4.26
C ARG E 19 -12.55 -32.77 5.06
N ARG E 20 -13.71 -32.65 4.43
CA ARG E 20 -14.99 -32.92 5.09
C ARG E 20 -15.27 -34.42 5.27
N VAL E 21 -14.67 -35.26 4.42
CA VAL E 21 -14.72 -36.71 4.61
C VAL E 21 -13.78 -37.14 5.74
N LYS E 22 -12.56 -36.63 5.70
CA LYS E 22 -11.49 -37.07 6.62
C LYS E 22 -11.55 -36.41 8.01
N GLY E 23 -12.41 -35.42 8.19
CA GLY E 23 -12.49 -34.72 9.47
C GLY E 23 -11.31 -33.78 9.67
N ILE E 24 -10.99 -33.01 8.64
CA ILE E 24 -9.92 -32.03 8.69
C ILE E 24 -10.56 -30.63 8.71
N PRO E 25 -10.23 -29.82 9.73
CA PRO E 25 -10.82 -28.48 9.83
C PRO E 25 -10.17 -27.49 8.87
N ASN E 26 -10.66 -26.24 8.87
CA ASN E 26 -9.96 -25.15 8.18
C ASN E 26 -8.70 -24.79 8.99
N ASN E 27 -7.81 -24.00 8.40
CA ASN E 27 -6.47 -23.82 8.95
C ASN E 27 -6.41 -23.02 10.28
N ARG E 28 -7.49 -22.32 10.62
CA ARG E 28 -7.55 -21.54 11.88
C ARG E 28 -8.61 -22.04 12.87
N ARG E 29 -9.44 -23.00 12.46
CA ARG E 29 -10.64 -23.38 13.21
C ARG E 29 -11.47 -22.12 13.50
N LEU E 30 -11.71 -21.35 12.44
CA LEU E 30 -12.28 -20.01 12.54
C LEU E 30 -13.54 -19.91 11.67
N TRP E 31 -14.57 -19.27 12.22
CA TRP E 31 -15.80 -18.99 11.47
C TRP E 31 -16.08 -17.50 11.57
N VAL E 32 -16.47 -16.90 10.45
CA VAL E 32 -16.74 -15.47 10.39
C VAL E 32 -18.15 -15.22 9.88
N LEU E 33 -18.94 -14.48 10.67
CA LEU E 33 -20.22 -13.96 10.23
C LEU E 33 -19.99 -12.50 9.84
N THR E 34 -20.04 -12.23 8.55
CA THR E 34 -19.87 -10.86 8.05
C THR E 34 -20.90 -10.55 6.97
N CYS E 35 -20.70 -9.43 6.27
CA CYS E 35 -21.70 -8.90 5.36
C CYS E 35 -21.38 -9.21 3.89
N MSE E 36 -22.42 -9.27 3.06
CA MSE E 36 -22.25 -9.53 1.63
C MSE E 36 -21.71 -8.31 0.87
O MSE E 36 -21.27 -8.46 -0.27
CB MSE E 36 -23.58 -9.95 1.01
CG MSE E 36 -24.58 -8.83 0.81
SE MSE E 36 -26.29 -9.50 0.18
CE MSE E 36 -27.24 -7.80 -0.02
N ASP E 37 -21.76 -7.14 1.49
CA ASP E 37 -21.32 -5.88 0.87
C ASP E 37 -19.99 -6.03 0.13
N GLU E 38 -19.93 -5.45 -1.08
CA GLU E 38 -18.76 -5.58 -1.95
C GLU E 38 -17.51 -4.86 -1.43
N ARG E 39 -17.73 -3.84 -0.59
CA ARG E 39 -16.62 -3.05 -0.04
C ARG E 39 -16.00 -3.69 1.20
N VAL E 40 -16.62 -4.73 1.74
CA VAL E 40 -16.09 -5.42 2.91
C VAL E 40 -15.13 -6.53 2.47
N HIS E 41 -13.84 -6.20 2.39
CA HIS E 41 -12.82 -7.17 2.01
C HIS E 41 -12.32 -7.85 3.28
N ILE E 42 -13.08 -8.86 3.70
CA ILE E 42 -12.97 -9.41 5.04
C ILE E 42 -11.63 -10.07 5.35
N GLU E 43 -11.10 -10.83 4.41
CA GLU E 43 -9.87 -11.61 4.65
C GLU E 43 -8.66 -10.70 4.85
N GLN E 44 -8.58 -9.64 4.06
CA GLN E 44 -7.55 -8.63 4.23
C GLN E 44 -7.63 -7.98 5.62
N SER E 45 -8.83 -7.66 6.07
CA SER E 45 -9.03 -6.95 7.34
C SER E 45 -8.71 -7.80 8.57
N LEU E 46 -8.91 -9.11 8.46
CA LEU E 46 -8.63 -10.05 9.56
C LEU E 46 -7.22 -10.60 9.50
N GLY E 47 -6.48 -10.28 8.43
CA GLY E 47 -5.11 -10.74 8.27
C GLY E 47 -4.99 -12.25 8.06
N ILE E 48 -5.96 -12.82 7.34
CA ILE E 48 -6.03 -14.27 7.12
C ILE E 48 -5.79 -14.65 5.66
N GLN E 49 -5.35 -15.89 5.47
CA GLN E 49 -5.16 -16.49 4.15
C GLN E 49 -6.45 -17.20 3.71
N PRO E 50 -6.58 -17.53 2.42
CA PRO E 50 -7.81 -18.10 1.86
C PRO E 50 -8.36 -19.36 2.56
N ASP E 51 -7.49 -20.28 2.95
CA ASP E 51 -7.92 -21.55 3.56
C ASP E 51 -8.10 -21.49 5.08
N ASP E 52 -8.04 -20.30 5.66
CA ASP E 52 -7.99 -20.15 7.11
C ASP E 52 -9.34 -20.29 7.82
N ALA E 53 -10.41 -19.80 7.19
CA ALA E 53 -11.70 -19.71 7.87
C ALA E 53 -12.89 -20.07 6.99
N HIS E 54 -13.98 -20.46 7.64
CA HIS E 54 -15.29 -20.53 7.00
C HIS E 54 -15.91 -19.16 7.12
N ILE E 55 -16.35 -18.61 6.00
CA ILE E 55 -16.86 -17.23 5.98
C ILE E 55 -18.33 -17.22 5.54
N TYR E 56 -19.21 -16.93 6.49
CA TYR E 56 -20.62 -16.77 6.23
C TYR E 56 -20.87 -15.31 5.89
N ARG E 57 -21.71 -15.06 4.89
CA ARG E 57 -21.98 -13.70 4.45
C ARG E 57 -23.45 -13.55 4.07
N ASN E 58 -24.08 -12.51 4.62
CA ASN E 58 -25.47 -12.19 4.31
C ASN E 58 -25.71 -10.68 4.26
N ALA E 59 -26.96 -10.28 4.06
CA ALA E 59 -27.32 -8.87 4.09
C ALA E 59 -27.23 -8.34 5.53
N GLY E 60 -26.13 -7.66 5.83
CA GLY E 60 -25.96 -6.97 7.10
C GLY E 60 -25.07 -7.63 8.15
N GLY E 61 -24.63 -8.86 7.89
CA GLY E 61 -23.86 -9.61 8.89
C GLY E 61 -24.67 -9.77 10.16
N ILE E 62 -25.94 -10.13 9.99
CA ILE E 62 -26.88 -10.25 11.10
C ILE E 62 -27.16 -11.73 11.33
N VAL E 63 -27.27 -12.11 12.59
CA VAL E 63 -27.53 -13.50 12.95
C VAL E 63 -28.96 -13.87 12.55
N THR E 64 -29.06 -14.85 11.65
CA THR E 64 -30.33 -15.39 11.20
C THR E 64 -30.30 -16.89 11.44
N ASP E 65 -31.38 -17.58 11.10
CA ASP E 65 -31.44 -19.03 11.26
C ASP E 65 -30.38 -19.75 10.42
N ASP E 66 -30.10 -19.21 9.23
CA ASP E 66 -29.10 -19.78 8.35
C ASP E 66 -27.69 -19.60 8.93
N ALA E 67 -27.42 -18.44 9.50
CA ALA E 67 -26.15 -18.18 10.18
C ALA E 67 -25.96 -19.10 11.38
N ILE E 68 -27.01 -19.26 12.19
CA ILE E 68 -27.00 -20.20 13.32
C ILE E 68 -26.86 -21.64 12.84
N ARG E 69 -27.61 -22.01 11.80
CA ARG E 69 -27.47 -23.31 11.15
C ARG E 69 -26.02 -23.57 10.75
N SER E 70 -25.45 -22.61 10.02
CA SER E 70 -24.09 -22.72 9.51
C SER E 70 -23.04 -22.72 10.62
N ALA E 71 -23.28 -21.93 11.67
CA ALA E 71 -22.38 -21.86 12.81
C ALA E 71 -22.42 -23.12 13.65
N SER E 72 -23.59 -23.73 13.76
CA SER E 72 -23.76 -24.96 14.55
C SER E 72 -23.03 -26.13 13.92
N LEU E 73 -22.98 -26.16 12.59
CA LEU E 73 -22.30 -27.22 11.86
C LEU E 73 -20.78 -27.03 11.88
N THR E 74 -20.32 -25.80 11.63
CA THR E 74 -18.89 -25.52 11.56
C THR E 74 -18.19 -25.76 12.90
N THR E 75 -18.86 -25.41 14.01
CA THR E 75 -18.28 -25.60 15.34
C THR E 75 -18.32 -27.07 15.77
N ASN E 76 -19.50 -27.66 15.77
CA ASN E 76 -19.69 -29.02 16.26
C ASN E 76 -19.10 -30.12 15.37
N PHE E 77 -19.21 -29.97 14.05
CA PHE E 77 -18.81 -31.01 13.12
C PHE E 77 -17.46 -30.77 12.42
N PHE E 78 -17.16 -29.52 12.10
CA PHE E 78 -15.90 -29.20 11.38
C PHE E 78 -14.82 -28.57 12.27
N GLY E 79 -15.02 -28.60 13.58
CA GLY E 79 -13.96 -28.30 14.56
C GLY E 79 -13.56 -26.85 14.72
N THR E 80 -14.47 -25.92 14.41
CA THR E 80 -14.20 -24.49 14.58
C THR E 80 -14.25 -24.10 16.06
N LYS E 81 -13.21 -23.40 16.52
CA LYS E 81 -13.07 -23.03 17.93
C LYS E 81 -13.13 -21.51 18.16
N GLU E 82 -13.28 -20.73 17.09
CA GLU E 82 -13.37 -19.28 17.22
C GLU E 82 -14.38 -18.70 16.24
N ILE E 83 -15.25 -17.83 16.74
CA ILE E 83 -16.19 -17.09 15.92
C ILE E 83 -15.85 -15.60 16.01
N ILE E 84 -15.91 -14.94 14.86
CA ILE E 84 -15.74 -13.49 14.78
C ILE E 84 -16.92 -12.92 14.01
N VAL E 85 -17.65 -12.01 14.63
CA VAL E 85 -18.78 -11.34 14.00
C VAL E 85 -18.33 -9.99 13.50
N VAL E 86 -18.47 -9.76 12.19
CA VAL E 86 -18.01 -8.51 11.58
C VAL E 86 -19.13 -7.79 10.82
N THR E 87 -19.74 -6.80 11.48
CA THR E 87 -20.65 -5.88 10.82
C THR E 87 -19.83 -4.82 10.08
N HIS E 88 -20.49 -3.89 9.39
CA HIS E 88 -19.76 -2.87 8.64
C HIS E 88 -20.51 -1.55 8.58
N THR E 89 -19.76 -0.49 8.26
CA THR E 89 -20.31 0.85 8.15
C THR E 89 -20.98 1.06 6.79
N ASP E 90 -21.91 2.02 6.74
CA ASP E 90 -22.76 2.26 5.56
C ASP E 90 -23.41 0.95 5.09
N CYS E 91 -23.96 0.21 6.04
CA CYS E 91 -24.64 -1.03 5.75
C CYS E 91 -26.06 -0.73 5.26
N GLY E 92 -26.46 -1.39 4.18
CA GLY E 92 -27.79 -1.19 3.60
C GLY E 92 -28.94 -1.48 4.55
N MSE E 93 -28.70 -2.32 5.55
CA MSE E 93 -29.69 -2.63 6.58
C MSE E 93 -29.90 -1.48 7.56
O MSE E 93 -30.81 -1.52 8.38
CB MSE E 93 -29.29 -3.89 7.36
CG MSE E 93 -29.02 -5.12 6.51
SE MSE E 93 -30.21 -5.33 4.98
CE MSE E 93 -29.00 -4.71 3.58
N LEU E 94 -29.05 -0.47 7.47
CA LEU E 94 -29.16 0.75 8.28
C LEU E 94 -29.56 1.95 7.42
N ARG E 95 -30.05 1.68 6.20
CA ARG E 95 -30.49 2.74 5.29
C ARG E 95 -31.99 2.69 4.96
N PHE E 96 -32.65 1.58 5.30
CA PHE E 96 -34.09 1.42 5.03
C PHE E 96 -34.79 0.76 6.21
N THR E 97 -36.12 0.76 6.17
CA THR E 97 -36.94 0.07 7.16
C THR E 97 -37.71 -1.07 6.52
N GLY E 98 -38.14 -2.02 7.32
CA GLY E 98 -38.94 -3.16 6.84
C GLY E 98 -40.30 -2.73 6.29
N GLU E 99 -40.80 -1.60 6.80
CA GLU E 99 -42.07 -1.04 6.34
C GLU E 99 -41.99 -0.53 4.90
N GLU E 100 -40.90 0.18 4.58
CA GLU E 100 -40.65 0.64 3.21
C GLU E 100 -40.62 -0.53 2.24
N VAL E 101 -39.80 -1.52 2.57
CA VAL E 101 -39.60 -2.68 1.71
C VAL E 101 -40.90 -3.46 1.50
N ALA E 102 -41.67 -3.63 2.57
CA ALA E 102 -42.97 -4.30 2.47
C ALA E 102 -43.92 -3.57 1.53
N LYS E 103 -44.09 -2.27 1.73
CA LYS E 103 -44.98 -1.44 0.89
C LYS E 103 -44.58 -1.46 -0.58
N TYR E 104 -43.27 -1.50 -0.83
CA TYR E 104 -42.74 -1.61 -2.19
C TYR E 104 -43.17 -2.93 -2.83
N PHE E 105 -42.98 -4.04 -2.11
CA PHE E 105 -43.36 -5.36 -2.64
C PHE E 105 -44.87 -5.53 -2.74
N ILE E 106 -45.61 -5.02 -1.76
CA ILE E 106 -47.07 -5.05 -1.78
C ILE E 106 -47.64 -4.32 -3.01
N SER E 107 -47.01 -3.21 -3.39
CA SER E 107 -47.44 -2.44 -4.56
C SER E 107 -47.21 -3.19 -5.87
N LYS E 108 -46.30 -4.17 -5.87
CA LYS E 108 -46.05 -5.03 -7.04
C LYS E 108 -46.71 -6.40 -6.89
N GLY E 109 -47.87 -6.44 -6.24
CA GLY E 109 -48.70 -7.65 -6.20
C GLY E 109 -48.24 -8.78 -5.29
N ILE E 110 -47.29 -8.51 -4.40
CA ILE E 110 -46.83 -9.51 -3.44
C ILE E 110 -47.81 -9.59 -2.27
N LYS E 111 -47.97 -10.79 -1.71
CA LYS E 111 -48.79 -11.01 -0.54
C LYS E 111 -47.94 -11.65 0.56
N PRO E 112 -47.59 -10.86 1.60
CA PRO E 112 -46.72 -11.29 2.69
C PRO E 112 -47.04 -12.66 3.29
N THR E 113 -48.33 -12.93 3.48
CA THR E 113 -48.78 -14.18 4.11
C THR E 113 -48.58 -15.42 3.23
N GLU E 114 -48.60 -15.23 1.91
CA GLU E 114 -48.59 -16.34 0.95
C GLU E 114 -47.20 -16.67 0.41
N VAL E 115 -46.35 -15.66 0.23
CA VAL E 115 -45.02 -15.84 -0.36
C VAL E 115 -44.17 -16.82 0.43
N GLN E 116 -43.57 -17.78 -0.26
CA GLN E 116 -42.77 -18.83 0.37
C GLN E 116 -41.37 -18.33 0.70
N LEU E 117 -41.12 -18.09 1.99
CA LEU E 117 -39.85 -17.52 2.43
C LEU E 117 -38.70 -18.52 2.35
N ASP E 118 -39.00 -19.80 2.59
CA ASP E 118 -38.03 -20.87 2.38
C ASP E 118 -38.69 -22.04 1.63
N PRO E 119 -38.55 -22.06 0.28
CA PRO E 119 -39.13 -23.12 -0.55
C PRO E 119 -38.70 -24.55 -0.19
N LEU E 120 -37.48 -24.71 0.34
CA LEU E 120 -36.97 -26.02 0.76
C LEU E 120 -37.39 -26.40 2.19
N LEU E 121 -38.08 -25.49 2.89
CA LEU E 121 -38.61 -25.76 4.22
C LEU E 121 -39.97 -25.07 4.37
N PRO E 122 -41.05 -25.69 3.86
CA PRO E 122 -42.38 -25.08 3.92
C PRO E 122 -42.94 -24.86 5.33
N ALA E 123 -42.36 -25.53 6.33
CA ALA E 123 -42.75 -25.34 7.73
C ALA E 123 -42.48 -23.93 8.25
N PHE E 124 -41.62 -23.18 7.58
CA PHE E 124 -41.39 -21.77 7.93
C PHE E 124 -42.49 -20.89 7.35
N ARG E 125 -43.45 -20.52 8.20
CA ARG E 125 -44.54 -19.60 7.86
C ARG E 125 -44.57 -18.47 8.87
N ILE E 126 -45.20 -17.34 8.50
CA ILE E 126 -45.22 -16.15 9.35
C ILE E 126 -46.62 -15.69 9.79
N SER E 127 -47.58 -15.70 8.87
CA SER E 127 -48.98 -15.33 9.16
C SER E 127 -49.19 -13.92 9.73
N SER E 128 -48.45 -12.94 9.19
CA SER E 128 -48.60 -11.53 9.58
C SER E 128 -47.67 -10.63 8.76
N GLU E 129 -48.13 -9.43 8.42
CA GLU E 129 -47.29 -8.45 7.73
C GLU E 129 -46.22 -7.87 8.66
N GLU E 130 -46.51 -7.86 9.96
CA GLU E 130 -45.54 -7.40 10.96
C GLU E 130 -44.36 -8.36 11.02
N ASP E 131 -44.65 -9.65 10.95
CA ASP E 131 -43.61 -10.69 10.88
C ASP E 131 -42.82 -10.60 9.58
N PHE E 132 -43.51 -10.25 8.50
CA PHE E 132 -42.87 -10.08 7.19
C PHE E 132 -41.90 -8.90 7.22
N ILE E 133 -42.34 -7.79 7.80
CA ILE E 133 -41.49 -6.61 7.98
C ILE E 133 -40.30 -6.91 8.89
N LYS E 134 -40.55 -7.70 9.95
CA LYS E 134 -39.51 -8.09 10.90
C LYS E 134 -38.50 -9.07 10.27
N TRP E 135 -38.99 -9.87 9.32
CA TRP E 135 -38.17 -10.89 8.65
C TRP E 135 -36.98 -10.31 7.88
N PHE E 136 -37.11 -9.10 7.35
CA PHE E 136 -36.04 -8.45 6.60
C PHE E 136 -34.85 -8.04 7.47
N LYS E 137 -35.07 -7.91 8.78
CA LYS E 137 -34.01 -7.63 9.75
C LYS E 137 -33.25 -6.32 9.48
N PHE E 138 -33.99 -5.27 9.16
CA PHE E 138 -33.40 -3.93 9.09
C PHE E 138 -33.11 -3.44 10.50
N TYR E 139 -32.01 -2.69 10.65
CA TYR E 139 -31.53 -2.22 11.95
C TYR E 139 -32.62 -1.53 12.76
N GLU E 140 -33.38 -0.64 12.12
CA GLU E 140 -34.42 0.14 12.80
C GLU E 140 -35.50 -0.72 13.45
N ASP E 141 -35.95 -1.75 12.75
CA ASP E 141 -37.00 -2.62 13.26
C ASP E 141 -36.51 -3.50 14.41
N LEU E 142 -35.19 -3.68 14.49
CA LEU E 142 -34.56 -4.44 15.57
C LEU E 142 -34.15 -3.56 16.75
N GLY E 143 -34.29 -2.24 16.59
CA GLY E 143 -33.87 -1.30 17.61
C GLY E 143 -32.37 -1.15 17.73
N VAL E 144 -31.65 -1.47 16.64
CA VAL E 144 -30.20 -1.35 16.62
C VAL E 144 -29.82 -0.02 15.96
N LYS E 145 -28.93 0.72 16.62
CA LYS E 145 -28.60 2.09 16.23
C LYS E 145 -27.37 2.18 15.32
N SER E 146 -26.45 1.23 15.45
CA SER E 146 -25.19 1.28 14.74
C SER E 146 -24.65 -0.13 14.46
N PRO E 147 -23.70 -0.24 13.51
CA PRO E 147 -23.02 -1.52 13.30
C PRO E 147 -22.25 -1.98 14.55
N ASP E 148 -21.81 -1.03 15.37
CA ASP E 148 -21.19 -1.33 16.66
C ASP E 148 -22.16 -2.12 17.52
N GLU E 149 -23.36 -1.59 17.67
CA GLU E 149 -24.41 -2.19 18.49
C GLU E 149 -24.86 -3.55 17.92
N MSE E 150 -24.87 -3.68 16.59
CA MSE E 150 -25.28 -4.92 15.93
C MSE E 150 -24.22 -6.02 16.07
O MSE E 150 -24.57 -7.19 16.25
CB MSE E 150 -25.56 -4.68 14.45
CG MSE E 150 -26.12 -5.89 13.70
SE MSE E 150 -27.84 -6.50 14.41
CE MSE E 150 -29.01 -5.21 13.51
N ALA E 151 -22.94 -5.64 15.99
CA ALA E 151 -21.84 -6.58 16.18
C ALA E 151 -21.89 -7.23 17.56
N LEU E 152 -22.16 -6.40 18.58
CA LEU E 152 -22.25 -6.87 19.96
C LEU E 152 -23.50 -7.71 20.19
N LYS E 153 -24.59 -7.34 19.52
CA LYS E 153 -25.84 -8.09 19.59
C LYS E 153 -25.65 -9.49 19.00
N GLY E 154 -24.96 -9.55 17.87
CA GLY E 154 -24.62 -10.83 17.24
C GLY E 154 -23.78 -11.71 18.15
N VAL E 155 -22.75 -11.13 18.75
CA VAL E 155 -21.87 -11.83 19.69
C VAL E 155 -22.68 -12.40 20.87
N GLU E 156 -23.57 -11.58 21.41
CA GLU E 156 -24.43 -11.99 22.53
C GLU E 156 -25.34 -13.15 22.14
N ILE E 157 -25.98 -13.05 20.98
CA ILE E 157 -26.89 -14.10 20.50
C ILE E 157 -26.17 -15.45 20.38
N LEU E 158 -24.99 -15.44 19.77
CA LEU E 158 -24.22 -16.66 19.55
C LEU E 158 -23.63 -17.23 20.83
N ARG E 159 -23.24 -16.36 21.76
CA ARG E 159 -22.69 -16.78 23.06
C ARG E 159 -23.69 -17.57 23.88
N ASN E 160 -24.96 -17.18 23.82
CA ASN E 160 -26.01 -17.80 24.63
C ASN E 160 -26.91 -18.76 23.86
N HIS E 161 -26.43 -19.24 22.71
CA HIS E 161 -27.19 -20.20 21.91
C HIS E 161 -26.64 -21.61 22.14
N PRO E 162 -27.52 -22.59 22.38
CA PRO E 162 -27.08 -23.95 22.69
C PRO E 162 -26.54 -24.76 21.50
N LEU E 163 -26.88 -24.36 20.28
CA LEU E 163 -26.33 -25.02 19.09
C LEU E 163 -24.85 -24.71 18.89
N ILE E 164 -24.39 -23.59 19.46
CA ILE E 164 -22.97 -23.25 19.44
C ILE E 164 -22.34 -23.60 20.79
N PRO E 165 -21.32 -24.49 20.78
CA PRO E 165 -20.62 -24.88 22.01
C PRO E 165 -20.11 -23.69 22.80
N LYS E 166 -20.28 -23.73 24.12
CA LYS E 166 -19.94 -22.57 24.95
C LYS E 166 -18.44 -22.33 25.09
N ASP E 167 -17.62 -23.32 24.71
CA ASP E 167 -16.17 -23.17 24.75
C ASP E 167 -15.59 -22.49 23.49
N VAL E 168 -16.46 -22.11 22.55
CA VAL E 168 -16.05 -21.34 21.38
C VAL E 168 -15.94 -19.86 21.76
N ARG E 169 -14.83 -19.23 21.40
CA ARG E 169 -14.60 -17.82 21.69
C ARG E 169 -15.26 -16.96 20.63
N ILE E 170 -16.06 -15.98 21.07
CA ILE E 170 -16.84 -15.15 20.18
C ILE E 170 -16.49 -13.67 20.40
N THR E 171 -16.08 -12.99 19.33
CA THR E 171 -15.71 -11.57 19.38
C THR E 171 -16.38 -10.83 18.23
N GLY E 172 -16.60 -9.53 18.43
CA GLY E 172 -17.26 -8.68 17.43
C GLY E 172 -16.39 -7.51 16.99
N TYR E 173 -16.52 -7.13 15.72
CA TYR E 173 -15.83 -5.96 15.18
C TYR E 173 -16.73 -5.23 14.19
N VAL E 174 -16.30 -4.04 13.78
CA VAL E 174 -16.99 -3.28 12.74
C VAL E 174 -16.00 -2.98 11.62
N TYR E 175 -16.33 -3.42 10.41
CA TYR E 175 -15.56 -3.11 9.22
C TYR E 175 -15.90 -1.70 8.75
N GLU E 176 -14.90 -0.84 8.68
CA GLU E 176 -15.09 0.51 8.17
C GLU E 176 -14.78 0.53 6.69
N VAL E 177 -15.80 0.69 5.86
CA VAL E 177 -15.63 0.72 4.40
C VAL E 177 -14.85 1.96 3.94
N GLU E 178 -14.90 3.01 4.75
CA GLU E 178 -14.17 4.26 4.44
C GLU E 178 -12.66 4.16 4.70
N THR E 179 -12.23 3.16 5.46
CA THR E 179 -10.80 2.92 5.71
C THR E 179 -10.31 1.51 5.34
N HIS E 180 -11.24 0.62 4.99
CA HIS E 180 -10.94 -0.82 4.78
C HIS E 180 -10.20 -1.40 5.97
N ARG E 181 -10.78 -1.22 7.15
CA ARG E 181 -10.11 -1.50 8.43
C ARG E 181 -11.16 -1.82 9.48
N LEU E 182 -10.85 -2.75 10.37
CA LEU E 182 -11.74 -3.09 11.48
C LEU E 182 -11.60 -2.09 12.62
N ARG E 183 -12.63 -2.02 13.46
CA ARG E 183 -12.54 -1.35 14.76
C ARG E 183 -13.29 -2.18 15.78
N LYS E 184 -12.94 -2.00 17.06
CA LYS E 184 -13.71 -2.59 18.14
C LYS E 184 -15.01 -1.81 18.29
N PRO E 185 -16.11 -2.50 18.61
CA PRO E 185 -17.38 -1.80 18.83
C PRO E 185 -17.26 -0.69 19.86
N ASN E 186 -17.83 0.47 19.54
CA ASN E 186 -17.88 1.63 20.44
C ASN E 186 -16.53 2.28 20.75
N GLN E 187 -15.46 1.83 20.10
CA GLN E 187 -14.14 2.42 20.27
C GLN E 187 -13.73 3.13 18.97
N ILE E 188 -14.47 4.19 18.67
CA ILE E 188 -14.25 5.02 17.50
C ILE E 188 -13.26 6.13 17.85
N ILE E 189 -12.10 6.13 17.19
CA ILE E 189 -11.04 7.10 17.49
C ILE E 189 -11.24 8.48 16.83
N TYR E 190 -12.14 8.57 15.87
CA TYR E 190 -12.24 9.75 15.00
C TYR E 190 -12.81 10.99 15.70
N ASN E 191 -13.75 10.79 16.63
CA ASN E 191 -14.29 11.89 17.43
C ASN E 191 -13.26 12.44 18.41
N GLU E 192 -12.56 11.53 19.07
CA GLU E 192 -11.61 11.83 20.16
C GLU E 192 -10.44 12.71 19.71
N THR E 193 -9.99 12.52 18.47
CA THR E 193 -8.81 13.20 17.94
C THR E 193 -9.08 14.61 17.42
N SER E 194 -10.35 14.95 17.21
CA SER E 194 -10.74 16.25 16.66
C SER E 194 -11.46 17.16 17.67
N LYS E 195 -11.47 16.76 18.95
CA LYS E 195 -11.98 17.58 20.05
C LYS E 195 -10.82 17.94 20.97
N PHE E 196 -11.05 18.88 21.88
CA PHE E 196 -10.10 19.11 22.96
C PHE E 196 -10.17 17.94 23.94
N GLU E 197 -9.00 17.52 24.42
CA GLU E 197 -8.92 16.50 25.45
C GLU E 197 -7.60 16.69 26.20
N HIS E 198 -7.63 16.60 27.52
CA HIS E 198 -6.44 16.81 28.34
C HIS E 198 -5.37 15.77 28.01
N GLY E 199 -4.19 16.23 27.59
CA GLY E 199 -3.07 15.35 27.30
C GLY E 199 -2.17 15.19 28.51
N THR E 200 -1.09 14.43 28.34
CA THR E 200 -0.10 14.24 29.39
C THR E 200 1.29 14.59 28.87
N ILE E 201 2.09 15.22 29.74
CA ILE E 201 3.47 15.58 29.41
C ILE E 201 4.31 14.34 29.22
N VAL E 202 5.29 14.41 28.32
CA VAL E 202 6.23 13.32 28.10
C VAL E 202 7.43 13.51 29.04
N LYS E 203 7.85 12.42 29.68
CA LYS E 203 9.00 12.44 30.57
C LYS E 203 10.15 11.65 29.96
N VAL F 2 -3.70 22.25 -7.19
CA VAL F 2 -3.64 21.00 -6.37
C VAL F 2 -4.93 20.76 -5.58
N SER F 3 -5.58 21.85 -5.18
CA SER F 3 -6.81 21.78 -4.39
C SER F 3 -7.93 21.06 -5.14
N GLU F 4 -8.05 21.32 -6.44
CA GLU F 4 -9.05 20.67 -7.29
C GLU F 4 -8.89 19.15 -7.36
N TYR F 5 -7.64 18.68 -7.34
CA TYR F 5 -7.34 17.26 -7.35
C TYR F 5 -7.75 16.61 -6.02
N ILE F 6 -7.35 17.25 -4.93
CA ILE F 6 -7.68 16.79 -3.58
C ILE F 6 -9.19 16.64 -3.44
N ASP F 7 -9.93 17.69 -3.81
CA ASP F 7 -11.38 17.70 -3.69
C ASP F 7 -12.07 16.57 -4.46
N SER F 8 -11.59 16.29 -5.68
CA SER F 8 -12.19 15.24 -6.50
C SER F 8 -11.90 13.83 -5.94
N GLU F 9 -10.75 13.66 -5.31
CA GLU F 9 -10.44 12.39 -4.63
C GLU F 9 -11.31 12.20 -3.39
N LEU F 10 -11.63 13.29 -2.70
CA LEU F 10 -12.53 13.22 -1.53
C LEU F 10 -13.98 12.93 -1.92
N LYS F 11 -14.43 13.49 -3.04
CA LYS F 11 -15.74 13.16 -3.61
C LYS F 11 -15.81 11.66 -3.93
N ARG F 12 -14.74 11.16 -4.55
CA ARG F 12 -14.61 9.74 -4.88
C ARG F 12 -14.68 8.86 -3.63
N LEU F 13 -14.00 9.28 -2.57
CA LEU F 13 -14.06 8.61 -1.27
C LEU F 13 -15.47 8.66 -0.70
N GLU F 14 -16.12 9.82 -0.81
CA GLU F 14 -17.46 10.01 -0.28
C GLU F 14 -18.45 9.06 -0.93
N ASP F 15 -18.40 8.96 -2.25
CA ASP F 15 -19.29 8.07 -3.00
C ASP F 15 -19.08 6.59 -2.65
N TYR F 16 -17.82 6.19 -2.50
CA TYR F 16 -17.48 4.81 -2.13
C TYR F 16 -17.92 4.49 -0.70
N ALA F 17 -17.68 5.42 0.22
CA ALA F 17 -18.08 5.24 1.62
C ALA F 17 -19.60 5.30 1.82
N LEU F 18 -20.30 5.94 0.89
CA LEU F 18 -21.75 6.12 1.01
C LEU F 18 -22.54 5.60 -0.20
N ARG F 19 -22.07 4.48 -0.78
CA ARG F 19 -22.76 3.84 -1.91
C ARG F 19 -24.21 3.51 -1.57
N ARG F 20 -24.42 2.96 -0.37
CA ARG F 20 -25.76 2.55 0.05
C ARG F 20 -26.70 3.73 0.32
N VAL F 21 -26.16 4.86 0.78
CA VAL F 21 -26.96 6.07 0.94
C VAL F 21 -27.29 6.69 -0.41
N LYS F 22 -26.28 6.80 -1.28
CA LYS F 22 -26.40 7.51 -2.55
C LYS F 22 -27.02 6.67 -3.70
N GLY F 23 -27.34 5.41 -3.43
CA GLY F 23 -27.94 4.55 -4.44
C GLY F 23 -26.97 4.16 -5.54
N ILE F 24 -25.76 3.75 -5.13
CA ILE F 24 -24.75 3.26 -6.06
C ILE F 24 -24.63 1.74 -5.89
N PRO F 25 -24.68 0.99 -7.01
CA PRO F 25 -24.59 -0.46 -6.95
C PRO F 25 -23.14 -0.93 -6.86
N ASN F 26 -22.94 -2.24 -6.70
CA ASN F 26 -21.60 -2.82 -6.85
C ASN F 26 -21.15 -2.72 -8.32
N ASN F 27 -19.86 -2.92 -8.57
CA ASN F 27 -19.27 -2.59 -9.87
C ASN F 27 -19.76 -3.42 -11.07
N ARG F 28 -20.31 -4.61 -10.81
CA ARG F 28 -20.80 -5.47 -11.89
C ARG F 28 -22.26 -5.89 -11.70
N ARG F 29 -22.99 -5.19 -10.83
CA ARG F 29 -24.39 -5.48 -10.55
C ARG F 29 -24.63 -6.99 -10.38
N LEU F 30 -23.77 -7.61 -9.57
CA LEU F 30 -23.74 -9.06 -9.42
C LEU F 30 -23.95 -9.48 -7.97
N TRP F 31 -24.64 -10.60 -7.78
CA TRP F 31 -24.82 -11.23 -6.48
C TRP F 31 -24.55 -12.72 -6.58
N VAL F 32 -23.65 -13.22 -5.73
CA VAL F 32 -23.27 -14.62 -5.76
C VAL F 32 -23.79 -15.37 -4.53
N LEU F 33 -24.42 -16.52 -4.77
CA LEU F 33 -24.76 -17.47 -3.71
C LEU F 33 -23.73 -18.58 -3.80
N THR F 34 -22.89 -18.70 -2.77
CA THR F 34 -21.89 -19.75 -2.73
C THR F 34 -21.74 -20.32 -1.31
N CYS F 35 -20.68 -21.09 -1.10
CA CYS F 35 -20.48 -21.84 0.13
C CYS F 35 -19.46 -21.16 1.04
N MSE F 36 -19.62 -21.36 2.34
CA MSE F 36 -18.71 -20.80 3.35
C MSE F 36 -17.36 -21.53 3.38
O MSE F 36 -16.41 -21.03 3.99
CB MSE F 36 -19.34 -20.85 4.73
CG MSE F 36 -19.42 -22.26 5.33
SE MSE F 36 -20.27 -22.31 7.08
CE MSE F 36 -20.08 -24.23 7.43
N ASP F 37 -17.30 -22.71 2.77
CA ASP F 37 -16.10 -23.55 2.77
C ASP F 37 -14.84 -22.73 2.50
N GLU F 38 -13.79 -23.03 3.26
CA GLU F 38 -12.52 -22.28 3.19
C GLU F 38 -11.76 -22.54 1.89
N ARG F 39 -12.08 -23.64 1.20
CA ARG F 39 -11.41 -24.00 -0.05
C ARG F 39 -12.08 -23.37 -1.27
N VAL F 40 -13.25 -22.77 -1.07
CA VAL F 40 -13.98 -22.10 -2.14
C VAL F 40 -13.51 -20.65 -2.24
N HIS F 41 -12.50 -20.42 -3.07
CA HIS F 41 -11.97 -19.08 -3.31
C HIS F 41 -12.73 -18.48 -4.47
N ILE F 42 -13.84 -17.83 -4.14
CA ILE F 42 -14.91 -17.56 -5.11
C ILE F 42 -14.59 -16.50 -6.16
N GLU F 43 -13.95 -15.40 -5.76
CA GLU F 43 -13.73 -14.26 -6.64
C GLU F 43 -12.83 -14.57 -7.83
N GLN F 44 -11.69 -15.21 -7.55
CA GLN F 44 -10.76 -15.62 -8.59
C GLN F 44 -11.36 -16.64 -9.58
N SER F 45 -12.23 -17.53 -9.08
CA SER F 45 -12.88 -18.52 -9.95
C SER F 45 -13.97 -17.92 -10.83
N LEU F 46 -14.51 -16.76 -10.43
CA LEU F 46 -15.50 -16.03 -11.22
C LEU F 46 -14.85 -15.01 -12.15
N GLY F 47 -13.56 -14.73 -11.93
CA GLY F 47 -12.84 -13.74 -12.71
C GLY F 47 -13.23 -12.30 -12.37
N ILE F 48 -13.55 -12.04 -11.11
CA ILE F 48 -13.95 -10.69 -10.66
C ILE F 48 -12.98 -10.11 -9.62
N GLN F 49 -13.14 -8.81 -9.35
CA GLN F 49 -12.30 -8.06 -8.42
C GLN F 49 -13.06 -7.75 -7.13
N PRO F 50 -12.34 -7.41 -6.05
CA PRO F 50 -12.94 -7.16 -4.72
C PRO F 50 -14.28 -6.41 -4.69
N ASP F 51 -14.38 -5.30 -5.41
CA ASP F 51 -15.59 -4.44 -5.36
C ASP F 51 -16.70 -4.81 -6.36
N ASP F 52 -16.53 -5.91 -7.10
CA ASP F 52 -17.44 -6.24 -8.21
C ASP F 52 -18.79 -6.82 -7.80
N ALA F 53 -18.85 -7.51 -6.65
CA ALA F 53 -20.03 -8.30 -6.33
C ALA F 53 -20.39 -8.34 -4.84
N HIS F 54 -21.69 -8.51 -4.59
CA HIS F 54 -22.19 -8.93 -3.30
C HIS F 54 -22.10 -10.45 -3.24
N ILE F 55 -21.41 -10.97 -2.24
CA ILE F 55 -21.18 -12.41 -2.11
C ILE F 55 -21.88 -12.95 -0.88
N TYR F 56 -22.91 -13.77 -1.11
CA TYR F 56 -23.62 -14.45 -0.05
C TYR F 56 -23.00 -15.84 0.14
N ARG F 57 -22.73 -16.21 1.40
CA ARG F 57 -22.09 -17.49 1.71
C ARG F 57 -22.76 -18.15 2.90
N ASN F 58 -23.06 -19.44 2.75
CA ASN F 58 -23.62 -20.25 3.84
C ASN F 58 -23.15 -21.69 3.75
N ALA F 59 -23.70 -22.56 4.60
CA ALA F 59 -23.36 -23.98 4.58
C ALA F 59 -23.98 -24.66 3.36
N GLY F 60 -23.14 -24.93 2.35
CA GLY F 60 -23.55 -25.69 1.17
C GLY F 60 -23.85 -24.88 -0.08
N GLY F 61 -24.07 -23.58 0.07
CA GLY F 61 -24.48 -22.74 -1.05
C GLY F 61 -25.89 -23.12 -1.49
N ILE F 62 -26.78 -23.23 -0.52
CA ILE F 62 -28.16 -23.67 -0.75
C ILE F 62 -29.09 -22.49 -0.51
N VAL F 63 -30.21 -22.46 -1.25
CA VAL F 63 -31.16 -21.37 -1.14
C VAL F 63 -31.98 -21.50 0.16
N THR F 64 -31.77 -20.56 1.07
CA THR F 64 -32.50 -20.48 2.33
C THR F 64 -33.30 -19.20 2.34
N ASP F 65 -34.05 -18.96 3.41
CA ASP F 65 -34.82 -17.73 3.55
C ASP F 65 -33.90 -16.50 3.63
N ASP F 66 -32.75 -16.66 4.27
CA ASP F 66 -31.77 -15.59 4.41
C ASP F 66 -31.15 -15.28 3.05
N ALA F 67 -30.87 -16.32 2.27
CA ALA F 67 -30.37 -16.15 0.90
C ALA F 67 -31.39 -15.41 0.03
N ILE F 68 -32.66 -15.80 0.17
CA ILE F 68 -33.77 -15.15 -0.54
C ILE F 68 -33.96 -13.71 -0.04
N ARG F 69 -33.83 -13.51 1.27
CA ARG F 69 -33.89 -12.19 1.87
C ARG F 69 -32.78 -11.30 1.29
N SER F 70 -31.57 -11.83 1.26
CA SER F 70 -30.40 -11.09 0.80
C SER F 70 -30.48 -10.79 -0.71
N ALA F 71 -30.81 -11.79 -1.51
CA ALA F 71 -30.94 -11.61 -2.96
C ALA F 71 -32.09 -10.65 -3.29
N SER F 72 -33.18 -10.75 -2.54
CA SER F 72 -34.33 -9.87 -2.71
C SER F 72 -33.99 -8.40 -2.54
N LEU F 73 -33.13 -8.10 -1.58
CA LEU F 73 -32.78 -6.71 -1.28
C LEU F 73 -31.78 -6.12 -2.29
N THR F 74 -30.78 -6.92 -2.68
CA THR F 74 -29.75 -6.46 -3.62
C THR F 74 -30.32 -6.23 -5.02
N THR F 75 -31.27 -7.07 -5.42
CA THR F 75 -31.86 -6.99 -6.77
C THR F 75 -32.88 -5.87 -6.88
N ASN F 76 -33.72 -5.71 -5.85
CA ASN F 76 -34.78 -4.69 -5.88
C ASN F 76 -34.33 -3.29 -5.47
N PHE F 77 -33.30 -3.19 -4.63
CA PHE F 77 -32.91 -1.90 -4.03
C PHE F 77 -31.47 -1.46 -4.26
N PHE F 78 -30.53 -2.41 -4.36
CA PHE F 78 -29.12 -2.05 -4.61
C PHE F 78 -28.70 -2.28 -6.07
N GLY F 79 -29.67 -2.58 -6.94
CA GLY F 79 -29.44 -2.56 -8.39
C GLY F 79 -28.67 -3.73 -8.98
N THR F 80 -28.84 -4.92 -8.40
CA THR F 80 -28.17 -6.12 -8.93
C THR F 80 -29.03 -6.74 -10.02
N LYS F 81 -28.42 -7.01 -11.18
CA LYS F 81 -29.13 -7.52 -12.35
C LYS F 81 -28.67 -8.91 -12.76
N GLU F 82 -27.68 -9.47 -12.06
CA GLU F 82 -27.19 -10.81 -12.36
C GLU F 82 -26.95 -11.61 -11.07
N ILE F 83 -27.34 -12.88 -11.10
CA ILE F 83 -27.10 -13.80 -10.00
C ILE F 83 -26.32 -15.02 -10.51
N ILE F 84 -25.30 -15.42 -9.76
CA ILE F 84 -24.57 -16.65 -10.03
C ILE F 84 -24.62 -17.53 -8.78
N VAL F 85 -24.97 -18.80 -8.97
CA VAL F 85 -25.01 -19.77 -7.87
C VAL F 85 -23.84 -20.73 -8.01
N VAL F 86 -23.10 -20.93 -6.93
CA VAL F 86 -21.90 -21.76 -6.96
C VAL F 86 -21.86 -22.75 -5.79
N THR F 87 -22.29 -23.98 -6.05
CA THR F 87 -22.09 -25.07 -5.11
C THR F 87 -20.65 -25.57 -5.25
N HIS F 88 -20.23 -26.55 -4.44
CA HIS F 88 -18.86 -27.05 -4.54
C HIS F 88 -18.70 -28.54 -4.23
N THR F 89 -17.57 -29.08 -4.63
CA THR F 89 -17.24 -30.48 -4.41
C THR F 89 -16.73 -30.71 -2.99
N ASP F 90 -16.93 -31.92 -2.49
CA ASP F 90 -16.64 -32.29 -1.10
C ASP F 90 -17.33 -31.37 -0.10
N CYS F 91 -18.58 -31.04 -0.39
CA CYS F 91 -19.37 -30.17 0.47
C CYS F 91 -19.75 -30.92 1.73
N GLY F 92 -19.63 -30.27 2.88
CA GLY F 92 -20.03 -30.85 4.16
C GLY F 92 -21.47 -31.33 4.21
N MSE F 93 -22.32 -30.70 3.40
CA MSE F 93 -23.74 -31.03 3.35
C MSE F 93 -24.03 -32.31 2.56
O MSE F 93 -25.15 -32.82 2.58
CB MSE F 93 -24.54 -29.85 2.77
CG MSE F 93 -24.26 -28.49 3.41
SE MSE F 93 -24.42 -28.43 5.38
CE MSE F 93 -22.58 -28.80 5.88
N LEU F 94 -23.01 -32.82 1.86
CA LEU F 94 -23.10 -34.11 1.16
C LEU F 94 -22.23 -35.15 1.87
N ARG F 95 -22.01 -34.95 3.17
CA ARG F 95 -21.14 -35.81 3.97
C ARG F 95 -21.78 -36.34 5.26
N PHE F 96 -22.89 -35.73 5.68
CA PHE F 96 -23.69 -36.20 6.82
C PHE F 96 -25.17 -36.10 6.47
N THR F 97 -26.00 -36.64 7.37
CA THR F 97 -27.46 -36.55 7.24
C THR F 97 -28.04 -35.72 8.38
N GLY F 98 -29.24 -35.20 8.16
CA GLY F 98 -29.97 -34.48 9.20
C GLY F 98 -30.37 -35.39 10.36
N GLU F 99 -30.54 -36.68 10.09
CA GLU F 99 -30.81 -37.68 11.12
C GLU F 99 -29.64 -37.76 12.10
N GLU F 100 -28.44 -37.95 11.58
CA GLU F 100 -27.18 -37.88 12.35
C GLU F 100 -27.10 -36.64 13.23
N VAL F 101 -27.31 -35.48 12.62
CA VAL F 101 -27.08 -34.19 13.28
C VAL F 101 -28.13 -33.95 14.36
N ALA F 102 -29.38 -34.27 14.07
CA ALA F 102 -30.45 -34.13 15.05
C ALA F 102 -30.21 -35.04 16.25
N LYS F 103 -29.88 -36.31 15.97
CA LYS F 103 -29.60 -37.30 17.01
C LYS F 103 -28.43 -36.85 17.90
N TYR F 104 -27.41 -36.25 17.28
CA TYR F 104 -26.26 -35.70 18.00
C TYR F 104 -26.68 -34.58 18.95
N PHE F 105 -27.49 -33.65 18.45
CA PHE F 105 -27.91 -32.48 19.23
C PHE F 105 -28.91 -32.82 20.33
N ILE F 106 -29.81 -33.78 20.07
CA ILE F 106 -30.77 -34.25 21.07
C ILE F 106 -30.03 -34.90 22.26
N SER F 107 -28.97 -35.63 21.94
CA SER F 107 -28.12 -36.26 22.95
C SER F 107 -27.37 -35.24 23.82
N LYS F 108 -27.17 -34.02 23.30
CA LYS F 108 -26.55 -32.94 24.06
C LYS F 108 -27.56 -32.01 24.75
N GLY F 109 -28.85 -32.28 24.56
CA GLY F 109 -29.90 -31.58 25.31
C GLY F 109 -30.72 -30.56 24.54
N ILE F 110 -30.59 -30.56 23.21
CA ILE F 110 -31.38 -29.67 22.37
C ILE F 110 -32.82 -30.18 22.27
N LYS F 111 -33.77 -29.25 22.34
CA LYS F 111 -35.19 -29.55 22.17
C LYS F 111 -35.58 -29.07 20.78
N PRO F 112 -35.84 -30.00 19.84
CA PRO F 112 -36.19 -29.61 18.45
C PRO F 112 -37.33 -28.61 18.34
N THR F 113 -38.36 -28.78 19.18
CA THR F 113 -39.55 -27.94 19.17
C THR F 113 -39.33 -26.57 19.82
N GLU F 114 -38.45 -26.50 20.82
CA GLU F 114 -38.32 -25.30 21.65
C GLU F 114 -37.07 -24.46 21.37
N VAL F 115 -36.07 -25.05 20.71
CA VAL F 115 -34.84 -24.32 20.40
C VAL F 115 -35.12 -23.14 19.47
N GLN F 116 -34.44 -22.03 19.73
CA GLN F 116 -34.64 -20.80 18.96
C GLN F 116 -33.81 -20.82 17.69
N LEU F 117 -34.46 -21.09 16.55
CA LEU F 117 -33.77 -21.15 15.28
C LEU F 117 -33.41 -19.76 14.77
N ASP F 118 -34.31 -18.79 14.99
CA ASP F 118 -34.05 -17.39 14.65
C ASP F 118 -34.41 -16.49 15.86
N PRO F 119 -33.45 -16.27 16.77
CA PRO F 119 -33.68 -15.46 17.98
C PRO F 119 -34.28 -14.08 17.74
N LEU F 120 -33.91 -13.44 16.63
CA LEU F 120 -34.44 -12.12 16.27
C LEU F 120 -35.81 -12.17 15.58
N LEU F 121 -36.24 -13.36 15.17
CA LEU F 121 -37.57 -13.56 14.59
C LEU F 121 -38.27 -14.76 15.23
N PRO F 122 -38.98 -14.54 16.35
CA PRO F 122 -39.63 -15.68 17.04
C PRO F 122 -40.76 -16.34 16.25
N ALA F 123 -41.30 -15.65 15.24
CA ALA F 123 -42.36 -16.18 14.38
C ALA F 123 -41.96 -17.44 13.61
N PHE F 124 -40.65 -17.63 13.40
CA PHE F 124 -40.15 -18.86 12.81
C PHE F 124 -40.12 -19.97 13.86
N ARG F 125 -41.12 -20.84 13.80
CA ARG F 125 -41.22 -22.02 14.68
C ARG F 125 -41.46 -23.26 13.80
N ILE F 126 -41.23 -24.45 14.37
CA ILE F 126 -41.38 -25.71 13.61
C ILE F 126 -42.36 -26.71 14.23
N SER F 127 -42.20 -27.01 15.52
CA SER F 127 -43.05 -27.95 16.24
C SER F 127 -43.01 -29.40 15.70
N SER F 128 -41.82 -29.85 15.28
CA SER F 128 -41.61 -31.25 14.88
C SER F 128 -40.12 -31.56 14.74
N GLU F 129 -39.73 -32.79 15.07
CA GLU F 129 -38.35 -33.24 14.89
C GLU F 129 -38.02 -33.48 13.41
N GLU F 130 -39.06 -33.77 12.62
CA GLU F 130 -38.90 -33.96 11.18
C GLU F 130 -38.52 -32.63 10.52
N ASP F 131 -39.17 -31.55 10.95
CA ASP F 131 -38.87 -30.20 10.47
C ASP F 131 -37.45 -29.75 10.87
N PHE F 132 -36.99 -30.22 12.03
CA PHE F 132 -35.66 -29.87 12.55
C PHE F 132 -34.58 -30.53 11.70
N ILE F 133 -34.81 -31.78 11.30
CA ILE F 133 -33.90 -32.51 10.41
C ILE F 133 -33.79 -31.82 9.05
N LYS F 134 -34.93 -31.48 8.46
CA LYS F 134 -34.97 -30.85 7.13
C LYS F 134 -34.40 -29.43 7.15
N TRP F 135 -34.48 -28.76 8.29
CA TRP F 135 -33.97 -27.40 8.46
C TRP F 135 -32.47 -27.27 8.21
N PHE F 136 -31.70 -28.29 8.58
CA PHE F 136 -30.26 -28.30 8.35
C PHE F 136 -29.90 -28.33 6.87
N LYS F 137 -30.82 -28.84 6.05
CA LYS F 137 -30.70 -28.83 4.59
C LYS F 137 -29.48 -29.60 4.09
N PHE F 138 -29.29 -30.80 4.63
CA PHE F 138 -28.31 -31.73 4.09
C PHE F 138 -28.84 -32.31 2.77
N TYR F 139 -27.91 -32.59 1.86
CA TYR F 139 -28.25 -33.00 0.49
C TYR F 139 -29.21 -34.20 0.44
N GLU F 140 -28.84 -35.28 1.11
CA GLU F 140 -29.64 -36.52 1.11
C GLU F 140 -31.06 -36.32 1.62
N ASP F 141 -31.26 -35.39 2.56
CA ASP F 141 -32.59 -35.11 3.09
C ASP F 141 -33.45 -34.32 2.11
N LEU F 142 -32.81 -33.57 1.23
CA LEU F 142 -33.51 -32.79 0.19
C LEU F 142 -33.69 -33.58 -1.11
N GLY F 143 -33.06 -34.76 -1.19
CA GLY F 143 -33.15 -35.61 -2.37
C GLY F 143 -32.21 -35.19 -3.48
N VAL F 144 -31.09 -34.54 -3.12
CA VAL F 144 -30.10 -34.07 -4.08
C VAL F 144 -28.85 -34.95 -4.02
N LYS F 145 -28.39 -35.39 -5.18
CA LYS F 145 -27.36 -36.42 -5.29
C LYS F 145 -25.95 -35.84 -5.49
N SER F 146 -25.86 -34.58 -5.91
CA SER F 146 -24.57 -33.99 -6.27
C SER F 146 -24.60 -32.46 -6.22
N PRO F 147 -23.42 -31.82 -6.08
CA PRO F 147 -23.37 -30.36 -6.14
C PRO F 147 -23.86 -29.78 -7.47
N ASP F 148 -23.66 -30.53 -8.55
CA ASP F 148 -24.19 -30.16 -9.87
C ASP F 148 -25.70 -30.02 -9.83
N GLU F 149 -26.35 -31.03 -9.24
CA GLU F 149 -27.80 -31.06 -9.08
C GLU F 149 -28.29 -29.91 -8.17
N MSE F 150 -27.52 -29.63 -7.13
CA MSE F 150 -27.88 -28.58 -6.16
C MSE F 150 -27.71 -27.17 -6.75
O MSE F 150 -28.49 -26.27 -6.42
CB MSE F 150 -27.06 -28.71 -4.87
CG MSE F 150 -27.49 -27.78 -3.74
SE MSE F 150 -29.36 -28.02 -3.23
CE MSE F 150 -29.17 -29.56 -2.06
N ALA F 151 -26.70 -27.00 -7.59
CA ALA F 151 -26.50 -25.73 -8.28
C ALA F 151 -27.70 -25.40 -9.18
N LEU F 152 -28.18 -26.40 -9.91
CA LEU F 152 -29.32 -26.24 -10.82
C LEU F 152 -30.64 -26.04 -10.04
N LYS F 153 -30.77 -26.72 -8.91
CA LYS F 153 -31.92 -26.56 -8.04
C LYS F 153 -32.00 -25.12 -7.51
N GLY F 154 -30.86 -24.60 -7.06
CA GLY F 154 -30.79 -23.23 -6.55
C GLY F 154 -31.14 -22.17 -7.59
N VAL F 155 -30.64 -22.35 -8.81
CA VAL F 155 -30.97 -21.46 -9.92
C VAL F 155 -32.48 -21.43 -10.17
N GLU F 156 -33.11 -22.61 -10.17
CA GLU F 156 -34.55 -22.74 -10.40
C GLU F 156 -35.40 -22.03 -9.33
N ILE F 157 -35.05 -22.26 -8.07
CA ILE F 157 -35.79 -21.68 -6.95
C ILE F 157 -35.77 -20.14 -7.03
N LEU F 158 -34.58 -19.58 -7.27
CA LEU F 158 -34.43 -18.14 -7.41
C LEU F 158 -35.12 -17.62 -8.68
N ARG F 159 -35.00 -18.39 -9.76
CA ARG F 159 -35.62 -18.07 -11.05
C ARG F 159 -37.15 -18.00 -10.96
N ASN F 160 -37.73 -18.77 -10.04
CA ASN F 160 -39.18 -18.83 -9.87
C ASN F 160 -39.71 -18.09 -8.65
N HIS F 161 -38.82 -17.44 -7.89
CA HIS F 161 -39.25 -16.73 -6.67
C HIS F 161 -39.76 -15.32 -7.00
N PRO F 162 -40.94 -14.97 -6.47
CA PRO F 162 -41.55 -13.67 -6.80
C PRO F 162 -40.83 -12.44 -6.24
N LEU F 163 -40.05 -12.61 -5.18
CA LEU F 163 -39.28 -11.49 -4.60
C LEU F 163 -38.06 -11.10 -5.45
N ILE F 164 -37.65 -11.98 -6.36
CA ILE F 164 -36.56 -11.70 -7.28
C ILE F 164 -37.12 -11.33 -8.65
N PRO F 165 -36.84 -10.09 -9.13
CA PRO F 165 -37.40 -9.61 -10.40
C PRO F 165 -37.13 -10.53 -11.60
N LYS F 166 -38.08 -10.57 -12.53
CA LYS F 166 -37.98 -11.40 -13.72
C LYS F 166 -36.79 -11.05 -14.61
N ASP F 167 -36.41 -9.77 -14.63
CA ASP F 167 -35.32 -9.29 -15.49
C ASP F 167 -33.91 -9.73 -15.04
N VAL F 168 -33.78 -10.27 -13.83
CA VAL F 168 -32.48 -10.70 -13.32
C VAL F 168 -32.04 -12.00 -13.96
N ARG F 169 -30.81 -12.03 -14.49
CA ARG F 169 -30.25 -13.20 -15.16
C ARG F 169 -29.56 -14.11 -14.14
N ILE F 170 -29.84 -15.41 -14.19
CA ILE F 170 -29.35 -16.35 -13.21
C ILE F 170 -28.62 -17.52 -13.86
N THR F 171 -27.48 -17.91 -13.30
CA THR F 171 -26.68 -19.03 -13.79
C THR F 171 -26.06 -19.81 -12.63
N GLY F 172 -25.87 -21.11 -12.81
CA GLY F 172 -25.30 -21.99 -11.80
C GLY F 172 -23.99 -22.64 -12.22
N TYR F 173 -23.08 -22.80 -11.26
CA TYR F 173 -21.81 -23.48 -11.49
C TYR F 173 -21.42 -24.34 -10.29
N VAL F 174 -20.45 -25.23 -10.51
CA VAL F 174 -19.90 -26.04 -9.44
C VAL F 174 -18.42 -25.72 -9.26
N TYR F 175 -18.05 -25.36 -8.04
CA TYR F 175 -16.65 -25.11 -7.70
C TYR F 175 -15.98 -26.44 -7.39
N GLU F 176 -14.88 -26.72 -8.09
CA GLU F 176 -14.08 -27.92 -7.82
C GLU F 176 -12.94 -27.57 -6.86
N VAL F 177 -13.01 -28.08 -5.64
CA VAL F 177 -12.00 -27.76 -4.61
C VAL F 177 -10.64 -28.36 -4.94
N GLU F 178 -10.64 -29.48 -5.67
CA GLU F 178 -9.41 -30.17 -6.03
C GLU F 178 -8.69 -29.55 -7.24
N THR F 179 -9.34 -28.62 -7.93
CA THR F 179 -8.71 -27.86 -9.01
C THR F 179 -8.85 -26.33 -8.87
N HIS F 180 -9.56 -25.87 -7.83
CA HIS F 180 -9.83 -24.44 -7.60
C HIS F 180 -10.39 -23.75 -8.84
N ARG F 181 -11.36 -24.39 -9.47
CA ARG F 181 -11.88 -23.96 -10.76
C ARG F 181 -13.36 -24.33 -10.87
N LEU F 182 -14.09 -23.58 -11.68
CA LEU F 182 -15.50 -23.83 -11.89
C LEU F 182 -15.73 -24.88 -12.99
N ARG F 183 -16.93 -25.46 -12.98
CA ARG F 183 -17.43 -26.24 -14.10
C ARG F 183 -18.93 -25.96 -14.26
N LYS F 184 -19.46 -26.19 -15.44
CA LYS F 184 -20.91 -26.21 -15.64
C LYS F 184 -21.44 -27.49 -15.00
N PRO F 185 -22.65 -27.43 -14.43
CA PRO F 185 -23.24 -28.64 -13.84
C PRO F 185 -23.31 -29.82 -14.82
N ASN F 186 -22.88 -30.99 -14.36
CA ASN F 186 -22.94 -32.25 -15.12
C ASN F 186 -21.99 -32.34 -16.32
N GLN F 187 -21.06 -31.40 -16.43
CA GLN F 187 -20.05 -31.41 -17.48
C GLN F 187 -18.73 -31.89 -16.90
N ILE F 188 -18.53 -33.20 -16.94
CA ILE F 188 -17.34 -33.85 -16.39
C ILE F 188 -16.52 -34.50 -17.50
N ILE F 189 -15.27 -34.07 -17.66
CA ILE F 189 -14.41 -34.55 -18.74
C ILE F 189 -13.32 -35.51 -18.26
N TYR F 190 -13.26 -35.76 -16.95
CA TYR F 190 -12.16 -36.53 -16.36
C TYR F 190 -12.24 -38.02 -16.68
N ASN F 191 -13.44 -38.51 -16.95
CA ASN F 191 -13.65 -39.87 -17.44
C ASN F 191 -13.27 -39.99 -18.92
N GLU F 192 -13.68 -39.01 -19.71
CA GLU F 192 -13.46 -38.98 -21.16
C GLU F 192 -11.99 -38.89 -21.56
N THR F 193 -11.18 -38.23 -20.74
CA THR F 193 -9.76 -38.00 -21.04
C THR F 193 -8.85 -39.20 -20.73
N SER F 194 -9.36 -40.17 -19.96
CA SER F 194 -8.56 -41.32 -19.54
C SER F 194 -8.99 -42.65 -20.19
N LYS F 195 -9.88 -42.57 -21.18
CA LYS F 195 -10.28 -43.75 -21.96
C LYS F 195 -10.31 -43.40 -23.44
N PHE F 196 -10.42 -44.43 -24.28
CA PHE F 196 -10.40 -44.25 -25.73
C PHE F 196 -11.61 -43.44 -26.21
N GLU F 197 -11.36 -42.54 -27.15
CA GLU F 197 -12.42 -41.84 -27.86
C GLU F 197 -11.86 -41.39 -29.21
N HIS F 198 -12.58 -41.72 -30.28
CA HIS F 198 -12.11 -41.44 -31.63
C HIS F 198 -11.84 -39.95 -31.82
N GLY F 199 -10.62 -39.62 -32.24
CA GLY F 199 -10.23 -38.23 -32.52
C GLY F 199 -10.35 -37.89 -34.00
N THR F 200 -10.16 -36.62 -34.31
CA THR F 200 -10.18 -36.13 -35.69
C THR F 200 -8.80 -35.62 -36.08
N ILE F 201 -8.45 -35.80 -37.36
CA ILE F 201 -7.19 -35.30 -37.90
C ILE F 201 -7.23 -33.78 -37.93
N VAL F 202 -6.11 -33.16 -37.56
CA VAL F 202 -6.02 -31.69 -37.55
C VAL F 202 -6.05 -31.16 -38.98
N LYS F 203 -6.93 -30.18 -39.23
CA LYS F 203 -7.08 -29.57 -40.55
C LYS F 203 -6.20 -28.34 -40.65
N VAL G 2 -7.71 -15.49 16.13
CA VAL G 2 -7.06 -14.33 15.46
C VAL G 2 -7.47 -12.99 16.09
N SER G 3 -8.41 -13.03 17.03
CA SER G 3 -8.88 -11.82 17.71
C SER G 3 -7.77 -11.12 18.50
N GLU G 4 -6.92 -11.91 19.16
CA GLU G 4 -5.76 -11.37 19.89
C GLU G 4 -4.87 -10.52 18.99
N TYR G 5 -4.63 -10.99 17.77
CA TYR G 5 -3.83 -10.24 16.79
C TYR G 5 -4.49 -8.93 16.40
N ILE G 6 -5.78 -8.98 16.10
CA ILE G 6 -6.54 -7.80 15.69
C ILE G 6 -6.57 -6.76 16.81
N ASP G 7 -6.88 -7.21 18.03
CA ASP G 7 -6.86 -6.35 19.21
C ASP G 7 -5.52 -5.66 19.39
N SER G 8 -4.44 -6.43 19.23
CA SER G 8 -3.08 -5.93 19.39
C SER G 8 -2.72 -4.86 18.35
N GLU G 9 -3.23 -5.02 17.13
CA GLU G 9 -3.01 -4.04 16.07
C GLU G 9 -3.85 -2.78 16.26
N LEU G 10 -5.08 -2.94 16.74
CA LEU G 10 -5.94 -1.80 17.07
C LEU G 10 -5.36 -0.94 18.20
N LYS G 11 -4.73 -1.57 19.18
CA LYS G 11 -4.05 -0.83 20.26
C LYS G 11 -2.89 -0.01 19.72
N ARG G 12 -2.13 -0.62 18.81
CA ARG G 12 -1.01 0.05 18.16
C ARG G 12 -1.49 1.26 17.34
N LEU G 13 -2.65 1.13 16.71
CA LEU G 13 -3.27 2.24 16.00
C LEU G 13 -3.71 3.35 16.95
N GLU G 14 -4.34 2.95 18.06
CA GLU G 14 -4.85 3.89 19.05
C GLU G 14 -3.73 4.75 19.65
N ASP G 15 -2.60 4.13 19.96
CA ASP G 15 -1.47 4.83 20.55
C ASP G 15 -0.85 5.80 19.55
N TYR G 16 -0.76 5.37 18.29
CA TYR G 16 -0.27 6.23 17.22
C TYR G 16 -1.22 7.40 16.99
N ALA G 17 -2.51 7.13 17.03
CA ALA G 17 -3.53 8.15 16.78
C ALA G 17 -3.66 9.15 17.93
N LEU G 18 -3.25 8.76 19.14
CA LEU G 18 -3.41 9.60 20.33
C LEU G 18 -2.08 9.86 21.05
N ARG G 19 -0.99 9.88 20.30
CA ARG G 19 0.34 10.10 20.87
C ARG G 19 0.41 11.32 21.78
N ARG G 20 -0.22 12.41 21.37
CA ARG G 20 -0.12 13.67 22.10
C ARG G 20 -1.04 13.71 23.33
N VAL G 21 -2.08 12.89 23.33
CA VAL G 21 -2.92 12.69 24.51
C VAL G 21 -2.23 11.78 25.51
N LYS G 22 -1.70 10.65 25.01
CA LYS G 22 -1.08 9.63 25.85
C LYS G 22 0.35 9.96 26.27
N GLY G 23 0.94 11.01 25.72
CA GLY G 23 2.28 11.44 26.07
C GLY G 23 3.38 10.61 25.44
N ILE G 24 3.24 10.32 24.15
CA ILE G 24 4.26 9.58 23.40
C ILE G 24 5.04 10.56 22.52
N PRO G 25 6.38 10.49 22.57
CA PRO G 25 7.21 11.39 21.78
C PRO G 25 7.32 10.92 20.32
N ASN G 26 7.98 11.71 19.48
CA ASN G 26 8.32 11.25 18.14
C ASN G 26 9.43 10.19 18.26
N ASN G 27 9.64 9.41 17.20
CA ASN G 27 10.46 8.19 17.30
C ASN G 27 11.93 8.40 17.70
N ARG G 28 12.52 9.52 17.28
CA ARG G 28 13.91 9.81 17.63
C ARG G 28 14.04 10.99 18.59
N ARG G 29 12.91 11.44 19.15
CA ARG G 29 12.90 12.53 20.13
C ARG G 29 13.71 13.72 19.61
N LEU G 30 13.36 14.15 18.39
CA LEU G 30 14.13 15.13 17.63
C LEU G 30 13.24 16.23 17.06
N TRP G 31 13.75 17.46 17.07
CA TRP G 31 13.07 18.61 16.47
C TRP G 31 14.03 19.26 15.48
N VAL G 32 13.52 19.67 14.32
CA VAL G 32 14.35 20.25 13.28
C VAL G 32 13.87 21.65 12.89
N LEU G 33 14.80 22.59 12.83
CA LEU G 33 14.54 23.93 12.33
C LEU G 33 15.18 24.03 10.96
N THR G 34 14.37 24.11 9.92
CA THR G 34 14.87 24.19 8.56
C THR G 34 14.03 25.14 7.70
N CYS G 35 14.29 25.15 6.39
CA CYS G 35 13.72 26.13 5.49
C CYS G 35 12.53 25.55 4.73
N MSE G 36 11.62 26.43 4.32
CA MSE G 36 10.45 26.04 3.53
C MSE G 36 10.81 25.73 2.08
O MSE G 36 9.99 25.17 1.34
CB MSE G 36 9.37 27.13 3.59
CG MSE G 36 9.70 28.36 2.77
SE MSE G 36 8.46 29.83 3.11
CE MSE G 36 9.22 31.15 1.89
N ASP G 37 12.02 26.11 1.66
CA ASP G 37 12.48 25.94 0.28
C ASP G 37 12.18 24.53 -0.23
N GLU G 38 11.65 24.46 -1.45
CA GLU G 38 11.21 23.19 -2.05
C GLU G 38 12.35 22.23 -2.37
N ARG G 39 13.57 22.77 -2.48
CA ARG G 39 14.75 21.99 -2.82
C ARG G 39 15.41 21.34 -1.60
N VAL G 40 14.98 21.77 -0.40
CA VAL G 40 15.49 21.21 0.85
C VAL G 40 14.67 19.97 1.20
N HIS G 41 15.13 18.81 0.76
CA HIS G 41 14.50 17.53 1.06
C HIS G 41 15.09 17.02 2.37
N ILE G 42 14.53 17.52 3.48
CA ILE G 42 15.19 17.44 4.78
C ILE G 42 15.38 16.02 5.35
N GLU G 43 14.33 15.20 5.30
CA GLU G 43 14.36 13.88 5.95
C GLU G 43 15.49 12.97 5.48
N GLN G 44 15.61 12.82 4.16
CA GLN G 44 16.63 11.93 3.59
C GLN G 44 18.05 12.47 3.81
N SER G 45 18.18 13.79 3.90
CA SER G 45 19.47 14.41 4.17
C SER G 45 19.91 14.21 5.63
N LEU G 46 18.95 14.14 6.54
CA LEU G 46 19.22 13.85 7.96
C LEU G 46 19.38 12.36 8.21
N GLY G 47 18.90 11.54 7.28
CA GLY G 47 18.94 10.08 7.41
C GLY G 47 17.85 9.53 8.31
N ILE G 48 16.68 10.18 8.29
CA ILE G 48 15.57 9.78 9.16
C ILE G 48 14.34 9.36 8.35
N GLN G 49 13.44 8.65 9.03
CA GLN G 49 12.19 8.14 8.44
C GLN G 49 11.03 9.07 8.84
N PRO G 50 9.86 8.91 8.19
CA PRO G 50 8.72 9.81 8.40
C PRO G 50 8.33 10.18 9.84
N ASP G 51 8.20 9.19 10.73
CA ASP G 51 7.73 9.45 12.11
C ASP G 51 8.83 9.80 13.12
N ASP G 52 10.04 10.08 12.63
CA ASP G 52 11.21 10.25 13.51
C ASP G 52 11.31 11.60 14.20
N ALA G 53 10.85 12.67 13.55
CA ALA G 53 11.12 14.03 14.03
C ALA G 53 9.95 14.98 13.90
N HIS G 54 9.96 16.03 14.73
CA HIS G 54 9.13 17.20 14.52
C HIS G 54 9.93 18.14 13.64
N ILE G 55 9.37 18.50 12.49
CA ILE G 55 10.09 19.36 11.54
C ILE G 55 9.43 20.73 11.44
N TYR G 56 10.13 21.75 11.92
CA TYR G 56 9.69 23.13 11.81
C TYR G 56 10.31 23.73 10.56
N ARG G 57 9.51 24.46 9.78
CA ARG G 57 9.98 25.03 8.52
C ARG G 57 9.46 26.45 8.34
N ASN G 58 10.37 27.38 8.06
CA ASN G 58 10.00 28.77 7.76
C ASN G 58 10.87 29.37 6.66
N ALA G 59 10.59 30.62 6.31
CA ALA G 59 11.39 31.33 5.32
C ALA G 59 12.80 31.56 5.84
N GLY G 60 13.71 30.64 5.51
CA GLY G 60 15.14 30.82 5.75
C GLY G 60 15.79 29.94 6.80
N GLY G 61 14.99 29.16 7.52
CA GLY G 61 15.51 28.35 8.63
C GLY G 61 16.13 29.23 9.69
N ILE G 62 15.46 30.34 9.97
CA ILE G 62 15.94 31.35 10.90
C ILE G 62 15.14 31.26 12.20
N VAL G 63 15.82 31.48 13.32
CA VAL G 63 15.17 31.42 14.63
C VAL G 63 14.26 32.64 14.80
N THR G 64 12.96 32.39 14.93
CA THR G 64 11.97 33.43 15.15
C THR G 64 11.18 33.08 16.41
N ASP G 65 10.23 33.94 16.79
CA ASP G 65 9.40 33.67 17.97
C ASP G 65 8.56 32.42 17.81
N ASP G 66 8.11 32.17 16.58
CA ASP G 66 7.32 30.97 16.28
C ASP G 66 8.20 29.72 16.38
N ALA G 67 9.44 29.82 15.93
CA ALA G 67 10.41 28.73 16.06
C ALA G 67 10.72 28.43 17.52
N ILE G 68 10.86 29.48 18.32
CA ILE G 68 11.10 29.34 19.77
C ILE G 68 9.86 28.80 20.48
N ARG G 69 8.69 29.32 20.11
CA ARG G 69 7.42 28.82 20.63
C ARG G 69 7.28 27.33 20.39
N SER G 70 7.51 26.92 19.15
CA SER G 70 7.36 25.53 18.74
C SER G 70 8.40 24.63 19.40
N ALA G 71 9.65 25.09 19.42
CA ALA G 71 10.76 24.32 20.01
C ALA G 71 10.63 24.16 21.53
N SER G 72 10.08 25.17 22.19
CA SER G 72 9.88 25.11 23.64
C SER G 72 8.81 24.08 24.00
N LEU G 73 7.77 23.99 23.18
CA LEU G 73 6.69 23.03 23.40
C LEU G 73 7.12 21.58 23.17
N THR G 74 7.88 21.34 22.10
CA THR G 74 8.33 19.98 21.78
C THR G 74 9.33 19.46 22.82
N THR G 75 10.25 20.31 23.26
CA THR G 75 11.27 19.90 24.23
C THR G 75 10.70 19.71 25.63
N ASN G 76 9.89 20.67 26.08
CA ASN G 76 9.35 20.63 27.45
C ASN G 76 8.17 19.69 27.64
N PHE G 77 7.32 19.57 26.61
CA PHE G 77 6.06 18.81 26.76
C PHE G 77 6.00 17.51 25.95
N PHE G 78 6.57 17.49 24.75
CA PHE G 78 6.48 16.32 23.87
C PHE G 78 7.76 15.45 23.86
N GLY G 79 8.68 15.74 24.78
CA GLY G 79 9.81 14.84 25.05
C GLY G 79 10.98 14.88 24.10
N THR G 80 11.11 15.95 23.32
CA THR G 80 12.20 16.08 22.36
C THR G 80 13.52 16.44 23.05
N LYS G 81 14.55 15.63 22.80
CA LYS G 81 15.86 15.80 23.46
C LYS G 81 16.97 16.24 22.51
N GLU G 82 16.68 16.36 21.22
CA GLU G 82 17.68 16.81 20.24
C GLU G 82 17.10 17.85 19.30
N ILE G 83 17.91 18.86 18.97
CA ILE G 83 17.55 19.88 18.00
C ILE G 83 18.61 19.93 16.91
N ILE G 84 18.16 20.02 15.65
CA ILE G 84 19.06 20.18 14.52
C ILE G 84 18.60 21.36 13.67
N VAL G 85 19.47 22.36 13.52
CA VAL G 85 19.19 23.53 12.68
C VAL G 85 19.81 23.30 11.31
N VAL G 86 19.03 23.53 10.26
CA VAL G 86 19.51 23.34 8.88
C VAL G 86 19.14 24.52 7.98
N THR G 87 20.10 25.41 7.75
CA THR G 87 19.98 26.45 6.74
C THR G 87 20.29 25.82 5.38
N HIS G 88 20.24 26.60 4.30
CA HIS G 88 20.54 26.04 2.98
C HIS G 88 21.15 27.01 1.99
N THR G 89 21.79 26.45 0.96
CA THR G 89 22.43 27.23 -0.09
C THR G 89 21.39 27.82 -1.05
N ASP G 90 21.73 28.95 -1.66
CA ASP G 90 20.82 29.72 -2.49
C ASP G 90 19.52 30.08 -1.77
N CYS G 91 19.65 30.43 -0.49
CA CYS G 91 18.48 30.82 0.30
C CYS G 91 17.97 32.17 -0.18
N GLY G 92 16.65 32.28 -0.35
CA GLY G 92 16.02 33.53 -0.74
C GLY G 92 16.27 34.68 0.21
N MSE G 93 16.49 34.36 1.49
CA MSE G 93 16.78 35.37 2.51
C MSE G 93 18.17 35.98 2.35
O MSE G 93 18.46 37.04 2.92
CB MSE G 93 16.65 34.77 3.92
CG MSE G 93 15.31 34.12 4.23
SE MSE G 93 13.77 35.17 3.65
CE MSE G 93 13.41 34.31 1.93
N LEU G 94 19.02 35.33 1.57
CA LEU G 94 20.34 35.84 1.23
C LEU G 94 20.36 36.38 -0.21
N ARG G 95 19.17 36.68 -0.74
CA ARG G 95 19.03 37.12 -2.13
C ARG G 95 18.36 38.50 -2.30
N PHE G 96 17.64 38.94 -1.26
CA PHE G 96 17.04 40.26 -1.24
C PHE G 96 17.35 40.96 0.08
N THR G 97 17.00 42.24 0.18
CA THR G 97 17.15 43.02 1.41
C THR G 97 15.77 43.40 1.96
N GLY G 98 15.70 43.62 3.27
CA GLY G 98 14.46 44.03 3.93
C GLY G 98 14.00 45.41 3.49
N GLU G 99 14.95 46.28 3.16
CA GLU G 99 14.65 47.63 2.66
C GLU G 99 13.94 47.57 1.30
N GLU G 100 14.45 46.71 0.42
CA GLU G 100 13.86 46.47 -0.90
C GLU G 100 12.44 45.93 -0.79
N VAL G 101 12.25 44.93 0.08
CA VAL G 101 10.94 44.32 0.32
C VAL G 101 9.97 45.32 0.98
N ALA G 102 10.49 46.14 1.88
CA ALA G 102 9.70 47.20 2.51
C ALA G 102 9.18 48.19 1.45
N LYS G 103 10.07 48.68 0.61
CA LYS G 103 9.72 49.60 -0.47
C LYS G 103 8.65 49.02 -1.40
N TYR G 104 8.81 47.76 -1.77
CA TYR G 104 7.85 47.06 -2.62
C TYR G 104 6.43 47.12 -2.05
N PHE G 105 6.31 46.84 -0.75
CA PHE G 105 5.00 46.85 -0.09
C PHE G 105 4.45 48.25 0.11
N ILE G 106 5.33 49.21 0.36
CA ILE G 106 4.93 50.62 0.44
C ILE G 106 4.32 51.09 -0.88
N SER G 107 4.90 50.64 -2.00
CA SER G 107 4.39 50.97 -3.33
C SER G 107 3.02 50.37 -3.63
N LYS G 108 2.68 49.28 -2.94
CA LYS G 108 1.36 48.64 -3.07
C LYS G 108 0.34 49.23 -2.09
N GLY G 109 0.78 50.18 -1.25
CA GLY G 109 -0.11 50.89 -0.33
C GLY G 109 -0.17 50.32 1.08
N ILE G 110 0.87 49.58 1.47
CA ILE G 110 0.93 48.99 2.81
C ILE G 110 1.47 50.02 3.79
N LYS G 111 0.89 50.04 4.99
CA LYS G 111 1.28 50.98 6.05
C LYS G 111 2.00 50.21 7.17
N PRO G 112 3.35 50.16 7.12
CA PRO G 112 4.18 49.40 8.06
C PRO G 112 3.82 49.55 9.54
N THR G 113 3.34 50.73 9.93
CA THR G 113 2.91 50.99 11.30
C THR G 113 1.69 50.15 11.69
N GLU G 114 0.73 50.06 10.78
CA GLU G 114 -0.61 49.54 11.10
C GLU G 114 -0.99 48.28 10.31
N VAL G 115 0.00 47.44 10.01
CA VAL G 115 -0.24 46.13 9.43
C VAL G 115 -0.23 45.08 10.53
N GLN G 116 -1.31 44.31 10.64
CA GLN G 116 -1.40 43.25 11.65
C GLN G 116 -0.40 42.15 11.33
N LEU G 117 0.77 42.22 11.94
CA LEU G 117 1.82 41.23 11.73
C LEU G 117 1.43 39.86 12.29
N ASP G 118 0.70 39.87 13.41
CA ASP G 118 0.13 38.65 13.99
C ASP G 118 -1.31 38.93 14.42
N PRO G 119 -2.29 38.62 13.55
CA PRO G 119 -3.71 38.86 13.87
C PRO G 119 -4.18 38.20 15.16
N LEU G 120 -3.69 36.99 15.43
CA LEU G 120 -4.08 36.24 16.63
C LEU G 120 -3.44 36.74 17.93
N LEU G 121 -2.40 37.58 17.80
CA LEU G 121 -1.76 38.20 18.96
C LEU G 121 -1.60 39.70 18.71
N PRO G 122 -2.64 40.49 19.02
CA PRO G 122 -2.59 41.96 18.87
C PRO G 122 -1.45 42.63 19.64
N ALA G 123 -0.99 42.02 20.72
CA ALA G 123 0.10 42.58 21.54
C ALA G 123 1.43 42.72 20.80
N PHE G 124 1.55 42.07 19.64
CA PHE G 124 2.74 42.22 18.80
C PHE G 124 2.56 43.42 17.86
N ARG G 125 3.32 44.48 18.12
CA ARG G 125 3.32 45.68 17.27
C ARG G 125 4.76 46.15 17.11
N ILE G 126 5.01 46.95 16.06
CA ILE G 126 6.38 47.39 15.74
C ILE G 126 6.60 48.91 15.88
N SER G 127 5.62 49.70 15.44
CA SER G 127 5.66 51.16 15.52
C SER G 127 6.92 51.81 14.89
N SER G 128 7.45 51.19 13.83
CA SER G 128 8.64 51.71 13.16
C SER G 128 8.82 51.11 11.77
N GLU G 129 9.23 51.94 10.82
CA GLU G 129 9.61 51.50 9.47
C GLU G 129 10.84 50.59 9.53
N GLU G 130 11.72 50.88 10.48
CA GLU G 130 12.98 50.14 10.63
C GLU G 130 12.74 48.74 11.18
N ASP G 131 11.81 48.62 12.13
CA ASP G 131 11.44 47.33 12.70
C ASP G 131 10.71 46.43 11.71
N PHE G 132 9.96 47.05 10.79
CA PHE G 132 9.30 46.34 9.70
C PHE G 132 10.34 45.67 8.79
N ILE G 133 11.42 46.39 8.51
CA ILE G 133 12.52 45.87 7.70
C ILE G 133 13.21 44.70 8.41
N LYS G 134 13.49 44.86 9.70
CA LYS G 134 14.14 43.81 10.51
C LYS G 134 13.26 42.57 10.65
N TRP G 135 11.95 42.78 10.70
CA TRP G 135 10.98 41.69 10.87
C TRP G 135 11.06 40.62 9.79
N PHE G 136 11.40 41.02 8.56
CA PHE G 136 11.57 40.05 7.46
C PHE G 136 12.78 39.12 7.67
N LYS G 137 13.78 39.61 8.41
CA LYS G 137 14.95 38.82 8.80
C LYS G 137 15.77 38.32 7.60
N PHE G 138 16.02 39.21 6.65
CA PHE G 138 16.94 38.91 5.55
C PHE G 138 18.37 38.91 6.09
N TYR G 139 19.21 38.04 5.54
CA TYR G 139 20.58 37.81 6.01
C TYR G 139 21.37 39.10 6.16
N GLU G 140 21.32 39.92 5.11
CA GLU G 140 22.11 41.16 5.06
C GLU G 140 21.79 42.10 6.24
N ASP G 141 20.50 42.20 6.56
CA ASP G 141 20.04 43.11 7.63
C ASP G 141 20.47 42.61 9.01
N LEU G 142 20.56 41.30 9.18
CA LEU G 142 20.99 40.68 10.44
C LEU G 142 22.52 40.60 10.56
N GLY G 143 23.23 40.88 9.46
CA GLY G 143 24.69 40.85 9.45
C GLY G 143 25.26 39.44 9.30
N VAL G 144 24.61 38.63 8.46
CA VAL G 144 25.01 37.23 8.26
C VAL G 144 25.53 37.02 6.83
N LYS G 145 26.78 36.56 6.73
CA LYS G 145 27.46 36.39 5.46
C LYS G 145 26.91 35.23 4.64
N SER G 146 26.72 34.09 5.29
CA SER G 146 26.44 32.83 4.62
C SER G 146 25.44 31.97 5.38
N PRO G 147 24.89 30.92 4.73
CA PRO G 147 24.07 29.96 5.45
C PRO G 147 24.84 29.23 6.56
N ASP G 148 26.15 29.12 6.41
CA ASP G 148 27.01 28.52 7.43
C ASP G 148 26.94 29.33 8.73
N GLU G 149 27.14 30.64 8.62
CA GLU G 149 27.07 31.56 9.75
C GLU G 149 25.68 31.56 10.39
N MSE G 150 24.64 31.48 9.57
CA MSE G 150 23.26 31.50 10.06
C MSE G 150 22.89 30.24 10.81
O MSE G 150 22.11 30.28 11.77
CB MSE G 150 22.29 31.72 8.90
CG MSE G 150 20.83 31.91 9.33
SE MSE G 150 20.57 33.43 10.52
CE MSE G 150 20.49 34.86 9.19
N ALA G 151 23.42 29.09 10.38
CA ALA G 151 23.17 27.82 11.06
C ALA G 151 23.75 27.85 12.47
N LEU G 152 24.98 28.35 12.59
CA LEU G 152 25.64 28.47 13.89
C LEU G 152 24.99 29.53 14.78
N LYS G 153 24.50 30.61 14.17
CA LYS G 153 23.80 31.67 14.90
C LYS G 153 22.44 31.19 15.42
N GLY G 154 21.79 30.30 14.66
CA GLY G 154 20.55 29.67 15.11
C GLY G 154 20.78 28.73 16.28
N VAL G 155 21.86 27.96 16.23
CA VAL G 155 22.25 27.06 17.31
C VAL G 155 22.53 27.82 18.60
N GLU G 156 23.24 28.93 18.50
CA GLU G 156 23.56 29.79 19.65
C GLU G 156 22.30 30.33 20.32
N ILE G 157 21.37 30.86 19.52
CA ILE G 157 20.13 31.45 20.03
C ILE G 157 19.31 30.43 20.83
N LEU G 158 19.13 29.24 20.25
CA LEU G 158 18.35 28.19 20.89
C LEU G 158 19.05 27.66 22.14
N ARG G 159 20.38 27.56 22.07
CA ARG G 159 21.19 27.07 23.19
C ARG G 159 21.16 28.01 24.40
N ASN G 160 21.06 29.32 24.15
CA ASN G 160 21.04 30.33 25.21
C ASN G 160 19.64 30.76 25.65
N HIS G 161 18.60 30.18 25.07
CA HIS G 161 17.23 30.59 25.37
C HIS G 161 16.68 29.85 26.60
N PRO G 162 16.04 30.59 27.52
CA PRO G 162 15.58 29.98 28.77
C PRO G 162 14.40 29.01 28.61
N LEU G 163 13.64 29.13 27.52
CA LEU G 163 12.50 28.25 27.27
C LEU G 163 12.89 26.88 26.72
N ILE G 164 14.15 26.73 26.30
CA ILE G 164 14.66 25.46 25.79
C ILE G 164 15.58 24.82 26.85
N PRO G 165 15.24 23.60 27.32
CA PRO G 165 16.04 22.91 28.34
C PRO G 165 17.53 22.83 28.00
N LYS G 166 18.38 22.91 29.02
CA LYS G 166 19.83 22.96 28.83
C LYS G 166 20.46 21.62 28.45
N ASP G 167 19.79 20.53 28.79
CA ASP G 167 20.30 19.19 28.45
C ASP G 167 19.93 18.74 27.03
N VAL G 168 19.13 19.54 26.33
CA VAL G 168 18.81 19.28 24.92
C VAL G 168 20.06 19.51 24.07
N ARG G 169 20.38 18.51 23.24
CA ARG G 169 21.55 18.57 22.37
C ARG G 169 21.21 19.37 21.11
N ILE G 170 22.06 20.32 20.75
CA ILE G 170 21.82 21.18 19.59
C ILE G 170 23.02 21.18 18.64
N THR G 171 22.74 20.98 17.35
CA THR G 171 23.77 20.96 16.31
C THR G 171 23.27 21.66 15.04
N GLY G 172 24.19 22.27 14.29
CA GLY G 172 23.84 23.02 13.08
C GLY G 172 24.45 22.45 11.81
N TYR G 173 23.70 22.54 10.71
CA TYR G 173 24.17 22.09 9.40
C TYR G 173 23.71 23.04 8.29
N VAL G 174 24.29 22.87 7.11
CA VAL G 174 23.88 23.60 5.91
C VAL G 174 23.52 22.62 4.80
N TYR G 175 22.30 22.71 4.30
CA TYR G 175 21.82 21.87 3.22
C TYR G 175 22.28 22.46 1.89
N GLU G 176 23.03 21.68 1.12
CA GLU G 176 23.47 22.10 -0.21
C GLU G 176 22.43 21.70 -1.25
N VAL G 177 21.71 22.68 -1.79
CA VAL G 177 20.65 22.41 -2.78
C VAL G 177 21.22 21.93 -4.11
N GLU G 178 22.48 22.26 -4.40
CA GLU G 178 23.13 21.85 -5.63
C GLU G 178 23.50 20.37 -5.62
N THR G 179 23.64 19.77 -4.43
CA THR G 179 23.96 18.34 -4.31
C THR G 179 23.01 17.57 -3.40
N HIS G 180 21.94 18.21 -2.91
CA HIS G 180 20.95 17.59 -2.04
C HIS G 180 21.58 16.90 -0.81
N ARG G 181 22.53 17.58 -0.18
CA ARG G 181 23.36 16.99 0.87
C ARG G 181 23.74 18.01 1.94
N LEU G 182 23.85 17.55 3.19
CA LEU G 182 24.29 18.38 4.31
C LEU G 182 25.80 18.59 4.31
N ARG G 183 26.24 19.72 4.85
CA ARG G 183 27.65 19.92 5.21
C ARG G 183 27.73 20.55 6.60
N LYS G 184 28.85 20.35 7.28
CA LYS G 184 29.13 21.06 8.52
C LYS G 184 29.47 22.51 8.18
N PRO G 185 28.98 23.47 8.99
CA PRO G 185 29.26 24.88 8.69
C PRO G 185 30.75 25.16 8.48
N ASN G 186 31.06 25.87 7.39
CA ASN G 186 32.43 26.22 7.02
C ASN G 186 33.36 25.03 6.73
N GLN G 187 32.77 23.92 6.26
CA GLN G 187 33.54 22.82 5.68
C GLN G 187 33.26 22.77 4.18
N ILE G 188 34.02 23.56 3.43
CA ILE G 188 33.89 23.65 1.99
C ILE G 188 35.10 22.98 1.35
N ILE G 189 34.89 21.79 0.78
CA ILE G 189 35.97 21.00 0.19
C ILE G 189 36.08 21.17 -1.34
N TYR G 190 35.19 21.95 -1.92
CA TYR G 190 35.10 22.10 -3.38
C TYR G 190 36.30 22.85 -3.98
N ASN G 191 36.85 23.79 -3.23
CA ASN G 191 38.09 24.46 -3.61
C ASN G 191 39.30 23.54 -3.46
N GLU G 192 39.30 22.79 -2.36
CA GLU G 192 40.40 21.90 -1.98
C GLU G 192 40.63 20.76 -2.97
N THR G 193 39.57 20.32 -3.64
CA THR G 193 39.66 19.20 -4.58
C THR G 193 40.08 19.60 -5.99
N SER G 194 40.09 20.91 -6.28
CA SER G 194 40.40 21.42 -7.62
C SER G 194 41.71 22.20 -7.69
N LYS G 195 42.53 22.07 -6.65
CA LYS G 195 43.86 22.71 -6.62
C LYS G 195 44.87 21.75 -6.03
N PHE G 196 46.15 22.08 -6.14
CA PHE G 196 47.20 21.22 -5.62
C PHE G 196 47.17 21.17 -4.09
N GLU G 197 47.29 19.96 -3.56
CA GLU G 197 47.48 19.74 -2.15
C GLU G 197 48.34 18.49 -2.00
N HIS G 198 49.42 18.59 -1.24
CA HIS G 198 50.36 17.48 -1.14
C HIS G 198 49.72 16.28 -0.47
N GLY G 199 49.62 15.19 -1.22
CA GLY G 199 49.04 13.93 -0.72
C GLY G 199 50.09 13.08 -0.03
N THR G 200 49.70 11.86 0.31
CA THR G 200 50.58 10.92 0.99
C THR G 200 50.47 9.52 0.37
N ILE G 201 51.57 8.78 0.42
CA ILE G 201 51.63 7.43 -0.13
C ILE G 201 50.74 6.51 0.70
N VAL G 202 50.02 5.61 0.03
CA VAL G 202 49.14 4.66 0.70
C VAL G 202 49.99 3.62 1.43
N LYS G 203 49.69 3.39 2.70
CA LYS G 203 50.47 2.48 3.53
C LYS G 203 49.84 1.09 3.56
N SER H 3 27.68 15.69 -26.33
CA SER H 3 28.08 17.03 -25.81
C SER H 3 26.87 17.93 -25.56
N GLU H 4 26.00 18.04 -26.56
CA GLU H 4 24.87 18.98 -26.50
C GLU H 4 23.82 18.63 -25.43
N TYR H 5 23.66 17.35 -25.13
CA TYR H 5 22.69 16.91 -24.12
C TYR H 5 23.26 17.06 -22.71
N ILE H 6 24.58 16.98 -22.58
CA ILE H 6 25.27 17.23 -21.32
C ILE H 6 25.19 18.72 -20.98
N ASP H 7 25.46 19.57 -21.96
CA ASP H 7 25.36 21.02 -21.79
C ASP H 7 23.97 21.45 -21.36
N SER H 8 22.95 20.88 -21.99
CA SER H 8 21.55 21.18 -21.65
C SER H 8 21.22 20.73 -20.22
N GLU H 9 21.82 19.63 -19.79
CA GLU H 9 21.68 19.12 -18.44
C GLU H 9 22.45 19.99 -17.43
N LEU H 10 23.60 20.52 -17.85
CA LEU H 10 24.39 21.43 -17.01
C LEU H 10 23.65 22.74 -16.72
N LYS H 11 23.00 23.30 -17.74
CA LYS H 11 22.18 24.51 -17.57
C LYS H 11 20.98 24.25 -16.66
N ARG H 12 20.42 23.05 -16.76
CA ARG H 12 19.29 22.65 -15.93
C ARG H 12 19.68 22.61 -14.45
N LEU H 13 20.84 22.04 -14.17
CA LEU H 13 21.36 21.97 -12.80
C LEU H 13 21.72 23.36 -12.25
N GLU H 14 22.23 24.23 -13.12
CA GLU H 14 22.55 25.59 -12.72
C GLU H 14 21.28 26.35 -12.36
N ASP H 15 20.25 26.23 -13.19
CA ASP H 15 18.94 26.83 -12.91
C ASP H 15 18.39 26.35 -11.57
N TYR H 16 18.50 25.06 -11.32
CA TYR H 16 18.01 24.46 -10.06
C TYR H 16 18.78 25.00 -8.86
N ALA H 17 20.09 25.10 -8.98
CA ALA H 17 20.94 25.57 -7.90
C ALA H 17 20.75 27.06 -7.60
N LEU H 18 20.25 27.83 -8.57
CA LEU H 18 20.11 29.29 -8.43
C LEU H 18 18.69 29.79 -8.69
N ARG H 19 17.69 28.97 -8.36
CA ARG H 19 16.28 29.34 -8.59
C ARG H 19 15.90 30.70 -8.00
N ARG H 20 16.43 31.01 -6.82
CA ARG H 20 16.12 32.27 -6.14
C ARG H 20 16.84 33.48 -6.74
N VAL H 21 18.01 33.26 -7.33
CA VAL H 21 18.71 34.33 -8.05
C VAL H 21 18.00 34.64 -9.37
N LYS H 22 17.65 33.58 -10.11
CA LYS H 22 17.12 33.71 -11.47
C LYS H 22 15.62 34.00 -11.52
N GLY H 23 14.94 33.90 -10.38
CA GLY H 23 13.51 34.15 -10.32
C GLY H 23 12.68 32.97 -10.79
N ILE H 24 13.12 31.76 -10.45
CA ILE H 24 12.39 30.54 -10.78
C ILE H 24 11.57 30.09 -9.56
N PRO H 25 10.25 29.87 -9.74
CA PRO H 25 9.41 29.42 -8.63
C PRO H 25 9.55 27.92 -8.37
N ASN H 26 8.87 27.43 -7.35
CA ASN H 26 8.74 25.98 -7.15
C ASN H 26 7.81 25.41 -8.23
N ASN H 27 7.81 24.09 -8.39
CA ASN H 27 7.20 23.46 -9.55
C ASN H 27 5.68 23.57 -9.64
N ARG H 28 5.03 23.94 -8.54
CA ARG H 28 3.56 24.10 -8.51
C ARG H 28 3.09 25.50 -8.12
N ARG H 29 4.02 26.43 -7.89
CA ARG H 29 3.68 27.75 -7.35
C ARG H 29 2.74 27.58 -6.15
N LEU H 30 3.17 26.75 -5.20
CA LEU H 30 2.33 26.34 -4.08
C LEU H 30 3.05 26.60 -2.76
N TRP H 31 2.30 27.10 -1.78
CA TRP H 31 2.80 27.27 -0.42
C TRP H 31 1.85 26.54 0.52
N VAL H 32 2.41 25.74 1.43
CA VAL H 32 1.60 24.94 2.34
C VAL H 32 1.90 25.32 3.79
N LEU H 33 0.86 25.70 4.53
CA LEU H 33 0.95 25.94 5.96
C LEU H 33 0.43 24.70 6.66
N THR H 34 1.33 23.99 7.33
CA THR H 34 0.93 22.78 8.04
C THR H 34 1.66 22.66 9.38
N CYS H 35 1.56 21.49 10.00
CA CYS H 35 2.03 21.27 11.35
C CYS H 35 3.39 20.58 11.36
N MSE H 36 4.11 20.73 12.46
CA MSE H 36 5.42 20.10 12.62
C MSE H 36 5.29 18.63 13.04
O MSE H 36 6.27 17.88 13.02
CB MSE H 36 6.25 20.84 13.66
CG MSE H 36 5.77 20.65 15.09
SE MSE H 36 6.80 21.71 16.35
CE MSE H 36 5.95 21.15 18.01
N ASP H 37 4.08 18.21 13.42
CA ASP H 37 3.84 16.85 13.91
C ASP H 37 4.49 15.80 13.01
N GLU H 38 5.12 14.81 13.64
CA GLU H 38 5.84 13.76 12.91
C GLU H 38 4.92 12.83 12.12
N ARG H 39 3.64 12.79 12.49
CA ARG H 39 2.66 11.93 11.84
C ARG H 39 2.01 12.59 10.63
N VAL H 40 2.25 13.88 10.44
CA VAL H 40 1.71 14.61 9.29
C VAL H 40 2.69 14.50 8.12
N HIS H 41 2.53 13.46 7.33
CA HIS H 41 3.35 13.24 6.13
C HIS H 41 2.66 13.99 4.99
N ILE H 42 2.94 15.29 4.92
CA ILE H 42 2.14 16.24 4.16
C ILE H 42 2.19 16.06 2.63
N GLU H 43 3.38 15.79 2.10
CA GLU H 43 3.57 15.68 0.65
C GLU H 43 2.77 14.51 0.07
N GLN H 44 2.85 13.36 0.74
CA GLN H 44 2.07 12.17 0.37
C GLN H 44 0.56 12.46 0.36
N SER H 45 0.10 13.19 1.36
CA SER H 45 -1.33 13.48 1.52
C SER H 45 -1.85 14.44 0.44
N LEU H 46 -0.98 15.31 -0.04
CA LEU H 46 -1.32 16.27 -1.09
C LEU H 46 -1.02 15.74 -2.50
N GLY H 47 -0.36 14.58 -2.57
CA GLY H 47 -0.01 13.97 -3.86
C GLY H 47 0.99 14.80 -4.63
N ILE H 48 2.01 15.31 -3.95
CA ILE H 48 3.01 16.20 -4.56
C ILE H 48 4.43 15.65 -4.44
N GLN H 49 5.29 16.06 -5.36
CA GLN H 49 6.70 15.68 -5.39
C GLN H 49 7.51 16.64 -4.53
N PRO H 50 8.77 16.28 -4.19
CA PRO H 50 9.57 17.14 -3.29
C PRO H 50 9.73 18.61 -3.75
N ASP H 51 9.96 18.83 -5.03
CA ASP H 51 10.22 20.19 -5.56
C ASP H 51 8.96 20.98 -5.93
N ASP H 52 7.80 20.52 -5.48
CA ASP H 52 6.53 21.13 -5.87
C ASP H 52 6.14 22.37 -5.08
N ALA H 53 6.39 22.37 -3.77
CA ALA H 53 5.87 23.42 -2.90
C ALA H 53 6.86 23.91 -1.84
N HIS H 54 6.65 25.15 -1.40
CA HIS H 54 7.26 25.67 -0.20
C HIS H 54 6.37 25.25 0.96
N ILE H 55 6.92 24.48 1.89
CA ILE H 55 6.13 23.93 2.99
C ILE H 55 6.53 24.58 4.30
N TYR H 56 5.64 25.41 4.84
CA TYR H 56 5.85 26.05 6.14
C TYR H 56 5.27 25.15 7.22
N ARG H 57 6.03 24.93 8.29
CA ARG H 57 5.62 24.04 9.36
C ARG H 57 5.88 24.64 10.75
N ASN H 58 4.86 24.67 11.58
CA ASN H 58 4.98 25.14 12.95
C ASN H 58 4.11 24.32 13.89
N ALA H 59 4.13 24.67 15.17
CA ALA H 59 3.33 23.98 16.18
C ALA H 59 1.85 24.29 15.97
N GLY H 60 1.14 23.34 15.37
CA GLY H 60 -0.31 23.44 15.20
C GLY H 60 -0.81 23.83 13.81
N GLY H 61 0.08 24.34 12.96
CA GLY H 61 -0.33 24.84 11.65
C GLY H 61 -1.21 26.07 11.81
N ILE H 62 -0.79 26.96 12.70
CA ILE H 62 -1.55 28.14 13.09
C ILE H 62 -0.88 29.35 12.48
N VAL H 63 -1.68 30.34 12.07
CA VAL H 63 -1.15 31.52 11.40
C VAL H 63 -0.47 32.44 12.41
N THR H 64 0.84 32.53 12.32
CA THR H 64 1.64 33.42 13.16
C THR H 64 2.31 34.47 12.28
N ASP H 65 3.04 35.38 12.92
CA ASP H 65 3.76 36.42 12.18
C ASP H 65 4.82 35.84 11.26
N ASP H 66 5.39 34.71 11.66
CA ASP H 66 6.39 34.01 10.86
C ASP H 66 5.72 33.37 9.64
N ALA H 67 4.50 32.85 9.83
CA ALA H 67 3.72 32.29 8.73
C ALA H 67 3.34 33.37 7.72
N ILE H 68 2.91 34.53 8.23
CA ILE H 68 2.57 35.67 7.37
C ILE H 68 3.80 36.22 6.68
N ARG H 69 4.93 36.26 7.40
CA ARG H 69 6.21 36.66 6.83
C ARG H 69 6.61 35.73 5.68
N SER H 70 6.63 34.44 5.98
CA SER H 70 7.01 33.42 5.00
C SER H 70 6.06 33.40 3.80
N ALA H 71 4.75 33.45 4.08
CA ALA H 71 3.72 33.46 3.04
C ALA H 71 3.80 34.71 2.16
N SER H 72 4.20 35.82 2.77
CA SER H 72 4.31 37.10 2.08
C SER H 72 5.40 37.10 1.03
N LEU H 73 6.54 36.47 1.35
CA LEU H 73 7.67 36.42 0.44
C LEU H 73 7.46 35.40 -0.68
N THR H 74 6.91 34.24 -0.32
CA THR H 74 6.66 33.17 -1.30
C THR H 74 5.66 33.59 -2.37
N THR H 75 4.64 34.36 -1.98
CA THR H 75 3.59 34.79 -2.90
C THR H 75 4.04 35.98 -3.77
N ASN H 76 4.64 36.99 -3.13
CA ASN H 76 5.02 38.22 -3.82
C ASN H 76 6.35 38.15 -4.55
N PHE H 77 7.30 37.39 -4.00
CA PHE H 77 8.67 37.35 -4.56
C PHE H 77 9.07 36.03 -5.20
N PHE H 78 8.45 34.92 -4.82
CA PHE H 78 8.78 33.60 -5.38
C PHE H 78 7.65 32.99 -6.20
N GLY H 79 6.66 33.81 -6.54
CA GLY H 79 5.65 33.45 -7.53
C GLY H 79 4.66 32.38 -7.11
N THR H 80 4.39 32.26 -5.81
CA THR H 80 3.37 31.33 -5.34
C THR H 80 1.98 31.91 -5.62
N LYS H 81 1.12 31.10 -6.23
CA LYS H 81 -0.25 31.49 -6.57
C LYS H 81 -1.31 30.68 -5.83
N GLU H 82 -0.88 29.64 -5.10
CA GLU H 82 -1.79 28.81 -4.33
C GLU H 82 -1.27 28.61 -2.91
N ILE H 83 -2.18 28.71 -1.94
CA ILE H 83 -1.89 28.42 -0.55
C ILE H 83 -2.83 27.35 -0.04
N ILE H 84 -2.28 26.31 0.59
CA ILE H 84 -3.06 25.27 1.24
C ILE H 84 -2.72 25.24 2.73
N VAL H 85 -3.75 25.39 3.58
CA VAL H 85 -3.59 25.34 5.03
C VAL H 85 -4.03 23.96 5.51
N VAL H 86 -3.15 23.28 6.25
CA VAL H 86 -3.41 21.93 6.74
C VAL H 86 -3.17 21.80 8.23
N THR H 87 -4.26 21.80 9.00
CA THR H 87 -4.21 21.45 10.41
C THR H 87 -4.29 19.92 10.51
N HIS H 88 -4.24 19.37 11.72
CA HIS H 88 -4.34 17.92 11.87
C HIS H 88 -5.03 17.49 13.15
N THR H 89 -5.42 16.21 13.17
CA THR H 89 -6.08 15.59 14.31
C THR H 89 -5.06 15.15 15.37
N ASP H 90 -5.51 15.08 16.62
CA ASP H 90 -4.66 14.83 17.78
C ASP H 90 -3.51 15.85 17.87
N CYS H 91 -3.84 17.10 17.54
CA CYS H 91 -2.86 18.18 17.57
C CYS H 91 -2.51 18.53 19.02
N GLY H 92 -1.22 18.65 19.31
CA GLY H 92 -0.76 19.04 20.65
C GLY H 92 -1.31 20.37 21.14
N MSE H 93 -1.64 21.25 20.20
CA MSE H 93 -2.24 22.55 20.53
C MSE H 93 -3.71 22.43 20.93
O MSE H 93 -4.33 23.43 21.27
CB MSE H 93 -2.10 23.51 19.35
CG MSE H 93 -0.70 23.66 18.78
SE MSE H 93 0.70 23.85 20.13
CE MSE H 93 1.40 22.03 20.16
N LEU H 94 -4.24 21.22 20.86
CA LEU H 94 -5.61 20.92 21.27
C LEU H 94 -5.63 19.97 22.47
N ARG H 95 -4.48 19.80 23.12
CA ARG H 95 -4.35 18.92 24.29
C ARG H 95 -3.94 19.64 25.57
N PHE H 96 -3.54 20.90 25.46
CA PHE H 96 -3.15 21.71 26.62
C PHE H 96 -3.65 23.15 26.46
N THR H 97 -3.42 23.97 27.47
CA THR H 97 -3.76 25.40 27.41
C THR H 97 -2.53 26.25 27.73
N GLY H 98 -2.62 27.53 27.39
CA GLY H 98 -1.53 28.48 27.67
C GLY H 98 -1.35 28.72 29.15
N GLU H 99 -2.44 28.65 29.91
CA GLU H 99 -2.40 28.80 31.36
C GLU H 99 -1.55 27.70 32.00
N GLU H 100 -1.77 26.46 31.57
CA GLU H 100 -0.98 25.31 32.03
C GLU H 100 0.50 25.50 31.72
N VAL H 101 0.79 25.87 30.47
CA VAL H 101 2.16 25.99 29.98
C VAL H 101 2.87 27.20 30.59
N ALA H 102 2.14 28.29 30.79
CA ALA H 102 2.67 29.48 31.46
C ALA H 102 3.15 29.15 32.87
N LYS H 103 2.25 28.59 33.69
CA LYS H 103 2.58 28.21 35.07
C LYS H 103 3.78 27.26 35.15
N TYR H 104 3.86 26.33 34.20
CA TYR H 104 4.99 25.39 34.11
C TYR H 104 6.32 26.13 34.02
N PHE H 105 6.38 27.15 33.17
CA PHE H 105 7.62 27.92 33.00
C PHE H 105 7.87 28.87 34.18
N ILE H 106 6.80 29.37 34.77
CA ILE H 106 6.90 30.18 35.99
C ILE H 106 7.48 29.37 37.15
N SER H 107 7.06 28.10 37.25
CA SER H 107 7.59 27.17 38.26
C SER H 107 9.08 26.94 38.11
N LYS H 108 9.60 27.05 36.88
CA LYS H 108 11.02 26.87 36.60
C LYS H 108 11.82 28.19 36.62
N GLY H 109 11.21 29.25 37.17
CA GLY H 109 11.92 30.51 37.39
C GLY H 109 12.02 31.41 36.17
N ILE H 110 11.17 31.18 35.18
CA ILE H 110 11.13 32.05 34.01
C ILE H 110 10.11 33.17 34.25
N LYS H 111 10.49 34.40 33.97
CA LYS H 111 9.63 35.56 34.16
C LYS H 111 9.05 35.97 32.80
N PRO H 112 7.75 35.70 32.58
CA PRO H 112 7.08 35.95 31.29
C PRO H 112 7.37 37.31 30.67
N THR H 113 7.42 38.35 31.50
CA THR H 113 7.67 39.72 31.03
C THR H 113 9.12 39.95 30.57
N GLU H 114 10.04 39.17 31.12
CA GLU H 114 11.48 39.40 30.92
C GLU H 114 12.07 38.55 29.79
N VAL H 115 11.50 37.36 29.57
CA VAL H 115 11.96 36.45 28.52
C VAL H 115 11.87 37.07 27.13
N GLN H 116 12.93 36.91 26.34
CA GLN H 116 13.03 37.51 25.01
C GLN H 116 12.47 36.57 23.95
N LEU H 117 11.27 36.86 23.47
CA LEU H 117 10.53 35.95 22.58
C LEU H 117 11.13 35.84 21.17
N ASP H 118 11.71 36.94 20.68
CA ASP H 118 12.40 36.96 19.39
C ASP H 118 13.73 37.70 19.53
N PRO H 119 14.81 36.99 19.90
CA PRO H 119 16.13 37.60 20.08
C PRO H 119 16.59 38.49 18.91
N LEU H 120 16.29 38.06 17.68
CA LEU H 120 16.67 38.81 16.49
C LEU H 120 15.76 40.02 16.21
N LEU H 121 14.65 40.13 16.93
CA LEU H 121 13.76 41.29 16.83
C LEU H 121 13.33 41.77 18.22
N PRO H 122 14.16 42.61 18.88
CA PRO H 122 13.84 43.21 20.18
C PRO H 122 12.54 44.03 20.22
N ALA H 123 12.10 44.53 19.07
CA ALA H 123 10.84 45.30 18.99
C ALA H 123 9.61 44.51 19.43
N PHE H 124 9.64 43.19 19.28
CA PHE H 124 8.54 42.32 19.73
C PHE H 124 8.55 42.16 21.25
N ARG H 125 7.71 42.96 21.92
CA ARG H 125 7.52 42.88 23.37
C ARG H 125 6.03 42.69 23.68
N ILE H 126 5.73 42.06 24.81
CA ILE H 126 4.33 41.74 25.17
C ILE H 126 3.79 42.55 26.37
N SER H 127 4.63 42.74 27.40
CA SER H 127 4.26 43.56 28.57
C SER H 127 3.05 43.07 29.39
N SER H 128 2.76 41.78 29.34
CA SER H 128 1.65 41.19 30.12
C SER H 128 1.78 39.67 30.18
N GLU H 129 1.30 39.09 31.28
CA GLU H 129 1.33 37.63 31.45
C GLU H 129 0.25 36.96 30.60
N GLU H 130 -0.88 37.63 30.42
CA GLU H 130 -1.96 37.13 29.58
C GLU H 130 -1.50 37.06 28.12
N ASP H 131 -0.76 38.06 27.67
CA ASP H 131 -0.18 38.09 26.32
C ASP H 131 0.80 36.94 26.11
N PHE H 132 1.54 36.57 27.15
CA PHE H 132 2.44 35.42 27.13
C PHE H 132 1.66 34.11 26.92
N ILE H 133 0.50 34.01 27.58
CA ILE H 133 -0.37 32.86 27.43
C ILE H 133 -0.94 32.76 26.01
N LYS H 134 -1.43 33.89 25.48
CA LYS H 134 -1.98 33.94 24.13
C LYS H 134 -0.92 33.67 23.06
N TRP H 135 0.33 33.99 23.36
CA TRP H 135 1.44 33.79 22.44
C TRP H 135 1.67 32.32 22.07
N PHE H 136 1.42 31.40 23.00
CA PHE H 136 1.58 29.97 22.73
C PHE H 136 0.55 29.44 21.73
N LYS H 137 -0.60 30.10 21.65
CA LYS H 137 -1.63 29.82 20.66
C LYS H 137 -2.23 28.42 20.75
N PHE H 138 -2.57 28.00 21.97
CA PHE H 138 -3.34 26.78 22.14
C PHE H 138 -4.79 27.04 21.69
N TYR H 139 -5.43 26.00 21.17
CA TYR H 139 -6.77 26.11 20.57
C TYR H 139 -7.78 26.76 21.50
N GLU H 140 -7.79 26.30 22.76
CA GLU H 140 -8.74 26.80 23.77
C GLU H 140 -8.66 28.32 23.96
N ASP H 141 -7.43 28.83 24.06
CA ASP H 141 -7.21 30.26 24.31
C ASP H 141 -7.63 31.15 23.13
N LEU H 142 -7.71 30.55 21.94
CA LEU H 142 -8.19 31.25 20.74
C LEU H 142 -9.67 31.02 20.47
N GLY H 143 -10.29 30.09 21.21
CA GLY H 143 -11.70 29.78 21.05
C GLY H 143 -12.00 28.82 19.91
N VAL H 144 -11.03 27.96 19.59
CA VAL H 144 -11.17 27.02 18.47
C VAL H 144 -11.44 25.61 19.01
N LYS H 145 -12.54 25.02 18.57
CA LYS H 145 -12.98 23.71 19.07
C LYS H 145 -12.32 22.54 18.35
N SER H 146 -12.01 22.70 17.06
CA SER H 146 -11.54 21.59 16.23
C SER H 146 -10.45 22.03 15.24
N PRO H 147 -9.68 21.05 14.72
CA PRO H 147 -8.73 21.36 13.64
C PRO H 147 -9.44 21.83 12.37
N ASP H 148 -10.66 21.36 12.16
CA ASP H 148 -11.52 21.82 11.07
C ASP H 148 -11.72 23.33 11.18
N GLU H 149 -12.11 23.78 12.36
CA GLU H 149 -12.35 25.20 12.64
C GLU H 149 -11.06 26.01 12.51
N MSE H 150 -9.94 25.45 12.97
CA MSE H 150 -8.64 26.12 12.89
C MSE H 150 -8.13 26.25 11.46
O MSE H 150 -7.46 27.23 11.12
CB MSE H 150 -7.60 25.38 13.74
CG MSE H 150 -6.25 26.10 13.85
SE MSE H 150 -6.39 27.87 14.65
CE MSE H 150 -6.43 27.34 16.54
N ALA H 151 -8.43 25.25 10.63
CA ALA H 151 -8.09 25.31 9.21
C ALA H 151 -8.87 26.43 8.52
N LEU H 152 -10.17 26.52 8.79
CA LEU H 152 -11.01 27.57 8.22
C LEU H 152 -10.58 28.96 8.70
N LYS H 153 -10.21 29.05 9.97
CA LYS H 153 -9.75 30.30 10.57
C LYS H 153 -8.44 30.78 9.95
N GLY H 154 -7.53 29.83 9.69
CA GLY H 154 -6.26 30.13 9.03
C GLY H 154 -6.44 30.57 7.58
N VAL H 155 -7.38 29.94 6.88
CA VAL H 155 -7.73 30.33 5.52
C VAL H 155 -8.29 31.75 5.50
N GLU H 156 -9.19 32.04 6.44
CA GLU H 156 -9.83 33.35 6.53
C GLU H 156 -8.83 34.46 6.82
N ILE H 157 -7.88 34.20 7.70
CA ILE H 157 -6.85 35.20 8.04
C ILE H 157 -5.99 35.54 6.83
N LEU H 158 -5.51 34.52 6.12
CA LEU H 158 -4.66 34.71 4.95
C LEU H 158 -5.39 35.36 3.78
N ARG H 159 -6.68 35.02 3.62
CA ARG H 159 -7.51 35.63 2.56
C ARG H 159 -7.66 37.14 2.73
N ASN H 160 -7.70 37.59 3.98
CA ASN H 160 -7.96 39.00 4.28
C ASN H 160 -6.71 39.85 4.55
N HIS H 161 -5.55 39.21 4.62
CA HIS H 161 -4.32 39.91 4.97
C HIS H 161 -3.76 40.69 3.78
N PRO H 162 -3.39 41.97 3.98
CA PRO H 162 -2.92 42.80 2.86
C PRO H 162 -1.54 42.42 2.31
N LEU H 163 -0.73 41.69 3.08
CA LEU H 163 0.59 41.25 2.62
C LEU H 163 0.51 40.08 1.61
N ILE H 164 -0.64 39.41 1.54
CA ILE H 164 -0.83 38.30 0.61
C ILE H 164 -1.74 38.75 -0.53
N PRO H 165 -1.27 38.60 -1.79
CA PRO H 165 -2.07 38.97 -2.96
C PRO H 165 -3.47 38.35 -2.96
N LYS H 166 -4.45 39.11 -3.41
CA LYS H 166 -5.85 38.66 -3.44
C LYS H 166 -6.11 37.71 -4.60
N ASP H 167 -5.19 37.70 -5.57
CA ASP H 167 -5.22 36.77 -6.70
C ASP H 167 -4.92 35.32 -6.27
N VAL H 168 -4.20 35.16 -5.16
CA VAL H 168 -3.78 33.83 -4.69
C VAL H 168 -4.98 33.00 -4.19
N ARG H 169 -4.96 31.71 -4.53
CA ARG H 169 -6.01 30.76 -4.14
C ARG H 169 -5.68 30.21 -2.75
N ILE H 170 -6.66 30.24 -1.85
CA ILE H 170 -6.46 29.75 -0.47
C ILE H 170 -7.53 28.74 -0.09
N THR H 171 -7.10 27.55 0.35
CA THR H 171 -8.01 26.48 0.76
C THR H 171 -7.49 25.78 2.01
N GLY H 172 -8.41 25.24 2.80
CA GLY H 172 -8.08 24.55 4.05
C GLY H 172 -8.44 23.09 4.05
N TYR H 173 -7.62 22.29 4.73
CA TYR H 173 -7.88 20.86 4.93
C TYR H 173 -7.44 20.43 6.33
N VAL H 174 -7.89 19.24 6.74
CA VAL H 174 -7.48 18.67 8.02
C VAL H 174 -6.83 17.32 7.78
N TYR H 175 -5.56 17.20 8.16
CA TYR H 175 -4.83 15.95 8.08
C TYR H 175 -5.27 15.01 9.20
N GLU H 176 -5.78 13.84 8.84
CA GLU H 176 -6.17 12.84 9.82
C GLU H 176 -5.00 11.89 10.06
N VAL H 177 -4.39 11.99 11.24
CA VAL H 177 -3.24 11.13 11.59
C VAL H 177 -3.63 9.66 11.69
N GLU H 178 -4.88 9.39 12.01
CA GLU H 178 -5.37 8.02 12.18
C GLU H 178 -5.60 7.29 10.84
N THR H 179 -5.66 8.05 9.74
CA THR H 179 -5.82 7.48 8.41
C THR H 179 -4.78 7.95 7.39
N HIS H 180 -3.84 8.80 7.82
CA HIS H 180 -2.84 9.41 6.92
C HIS H 180 -3.45 10.02 5.66
N ARG H 181 -4.57 10.71 5.86
CA ARG H 181 -5.40 11.20 4.77
C ARG H 181 -5.98 12.56 5.12
N LEU H 182 -6.22 13.39 4.11
CA LEU H 182 -6.86 14.69 4.32
C LEU H 182 -8.37 14.55 4.32
N ARG H 183 -9.04 15.50 4.96
CA ARG H 183 -10.48 15.68 4.80
C ARG H 183 -10.81 17.16 4.66
N LYS H 184 -11.98 17.46 4.14
CA LYS H 184 -12.48 18.83 4.09
C LYS H 184 -12.96 19.23 5.49
N PRO H 185 -12.77 20.52 5.86
CA PRO H 185 -13.25 20.98 7.16
C PRO H 185 -14.75 20.74 7.36
N ASN H 186 -15.11 20.17 8.50
CA ASN H 186 -16.52 19.89 8.87
C ASN H 186 -17.24 18.90 7.96
N GLN H 187 -16.48 18.12 7.18
CA GLN H 187 -17.06 17.08 6.33
C GLN H 187 -16.47 15.74 6.72
N ILE H 188 -16.98 15.20 7.83
CA ILE H 188 -16.47 13.96 8.42
C ILE H 188 -17.44 12.82 8.12
N ILE H 189 -17.01 11.90 7.24
CA ILE H 189 -17.83 10.76 6.83
C ILE H 189 -18.01 9.69 7.92
N TYR H 190 -17.10 9.66 8.89
CA TYR H 190 -17.03 8.55 9.87
C TYR H 190 -18.26 8.41 10.76
N ASN H 191 -18.96 9.50 11.00
CA ASN H 191 -20.17 9.48 11.83
C ASN H 191 -21.40 9.09 11.02
N GLU H 192 -21.52 9.65 9.82
CA GLU H 192 -22.67 9.42 8.94
C GLU H 192 -22.85 7.96 8.53
N THR H 193 -21.73 7.23 8.41
CA THR H 193 -21.75 5.82 8.02
C THR H 193 -22.18 4.88 9.15
N SER H 194 -22.17 5.36 10.39
CA SER H 194 -22.42 4.52 11.56
C SER H 194 -23.76 4.77 12.24
N LYS H 195 -24.63 5.54 11.60
CA LYS H 195 -25.99 5.79 12.11
C LYS H 195 -27.00 5.62 10.97
N PHE H 196 -28.29 5.67 11.30
CA PHE H 196 -29.32 5.56 10.28
C PHE H 196 -29.35 6.79 9.38
N GLU H 197 -29.46 6.54 8.08
CA GLU H 197 -29.60 7.59 7.07
C GLU H 197 -30.54 7.07 6.00
N HIS H 198 -31.53 7.85 5.61
CA HIS H 198 -32.44 7.44 4.53
C HIS H 198 -31.66 7.32 3.23
N GLY H 199 -31.47 6.08 2.76
CA GLY H 199 -30.79 5.80 1.51
C GLY H 199 -31.71 5.95 0.31
N THR H 200 -31.14 5.84 -0.88
CA THR H 200 -31.91 5.96 -2.13
C THR H 200 -31.84 4.65 -2.93
N ILE H 201 -32.98 4.25 -3.48
CA ILE H 201 -33.09 3.02 -4.27
C ILE H 201 -32.38 3.19 -5.61
N VAL H 202 -31.67 2.14 -6.04
CA VAL H 202 -30.99 2.14 -7.34
C VAL H 202 -31.97 1.82 -8.46
N LYS H 203 -32.00 2.67 -9.50
CA LYS H 203 -32.91 2.49 -10.63
C LYS H 203 -32.16 2.15 -11.91
N VAL I 2 -41.08 9.53 6.70
CA VAL I 2 -39.86 10.05 7.36
C VAL I 2 -40.09 10.35 8.85
N SER I 3 -41.33 10.68 9.20
CA SER I 3 -41.68 11.00 10.59
C SER I 3 -41.71 9.79 11.52
N GLU I 4 -41.81 8.59 10.96
CA GLU I 4 -41.89 7.37 11.76
C GLU I 4 -40.55 7.00 12.39
N TYR I 5 -39.46 7.24 11.66
CA TYR I 5 -38.12 7.04 12.20
C TYR I 5 -37.82 8.03 13.33
N ILE I 6 -38.33 9.26 13.19
CA ILE I 6 -38.14 10.29 14.19
C ILE I 6 -38.86 9.92 15.48
N ASP I 7 -40.13 9.52 15.35
CA ASP I 7 -40.94 9.09 16.49
C ASP I 7 -40.28 7.91 17.22
N SER I 8 -39.73 6.98 16.45
CA SER I 8 -39.02 5.82 16.99
C SER I 8 -37.75 6.24 17.76
N GLU I 9 -36.95 7.11 17.16
CA GLU I 9 -35.71 7.59 17.76
C GLU I 9 -35.96 8.35 19.08
N LEU I 10 -37.04 9.12 19.13
CA LEU I 10 -37.40 9.90 20.32
C LEU I 10 -37.80 9.01 21.50
N LYS I 11 -38.57 7.95 21.23
CA LYS I 11 -38.97 7.01 22.27
C LYS I 11 -37.78 6.23 22.81
N ARG I 12 -36.81 5.93 21.95
CA ARG I 12 -35.59 5.24 22.36
C ARG I 12 -34.77 6.11 23.31
N LEU I 13 -34.66 7.39 23.00
CA LEU I 13 -33.94 8.34 23.85
C LEU I 13 -34.69 8.67 25.13
N GLU I 14 -36.03 8.56 25.09
CA GLU I 14 -36.86 8.73 26.28
C GLU I 14 -36.59 7.60 27.28
N ASP I 15 -36.60 6.37 26.78
CA ASP I 15 -36.30 5.20 27.60
C ASP I 15 -34.92 5.31 28.26
N TYR I 16 -33.95 5.80 27.50
CA TYR I 16 -32.58 5.94 27.99
C TYR I 16 -32.48 6.97 29.12
N ALA I 17 -33.12 8.12 28.91
CA ALA I 17 -33.07 9.20 29.88
C ALA I 17 -33.95 8.96 31.11
N LEU I 18 -34.89 8.03 31.01
CA LEU I 18 -35.83 7.72 32.11
C LEU I 18 -35.76 6.26 32.58
N ARG I 19 -34.59 5.64 32.45
CA ARG I 19 -34.41 4.24 32.85
C ARG I 19 -34.87 3.95 34.28
N ARG I 20 -34.53 4.84 35.20
CA ARG I 20 -34.87 4.66 36.62
C ARG I 20 -36.35 4.87 36.93
N VAL I 21 -37.02 5.68 36.13
CA VAL I 21 -38.47 5.85 36.26
C VAL I 21 -39.21 4.62 35.71
N LYS I 22 -38.76 4.13 34.55
CA LYS I 22 -39.47 3.08 33.82
C LYS I 22 -39.14 1.66 34.26
N GLY I 23 -38.12 1.51 35.10
CA GLY I 23 -37.71 0.19 35.58
C GLY I 23 -36.90 -0.56 34.54
N ILE I 24 -35.94 0.14 33.94
CA ILE I 24 -35.04 -0.46 32.97
C ILE I 24 -33.66 -0.62 33.64
N PRO I 25 -33.11 -1.85 33.61
CA PRO I 25 -31.80 -2.09 34.23
C PRO I 25 -30.66 -1.61 33.35
N ASN I 26 -29.43 -1.73 33.85
CA ASN I 26 -28.25 -1.57 33.01
C ASN I 26 -28.14 -2.78 32.06
N ASN I 27 -27.32 -2.66 31.02
CA ASN I 27 -27.38 -3.59 29.88
C ASN I 27 -26.92 -5.04 30.15
N ARG I 28 -26.16 -5.27 31.22
CA ARG I 28 -25.74 -6.64 31.60
C ARG I 28 -26.17 -7.01 33.02
N ARG I 29 -27.05 -6.21 33.62
CA ARG I 29 -27.53 -6.44 34.99
C ARG I 29 -26.36 -6.68 35.94
N LEU I 30 -25.38 -5.77 35.90
CA LEU I 30 -24.09 -5.96 36.57
C LEU I 30 -23.77 -4.81 37.53
N TRP I 31 -23.20 -5.17 38.67
CA TRP I 31 -22.67 -4.19 39.62
C TRP I 31 -21.21 -4.56 39.92
N VAL I 32 -20.32 -3.59 39.81
CA VAL I 32 -18.90 -3.83 40.06
C VAL I 32 -18.43 -3.02 41.27
N LEU I 33 -17.81 -3.71 42.22
CA LEU I 33 -17.10 -3.07 43.32
C LEU I 33 -15.61 -3.08 42.97
N THR I 34 -15.07 -1.91 42.68
CA THR I 34 -13.65 -1.82 42.37
C THR I 34 -13.05 -0.55 42.99
N CYS I 35 -11.87 -0.17 42.52
CA CYS I 35 -11.05 0.84 43.16
C CYS I 35 -11.05 2.17 42.41
N MSE I 36 -10.86 3.25 43.17
CA MSE I 36 -10.78 4.59 42.59
C MSE I 36 -9.45 4.84 41.88
O MSE I 36 -9.35 5.75 41.08
CB MSE I 36 -10.97 5.64 43.67
CG MSE I 36 -9.85 5.75 44.70
SE MSE I 36 -10.19 7.14 46.03
CE MSE I 36 -12.11 7.12 45.88
N ASP I 37 -8.45 4.03 42.19
CA ASP I 37 -7.10 4.16 41.62
C ASP I 37 -7.16 4.44 40.12
N GLU I 38 -6.38 5.43 39.68
CA GLU I 38 -6.42 5.91 38.29
C GLU I 38 -5.91 4.90 37.27
N ARG I 39 -5.16 3.90 37.73
CA ARG I 39 -4.57 2.89 36.86
C ARG I 39 -5.48 1.69 36.66
N VAL I 40 -6.57 1.60 37.42
CA VAL I 40 -7.53 0.51 37.30
C VAL I 40 -8.55 0.88 36.23
N HIS I 41 -8.24 0.51 34.98
CA HIS I 41 -9.12 0.78 33.83
C HIS I 41 -10.13 -0.35 33.71
N ILE I 42 -11.20 -0.25 34.49
CA ILE I 42 -12.06 -1.38 34.81
C ILE I 42 -12.83 -1.97 33.62
N GLU I 43 -13.37 -1.13 32.75
CA GLU I 43 -14.32 -1.59 31.73
C GLU I 43 -13.70 -2.47 30.64
N GLN I 44 -12.48 -2.12 30.21
CA GLN I 44 -11.80 -2.92 29.19
C GLN I 44 -11.32 -4.27 29.74
N SER I 45 -10.88 -4.28 31.00
CA SER I 45 -10.42 -5.53 31.63
C SER I 45 -11.56 -6.52 31.90
N LEU I 46 -12.79 -6.01 31.99
CA LEU I 46 -13.99 -6.83 32.14
C LEU I 46 -14.62 -7.20 30.79
N GLY I 47 -14.18 -6.54 29.72
CA GLY I 47 -14.75 -6.74 28.39
C GLY I 47 -16.16 -6.19 28.24
N ILE I 48 -16.48 -5.11 28.95
CA ILE I 48 -17.83 -4.54 28.92
C ILE I 48 -17.87 -3.18 28.22
N GLN I 49 -19.08 -2.75 27.89
CA GLN I 49 -19.34 -1.46 27.22
C GLN I 49 -19.80 -0.40 28.25
N PRO I 50 -19.82 0.89 27.84
CA PRO I 50 -20.16 1.99 28.75
C PRO I 50 -21.46 1.86 29.56
N ASP I 51 -22.54 1.38 28.93
CA ASP I 51 -23.85 1.28 29.59
C ASP I 51 -24.15 -0.12 30.16
N ASP I 52 -23.12 -0.95 30.34
CA ASP I 52 -23.33 -2.34 30.78
C ASP I 52 -23.48 -2.53 32.29
N ALA I 53 -22.83 -1.68 33.09
CA ALA I 53 -22.72 -1.93 34.52
C ALA I 53 -22.77 -0.67 35.39
N HIS I 54 -23.37 -0.83 36.57
CA HIS I 54 -23.19 0.13 37.66
C HIS I 54 -21.83 -0.13 38.26
N ILE I 55 -20.97 0.88 38.28
CA ILE I 55 -19.60 0.69 38.77
C ILE I 55 -19.37 1.49 40.05
N TYR I 56 -19.27 0.77 41.18
CA TYR I 56 -18.97 1.37 42.47
C TYR I 56 -17.46 1.42 42.67
N ARG I 57 -16.96 2.58 43.11
CA ARG I 57 -15.52 2.78 43.26
C ARG I 57 -15.19 3.53 44.55
N ASN I 58 -14.28 2.96 45.35
CA ASN I 58 -13.82 3.60 46.58
C ASN I 58 -12.31 3.42 46.77
N ALA I 59 -11.79 3.90 47.90
CA ALA I 59 -10.39 3.72 48.23
C ALA I 59 -10.12 2.27 48.61
N GLY I 60 -9.57 1.52 47.66
CA GLY I 60 -9.13 0.14 47.91
C GLY I 60 -10.03 -0.96 47.34
N GLY I 61 -11.21 -0.60 46.85
CA GLY I 61 -12.18 -1.61 46.41
C GLY I 61 -12.57 -2.53 47.55
N ILE I 62 -12.86 -1.94 48.71
CA ILE I 62 -13.16 -2.68 49.93
C ILE I 62 -14.63 -2.53 50.26
N VAL I 63 -15.24 -3.58 50.77
CA VAL I 63 -16.67 -3.57 51.09
C VAL I 63 -16.94 -2.68 52.31
N THR I 64 -17.53 -1.52 52.05
CA THR I 64 -17.88 -0.59 53.10
C THR I 64 -19.40 -0.52 53.26
N ASP I 65 -19.80 0.20 54.30
CA ASP I 65 -21.17 0.62 54.53
C ASP I 65 -21.84 1.18 53.27
N ASP I 66 -21.11 2.04 52.55
CA ASP I 66 -21.63 2.67 51.34
C ASP I 66 -21.72 1.66 50.18
N ALA I 67 -20.72 0.80 50.04
CA ALA I 67 -20.74 -0.25 49.02
C ALA I 67 -21.94 -1.17 49.21
N ILE I 68 -22.23 -1.51 50.46
CA ILE I 68 -23.40 -2.34 50.79
C ILE I 68 -24.69 -1.58 50.49
N ARG I 69 -24.70 -0.28 50.77
CA ARG I 69 -25.86 0.56 50.48
C ARG I 69 -26.15 0.58 48.97
N SER I 70 -25.11 0.78 48.18
CA SER I 70 -25.22 0.87 46.73
C SER I 70 -25.59 -0.49 46.11
N ALA I 71 -24.87 -1.54 46.52
CA ALA I 71 -25.15 -2.91 46.06
C ALA I 71 -26.58 -3.35 46.40
N SER I 72 -27.05 -2.90 47.56
CA SER I 72 -28.39 -3.20 48.06
C SER I 72 -29.50 -2.64 47.17
N LEU I 73 -29.29 -1.44 46.65
CA LEU I 73 -30.29 -0.77 45.83
C LEU I 73 -30.23 -1.27 44.38
N THR I 74 -29.03 -1.50 43.86
CA THR I 74 -28.89 -1.93 42.48
C THR I 74 -29.46 -3.33 42.25
N THR I 75 -29.26 -4.22 43.20
CA THR I 75 -29.73 -5.60 43.10
C THR I 75 -31.23 -5.71 43.32
N ASN I 76 -31.72 -5.10 44.40
CA ASN I 76 -33.14 -5.20 44.76
C ASN I 76 -34.07 -4.32 43.93
N PHE I 77 -33.59 -3.15 43.50
CA PHE I 77 -34.44 -2.17 42.82
C PHE I 77 -34.14 -1.95 41.33
N PHE I 78 -32.87 -2.01 40.94
CA PHE I 78 -32.48 -1.73 39.55
C PHE I 78 -32.15 -3.01 38.75
N GLY I 79 -32.52 -4.18 39.28
CA GLY I 79 -32.48 -5.42 38.54
C GLY I 79 -31.10 -6.03 38.27
N THR I 80 -30.13 -5.72 39.13
CA THR I 80 -28.79 -6.28 38.97
C THR I 80 -28.77 -7.72 39.48
N LYS I 81 -28.21 -8.63 38.67
CA LYS I 81 -28.17 -10.06 38.97
C LYS I 81 -26.74 -10.59 39.18
N GLU I 82 -25.74 -9.76 38.92
CA GLU I 82 -24.36 -10.19 39.06
C GLU I 82 -23.53 -9.11 39.74
N ILE I 83 -22.58 -9.55 40.57
CA ILE I 83 -21.63 -8.66 41.21
C ILE I 83 -20.23 -9.14 40.91
N ILE I 84 -19.34 -8.22 40.54
CA ILE I 84 -17.93 -8.53 40.41
C ILE I 84 -17.11 -7.60 41.32
N VAL I 85 -16.30 -8.20 42.19
CA VAL I 85 -15.42 -7.44 43.07
C VAL I 85 -14.02 -7.44 42.46
N VAL I 86 -13.42 -6.25 42.33
CA VAL I 86 -12.10 -6.12 41.72
C VAL I 86 -11.18 -5.22 42.54
N THR I 87 -10.31 -5.84 43.33
CA THR I 87 -9.22 -5.13 44.00
C THR I 87 -8.08 -4.99 43.01
N HIS I 88 -6.98 -4.38 43.44
CA HIS I 88 -5.84 -4.19 42.53
C HIS I 88 -4.49 -4.19 43.22
N THR I 89 -3.45 -4.28 42.40
CA THR I 89 -2.07 -4.33 42.87
C THR I 89 -1.54 -2.91 43.06
N ASP I 90 -0.52 -2.79 43.90
CA ASP I 90 -0.01 -1.49 44.36
C ASP I 90 -1.15 -0.60 44.88
N CYS I 91 -2.07 -1.20 45.62
CA CYS I 91 -3.17 -0.46 46.22
C CYS I 91 -2.64 0.37 47.39
N GLY I 92 -3.08 1.62 47.48
CA GLY I 92 -2.66 2.54 48.53
C GLY I 92 -3.01 2.06 49.93
N MSE I 93 -4.08 1.28 50.03
CA MSE I 93 -4.51 0.71 51.29
C MSE I 93 -3.57 -0.41 51.78
O MSE I 93 -3.74 -0.93 52.89
CB MSE I 93 -5.94 0.14 51.17
CG MSE I 93 -6.96 1.11 50.56
SE MSE I 93 -6.86 2.92 51.30
CE MSE I 93 -7.39 2.51 53.13
N LEU I 94 -2.59 -0.77 50.96
CA LEU I 94 -1.56 -1.74 51.31
C LEU I 94 -0.18 -1.05 51.35
N ARG I 95 -0.16 0.27 51.44
CA ARG I 95 1.09 1.04 51.49
C ARG I 95 1.25 1.88 52.76
N PHE I 96 0.18 1.98 53.55
CA PHE I 96 0.21 2.70 54.82
C PHE I 96 -0.64 1.93 55.83
N THR I 97 -0.74 2.47 57.04
CA THR I 97 -1.55 1.87 58.08
C THR I 97 -2.44 2.94 58.73
N GLY I 98 -3.52 2.49 59.37
CA GLY I 98 -4.47 3.38 60.03
C GLY I 98 -3.86 4.19 61.16
N GLU I 99 -2.83 3.63 61.79
CA GLU I 99 -2.12 4.29 62.90
C GLU I 99 -1.36 5.52 62.40
N GLU I 100 -0.64 5.36 61.29
CA GLU I 100 0.08 6.46 60.66
C GLU I 100 -0.86 7.58 60.27
N VAL I 101 -1.98 7.21 59.64
CA VAL I 101 -2.96 8.17 59.14
C VAL I 101 -3.65 8.90 60.28
N ALA I 102 -4.05 8.16 61.31
CA ALA I 102 -4.66 8.77 62.49
C ALA I 102 -3.69 9.73 63.19
N LYS I 103 -2.45 9.29 63.39
CA LYS I 103 -1.40 10.12 63.98
C LYS I 103 -1.10 11.37 63.13
N TYR I 104 -1.19 11.21 61.82
CA TYR I 104 -1.03 12.34 60.90
C TYR I 104 -2.13 13.38 61.11
N PHE I 105 -3.36 12.91 61.30
CA PHE I 105 -4.50 13.83 61.52
C PHE I 105 -4.50 14.44 62.92
N ILE I 106 -4.13 13.65 63.94
CA ILE I 106 -3.98 14.18 65.30
C ILE I 106 -3.00 15.36 65.34
N SER I 107 -1.89 15.25 64.61
CA SER I 107 -0.87 16.30 64.57
C SER I 107 -1.33 17.59 63.87
N LYS I 108 -2.46 17.52 63.15
CA LYS I 108 -3.06 18.69 62.53
C LYS I 108 -4.19 19.28 63.38
N GLY I 109 -4.43 18.70 64.56
CA GLY I 109 -5.43 19.19 65.49
C GLY I 109 -6.79 18.51 65.36
N ILE I 110 -6.82 17.38 64.66
CA ILE I 110 -8.06 16.61 64.50
C ILE I 110 -8.28 15.76 65.74
N LYS I 111 -9.53 15.65 66.16
CA LYS I 111 -9.90 14.85 67.32
C LYS I 111 -10.85 13.73 66.88
N PRO I 112 -10.33 12.51 66.72
CA PRO I 112 -11.05 11.33 66.22
C PRO I 112 -12.45 11.11 66.79
N THR I 113 -12.62 11.39 68.08
CA THR I 113 -13.88 11.13 68.77
C THR I 113 -15.05 12.02 68.34
N GLU I 114 -14.74 13.27 67.94
CA GLU I 114 -15.80 14.25 67.64
C GLU I 114 -15.83 14.76 66.19
N VAL I 115 -14.92 14.26 65.34
CA VAL I 115 -14.97 14.55 63.91
C VAL I 115 -16.16 13.82 63.30
N GLN I 116 -17.03 14.54 62.61
CA GLN I 116 -18.25 13.96 62.04
C GLN I 116 -17.92 13.24 60.73
N LEU I 117 -17.96 11.91 60.77
CA LEU I 117 -17.53 11.07 59.64
C LEU I 117 -18.54 11.01 58.50
N ASP I 118 -19.82 11.19 58.81
CA ASP I 118 -20.88 11.26 57.79
C ASP I 118 -21.85 12.37 58.17
N PRO I 119 -21.60 13.60 57.68
CA PRO I 119 -22.45 14.75 58.03
C PRO I 119 -23.94 14.59 57.72
N LEU I 120 -24.26 13.83 56.68
CA LEU I 120 -25.67 13.58 56.30
C LEU I 120 -26.32 12.47 57.14
N LEU I 121 -25.51 11.76 57.93
CA LEU I 121 -26.02 10.76 58.88
C LEU I 121 -25.30 10.91 60.23
N PRO I 122 -25.82 11.79 61.12
CA PRO I 122 -25.19 11.97 62.43
C PRO I 122 -25.21 10.72 63.34
N ALA I 123 -26.03 9.73 63.01
CA ALA I 123 -26.10 8.49 63.78
C ALA I 123 -24.83 7.63 63.70
N PHE I 124 -23.99 7.88 62.70
CA PHE I 124 -22.70 7.19 62.59
C PHE I 124 -21.66 7.86 63.49
N ARG I 125 -21.36 7.22 64.62
CA ARG I 125 -20.36 7.70 65.58
C ARG I 125 -19.42 6.56 65.95
N ILE I 126 -18.19 6.91 66.35
CA ILE I 126 -17.18 5.91 66.73
C ILE I 126 -16.76 5.97 68.21
N SER I 127 -16.62 7.19 68.74
CA SER I 127 -16.23 7.39 70.15
C SER I 127 -14.97 6.64 70.60
N SER I 128 -14.00 6.49 69.70
CA SER I 128 -12.73 5.81 70.03
C SER I 128 -11.68 6.03 68.95
N GLU I 129 -10.42 6.17 69.38
CA GLU I 129 -9.29 6.30 68.45
C GLU I 129 -9.01 4.98 67.73
N GLU I 130 -9.26 3.86 68.41
CA GLU I 130 -9.09 2.53 67.82
C GLU I 130 -10.09 2.31 66.69
N ASP I 131 -11.31 2.79 66.90
CA ASP I 131 -12.37 2.72 65.88
C ASP I 131 -12.05 3.63 64.70
N PHE I 132 -11.52 4.82 64.99
CA PHE I 132 -11.09 5.76 63.96
C PHE I 132 -10.00 5.15 63.07
N ILE I 133 -9.12 4.36 63.68
CA ILE I 133 -8.08 3.65 62.92
C ILE I 133 -8.69 2.58 62.00
N LYS I 134 -9.60 1.78 62.53
CA LYS I 134 -10.26 0.72 61.74
C LYS I 134 -11.12 1.28 60.62
N TRP I 135 -11.70 2.46 60.85
CA TRP I 135 -12.57 3.12 59.87
C TRP I 135 -11.89 3.34 58.51
N PHE I 136 -10.59 3.64 58.51
CA PHE I 136 -9.84 3.86 57.27
C PHE I 136 -9.71 2.60 56.41
N LYS I 137 -9.79 1.43 57.05
CA LYS I 137 -9.79 0.13 56.37
C LYS I 137 -8.53 -0.14 55.55
N PHE I 138 -7.37 0.11 56.15
CA PHE I 138 -6.10 -0.30 55.56
C PHE I 138 -5.94 -1.81 55.72
N TYR I 139 -5.27 -2.43 54.74
CA TYR I 139 -5.12 -3.88 54.67
C TYR I 139 -4.57 -4.48 55.98
N GLU I 140 -3.39 -4.04 56.39
CA GLU I 140 -2.73 -4.58 57.60
C GLU I 140 -3.60 -4.54 58.84
N ASP I 141 -4.36 -3.46 59.02
CA ASP I 141 -5.27 -3.32 60.16
C ASP I 141 -6.50 -4.24 60.06
N LEU I 142 -6.83 -4.65 58.84
CA LEU I 142 -7.92 -5.60 58.62
C LEU I 142 -7.44 -7.06 58.60
N GLY I 143 -6.13 -7.25 58.76
CA GLY I 143 -5.53 -8.58 58.75
C GLY I 143 -5.44 -9.20 57.37
N VAL I 144 -5.53 -8.35 56.33
CA VAL I 144 -5.47 -8.79 54.95
C VAL I 144 -4.08 -8.50 54.40
N LYS I 145 -3.48 -9.50 53.75
CA LYS I 145 -2.07 -9.43 53.35
C LYS I 145 -1.85 -9.22 51.85
N SER I 146 -2.86 -9.49 51.03
CA SER I 146 -2.75 -9.32 49.58
C SER I 146 -4.09 -8.87 48.99
N PRO I 147 -4.04 -8.24 47.79
CA PRO I 147 -5.28 -7.89 47.08
C PRO I 147 -6.13 -9.10 46.71
N ASP I 148 -5.47 -10.23 46.44
CA ASP I 148 -6.15 -11.51 46.20
C ASP I 148 -7.05 -11.84 47.39
N GLU I 149 -6.49 -11.75 48.59
CA GLU I 149 -7.22 -12.03 49.82
C GLU I 149 -8.37 -11.04 50.02
N MSE I 150 -8.13 -9.77 49.71
CA MSE I 150 -9.16 -8.73 49.84
C MSE I 150 -10.31 -8.92 48.84
O MSE I 150 -11.46 -8.62 49.16
CB MSE I 150 -8.54 -7.34 49.67
CG MSE I 150 -9.48 -6.19 50.04
SE MSE I 150 -10.04 -6.21 51.91
CE MSE I 150 -8.41 -5.49 52.70
N ALA I 151 -9.99 -9.41 47.65
CA ALA I 151 -11.00 -9.70 46.64
C ALA I 151 -11.94 -10.83 47.11
N LEU I 152 -11.34 -11.91 47.61
CA LEU I 152 -12.11 -13.03 48.15
C LEU I 152 -12.87 -12.64 49.41
N LYS I 153 -12.23 -11.86 50.28
CA LYS I 153 -12.85 -11.33 51.50
C LYS I 153 -14.11 -10.53 51.17
N GLY I 154 -14.01 -9.64 50.18
CA GLY I 154 -15.13 -8.83 49.75
C GLY I 154 -16.29 -9.63 49.17
N VAL I 155 -15.97 -10.69 48.45
CA VAL I 155 -16.98 -11.60 47.90
C VAL I 155 -17.77 -12.29 49.01
N GLU I 156 -17.05 -12.77 50.02
CA GLU I 156 -17.64 -13.47 51.15
C GLU I 156 -18.59 -12.58 51.97
N ILE I 157 -18.18 -11.34 52.21
CA ILE I 157 -19.02 -10.38 52.94
C ILE I 157 -20.34 -10.15 52.22
N LEU I 158 -20.27 -9.89 50.91
CA LEU I 158 -21.46 -9.64 50.10
C LEU I 158 -22.33 -10.89 49.97
N ARG I 159 -21.68 -12.04 49.85
CA ARG I 159 -22.37 -13.34 49.75
C ARG I 159 -23.17 -13.67 51.01
N ASN I 160 -22.70 -13.20 52.15
CA ASN I 160 -23.34 -13.46 53.45
C ASN I 160 -24.20 -12.31 53.99
N HIS I 161 -24.40 -11.27 53.19
CA HIS I 161 -25.15 -10.09 53.65
C HIS I 161 -26.62 -10.15 53.26
N PRO I 162 -27.54 -9.94 54.23
CA PRO I 162 -28.98 -10.12 54.01
C PRO I 162 -29.64 -9.08 53.11
N LEU I 163 -29.04 -7.90 52.96
CA LEU I 163 -29.54 -6.89 52.03
C LEU I 163 -29.32 -7.27 50.57
N ILE I 164 -28.35 -8.15 50.32
CA ILE I 164 -28.04 -8.62 48.96
C ILE I 164 -28.75 -9.94 48.69
N PRO I 165 -29.62 -9.99 47.66
CA PRO I 165 -30.35 -11.22 47.33
C PRO I 165 -29.43 -12.41 47.06
N LYS I 166 -29.85 -13.60 47.49
CA LYS I 166 -29.00 -14.80 47.43
C LYS I 166 -28.87 -15.38 46.02
N ASP I 167 -29.78 -15.02 45.12
CA ASP I 167 -29.71 -15.47 43.71
C ASP I 167 -28.72 -14.65 42.86
N VAL I 168 -28.10 -13.64 43.46
CA VAL I 168 -27.07 -12.85 42.79
C VAL I 168 -25.74 -13.60 42.80
N ARG I 169 -25.16 -13.81 41.62
CA ARG I 169 -23.86 -14.48 41.50
C ARG I 169 -22.74 -13.48 41.77
N ILE I 170 -21.77 -13.89 42.58
CA ILE I 170 -20.71 -12.99 43.03
C ILE I 170 -19.34 -13.62 42.74
N THR I 171 -18.45 -12.86 42.11
CA THR I 171 -17.12 -13.34 41.76
C THR I 171 -16.07 -12.25 42.00
N GLY I 172 -14.87 -12.67 42.38
CA GLY I 172 -13.78 -11.74 42.69
C GLY I 172 -12.58 -11.92 41.80
N TYR I 173 -11.93 -10.82 41.46
CA TYR I 173 -10.70 -10.82 40.67
C TYR I 173 -9.73 -9.79 41.23
N VAL I 174 -8.49 -9.82 40.73
CA VAL I 174 -7.49 -8.82 41.08
C VAL I 174 -6.99 -8.14 39.81
N TYR I 175 -7.07 -6.81 39.79
CA TYR I 175 -6.57 -6.02 38.67
C TYR I 175 -5.08 -5.80 38.87
N GLU I 176 -4.29 -6.12 37.85
CA GLU I 176 -2.84 -5.87 37.88
C GLU I 176 -2.54 -4.56 37.16
N VAL I 177 -2.20 -3.53 37.91
CA VAL I 177 -1.86 -2.23 37.35
C VAL I 177 -0.62 -2.31 36.45
N GLU I 178 0.30 -3.20 36.79
CA GLU I 178 1.56 -3.34 36.06
C GLU I 178 1.40 -4.07 34.71
N THR I 179 0.23 -4.65 34.46
CA THR I 179 -0.07 -5.27 33.16
C THR I 179 -1.44 -4.93 32.59
N HIS I 180 -2.23 -4.10 33.30
CA HIS I 180 -3.60 -3.75 32.89
C HIS I 180 -4.44 -4.99 32.56
N ARG I 181 -4.35 -6.02 33.39
CA ARG I 181 -5.03 -7.28 33.15
C ARG I 181 -5.59 -7.83 34.47
N LEU I 182 -6.71 -8.55 34.39
CA LEU I 182 -7.27 -9.22 35.56
C LEU I 182 -6.56 -10.54 35.82
N ARG I 183 -6.69 -11.05 37.03
CA ARG I 183 -6.30 -12.41 37.37
C ARG I 183 -7.24 -12.98 38.42
N LYS I 184 -7.39 -14.30 38.41
CA LYS I 184 -8.16 -14.99 39.45
C LYS I 184 -7.34 -14.92 40.74
N PRO I 185 -8.01 -14.74 41.90
CA PRO I 185 -7.26 -14.60 43.15
C PRO I 185 -6.30 -15.78 43.42
N ASN I 186 -5.05 -15.44 43.74
CA ASN I 186 -3.99 -16.41 44.07
C ASN I 186 -3.45 -17.22 42.88
N GLN I 187 -3.83 -16.85 41.66
CA GLN I 187 -3.32 -17.53 40.46
C GLN I 187 -2.19 -16.71 39.84
N ILE I 188 -0.99 -16.86 40.42
CA ILE I 188 0.19 -16.11 39.97
C ILE I 188 1.04 -17.01 39.08
N ILE I 189 1.08 -16.69 37.78
CA ILE I 189 1.78 -17.51 36.79
C ILE I 189 3.15 -16.93 36.38
N TYR I 190 3.60 -15.90 37.09
CA TYR I 190 4.80 -15.15 36.72
C TYR I 190 6.07 -15.78 37.30
N ASN I 191 5.93 -16.44 38.45
CA ASN I 191 7.01 -17.24 39.01
C ASN I 191 7.27 -18.51 38.19
N GLU I 192 6.18 -19.11 37.73
CA GLU I 192 6.22 -20.39 36.99
C GLU I 192 6.88 -20.30 35.62
N THR I 193 6.80 -19.14 34.97
CA THR I 193 7.30 -18.97 33.61
C THR I 193 8.79 -18.63 33.51
N SER I 194 9.43 -18.38 34.66
CA SER I 194 10.85 -17.99 34.69
C SER I 194 11.76 -19.03 35.36
N LYS I 195 11.23 -20.21 35.62
CA LYS I 195 12.02 -21.32 36.17
C LYS I 195 11.64 -22.63 35.49
N PHE I 196 12.39 -23.68 35.79
CA PHE I 196 12.16 -24.97 35.15
C PHE I 196 10.82 -25.57 35.59
N GLU I 197 10.05 -26.03 34.61
CA GLU I 197 8.86 -26.84 34.83
C GLU I 197 8.83 -27.84 33.68
N HIS I 198 8.52 -29.10 33.98
CA HIS I 198 8.57 -30.14 32.94
C HIS I 198 7.39 -29.98 31.97
N GLY I 199 7.72 -29.78 30.70
CA GLY I 199 6.71 -29.63 29.65
C GLY I 199 6.47 -30.93 28.90
N THR I 200 5.36 -30.99 28.17
CA THR I 200 4.98 -32.18 27.42
C THR I 200 5.09 -31.94 25.91
N ILE I 201 5.35 -33.03 25.18
CA ILE I 201 5.48 -32.99 23.72
C ILE I 201 4.12 -32.73 23.08
N VAL I 202 4.10 -31.93 22.02
CA VAL I 202 2.85 -31.60 21.33
C VAL I 202 2.32 -32.85 20.60
N LYS I 203 1.05 -33.15 20.86
CA LYS I 203 0.43 -34.39 20.37
C LYS I 203 0.03 -34.25 18.91
N VAL J 2 19.79 1.91 20.97
CA VAL J 2 18.33 1.76 21.24
C VAL J 2 18.05 1.31 22.69
N SER J 3 19.07 0.77 23.36
CA SER J 3 18.94 0.31 24.75
C SER J 3 18.66 1.44 25.73
N GLU J 4 19.06 2.67 25.39
CA GLU J 4 18.77 3.84 26.22
C GLU J 4 17.28 4.16 26.22
N TYR J 5 16.66 4.11 25.05
CA TYR J 5 15.21 4.25 24.92
C TYR J 5 14.48 3.16 25.69
N ILE J 6 15.02 1.95 25.67
CA ILE J 6 14.41 0.79 26.35
C ILE J 6 14.49 0.92 27.86
N ASP J 7 15.66 1.31 28.37
CA ASP J 7 15.86 1.51 29.80
C ASP J 7 14.94 2.62 30.34
N SER J 8 14.75 3.65 29.52
CA SER J 8 13.89 4.78 29.88
C SER J 8 12.41 4.38 29.97
N GLU J 9 11.95 3.55 29.03
CA GLU J 9 10.60 3.01 29.04
C GLU J 9 10.40 2.08 30.24
N LEU J 10 11.39 1.23 30.50
CA LEU J 10 11.39 0.35 31.66
C LEU J 10 11.22 1.12 32.98
N LYS J 11 11.92 2.24 33.10
CA LYS J 11 11.83 3.10 34.29
C LYS J 11 10.45 3.75 34.43
N ARG J 12 9.89 4.20 33.31
CA ARG J 12 8.54 4.77 33.29
C ARG J 12 7.48 3.74 33.70
N LEU J 13 7.67 2.49 33.27
CA LEU J 13 6.72 1.41 33.61
C LEU J 13 6.91 0.95 35.07
N GLU J 14 8.14 1.02 35.56
CA GLU J 14 8.42 0.76 36.98
C GLU J 14 7.73 1.82 37.84
N ASP J 15 7.90 3.08 37.48
CA ASP J 15 7.23 4.20 38.15
C ASP J 15 5.71 4.02 38.18
N TYR J 16 5.14 3.65 37.03
CA TYR J 16 3.69 3.50 36.88
C TYR J 16 3.13 2.41 37.80
N ALA J 17 3.83 1.28 37.85
CA ALA J 17 3.39 0.13 38.65
C ALA J 17 3.54 0.34 40.16
N LEU J 18 4.37 1.31 40.56
CA LEU J 18 4.67 1.58 41.98
C LEU J 18 4.37 3.03 42.37
N ARG J 19 3.28 3.60 41.85
CA ARG J 19 2.94 5.00 42.15
C ARG J 19 2.66 5.24 43.64
N ARG J 20 1.94 4.31 44.27
CA ARG J 20 1.59 4.47 45.69
C ARG J 20 2.78 4.27 46.64
N VAL J 21 3.76 3.48 46.23
CA VAL J 21 4.99 3.30 47.01
C VAL J 21 5.90 4.52 46.88
N LYS J 22 6.12 4.95 45.64
CA LYS J 22 7.08 6.02 45.36
C LYS J 22 6.57 7.44 45.66
N GLY J 23 5.25 7.60 45.79
CA GLY J 23 4.66 8.91 46.08
C GLY J 23 4.43 9.70 44.81
N ILE J 24 3.82 9.05 43.82
CA ILE J 24 3.49 9.68 42.55
C ILE J 24 1.96 9.83 42.49
N PRO J 25 1.48 11.04 42.15
CA PRO J 25 0.04 11.27 42.13
C PRO J 25 -0.58 10.78 40.83
N ASN J 26 -1.90 10.91 40.70
CA ASN J 26 -2.55 10.74 39.40
C ASN J 26 -2.19 11.92 38.51
N ASN J 27 -2.36 11.76 37.20
CA ASN J 27 -1.82 12.72 36.24
C ASN J 27 -2.31 14.16 36.39
N ARG J 28 -3.53 14.34 36.92
CA ARG J 28 -4.11 15.69 37.10
C ARG J 28 -4.31 16.10 38.55
N ARG J 29 -3.80 15.31 39.50
CA ARG J 29 -4.02 15.56 40.94
C ARG J 29 -5.51 15.84 41.20
N LEU J 30 -6.36 14.96 40.70
CA LEU J 30 -7.81 15.17 40.68
C LEU J 30 -8.55 14.01 41.32
N TRP J 31 -9.63 14.33 42.01
CA TRP J 31 -10.51 13.35 42.61
C TRP J 31 -11.96 13.71 42.26
N VAL J 32 -12.69 12.74 41.73
CA VAL J 32 -14.07 12.95 41.29
C VAL J 32 -15.03 12.16 42.16
N LEU J 33 -16.03 12.84 42.70
CA LEU J 33 -17.17 12.20 43.35
C LEU J 33 -18.31 12.19 42.36
N THR J 34 -18.74 11.01 41.94
CA THR J 34 -19.86 10.88 41.02
C THR J 34 -20.66 9.61 41.25
N CYS J 35 -21.60 9.33 40.35
CA CYS J 35 -22.58 8.25 40.53
C CYS J 35 -22.14 6.95 39.86
N MSE J 36 -22.64 5.84 40.38
CA MSE J 36 -22.39 4.52 39.79
C MSE J 36 -23.21 4.29 38.52
O MSE J 36 -22.89 3.41 37.72
CB MSE J 36 -22.68 3.41 40.81
CG MSE J 36 -24.16 3.24 41.14
SE MSE J 36 -24.49 1.93 42.53
CE MSE J 36 -26.44 2.05 42.57
N ASP J 37 -24.28 5.07 38.35
CA ASP J 37 -25.16 4.98 37.18
C ASP J 37 -24.36 4.71 35.90
N GLU J 38 -24.83 3.76 35.10
CA GLU J 38 -24.12 3.31 33.90
C GLU J 38 -24.11 4.34 32.77
N ARG J 39 -25.07 5.27 32.81
CA ARG J 39 -25.22 6.31 31.79
C ARG J 39 -24.29 7.50 32.03
N VAL J 40 -23.61 7.51 33.17
CA VAL J 40 -22.67 8.57 33.49
C VAL J 40 -21.27 8.15 33.02
N HIS J 41 -20.89 8.66 31.86
CA HIS J 41 -19.57 8.45 31.30
C HIS J 41 -18.72 9.66 31.70
N ILE J 42 -18.23 9.63 32.93
CA ILE J 42 -17.65 10.80 33.58
C ILE J 42 -16.36 11.30 32.92
N GLU J 43 -15.47 10.38 32.57
CA GLU J 43 -14.16 10.74 32.00
C GLU J 43 -14.32 11.54 30.71
N GLN J 44 -15.23 11.08 29.83
CA GLN J 44 -15.51 11.75 28.57
C GLN J 44 -16.04 13.17 28.79
N SER J 45 -16.96 13.31 29.74
CA SER J 45 -17.58 14.61 30.03
C SER J 45 -16.60 15.63 30.62
N LEU J 46 -15.55 15.14 31.27
CA LEU J 46 -14.51 15.99 31.85
C LEU J 46 -13.34 16.21 30.88
N GLY J 47 -13.31 15.44 29.79
CA GLY J 47 -12.22 15.52 28.82
C GLY J 47 -10.90 15.02 29.35
N ILE J 48 -10.95 14.00 30.21
CA ILE J 48 -9.74 13.40 30.79
C ILE J 48 -9.61 11.93 30.42
N GLN J 49 -8.40 11.40 30.57
CA GLN J 49 -8.13 9.98 30.42
C GLN J 49 -8.18 9.30 31.79
N PRO J 50 -8.21 7.95 31.82
CA PRO J 50 -8.27 7.22 33.09
C PRO J 50 -7.17 7.55 34.12
N ASP J 51 -5.92 7.69 33.67
CA ASP J 51 -4.79 7.99 34.56
C ASP J 51 -4.80 9.41 35.16
N ASP J 52 -5.77 10.24 34.75
CA ASP J 52 -5.83 11.63 35.21
C ASP J 52 -6.48 11.82 36.58
N ALA J 53 -7.28 10.86 37.04
CA ALA J 53 -8.07 11.07 38.24
C ALA J 53 -8.33 9.81 39.05
N HIS J 54 -8.47 9.99 40.37
CA HIS J 54 -9.09 9.00 41.23
C HIS J 54 -10.58 9.26 41.17
N ILE J 55 -11.36 8.28 40.73
CA ILE J 55 -12.80 8.45 40.59
C ILE J 55 -13.55 7.63 41.63
N TYR J 56 -14.17 8.32 42.58
CA TYR J 56 -15.05 7.70 43.56
C TYR J 56 -16.44 7.64 42.97
N ARG J 57 -17.11 6.50 43.13
CA ARG J 57 -18.46 6.31 42.58
C ARG J 57 -19.35 5.54 43.55
N ASN J 58 -20.53 6.08 43.83
CA ASN J 58 -21.52 5.41 44.68
C ASN J 58 -22.93 5.65 44.16
N ALA J 59 -23.92 5.13 44.88
CA ALA J 59 -25.31 5.33 44.54
C ALA J 59 -25.71 6.79 44.82
N GLY J 60 -25.72 7.60 43.77
CA GLY J 60 -26.22 8.98 43.85
C GLY J 60 -25.17 10.07 43.71
N GLY J 61 -23.90 9.72 43.89
CA GLY J 61 -22.84 10.73 43.93
C GLY J 61 -23.00 11.61 45.16
N ILE J 62 -23.33 10.96 46.28
CA ILE J 62 -23.66 11.65 47.53
C ILE J 62 -22.51 11.48 48.51
N VAL J 63 -22.28 12.49 49.34
CA VAL J 63 -21.20 12.45 50.32
C VAL J 63 -21.53 11.51 51.47
N THR J 64 -20.80 10.40 51.54
CA THR J 64 -20.94 9.41 52.61
C THR J 64 -19.60 9.33 53.34
N ASP J 65 -19.56 8.55 54.43
CA ASP J 65 -18.31 8.38 55.18
C ASP J 65 -17.21 7.72 54.33
N ASP J 66 -17.61 6.86 53.40
CA ASP J 66 -16.66 6.22 52.49
C ASP J 66 -16.11 7.24 51.49
N ALA J 67 -16.97 8.13 51.00
CA ALA J 67 -16.53 9.22 50.15
C ALA J 67 -15.53 10.10 50.89
N ILE J 68 -15.87 10.46 52.13
CA ILE J 68 -15.01 11.27 52.98
C ILE J 68 -13.70 10.55 53.29
N ARG J 69 -13.79 9.27 53.64
CA ARG J 69 -12.61 8.42 53.85
C ARG J 69 -11.71 8.42 52.62
N SER J 70 -12.31 8.19 51.46
CA SER J 70 -11.57 8.10 50.20
C SER J 70 -10.98 9.45 49.78
N ALA J 71 -11.76 10.52 49.92
CA ALA J 71 -11.31 11.87 49.61
C ALA J 71 -10.21 12.35 50.57
N SER J 72 -10.36 11.96 51.83
CA SER J 72 -9.40 12.29 52.88
C SER J 72 -7.99 11.74 52.59
N LEU J 73 -7.93 10.52 52.07
CA LEU J 73 -6.66 9.89 51.76
C LEU J 73 -6.07 10.41 50.46
N THR J 74 -6.90 10.56 49.43
CA THR J 74 -6.42 11.05 48.14
C THR J 74 -5.84 12.47 48.23
N THR J 75 -6.46 13.33 49.03
CA THR J 75 -6.01 14.71 49.17
C THR J 75 -4.77 14.85 50.05
N ASN J 76 -4.73 14.12 51.18
CA ASN J 76 -3.61 14.23 52.12
C ASN J 76 -2.41 13.37 51.78
N PHE J 77 -2.64 12.16 51.26
CA PHE J 77 -1.55 11.20 51.05
C PHE J 77 -1.15 10.98 49.59
N PHE J 78 -2.08 11.14 48.66
CA PHE J 78 -1.81 10.89 47.24
C PHE J 78 -1.72 12.15 46.38
N GLY J 79 -1.69 13.32 47.04
CA GLY J 79 -1.35 14.58 46.39
C GLY J 79 -2.44 15.30 45.61
N THR J 80 -3.69 14.87 45.76
CA THR J 80 -4.81 15.48 45.01
C THR J 80 -5.07 16.91 45.47
N LYS J 81 -5.14 17.83 44.51
CA LYS J 81 -5.34 19.26 44.80
C LYS J 81 -6.65 19.80 44.24
N GLU J 82 -7.44 18.96 43.59
CA GLU J 82 -8.71 19.37 43.00
C GLU J 82 -9.78 18.31 43.22
N ILE J 83 -10.98 18.77 43.53
CA ILE J 83 -12.14 17.90 43.68
C ILE J 83 -13.26 18.39 42.78
N ILE J 84 -13.94 17.47 42.12
CA ILE J 84 -15.11 17.77 41.31
C ILE J 84 -16.25 16.83 41.69
N VAL J 85 -17.36 17.40 42.11
CA VAL J 85 -18.55 16.62 42.44
C VAL J 85 -19.49 16.63 41.24
N VAL J 86 -19.94 15.46 40.82
CA VAL J 86 -20.84 15.34 39.68
C VAL J 86 -22.02 14.43 40.00
N THR J 87 -23.17 15.04 40.27
CA THR J 87 -24.43 14.31 40.35
C THR J 87 -24.95 14.13 38.92
N HIS J 88 -26.11 13.50 38.77
CA HIS J 88 -26.69 13.34 37.44
C HIS J 88 -28.20 13.36 37.44
N THR J 89 -28.76 13.55 36.25
CA THR J 89 -30.20 13.55 36.02
C THR J 89 -30.71 12.12 35.91
N ASP J 90 -32.00 11.94 36.23
CA ASP J 90 -32.63 10.63 36.35
C ASP J 90 -31.88 9.71 37.32
N CYS J 91 -31.43 10.28 38.44
CA CYS J 91 -30.74 9.51 39.46
C CYS J 91 -31.75 8.66 40.21
N GLY J 92 -31.42 7.40 40.44
CA GLY J 92 -32.28 6.49 41.19
C GLY J 92 -32.60 6.96 42.60
N MSE J 93 -31.72 7.76 43.18
CA MSE J 93 -31.93 8.33 44.52
C MSE J 93 -33.01 9.41 44.51
O MSE J 93 -33.43 9.88 45.57
CB MSE J 93 -30.63 8.90 45.09
CG MSE J 93 -29.46 7.94 45.07
SE MSE J 93 -29.91 6.18 45.79
CE MSE J 93 -29.02 5.05 44.48
N LEU J 94 -33.46 9.81 43.32
CA LEU J 94 -34.55 10.77 43.17
C LEU J 94 -35.80 10.09 42.58
N ARG J 95 -35.86 8.76 42.67
CA ARG J 95 -37.01 7.99 42.16
C ARG J 95 -37.71 7.11 43.22
N PHE J 96 -37.15 7.06 44.42
CA PHE J 96 -37.72 6.29 45.53
C PHE J 96 -37.50 7.03 46.84
N THR J 97 -38.14 6.56 47.90
CA THR J 97 -37.94 7.10 49.25
C THR J 97 -37.41 6.01 50.16
N GLY J 98 -36.69 6.42 51.21
CA GLY J 98 -36.16 5.48 52.19
C GLY J 98 -37.23 4.66 52.88
N GLU J 99 -38.42 5.25 53.04
CA GLU J 99 -39.55 4.57 53.65
C GLU J 99 -39.99 3.35 52.82
N GLU J 100 -40.14 3.56 51.51
CA GLU J 100 -40.48 2.47 50.58
C GLU J 100 -39.45 1.34 50.67
N VAL J 101 -38.17 1.71 50.63
CA VAL J 101 -37.08 0.75 50.68
C VAL J 101 -37.04 0.02 52.02
N ALA J 102 -37.28 0.76 53.11
CA ALA J 102 -37.32 0.18 54.45
C ALA J 102 -38.42 -0.87 54.56
N LYS J 103 -39.63 -0.51 54.14
CA LYS J 103 -40.78 -1.42 54.18
C LYS J 103 -40.59 -2.64 53.27
N TYR J 104 -39.91 -2.44 52.15
CA TYR J 104 -39.59 -3.54 51.24
C TYR J 104 -38.75 -4.60 51.95
N PHE J 105 -37.67 -4.16 52.58
CA PHE J 105 -36.76 -5.07 53.28
C PHE J 105 -37.42 -5.72 54.51
N ILE J 106 -38.22 -4.94 55.23
CA ILE J 106 -38.98 -5.46 56.36
C ILE J 106 -39.92 -6.60 55.95
N SER J 107 -40.54 -6.47 54.77
CA SER J 107 -41.47 -7.49 54.26
C SER J 107 -40.75 -8.78 53.82
N LYS J 108 -39.45 -8.71 53.59
CA LYS J 108 -38.63 -9.90 53.29
C LYS J 108 -38.00 -10.51 54.55
N GLY J 109 -38.30 -9.94 55.73
CA GLY J 109 -37.85 -10.50 57.00
C GLY J 109 -36.58 -9.88 57.55
N ILE J 110 -36.22 -8.69 57.05
CA ILE J 110 -35.02 -7.99 57.49
C ILE J 110 -35.37 -7.11 58.70
N LYS J 111 -34.55 -7.19 59.73
CA LYS J 111 -34.70 -6.36 60.92
C LYS J 111 -33.70 -5.21 60.86
N PRO J 112 -34.19 -3.97 60.65
CA PRO J 112 -33.35 -2.78 60.46
C PRO J 112 -32.21 -2.61 61.46
N THR J 113 -32.52 -2.75 62.75
CA THR J 113 -31.57 -2.48 63.81
C THR J 113 -30.56 -3.60 64.03
N GLU J 114 -30.84 -4.79 63.49
CA GLU J 114 -29.96 -5.96 63.63
C GLU J 114 -29.03 -6.17 62.42
N VAL J 115 -29.34 -5.54 61.29
CA VAL J 115 -28.52 -5.67 60.09
C VAL J 115 -27.16 -5.01 60.30
N GLN J 116 -26.11 -5.72 59.89
CA GLN J 116 -24.74 -5.22 60.01
C GLN J 116 -24.44 -4.31 58.81
N LEU J 117 -24.45 -3.00 59.04
CA LEU J 117 -24.31 -2.03 57.94
C LEU J 117 -22.88 -2.00 57.39
N ASP J 118 -21.89 -1.99 58.28
CA ASP J 118 -20.48 -2.11 57.89
C ASP J 118 -19.87 -3.30 58.63
N PRO J 119 -19.89 -4.49 58.01
CA PRO J 119 -19.29 -5.68 58.61
C PRO J 119 -17.87 -5.51 59.13
N LEU J 120 -17.03 -4.80 58.36
CA LEU J 120 -15.64 -4.60 58.75
C LEU J 120 -15.44 -3.53 59.83
N LEU J 121 -16.47 -2.71 60.08
CA LEU J 121 -16.45 -1.72 61.16
C LEU J 121 -17.70 -1.86 62.02
N PRO J 122 -17.75 -2.91 62.86
CA PRO J 122 -18.95 -3.20 63.66
C PRO J 122 -19.28 -2.13 64.72
N ALA J 123 -18.38 -1.19 64.96
CA ALA J 123 -18.66 -0.02 65.79
C ALA J 123 -19.85 0.79 65.26
N PHE J 124 -19.99 0.83 63.93
CA PHE J 124 -21.09 1.54 63.29
C PHE J 124 -22.41 0.80 63.44
N ARG J 125 -23.31 1.35 64.24
CA ARG J 125 -24.70 0.89 64.32
C ARG J 125 -25.65 2.07 64.24
N ILE J 126 -26.94 1.79 64.01
CA ILE J 126 -27.97 2.82 63.98
C ILE J 126 -29.02 2.63 65.08
N SER J 127 -29.45 1.38 65.28
CA SER J 127 -30.43 1.04 66.32
C SER J 127 -31.66 1.96 66.34
N SER J 128 -32.15 2.30 65.15
CA SER J 128 -33.38 3.07 65.00
C SER J 128 -33.91 2.92 63.58
N GLU J 129 -35.22 2.74 63.46
CA GLU J 129 -35.87 2.50 62.17
C GLU J 129 -35.77 3.75 61.29
N GLU J 130 -35.92 4.92 61.90
CA GLU J 130 -35.80 6.21 61.19
C GLU J 130 -34.37 6.46 60.69
N ASP J 131 -33.38 6.05 61.47
CA ASP J 131 -31.97 6.16 61.06
C ASP J 131 -31.63 5.21 59.91
N PHE J 132 -32.30 4.07 59.86
CA PHE J 132 -32.15 3.10 58.77
C PHE J 132 -32.65 3.67 57.45
N ILE J 133 -33.75 4.43 57.52
CA ILE J 133 -34.35 5.04 56.33
C ILE J 133 -33.41 6.07 55.69
N LYS J 134 -32.94 7.02 56.48
CA LYS J 134 -32.07 8.09 55.95
C LYS J 134 -30.62 7.64 55.71
N TRP J 135 -30.27 6.44 56.16
CA TRP J 135 -28.99 5.81 55.81
C TRP J 135 -28.87 5.57 54.31
N PHE J 136 -29.99 5.19 53.68
CA PHE J 136 -30.03 4.97 52.24
C PHE J 136 -29.75 6.24 51.43
N LYS J 137 -29.98 7.40 52.04
CA LYS J 137 -29.66 8.71 51.45
C LYS J 137 -30.46 9.01 50.18
N PHE J 138 -31.76 8.76 50.23
CA PHE J 138 -32.64 9.21 49.16
C PHE J 138 -32.86 10.72 49.30
N TYR J 139 -32.92 11.40 48.17
CA TYR J 139 -32.96 12.86 48.09
C TYR J 139 -34.04 13.47 48.97
N GLU J 140 -35.27 12.99 48.80
CA GLU J 140 -36.44 13.56 49.48
C GLU J 140 -36.32 13.46 51.01
N ASP J 141 -35.72 12.38 51.50
CA ASP J 141 -35.48 12.19 52.92
C ASP J 141 -34.40 13.14 53.47
N LEU J 142 -33.47 13.55 52.62
CA LEU J 142 -32.46 14.55 52.98
C LEU J 142 -32.92 15.98 52.66
N GLY J 143 -34.16 16.13 52.19
CA GLY J 143 -34.73 17.43 51.86
C GLY J 143 -34.19 18.07 50.59
N VAL J 144 -33.56 17.28 49.73
CA VAL J 144 -32.95 17.79 48.49
C VAL J 144 -33.90 17.57 47.31
N LYS J 145 -34.07 18.60 46.48
CA LYS J 145 -35.10 18.62 45.44
C LYS J 145 -34.58 18.30 44.03
N SER J 146 -33.28 18.50 43.81
CA SER J 146 -32.70 18.33 42.48
C SER J 146 -31.26 17.82 42.54
N PRO J 147 -30.75 17.26 41.42
CA PRO J 147 -29.33 16.92 41.35
C PRO J 147 -28.42 18.15 41.45
N ASP J 148 -28.90 19.30 40.98
CA ASP J 148 -28.17 20.56 41.08
C ASP J 148 -27.91 20.92 42.55
N GLU J 149 -28.97 20.87 43.35
CA GLU J 149 -28.87 21.13 44.80
C GLU J 149 -27.91 20.15 45.48
N MSE J 150 -27.98 18.88 45.11
CA MSE J 150 -27.11 17.85 45.69
C MSE J 150 -25.64 18.04 45.30
O MSE J 150 -24.75 17.71 46.09
CB MSE J 150 -27.59 16.45 45.29
CG MSE J 150 -26.88 15.31 46.02
SE MSE J 150 -27.13 15.34 47.96
CE MSE J 150 -28.90 14.52 48.05
N ALA J 151 -25.39 18.54 44.10
CA ALA J 151 -24.03 18.87 43.67
C ALA J 151 -23.44 19.96 44.55
N LEU J 152 -24.22 21.02 44.77
CA LEU J 152 -23.79 22.15 45.59
C LEU J 152 -23.64 21.75 47.06
N LYS J 153 -24.57 20.95 47.56
CA LYS J 153 -24.54 20.51 48.96
C LYS J 153 -23.31 19.63 49.23
N GLY J 154 -22.99 18.75 48.28
CA GLY J 154 -21.79 17.93 48.36
C GLY J 154 -20.51 18.75 48.36
N VAL J 155 -20.47 19.77 47.51
CA VAL J 155 -19.33 20.69 47.44
C VAL J 155 -19.12 21.42 48.76
N GLU J 156 -20.22 21.86 49.35
CA GLU J 156 -20.19 22.58 50.62
C GLU J 156 -19.73 21.69 51.77
N ILE J 157 -20.24 20.45 51.81
CA ILE J 157 -19.84 19.49 52.84
C ILE J 157 -18.34 19.21 52.81
N LEU J 158 -17.79 18.97 51.63
CA LEU J 158 -16.36 18.66 51.48
C LEU J 158 -15.47 19.88 51.77
N ARG J 159 -15.98 21.07 51.46
CA ARG J 159 -15.25 22.33 51.72
C ARG J 159 -15.09 22.62 53.21
N ASN J 160 -16.07 22.21 54.01
CA ASN J 160 -16.07 22.50 55.44
C ASN J 160 -15.59 21.33 56.30
N HIS J 161 -15.17 20.24 55.66
CA HIS J 161 -14.76 19.05 56.41
C HIS J 161 -13.29 19.15 56.84
N PRO J 162 -13.00 18.83 58.11
CA PRO J 162 -11.63 18.97 58.65
C PRO J 162 -10.61 17.95 58.12
N LEU J 163 -11.08 16.82 57.57
CA LEU J 163 -10.17 15.80 57.02
C LEU J 163 -9.68 16.14 55.61
N ILE J 164 -10.32 17.11 54.96
CA ILE J 164 -9.93 17.55 53.61
C ILE J 164 -9.20 18.89 53.71
N PRO J 165 -7.98 18.98 53.14
CA PRO J 165 -7.22 20.24 53.20
C PRO J 165 -8.02 21.44 52.68
N LYS J 166 -7.78 22.61 53.27
CA LYS J 166 -8.55 23.81 52.96
C LYS J 166 -8.17 24.49 51.64
N ASP J 167 -7.00 24.15 51.10
CA ASP J 167 -6.55 24.72 49.83
C ASP J 167 -6.97 23.90 48.60
N VAL J 168 -7.65 22.79 48.82
CA VAL J 168 -8.15 21.95 47.73
C VAL J 168 -9.29 22.65 47.00
N ARG J 169 -9.22 22.69 45.67
CA ARG J 169 -10.22 23.36 44.84
C ARG J 169 -11.39 22.44 44.60
N ILE J 170 -12.58 22.86 45.00
CA ILE J 170 -13.79 22.05 44.88
C ILE J 170 -14.84 22.74 44.01
N THR J 171 -15.37 22.00 43.03
CA THR J 171 -16.39 22.49 42.11
C THR J 171 -17.45 21.43 41.89
N GLY J 172 -18.69 21.86 41.62
CA GLY J 172 -19.80 20.95 41.37
C GLY J 172 -20.38 21.05 39.97
N TYR J 173 -20.91 19.94 39.48
CA TYR J 173 -21.61 19.90 38.18
C TYR J 173 -22.76 18.89 38.25
N VAL J 174 -23.61 18.92 37.23
CA VAL J 174 -24.64 17.90 37.03
C VAL J 174 -24.46 17.28 35.66
N TYR J 175 -24.30 15.95 35.63
CA TYR J 175 -24.23 15.21 34.37
C TYR J 175 -25.64 15.01 33.84
N GLU J 176 -25.87 15.42 32.60
CA GLU J 176 -27.15 15.19 31.95
C GLU J 176 -27.08 13.89 31.16
N VAL J 177 -27.82 12.88 31.60
CA VAL J 177 -27.86 11.59 30.91
C VAL J 177 -28.50 11.70 29.52
N GLU J 178 -29.40 12.67 29.36
CA GLU J 178 -30.10 12.87 28.09
C GLU J 178 -29.28 13.64 27.04
N THR J 179 -28.11 14.15 27.43
CA THR J 179 -27.20 14.81 26.47
C THR J 179 -25.73 14.41 26.63
N HIS J 180 -25.41 13.58 27.62
CA HIS J 180 -24.03 13.15 27.92
C HIS J 180 -23.05 14.32 28.07
N ARG J 181 -23.47 15.38 28.75
CA ARG J 181 -22.59 16.51 29.06
C ARG J 181 -22.91 17.12 30.42
N LEU J 182 -21.94 17.86 30.94
CA LEU J 182 -22.07 18.52 32.24
C LEU J 182 -22.77 19.85 32.12
N ARG J 183 -23.42 20.27 33.20
CA ARG J 183 -23.90 21.64 33.35
C ARG J 183 -23.54 22.16 34.74
N LYS J 184 -23.45 23.48 34.87
CA LYS J 184 -23.29 24.09 36.18
C LYS J 184 -24.62 23.94 36.94
N PRO J 185 -24.55 23.72 38.27
CA PRO J 185 -25.80 23.59 39.03
C PRO J 185 -26.70 24.82 38.86
N ASN J 186 -27.98 24.57 38.61
CA ASN J 186 -29.00 25.62 38.48
C ASN J 186 -28.78 26.61 37.33
N GLN J 187 -27.93 26.25 36.39
CA GLN J 187 -27.70 27.05 35.19
C GLN J 187 -28.11 26.21 33.98
N ILE J 188 -29.41 26.12 33.79
CA ILE J 188 -30.02 25.21 32.82
C ILE J 188 -30.46 25.99 31.58
N ILE J 189 -29.85 25.67 30.44
CA ILE J 189 -30.04 26.42 29.20
C ILE J 189 -31.42 26.20 28.57
N TYR J 190 -32.05 25.08 28.88
CA TYR J 190 -33.34 24.72 28.28
C TYR J 190 -34.48 25.61 28.82
N ASN J 191 -34.28 26.15 30.04
CA ASN J 191 -35.24 27.08 30.65
C ASN J 191 -35.44 28.38 29.88
N GLU J 192 -34.45 28.75 29.06
CA GLU J 192 -34.41 30.08 28.44
C GLU J 192 -34.74 30.08 26.94
N THR J 193 -34.47 28.98 26.26
CA THR J 193 -34.52 28.94 24.80
C THR J 193 -35.92 28.75 24.19
N SER J 194 -36.87 28.24 24.98
CA SER J 194 -38.20 27.90 24.46
C SER J 194 -39.30 28.86 24.93
N LYS J 195 -38.91 30.04 25.41
CA LYS J 195 -39.88 31.09 25.78
C LYS J 195 -39.35 32.45 25.38
N PHE J 196 -40.21 33.46 25.42
CA PHE J 196 -39.81 34.81 25.06
C PHE J 196 -38.77 35.36 26.01
N GLU J 197 -37.73 35.97 25.44
CA GLU J 197 -36.79 36.79 26.19
C GLU J 197 -36.29 37.88 25.26
N HIS J 198 -36.29 39.12 25.74
CA HIS J 198 -35.93 40.27 24.92
C HIS J 198 -34.49 40.17 24.43
N GLY J 199 -34.33 40.09 23.10
CA GLY J 199 -33.00 40.07 22.50
C GLY J 199 -32.46 41.46 22.27
N THR J 200 -31.25 41.53 21.74
CA THR J 200 -30.63 42.82 21.40
C THR J 200 -30.18 42.81 19.95
N ILE J 201 -30.26 43.98 19.31
CA ILE J 201 -29.87 44.12 17.90
C ILE J 201 -28.37 43.89 17.79
N VAL J 202 -27.95 43.23 16.71
CA VAL J 202 -26.53 42.93 16.50
C VAL J 202 -25.79 44.19 16.03
N LYS J 203 -24.58 44.38 16.54
CA LYS J 203 -23.73 45.49 16.14
C LYS J 203 -22.45 45.00 15.49
N VAL K 2 -19.19 -2.34 -21.24
CA VAL K 2 -19.00 -1.06 -20.50
C VAL K 2 -20.01 0.01 -20.98
N SER K 3 -20.28 0.03 -22.27
CA SER K 3 -21.24 0.99 -22.86
C SER K 3 -22.62 0.92 -22.21
N GLU K 4 -23.06 -0.29 -21.90
CA GLU K 4 -24.35 -0.50 -21.23
C GLU K 4 -24.42 0.26 -19.89
N TYR K 5 -23.33 0.27 -19.13
CA TYR K 5 -23.26 0.96 -17.84
C TYR K 5 -23.21 2.47 -18.02
N ILE K 6 -22.52 2.92 -19.07
CA ILE K 6 -22.39 4.35 -19.36
C ILE K 6 -23.73 4.91 -19.80
N ASP K 7 -24.35 4.26 -20.80
CA ASP K 7 -25.68 4.67 -21.30
C ASP K 7 -26.72 4.70 -20.19
N SER K 8 -26.61 3.77 -19.25
CA SER K 8 -27.52 3.69 -18.10
C SER K 8 -27.35 4.88 -17.15
N GLU K 9 -26.10 5.29 -16.92
CA GLU K 9 -25.81 6.42 -16.04
C GLU K 9 -26.18 7.76 -16.72
N LEU K 10 -26.02 7.83 -18.03
CA LEU K 10 -26.40 9.04 -18.77
C LEU K 10 -27.91 9.29 -18.71
N LYS K 11 -28.69 8.21 -18.74
CA LYS K 11 -30.14 8.31 -18.58
C LYS K 11 -30.50 8.77 -17.16
N ARG K 12 -29.73 8.29 -16.19
CA ARG K 12 -29.94 8.66 -14.78
C ARG K 12 -29.70 10.16 -14.57
N LEU K 13 -28.61 10.67 -15.16
CA LEU K 13 -28.28 12.08 -15.06
C LEU K 13 -29.25 12.98 -15.86
N GLU K 14 -29.82 12.45 -16.94
CA GLU K 14 -30.82 13.18 -17.70
C GLU K 14 -32.13 13.32 -16.92
N ASP K 15 -32.56 12.23 -16.29
CA ASP K 15 -33.73 12.25 -15.41
C ASP K 15 -33.57 13.22 -14.24
N TYR K 16 -32.41 13.18 -13.59
CA TYR K 16 -32.10 14.06 -12.45
C TYR K 16 -32.19 15.53 -12.84
N ALA K 17 -31.61 15.87 -13.98
CA ALA K 17 -31.56 17.24 -14.48
C ALA K 17 -32.92 17.80 -14.90
N LEU K 18 -33.86 16.91 -15.24
CA LEU K 18 -35.16 17.32 -15.76
C LEU K 18 -36.32 16.69 -14.99
N ARG K 19 -36.13 16.50 -13.69
CA ARG K 19 -37.16 15.91 -12.83
C ARG K 19 -38.50 16.63 -12.95
N ARG K 20 -38.45 17.95 -13.03
CA ARG K 20 -39.66 18.77 -12.98
C ARG K 20 -40.42 18.80 -14.32
N VAL K 21 -39.69 18.60 -15.42
CA VAL K 21 -40.30 18.40 -16.72
C VAL K 21 -40.96 17.01 -16.80
N LYS K 22 -40.23 16.00 -16.35
CA LYS K 22 -40.65 14.62 -16.52
C LYS K 22 -41.63 14.12 -15.47
N GLY K 23 -41.91 14.95 -14.46
CA GLY K 23 -42.83 14.57 -13.39
C GLY K 23 -42.22 13.58 -12.41
N ILE K 24 -41.00 13.88 -11.97
CA ILE K 24 -40.29 13.06 -10.99
C ILE K 24 -40.25 13.82 -9.66
N PRO K 25 -40.70 13.18 -8.56
CA PRO K 25 -40.74 13.85 -7.26
C PRO K 25 -39.36 13.85 -6.61
N ASN K 26 -39.26 14.48 -5.44
CA ASN K 26 -38.06 14.30 -4.61
C ASN K 26 -38.05 12.87 -4.05
N ASN K 27 -36.89 12.42 -3.58
CA ASN K 27 -36.69 11.00 -3.29
C ASN K 27 -37.53 10.42 -2.14
N ARG K 28 -38.13 11.28 -1.30
CA ARG K 28 -39.01 10.81 -0.23
C ARG K 28 -40.41 11.45 -0.26
N ARG K 29 -40.74 12.16 -1.33
CA ARG K 29 -42.02 12.86 -1.44
C ARG K 29 -42.31 13.67 -0.17
N LEU K 30 -41.34 14.49 0.23
CA LEU K 30 -41.38 15.20 1.50
C LEU K 30 -41.16 16.70 1.33
N TRP K 31 -42.00 17.50 1.97
CA TRP K 31 -41.82 18.94 2.04
C TRP K 31 -41.62 19.35 3.49
N VAL K 32 -40.60 20.17 3.74
CA VAL K 32 -40.27 20.60 5.09
C VAL K 32 -40.45 22.12 5.21
N LEU K 33 -41.23 22.54 6.21
CA LEU K 33 -41.29 23.93 6.61
C LEU K 33 -40.43 24.10 7.85
N THR K 34 -39.36 24.87 7.71
CA THR K 34 -38.46 25.11 8.83
C THR K 34 -37.90 26.53 8.76
N CYS K 35 -36.89 26.80 9.60
CA CYS K 35 -36.41 28.15 9.81
C CYS K 35 -35.10 28.40 9.07
N MSE K 36 -34.87 29.65 8.71
CA MSE K 36 -33.64 30.07 8.04
C MSE K 36 -32.43 30.08 8.98
O MSE K 36 -31.30 30.18 8.52
CB MSE K 36 -33.81 31.45 7.42
CG MSE K 36 -33.88 32.59 8.44
SE MSE K 36 -34.31 34.31 7.65
CE MSE K 36 -34.32 35.38 9.30
N ASP K 37 -32.67 30.02 10.29
CA ASP K 37 -31.61 30.07 11.30
C ASP K 37 -30.43 29.18 10.93
N GLU K 38 -29.22 29.73 11.09
CA GLU K 38 -27.98 29.06 10.66
C GLU K 38 -27.62 27.85 11.51
N ARG K 39 -28.22 27.74 12.69
CA ARG K 39 -27.93 26.63 13.62
C ARG K 39 -28.86 25.45 13.39
N VAL K 40 -29.94 25.66 12.65
CA VAL K 40 -30.91 24.62 12.33
C VAL K 40 -30.42 23.78 11.15
N HIS K 41 -29.67 22.72 11.46
CA HIS K 41 -29.14 21.80 10.47
C HIS K 41 -30.18 20.70 10.24
N ILE K 42 -31.18 21.04 9.44
CA ILE K 42 -32.43 20.28 9.36
C ILE K 42 -32.29 18.85 8.81
N GLU K 43 -31.48 18.68 7.77
CA GLU K 43 -31.36 17.38 7.09
C GLU K 43 -30.72 16.31 7.98
N GLN K 44 -29.74 16.72 8.79
CA GLN K 44 -29.12 15.81 9.75
C GLN K 44 -30.14 15.33 10.79
N SER K 45 -30.98 16.25 11.27
CA SER K 45 -31.95 15.95 12.33
C SER K 45 -33.13 15.09 11.86
N LEU K 46 -33.40 15.08 10.56
CA LEU K 46 -34.46 14.26 9.97
C LEU K 46 -33.91 12.94 9.38
N GLY K 47 -32.59 12.82 9.33
CA GLY K 47 -31.95 11.63 8.79
C GLY K 47 -32.03 11.51 7.29
N ILE K 48 -32.11 12.65 6.60
CA ILE K 48 -32.28 12.67 5.15
C ILE K 48 -31.05 13.24 4.44
N GLN K 49 -30.96 12.98 3.14
CA GLN K 49 -29.99 13.62 2.26
C GLN K 49 -30.70 14.76 1.53
N PRO K 50 -29.95 15.67 0.92
CA PRO K 50 -30.56 16.79 0.19
C PRO K 50 -31.65 16.39 -0.82
N ASP K 51 -31.41 15.34 -1.61
CA ASP K 51 -32.35 14.91 -2.66
C ASP K 51 -33.68 14.34 -2.14
N ASP K 52 -33.80 14.16 -0.82
CA ASP K 52 -34.98 13.53 -0.23
C ASP K 52 -36.18 14.45 -0.02
N ALA K 53 -35.97 15.77 -0.04
CA ALA K 53 -37.05 16.67 0.33
C ALA K 53 -36.93 18.07 -0.27
N HIS K 54 -38.09 18.70 -0.43
CA HIS K 54 -38.15 20.14 -0.68
C HIS K 54 -38.18 20.83 0.68
N ILE K 55 -37.21 21.71 0.92
CA ILE K 55 -37.11 22.39 2.21
C ILE K 55 -37.42 23.87 2.07
N TYR K 56 -38.57 24.29 2.59
CA TYR K 56 -38.94 25.69 2.70
C TYR K 56 -38.35 26.27 3.99
N ARG K 57 -37.76 27.45 3.90
CA ARG K 57 -37.13 28.10 5.05
C ARG K 57 -37.40 29.60 5.08
N ASN K 58 -37.91 30.08 6.21
CA ASN K 58 -38.15 31.51 6.42
C ASN K 58 -37.79 31.91 7.85
N ALA K 59 -37.98 33.19 8.19
CA ALA K 59 -37.73 33.68 9.53
C ALA K 59 -38.81 33.16 10.49
N GLY K 60 -38.45 32.12 11.26
CA GLY K 60 -39.32 31.59 12.31
C GLY K 60 -40.00 30.27 12.03
N GLY K 61 -39.87 29.76 10.81
CA GLY K 61 -40.55 28.52 10.41
C GLY K 61 -42.05 28.63 10.57
N ILE K 62 -42.58 29.78 10.17
CA ILE K 62 -43.99 30.13 10.35
C ILE K 62 -44.71 30.06 9.00
N VAL K 63 -45.97 29.64 9.04
CA VAL K 63 -46.78 29.52 7.83
C VAL K 63 -47.18 30.89 7.29
N THR K 64 -46.54 31.30 6.21
CA THR K 64 -46.89 32.53 5.48
C THR K 64 -47.60 32.17 4.19
N ASP K 65 -48.02 33.17 3.42
CA ASP K 65 -48.65 32.92 2.13
C ASP K 65 -47.70 32.23 1.15
N ASP K 66 -46.42 32.60 1.23
CA ASP K 66 -45.38 32.01 0.41
C ASP K 66 -45.17 30.54 0.79
N ALA K 67 -45.30 30.21 2.07
CA ALA K 67 -45.22 28.82 2.53
C ALA K 67 -46.36 28.00 1.94
N ILE K 68 -47.56 28.56 1.96
CA ILE K 68 -48.74 27.91 1.40
C ILE K 68 -48.64 27.81 -0.12
N ARG K 69 -48.16 28.88 -0.76
CA ARG K 69 -47.88 28.85 -2.20
C ARG K 69 -46.95 27.70 -2.51
N SER K 70 -45.81 27.67 -1.84
CA SER K 70 -44.81 26.63 -2.05
C SER K 70 -45.32 25.23 -1.70
N ALA K 71 -46.10 25.13 -0.62
CA ALA K 71 -46.67 23.86 -0.19
C ALA K 71 -47.75 23.34 -1.15
N SER K 72 -48.52 24.26 -1.70
CA SER K 72 -49.59 23.90 -2.64
C SER K 72 -49.02 23.31 -3.93
N LEU K 73 -47.88 23.85 -4.37
CA LEU K 73 -47.24 23.39 -5.61
C LEU K 73 -46.55 22.05 -5.42
N THR K 74 -45.79 21.90 -4.34
CA THR K 74 -45.05 20.66 -4.10
C THR K 74 -45.95 19.44 -3.91
N THR K 75 -47.11 19.64 -3.26
CA THR K 75 -48.03 18.54 -2.99
C THR K 75 -48.88 18.17 -4.21
N ASN K 76 -49.46 19.17 -4.87
CA ASN K 76 -50.35 18.92 -6.00
C ASN K 76 -49.63 18.59 -7.31
N PHE K 77 -48.48 19.23 -7.55
CA PHE K 77 -47.78 19.12 -8.83
C PHE K 77 -46.49 18.28 -8.79
N PHE K 78 -45.73 18.37 -7.70
CA PHE K 78 -44.45 17.65 -7.59
C PHE K 78 -44.56 16.36 -6.75
N GLY K 79 -45.78 15.94 -6.44
CA GLY K 79 -46.03 14.62 -5.85
C GLY K 79 -45.68 14.43 -4.38
N THR K 80 -45.52 15.52 -3.63
CA THR K 80 -45.19 15.41 -2.21
C THR K 80 -46.40 14.91 -1.40
N LYS K 81 -46.18 13.89 -0.57
CA LYS K 81 -47.24 13.29 0.23
C LYS K 81 -47.02 13.44 1.74
N GLU K 82 -45.96 14.13 2.14
CA GLU K 82 -45.63 14.29 3.55
C GLU K 82 -45.09 15.68 3.87
N ILE K 83 -45.68 16.32 4.86
CA ILE K 83 -45.20 17.61 5.35
C ILE K 83 -44.69 17.46 6.79
N ILE K 84 -43.52 18.04 7.05
CA ILE K 84 -42.97 18.11 8.41
C ILE K 84 -42.67 19.56 8.77
N VAL K 85 -43.34 20.05 9.81
CA VAL K 85 -43.11 21.40 10.32
C VAL K 85 -42.08 21.37 11.45
N VAL K 86 -40.99 22.11 11.29
CA VAL K 86 -39.93 22.16 12.29
C VAL K 86 -39.60 23.59 12.68
N THR K 87 -40.18 24.05 13.79
CA THR K 87 -39.77 25.30 14.43
C THR K 87 -38.52 25.00 15.26
N HIS K 88 -37.98 26.01 15.93
CA HIS K 88 -36.77 25.80 16.72
C HIS K 88 -36.67 26.68 17.96
N THR K 89 -35.74 26.30 18.84
CA THR K 89 -35.50 27.03 20.08
C THR K 89 -34.56 28.21 19.82
N ASP K 90 -34.66 29.22 20.68
CA ASP K 90 -33.96 30.51 20.51
C ASP K 90 -34.26 31.15 19.15
N CYS K 91 -35.51 31.04 18.73
CA CYS K 91 -35.96 31.62 17.47
C CYS K 91 -36.00 33.14 17.60
N GLY K 92 -35.37 33.84 16.66
CA GLY K 92 -35.40 35.30 16.62
C GLY K 92 -36.79 35.92 16.71
N MSE K 93 -37.79 35.19 16.22
CA MSE K 93 -39.18 35.65 16.29
C MSE K 93 -39.75 35.58 17.72
O MSE K 93 -40.84 36.09 17.98
CB MSE K 93 -40.06 34.83 15.34
CG MSE K 93 -39.57 34.75 13.89
SE MSE K 93 -39.05 36.46 13.10
CE MSE K 93 -37.15 36.40 13.41
N LEU K 94 -39.01 34.96 18.62
CA LEU K 94 -39.38 34.89 20.03
C LEU K 94 -38.47 35.81 20.88
N ARG K 95 -37.75 36.72 20.22
CA ARG K 95 -36.83 37.64 20.91
C ARG K 95 -37.20 39.13 20.78
N PHE K 96 -38.16 39.46 19.92
CA PHE K 96 -38.58 40.83 19.69
C PHE K 96 -40.09 40.89 19.47
N THR K 97 -40.62 42.11 19.28
CA THR K 97 -42.04 42.31 18.99
C THR K 97 -42.21 43.08 17.68
N GLY K 98 -43.36 42.89 17.05
CA GLY K 98 -43.71 43.60 15.82
C GLY K 98 -43.85 45.09 16.04
N GLU K 99 -44.30 45.46 17.25
CA GLU K 99 -44.41 46.87 17.66
C GLU K 99 -43.03 47.51 17.64
N GLU K 100 -42.08 46.85 18.30
CA GLU K 100 -40.69 47.29 18.36
C GLU K 100 -40.08 47.42 16.96
N VAL K 101 -40.32 46.43 16.11
CA VAL K 101 -39.79 46.44 14.74
C VAL K 101 -40.48 47.50 13.88
N ALA K 102 -41.79 47.64 14.03
CA ALA K 102 -42.54 48.68 13.32
C ALA K 102 -42.02 50.08 13.67
N LYS K 103 -41.79 50.33 14.96
CA LYS K 103 -41.28 51.61 15.44
C LYS K 103 -39.86 51.89 14.95
N TYR K 104 -39.05 50.85 14.84
CA TYR K 104 -37.68 50.98 14.34
C TYR K 104 -37.66 51.53 12.91
N PHE K 105 -38.55 51.02 12.06
CA PHE K 105 -38.62 51.45 10.67
C PHE K 105 -39.29 52.81 10.51
N ILE K 106 -40.35 53.05 11.29
CA ILE K 106 -41.05 54.34 11.26
C ILE K 106 -40.12 55.49 11.67
N SER K 107 -39.22 55.23 12.62
CA SER K 107 -38.20 56.21 13.01
C SER K 107 -37.25 56.54 11.87
N LYS K 108 -36.89 55.52 11.09
CA LYS K 108 -35.98 55.71 9.94
C LYS K 108 -36.64 56.42 8.75
N GLY K 109 -37.97 56.50 8.76
CA GLY K 109 -38.72 57.21 7.72
C GLY K 109 -39.67 56.34 6.90
N ILE K 110 -39.76 55.07 7.24
CA ILE K 110 -40.61 54.13 6.51
C ILE K 110 -42.08 54.40 6.81
N LYS K 111 -42.91 54.36 5.76
CA LYS K 111 -44.35 54.56 5.89
C LYS K 111 -45.07 53.23 5.61
N PRO K 112 -45.60 52.59 6.68
CA PRO K 112 -46.19 51.24 6.63
C PRO K 112 -47.12 50.95 5.44
N THR K 113 -48.01 51.88 5.14
CA THR K 113 -49.03 51.69 4.11
C THR K 113 -48.49 51.88 2.70
N GLU K 114 -47.51 52.77 2.55
CA GLU K 114 -46.94 53.08 1.24
C GLU K 114 -45.93 52.03 0.78
N VAL K 115 -45.14 51.51 1.72
CA VAL K 115 -44.12 50.50 1.40
C VAL K 115 -44.73 49.25 0.77
N GLN K 116 -44.17 48.83 -0.36
CA GLN K 116 -44.69 47.66 -1.09
C GLN K 116 -44.03 46.38 -0.58
N LEU K 117 -44.84 45.56 0.10
CA LEU K 117 -44.35 44.35 0.78
C LEU K 117 -44.04 43.24 -0.22
N ASP K 118 -44.86 43.13 -1.27
CA ASP K 118 -44.62 42.22 -2.38
C ASP K 118 -44.60 43.03 -3.68
N PRO K 119 -43.41 43.49 -4.11
CA PRO K 119 -43.27 44.25 -5.35
C PRO K 119 -43.84 43.55 -6.59
N LEU K 120 -43.68 42.23 -6.66
CA LEU K 120 -44.20 41.46 -7.79
C LEU K 120 -45.71 41.19 -7.71
N LEU K 121 -46.32 41.50 -6.57
CA LEU K 121 -47.77 41.36 -6.40
C LEU K 121 -48.37 42.59 -5.73
N PRO K 122 -48.66 43.65 -6.52
CA PRO K 122 -49.32 44.87 -6.03
C PRO K 122 -50.66 44.63 -5.32
N ALA K 123 -51.32 43.51 -5.60
CA ALA K 123 -52.58 43.14 -4.96
C ALA K 123 -52.47 42.93 -3.44
N PHE K 124 -51.25 42.69 -2.94
CA PHE K 124 -51.02 42.55 -1.50
C PHE K 124 -50.87 43.92 -0.85
N ARG K 125 -51.94 44.37 -0.19
CA ARG K 125 -52.00 45.68 0.46
C ARG K 125 -52.54 45.52 1.87
N ILE K 126 -52.06 46.34 2.80
CA ILE K 126 -52.42 46.23 4.22
C ILE K 126 -53.34 47.36 4.71
N SER K 127 -53.02 48.60 4.37
CA SER K 127 -53.82 49.77 4.75
C SER K 127 -53.97 49.99 6.26
N SER K 128 -52.89 49.73 7.01
CA SER K 128 -52.91 49.91 8.47
C SER K 128 -51.54 49.62 9.09
N GLU K 129 -51.22 50.33 10.16
CA GLU K 129 -49.98 50.09 10.91
C GLU K 129 -50.10 48.80 11.73
N GLU K 130 -51.30 48.47 12.16
CA GLU K 130 -51.54 47.24 12.93
C GLU K 130 -51.28 46.00 12.07
N ASP K 131 -51.67 46.06 10.80
CA ASP K 131 -51.40 45.00 9.84
C ASP K 131 -49.90 44.88 9.56
N PHE K 132 -49.21 46.02 9.54
CA PHE K 132 -47.76 46.06 9.35
C PHE K 132 -47.02 45.36 10.49
N ILE K 133 -47.50 45.57 11.72
CA ILE K 133 -46.96 44.88 12.89
C ILE K 133 -47.21 43.38 12.78
N LYS K 134 -48.44 43.01 12.42
CA LYS K 134 -48.83 41.60 12.31
C LYS K 134 -48.13 40.89 11.15
N TRP K 135 -47.76 41.64 10.12
CA TRP K 135 -47.09 41.09 8.95
C TRP K 135 -45.75 40.42 9.29
N PHE K 136 -45.01 41.02 10.22
CA PHE K 136 -43.71 40.47 10.65
C PHE K 136 -43.83 39.10 11.31
N LYS K 137 -45.01 38.78 11.84
CA LYS K 137 -45.30 37.46 12.41
C LYS K 137 -44.41 37.07 13.60
N PHE K 138 -44.14 38.03 14.47
CA PHE K 138 -43.49 37.71 15.73
C PHE K 138 -44.43 36.90 16.62
N TYR K 139 -43.86 35.96 17.37
CA TYR K 139 -44.61 35.04 18.24
C TYR K 139 -45.56 35.79 19.17
N GLU K 140 -45.02 36.82 19.82
CA GLU K 140 -45.76 37.63 20.80
C GLU K 140 -47.09 38.12 20.24
N ASP K 141 -47.04 38.69 19.03
CA ASP K 141 -48.22 39.29 18.40
C ASP K 141 -49.22 38.28 17.86
N LEU K 142 -48.78 37.04 17.65
CA LEU K 142 -49.67 35.95 17.22
C LEU K 142 -50.22 35.15 18.41
N GLY K 143 -49.85 35.53 19.63
CA GLY K 143 -50.30 34.83 20.83
C GLY K 143 -49.68 33.45 21.02
N VAL K 144 -48.44 33.29 20.54
CA VAL K 144 -47.73 32.01 20.62
C VAL K 144 -46.62 32.10 21.67
N LYS K 145 -46.64 31.17 22.63
CA LYS K 145 -45.78 31.22 23.81
C LYS K 145 -44.44 30.51 23.61
N SER K 146 -44.43 29.48 22.75
CA SER K 146 -43.24 28.65 22.54
C SER K 146 -43.16 28.10 21.12
N PRO K 147 -41.95 27.68 20.69
CA PRO K 147 -41.80 26.99 19.40
C PRO K 147 -42.64 25.72 19.33
N ASP K 148 -42.85 25.07 20.47
CA ASP K 148 -43.73 23.91 20.55
C ASP K 148 -45.13 24.26 20.07
N GLU K 149 -45.66 25.38 20.58
CA GLU K 149 -46.98 25.86 20.19
C GLU K 149 -47.01 26.27 18.71
N MSE K 150 -45.91 26.83 18.23
CA MSE K 150 -45.82 27.30 16.84
C MSE K 150 -45.78 26.15 15.83
O MSE K 150 -46.31 26.27 14.72
CB MSE K 150 -44.62 28.22 16.65
CG MSE K 150 -44.59 28.96 15.30
SE MSE K 150 -46.18 30.05 14.96
CE MSE K 150 -45.74 31.59 16.07
N ALA K 151 -45.16 25.03 16.22
CA ALA K 151 -45.13 23.82 15.39
C ALA K 151 -46.53 23.21 15.25
N LEU K 152 -47.21 23.07 16.38
CA LEU K 152 -48.60 22.57 16.39
C LEU K 152 -49.56 23.49 15.63
N LYS K 153 -49.34 24.79 15.74
CA LYS K 153 -50.15 25.78 15.02
C LYS K 153 -49.90 25.67 13.53
N GLY K 154 -48.64 25.53 13.13
CA GLY K 154 -48.26 25.35 11.74
C GLY K 154 -48.90 24.11 11.14
N VAL K 155 -48.81 23.00 11.86
CA VAL K 155 -49.45 21.75 11.45
C VAL K 155 -50.95 21.93 11.24
N GLU K 156 -51.59 22.65 12.17
CA GLU K 156 -53.04 22.86 12.13
C GLU K 156 -53.49 23.75 10.96
N ILE K 157 -52.69 24.76 10.65
CA ILE K 157 -52.97 25.64 9.52
C ILE K 157 -52.89 24.89 8.19
N LEU K 158 -51.83 24.09 8.03
CA LEU K 158 -51.62 23.33 6.80
C LEU K 158 -52.64 22.21 6.62
N ARG K 159 -53.04 21.59 7.72
CA ARG K 159 -53.99 20.47 7.69
C ARG K 159 -55.39 20.91 7.28
N ASN K 160 -55.75 22.16 7.57
CA ASN K 160 -57.09 22.68 7.30
C ASN K 160 -57.18 23.55 6.04
N HIS K 161 -56.06 23.71 5.33
CA HIS K 161 -56.03 24.56 4.15
C HIS K 161 -56.44 23.75 2.90
N PRO K 162 -57.36 24.29 2.08
CA PRO K 162 -57.89 23.56 0.93
C PRO K 162 -56.92 23.41 -0.26
N LEU K 163 -55.84 24.17 -0.29
CA LEU K 163 -54.81 24.02 -1.34
C LEU K 163 -53.95 22.77 -1.12
N ILE K 164 -53.78 22.36 0.14
CA ILE K 164 -53.01 21.16 0.47
C ILE K 164 -53.96 19.96 0.56
N PRO K 165 -53.72 18.91 -0.25
CA PRO K 165 -54.58 17.73 -0.30
C PRO K 165 -54.80 17.08 1.06
N LYS K 166 -55.94 16.41 1.23
CA LYS K 166 -56.30 15.74 2.48
C LYS K 166 -55.40 14.55 2.78
N ASP K 167 -54.92 13.87 1.74
CA ASP K 167 -54.12 12.65 1.91
C ASP K 167 -52.67 12.91 2.35
N VAL K 168 -52.27 14.18 2.43
CA VAL K 168 -50.94 14.53 2.90
C VAL K 168 -50.85 14.36 4.42
N ARG K 169 -49.82 13.65 4.87
CA ARG K 169 -49.56 13.45 6.29
C ARG K 169 -48.73 14.62 6.81
N ILE K 170 -49.18 15.24 7.90
CA ILE K 170 -48.54 16.44 8.44
C ILE K 170 -48.12 16.23 9.90
N THR K 171 -46.85 16.47 10.20
CA THR K 171 -46.29 16.27 11.54
C THR K 171 -45.45 17.48 11.94
N GLY K 172 -45.41 17.77 13.23
CA GLY K 172 -44.70 18.93 13.77
C GLY K 172 -43.61 18.55 14.77
N TYR K 173 -42.49 19.27 14.72
CA TYR K 173 -41.38 19.07 15.66
C TYR K 173 -40.74 20.39 16.06
N VAL K 174 -39.90 20.34 17.08
CA VAL K 174 -39.09 21.48 17.49
C VAL K 174 -37.61 21.10 17.40
N TYR K 175 -36.83 21.91 16.71
CA TYR K 175 -35.38 21.71 16.62
C TYR K 175 -34.70 22.42 17.78
N GLU K 176 -34.01 21.66 18.61
CA GLU K 176 -33.27 22.24 19.74
C GLU K 176 -31.86 22.59 19.30
N VAL K 177 -31.61 23.89 19.12
CA VAL K 177 -30.28 24.36 18.71
C VAL K 177 -29.19 23.99 19.71
N GLU K 178 -29.55 23.92 20.99
CA GLU K 178 -28.60 23.54 22.04
C GLU K 178 -28.18 22.06 22.03
N THR K 179 -28.93 21.21 21.32
CA THR K 179 -28.55 19.78 21.16
C THR K 179 -28.57 19.26 19.71
N HIS K 180 -28.89 20.11 18.74
CA HIS K 180 -28.99 19.72 17.33
C HIS K 180 -29.86 18.47 17.13
N ARG K 181 -31.03 18.50 17.76
CA ARG K 181 -31.87 17.33 17.91
C ARG K 181 -33.34 17.76 17.87
N LEU K 182 -34.20 16.88 17.38
CA LEU K 182 -35.64 17.16 17.35
C LEU K 182 -36.32 16.64 18.61
N ARG K 183 -37.40 17.32 19.00
CA ARG K 183 -38.31 16.81 20.03
C ARG K 183 -39.75 16.97 19.55
N LYS K 184 -40.64 16.11 20.06
CA LYS K 184 -42.07 16.28 19.82
C LYS K 184 -42.56 17.48 20.63
N PRO K 185 -43.44 18.30 20.03
CA PRO K 185 -43.94 19.49 20.73
C PRO K 185 -44.49 19.17 22.12
N ASN K 186 -44.07 19.97 23.10
CA ASN K 186 -44.53 19.87 24.50
C ASN K 186 -44.13 18.58 25.24
N GLN K 187 -43.31 17.74 24.60
CA GLN K 187 -42.81 16.52 25.23
C GLN K 187 -41.35 16.74 25.56
N ILE K 188 -41.12 17.49 26.64
CA ILE K 188 -39.80 17.95 27.03
C ILE K 188 -39.25 17.13 28.20
N ILE K 189 -38.19 16.37 27.93
CA ILE K 189 -37.62 15.46 28.91
C ILE K 189 -36.86 16.17 30.05
N TYR K 190 -36.35 17.36 29.77
CA TYR K 190 -35.44 18.06 30.68
C TYR K 190 -36.07 18.44 32.03
N ASN K 191 -37.38 18.64 32.03
CA ASN K 191 -38.10 18.96 33.26
C ASN K 191 -38.13 17.74 34.18
N GLU K 192 -38.65 16.65 33.62
CA GLU K 192 -38.86 15.38 34.31
C GLU K 192 -37.63 14.77 35.00
N THR K 193 -36.45 14.98 34.40
CA THR K 193 -35.23 14.27 34.85
C THR K 193 -34.49 14.89 36.05
N SER K 194 -34.85 16.12 36.43
CA SER K 194 -34.16 16.81 37.52
C SER K 194 -35.05 17.09 38.73
N LYS K 195 -36.13 16.32 38.86
CA LYS K 195 -36.99 16.38 40.04
C LYS K 195 -37.52 14.99 40.37
N PHE K 196 -38.18 14.88 41.52
CA PHE K 196 -38.69 13.58 41.98
C PHE K 196 -39.82 13.06 41.11
N GLU K 197 -39.74 11.77 40.78
CA GLU K 197 -40.82 11.05 40.09
C GLU K 197 -40.75 9.59 40.54
N HIS K 198 -41.84 9.09 41.11
CA HIS K 198 -41.86 7.74 41.66
C HIS K 198 -41.53 6.71 40.58
N GLY K 199 -40.38 6.05 40.71
CA GLY K 199 -39.96 5.02 39.78
C GLY K 199 -40.68 3.70 39.99
N THR K 200 -40.17 2.66 39.35
CA THR K 200 -40.71 1.31 39.49
C THR K 200 -39.59 0.29 39.53
N ILE K 201 -39.78 -0.78 40.31
CA ILE K 201 -38.75 -1.79 40.53
C ILE K 201 -38.59 -2.64 39.26
N VAL K 202 -37.34 -2.94 38.91
CA VAL K 202 -37.05 -3.69 37.69
C VAL K 202 -37.50 -5.14 37.83
N LYS K 203 -38.42 -5.57 36.97
CA LYS K 203 -38.99 -6.92 37.03
C LYS K 203 -38.06 -7.92 36.35
N VAL L 2 -8.76 21.39 35.20
CA VAL L 2 -9.81 20.46 34.69
C VAL L 2 -11.19 21.12 34.67
N SER L 3 -11.56 21.75 35.78
CA SER L 3 -12.84 22.48 35.85
C SER L 3 -12.82 23.76 35.00
N GLU L 4 -11.62 24.27 34.72
CA GLU L 4 -11.47 25.48 33.91
C GLU L 4 -11.94 25.29 32.45
N TYR L 5 -11.55 24.17 31.84
CA TYR L 5 -11.97 23.86 30.46
C TYR L 5 -13.48 23.64 30.36
N ILE L 6 -14.06 22.98 31.35
CA ILE L 6 -15.49 22.72 31.38
C ILE L 6 -16.27 24.04 31.41
N ASP L 7 -15.82 24.96 32.25
CA ASP L 7 -16.42 26.30 32.33
C ASP L 7 -16.28 27.05 31.01
N SER L 8 -15.16 26.84 30.33
CA SER L 8 -14.89 27.48 29.05
C SER L 8 -15.85 27.00 27.95
N GLU L 9 -16.10 25.70 27.89
CA GLU L 9 -17.00 25.13 26.88
C GLU L 9 -18.47 25.41 27.16
N LEU L 10 -18.83 25.54 28.44
CA LEU L 10 -20.21 25.87 28.82
C LEU L 10 -20.59 27.29 28.40
N LYS L 11 -19.66 28.24 28.54
CA LYS L 11 -19.87 29.62 28.07
C LYS L 11 -20.04 29.64 26.55
N ARG L 12 -19.26 28.80 25.87
CA ARG L 12 -19.30 28.67 24.42
C ARG L 12 -20.63 28.05 23.96
N LEU L 13 -21.09 27.05 24.70
CA LEU L 13 -22.37 26.40 24.46
C LEU L 13 -23.54 27.38 24.70
N GLU L 14 -23.39 28.24 25.70
CA GLU L 14 -24.40 29.22 26.05
C GLU L 14 -24.54 30.31 24.97
N ASP L 15 -23.39 30.77 24.46
CA ASP L 15 -23.39 31.78 23.39
C ASP L 15 -24.03 31.23 22.12
N TYR L 16 -23.75 29.97 21.80
CA TYR L 16 -24.32 29.32 20.63
C TYR L 16 -25.84 29.17 20.75
N ALA L 17 -26.29 28.75 21.93
CA ALA L 17 -27.72 28.50 22.16
C ALA L 17 -28.56 29.78 22.35
N LEU L 18 -27.90 30.93 22.55
CA LEU L 18 -28.61 32.19 22.81
C LEU L 18 -28.14 33.33 21.90
N ARG L 19 -27.68 33.00 20.70
CA ARG L 19 -27.19 34.02 19.76
C ARG L 19 -28.19 35.16 19.55
N ARG L 20 -29.46 34.81 19.44
CA ARG L 20 -30.50 35.80 19.15
C ARG L 20 -30.90 36.64 20.37
N VAL L 21 -30.70 36.11 21.57
CA VAL L 21 -30.86 36.92 22.78
C VAL L 21 -29.63 37.84 22.94
N LYS L 22 -28.44 37.27 22.80
CA LYS L 22 -27.19 37.99 23.03
C LYS L 22 -26.76 38.92 21.89
N GLY L 23 -27.44 38.83 20.75
CA GLY L 23 -27.10 39.66 19.59
C GLY L 23 -25.84 39.21 18.88
N ILE L 24 -25.68 37.90 18.73
CA ILE L 24 -24.60 37.33 17.92
C ILE L 24 -25.16 37.02 16.53
N PRO L 25 -24.43 37.41 15.47
CA PRO L 25 -24.90 37.11 14.11
C PRO L 25 -24.51 35.70 13.68
N ASN L 26 -24.84 35.34 12.44
CA ASN L 26 -24.28 34.13 11.83
C ASN L 26 -22.82 34.41 11.45
N ASN L 27 -22.07 33.36 11.15
CA ASN L 27 -20.61 33.44 11.09
C ASN L 27 -20.03 34.27 9.92
N ARG L 28 -20.82 34.47 8.86
CA ARG L 28 -20.37 35.29 7.73
C ARG L 28 -21.30 36.47 7.44
N ARG L 29 -22.22 36.75 8.36
CA ARG L 29 -23.18 37.86 8.20
C ARG L 29 -23.85 37.81 6.83
N LEU L 30 -24.38 36.62 6.50
CA LEU L 30 -24.90 36.33 5.17
C LEU L 30 -26.34 35.83 5.18
N TRP L 31 -27.12 36.29 4.20
CA TRP L 31 -28.47 35.79 3.95
C TRP L 31 -28.54 35.30 2.50
N VAL L 32 -29.18 34.16 2.29
CA VAL L 32 -29.29 33.57 0.96
C VAL L 32 -30.77 33.44 0.58
N LEU L 33 -31.13 33.99 -0.57
CA LEU L 33 -32.45 33.72 -1.17
C LEU L 33 -32.23 32.64 -2.20
N THR L 34 -32.86 31.48 -2.00
CA THR L 34 -32.70 30.38 -2.94
C THR L 34 -33.94 29.49 -3.00
N CYS L 35 -33.79 28.33 -3.63
CA CYS L 35 -34.94 27.49 -3.97
C CYS L 35 -35.10 26.32 -2.99
N MSE L 36 -36.35 25.92 -2.77
CA MSE L 36 -36.65 24.72 -1.99
C MSE L 36 -36.27 23.42 -2.72
O MSE L 36 -36.18 22.36 -2.09
CB MSE L 36 -38.14 24.67 -1.64
CG MSE L 36 -39.07 24.43 -2.83
SE MSE L 36 -40.95 24.37 -2.34
CE MSE L 36 -41.70 23.83 -4.06
N ASP L 37 -36.03 23.50 -4.03
CA ASP L 37 -35.74 22.33 -4.85
C ASP L 37 -34.66 21.43 -4.22
N GLU L 38 -34.90 20.12 -4.24
CA GLU L 38 -34.07 19.14 -3.52
C GLU L 38 -32.69 18.92 -4.14
N ARG L 39 -32.51 19.36 -5.38
CA ARG L 39 -31.25 19.23 -6.10
C ARG L 39 -30.36 20.45 -5.90
N VAL L 40 -30.89 21.48 -5.26
CA VAL L 40 -30.13 22.70 -4.97
C VAL L 40 -29.41 22.53 -3.63
N HIS L 41 -28.19 22.02 -3.70
CA HIS L 41 -27.35 21.83 -2.51
C HIS L 41 -26.51 23.10 -2.35
N ILE L 42 -27.06 24.05 -1.60
CA ILE L 42 -26.62 25.44 -1.64
C ILE L 42 -25.32 25.72 -0.88
N GLU L 43 -25.17 25.15 0.31
CA GLU L 43 -23.99 25.41 1.15
C GLU L 43 -22.69 25.09 0.43
N GLN L 44 -22.66 23.90 -0.17
CA GLN L 44 -21.46 23.41 -0.86
C GLN L 44 -21.12 24.28 -2.07
N SER L 45 -22.13 24.66 -2.84
CA SER L 45 -21.92 25.48 -4.03
C SER L 45 -21.45 26.90 -3.68
N LEU L 46 -21.92 27.43 -2.56
CA LEU L 46 -21.48 28.75 -2.07
C LEU L 46 -20.10 28.66 -1.40
N GLY L 47 -19.70 27.45 -1.01
CA GLY L 47 -18.41 27.24 -0.35
C GLY L 47 -18.44 27.67 1.11
N ILE L 48 -19.61 27.55 1.74
CA ILE L 48 -19.78 27.97 3.14
C ILE L 48 -20.03 26.77 4.05
N GLN L 49 -19.98 27.04 5.36
CA GLN L 49 -20.17 26.03 6.39
C GLN L 49 -21.58 26.16 6.99
N PRO L 50 -22.03 25.15 7.76
CA PRO L 50 -23.36 25.15 8.35
C PRO L 50 -23.81 26.43 9.09
N ASP L 51 -22.98 26.95 9.98
CA ASP L 51 -23.35 28.12 10.80
C ASP L 51 -23.07 29.48 10.14
N ASP L 52 -22.76 29.49 8.84
CA ASP L 52 -22.33 30.72 8.16
C ASP L 52 -23.45 31.64 7.69
N ALA L 53 -24.66 31.12 7.47
CA ALA L 53 -25.71 31.90 6.78
C ALA L 53 -27.14 31.58 7.20
N HIS L 54 -28.01 32.58 7.04
CA HIS L 54 -29.45 32.39 7.14
C HIS L 54 -30.00 32.07 5.75
N ILE L 55 -30.30 30.80 5.51
CA ILE L 55 -30.74 30.35 4.18
C ILE L 55 -32.27 30.39 4.05
N TYR L 56 -32.76 31.32 3.24
CA TYR L 56 -34.17 31.41 2.89
C TYR L 56 -34.45 30.59 1.63
N ARG L 57 -35.50 29.76 1.66
CA ARG L 57 -35.80 28.84 0.56
C ARG L 57 -37.31 28.79 0.28
N ASN L 58 -37.69 29.08 -0.96
CA ASN L 58 -39.08 28.99 -1.39
C ASN L 58 -39.19 28.38 -2.79
N ALA L 59 -40.42 28.28 -3.30
CA ALA L 59 -40.64 27.76 -4.65
C ALA L 59 -40.15 28.76 -5.70
N GLY L 60 -38.94 28.54 -6.20
CA GLY L 60 -38.37 29.33 -7.29
C GLY L 60 -37.18 30.20 -6.96
N GLY L 61 -36.96 30.48 -5.67
CA GLY L 61 -35.96 31.47 -5.28
C GLY L 61 -36.38 32.87 -5.69
N ILE L 62 -37.68 33.13 -5.56
CA ILE L 62 -38.30 34.36 -6.02
C ILE L 62 -38.56 35.27 -4.83
N VAL L 63 -38.38 36.58 -5.04
CA VAL L 63 -38.60 37.57 -3.99
C VAL L 63 -40.10 37.73 -3.75
N THR L 64 -40.55 37.28 -2.59
CA THR L 64 -41.94 37.46 -2.15
C THR L 64 -41.95 38.33 -0.90
N ASP L 65 -43.15 38.63 -0.39
CA ASP L 65 -43.26 39.43 0.83
C ASP L 65 -42.59 38.75 2.01
N ASP L 66 -42.65 37.43 2.05
CA ASP L 66 -42.02 36.64 3.10
C ASP L 66 -40.50 36.70 2.97
N ALA L 67 -40.01 36.66 1.73
CA ALA L 67 -38.58 36.84 1.47
C ALA L 67 -38.13 38.22 1.96
N ILE L 68 -38.94 39.25 1.70
CA ILE L 68 -38.63 40.61 2.15
C ILE L 68 -38.76 40.73 3.66
N ARG L 69 -39.80 40.15 4.24
CA ARG L 69 -39.98 40.08 5.70
C ARG L 69 -38.74 39.46 6.35
N SER L 70 -38.32 38.32 5.83
CA SER L 70 -37.19 37.56 6.39
C SER L 70 -35.86 38.29 6.19
N ALA L 71 -35.65 38.83 4.98
CA ALA L 71 -34.44 39.60 4.68
C ALA L 71 -34.37 40.88 5.52
N SER L 72 -35.52 41.48 5.77
CA SER L 72 -35.60 42.73 6.53
C SER L 72 -35.16 42.54 7.98
N LEU L 73 -35.50 41.40 8.57
CA LEU L 73 -35.15 41.11 9.95
C LEU L 73 -33.70 40.68 10.10
N THR L 74 -33.23 39.85 9.18
CA THR L 74 -31.86 39.33 9.25
C THR L 74 -30.80 40.43 9.08
N THR L 75 -31.12 41.47 8.30
CA THR L 75 -30.18 42.54 8.01
C THR L 75 -30.20 43.63 9.08
N ASN L 76 -31.40 44.09 9.44
CA ASN L 76 -31.56 45.16 10.42
C ASN L 76 -31.28 44.74 11.85
N PHE L 77 -31.72 43.54 12.23
CA PHE L 77 -31.66 43.08 13.62
C PHE L 77 -30.60 42.02 13.91
N PHE L 78 -30.40 41.07 12.98
CA PHE L 78 -29.44 39.97 13.21
C PHE L 78 -28.07 40.20 12.59
N GLY L 79 -27.81 41.40 12.07
CA GLY L 79 -26.48 41.80 11.65
C GLY L 79 -25.96 41.26 10.33
N THR L 80 -26.86 40.83 9.44
CA THR L 80 -26.45 40.38 8.11
C THR L 80 -26.08 41.57 7.23
N LYS L 81 -24.91 41.49 6.59
CA LYS L 81 -24.41 42.57 5.72
C LYS L 81 -24.27 42.14 4.24
N GLU L 82 -24.46 40.86 3.95
CA GLU L 82 -24.37 40.35 2.59
C GLU L 82 -25.61 39.52 2.23
N ILE L 83 -26.16 39.76 1.05
CA ILE L 83 -27.25 38.95 0.50
C ILE L 83 -26.81 38.30 -0.80
N ILE L 84 -27.17 37.03 -0.98
CA ILE L 84 -26.92 36.34 -2.23
C ILE L 84 -28.22 35.70 -2.71
N VAL L 85 -28.56 35.96 -3.98
CA VAL L 85 -29.75 35.40 -4.60
C VAL L 85 -29.34 34.26 -5.53
N VAL L 86 -29.92 33.08 -5.33
CA VAL L 86 -29.59 31.90 -6.12
C VAL L 86 -30.85 31.25 -6.67
N THR L 87 -31.11 31.47 -7.96
CA THR L 87 -32.13 30.74 -8.68
C THR L 87 -31.50 29.45 -9.23
N HIS L 88 -32.30 28.59 -9.83
CA HIS L 88 -31.76 27.32 -10.32
C HIS L 88 -32.35 26.85 -11.66
N THR L 89 -31.59 26.00 -12.34
CA THR L 89 -32.00 25.45 -13.62
C THR L 89 -33.01 24.30 -13.41
N ASP L 90 -33.85 24.09 -14.42
CA ASP L 90 -34.98 23.15 -14.33
C ASP L 90 -35.90 23.48 -13.17
N CYS L 91 -36.14 24.77 -12.95
CA CYS L 91 -36.99 25.23 -11.87
C CYS L 91 -38.45 24.99 -12.21
N GLY L 92 -39.19 24.44 -11.25
CA GLY L 92 -40.61 24.14 -11.43
C GLY L 92 -41.47 25.35 -11.76
N MSE L 93 -40.99 26.53 -11.38
CA MSE L 93 -41.67 27.77 -11.71
C MSE L 93 -41.50 28.13 -13.19
O MSE L 93 -42.15 29.06 -13.68
CB MSE L 93 -41.16 28.91 -10.81
CG MSE L 93 -41.24 28.60 -9.30
SE MSE L 93 -42.94 27.80 -8.76
CE MSE L 93 -44.10 29.32 -9.11
N LEU L 94 -40.63 27.40 -13.88
CA LEU L 94 -40.41 27.58 -15.32
C LEU L 94 -40.92 26.36 -16.11
N ARG L 95 -41.78 25.55 -15.48
CA ARG L 95 -42.37 24.38 -16.13
C ARG L 95 -43.90 24.42 -16.22
N PHE L 96 -44.53 25.42 -15.59
CA PHE L 96 -45.99 25.57 -15.59
C PHE L 96 -46.37 27.04 -15.67
N THR L 97 -47.66 27.30 -15.85
CA THR L 97 -48.20 28.65 -15.92
C THR L 97 -49.20 28.87 -14.78
N GLY L 98 -49.43 30.13 -14.43
CA GLY L 98 -50.40 30.49 -13.40
C GLY L 98 -51.82 30.11 -13.79
N GLU L 99 -52.16 30.30 -15.06
CA GLU L 99 -53.49 29.94 -15.58
C GLU L 99 -53.78 28.47 -15.35
N GLU L 100 -52.84 27.63 -15.78
CA GLU L 100 -52.95 26.17 -15.66
C GLU L 100 -53.13 25.74 -14.21
N VAL L 101 -52.33 26.33 -13.31
CA VAL L 101 -52.40 26.00 -11.89
C VAL L 101 -53.71 26.51 -11.28
N ALA L 102 -54.12 27.70 -11.68
CA ALA L 102 -55.41 28.27 -11.27
C ALA L 102 -56.59 27.39 -11.72
N LYS L 103 -56.54 26.93 -12.97
CA LYS L 103 -57.57 26.03 -13.51
C LYS L 103 -57.70 24.75 -12.70
N TYR L 104 -56.56 24.17 -12.35
CA TYR L 104 -56.50 22.92 -11.58
C TYR L 104 -57.19 23.04 -10.23
N PHE L 105 -56.89 24.11 -9.50
CA PHE L 105 -57.48 24.31 -8.17
C PHE L 105 -58.98 24.62 -8.25
N ILE L 106 -59.38 25.40 -9.26
CA ILE L 106 -60.79 25.73 -9.45
C ILE L 106 -61.62 24.47 -9.71
N SER L 107 -61.06 23.52 -10.46
CA SER L 107 -61.75 22.25 -10.74
C SER L 107 -61.84 21.34 -9.50
N LYS L 108 -61.03 21.62 -8.48
CA LYS L 108 -61.13 20.93 -7.19
C LYS L 108 -62.13 21.60 -6.24
N GLY L 109 -62.68 22.74 -6.66
CA GLY L 109 -63.69 23.46 -5.89
C GLY L 109 -63.17 24.67 -5.14
N ILE L 110 -61.92 25.04 -5.39
CA ILE L 110 -61.30 26.19 -4.73
C ILE L 110 -61.78 27.50 -5.35
N LYS L 111 -62.13 28.46 -4.50
CA LYS L 111 -62.63 29.76 -4.94
C LYS L 111 -61.56 30.83 -4.72
N PRO L 112 -61.06 31.44 -5.81
CA PRO L 112 -59.97 32.43 -5.74
C PRO L 112 -60.22 33.60 -4.77
N THR L 113 -61.49 33.99 -4.61
CA THR L 113 -61.85 35.15 -3.78
C THR L 113 -61.95 34.79 -2.29
N GLU L 114 -62.36 33.57 -1.98
CA GLU L 114 -62.62 33.17 -0.59
C GLU L 114 -61.42 32.53 0.12
N VAL L 115 -60.49 31.96 -0.65
CA VAL L 115 -59.35 31.25 -0.08
C VAL L 115 -58.47 32.16 0.77
N GLN L 116 -58.09 31.67 1.95
CA GLN L 116 -57.18 32.39 2.85
C GLN L 116 -55.74 32.10 2.43
N LEU L 117 -55.13 33.05 1.73
CA LEU L 117 -53.76 32.88 1.23
C LEU L 117 -52.73 33.00 2.37
N ASP L 118 -53.03 33.83 3.37
CA ASP L 118 -52.23 33.92 4.59
C ASP L 118 -53.18 33.92 5.79
N PRO L 119 -53.49 32.73 6.34
CA PRO L 119 -54.43 32.62 7.47
C PRO L 119 -54.07 33.47 8.69
N LEU L 120 -52.77 33.60 8.97
CA LEU L 120 -52.30 34.42 10.09
C LEU L 120 -52.38 35.93 9.83
N LEU L 121 -52.53 36.32 8.56
CA LEU L 121 -52.68 37.74 8.20
C LEU L 121 -53.89 37.92 7.26
N PRO L 122 -55.09 38.06 7.84
CA PRO L 122 -56.30 38.20 7.01
C PRO L 122 -56.39 39.49 6.18
N ALA L 123 -55.54 40.47 6.48
CA ALA L 123 -55.47 41.71 5.69
C ALA L 123 -55.00 41.48 4.25
N PHE L 124 -54.32 40.36 4.01
CA PHE L 124 -53.94 39.97 2.65
C PHE L 124 -55.14 39.33 1.93
N ARG L 125 -55.77 40.11 1.06
CA ARG L 125 -56.90 39.66 0.25
C ARG L 125 -56.59 39.92 -1.22
N ILE L 126 -57.22 39.15 -2.11
CA ILE L 126 -57.03 39.32 -3.55
C ILE L 126 -58.32 39.61 -4.31
N SER L 127 -59.38 38.87 -3.99
CA SER L 127 -60.70 39.03 -4.64
C SER L 127 -60.64 39.18 -6.18
N SER L 128 -59.99 38.23 -6.84
CA SER L 128 -59.88 38.19 -8.31
C SER L 128 -59.11 36.94 -8.74
N GLU L 129 -59.63 36.21 -9.73
CA GLU L 129 -58.94 35.03 -10.26
C GLU L 129 -57.62 35.41 -10.93
N GLU L 130 -57.53 36.62 -11.48
CA GLU L 130 -56.31 37.08 -12.11
C GLU L 130 -55.22 37.37 -11.08
N ASP L 131 -55.61 37.91 -9.92
CA ASP L 131 -54.68 38.08 -8.79
C ASP L 131 -54.20 36.75 -8.25
N PHE L 132 -55.10 35.77 -8.20
CA PHE L 132 -54.77 34.40 -7.80
C PHE L 132 -53.71 33.80 -8.72
N ILE L 133 -53.87 34.03 -10.02
CA ILE L 133 -52.90 33.57 -11.02
C ILE L 133 -51.53 34.23 -10.82
N LYS L 134 -51.53 35.54 -10.60
CA LYS L 134 -50.30 36.31 -10.36
C LYS L 134 -49.61 35.93 -9.05
N TRP L 135 -50.40 35.50 -8.06
CA TRP L 135 -49.90 35.15 -6.74
C TRP L 135 -48.93 33.97 -6.77
N PHE L 136 -49.16 33.02 -7.68
CA PHE L 136 -48.27 31.86 -7.81
C PHE L 136 -46.85 32.21 -8.27
N LYS L 137 -46.72 33.30 -9.03
CA LYS L 137 -45.43 33.84 -9.46
C LYS L 137 -44.62 32.87 -10.34
N PHE L 138 -45.30 32.29 -11.34
CA PHE L 138 -44.61 31.49 -12.37
C PHE L 138 -43.85 32.42 -13.31
N TYR L 139 -42.76 31.90 -13.87
CA TYR L 139 -41.82 32.67 -14.71
C TYR L 139 -42.49 33.36 -15.90
N GLU L 140 -43.37 32.63 -16.59
CA GLU L 140 -44.02 33.17 -17.79
C GLU L 140 -44.97 34.33 -17.48
N ASP L 141 -45.59 34.30 -16.31
CA ASP L 141 -46.52 35.35 -15.89
C ASP L 141 -45.79 36.61 -15.42
N LEU L 142 -44.59 36.45 -14.88
CA LEU L 142 -43.74 37.57 -14.51
C LEU L 142 -42.91 38.09 -15.70
N GLY L 143 -43.01 37.41 -16.83
CA GLY L 143 -42.30 37.82 -18.05
C GLY L 143 -40.81 37.55 -18.00
N VAL L 144 -40.40 36.55 -17.21
CA VAL L 144 -39.00 36.19 -17.05
C VAL L 144 -38.73 34.91 -17.84
N LYS L 145 -37.69 34.95 -18.67
CA LYS L 145 -37.43 33.89 -19.65
C LYS L 145 -36.53 32.76 -19.13
N SER L 146 -35.63 33.10 -18.21
CA SER L 146 -34.64 32.15 -17.68
C SER L 146 -34.37 32.38 -16.19
N PRO L 147 -33.73 31.39 -15.53
CA PRO L 147 -33.29 31.60 -14.15
C PRO L 147 -32.25 32.73 -14.03
N ASP L 148 -31.49 32.96 -15.11
CA ASP L 148 -30.49 34.03 -15.15
C ASP L 148 -31.14 35.39 -14.97
N GLU L 149 -32.18 35.64 -15.76
CA GLU L 149 -32.96 36.88 -15.69
C GLU L 149 -33.65 37.02 -14.33
N MSE L 150 -34.14 35.90 -13.79
CA MSE L 150 -34.83 35.91 -12.49
C MSE L 150 -33.86 36.22 -11.34
O MSE L 150 -34.23 36.90 -10.39
CB MSE L 150 -35.54 34.58 -12.23
CG MSE L 150 -36.39 34.56 -10.97
SE MSE L 150 -37.84 35.87 -11.01
CE MSE L 150 -39.19 34.82 -11.96
N ALA L 151 -32.64 35.71 -11.43
CA ALA L 151 -31.60 35.99 -10.44
C ALA L 151 -31.31 37.49 -10.37
N LEU L 152 -31.09 38.10 -11.53
CA LEU L 152 -30.83 39.54 -11.62
C LEU L 152 -32.03 40.38 -11.20
N LYS L 153 -33.23 39.89 -11.53
CA LYS L 153 -34.47 40.57 -11.16
C LYS L 153 -34.65 40.60 -9.64
N GLY L 154 -34.36 39.47 -8.98
CA GLY L 154 -34.44 39.39 -7.53
C GLY L 154 -33.45 40.31 -6.83
N VAL L 155 -32.25 40.39 -7.39
CA VAL L 155 -31.20 41.29 -6.88
C VAL L 155 -31.65 42.75 -6.93
N GLU L 156 -32.24 43.14 -8.07
CA GLU L 156 -32.74 44.50 -8.27
C GLU L 156 -33.85 44.87 -7.27
N ILE L 157 -34.79 43.94 -7.06
CA ILE L 157 -35.91 44.17 -6.14
C ILE L 157 -35.41 44.46 -4.73
N LEU L 158 -34.49 43.62 -4.25
CA LEU L 158 -33.94 43.75 -2.90
C LEU L 158 -33.06 44.99 -2.77
N ARG L 159 -32.37 45.35 -3.86
CA ARG L 159 -31.45 46.50 -3.85
C ARG L 159 -32.20 47.82 -3.66
N ASN L 160 -33.40 47.90 -4.21
CA ASN L 160 -34.21 49.12 -4.17
C ASN L 160 -35.26 49.15 -3.06
N HIS L 161 -35.36 48.08 -2.28
CA HIS L 161 -36.40 47.98 -1.26
C HIS L 161 -36.01 48.75 0.02
N PRO L 162 -36.94 49.56 0.56
CA PRO L 162 -36.63 50.40 1.73
C PRO L 162 -36.33 49.62 3.02
N LEU L 163 -37.03 48.51 3.23
CA LEU L 163 -36.85 47.67 4.41
C LEU L 163 -35.49 46.93 4.46
N ILE L 164 -34.73 46.97 3.37
CA ILE L 164 -33.38 46.42 3.32
C ILE L 164 -32.33 47.55 3.26
N PRO L 165 -31.42 47.60 4.25
CA PRO L 165 -30.38 48.64 4.29
C PRO L 165 -29.58 48.78 3.00
N LYS L 166 -29.18 50.01 2.67
CA LYS L 166 -28.48 50.28 1.42
C LYS L 166 -27.03 49.79 1.42
N ASP L 167 -26.45 49.65 2.62
CA ASP L 167 -25.06 49.16 2.76
C ASP L 167 -24.94 47.64 2.66
N VAL L 168 -26.06 46.94 2.46
CA VAL L 168 -26.05 45.48 2.30
C VAL L 168 -25.65 45.10 0.87
N ARG L 169 -24.63 44.27 0.76
CA ARG L 169 -24.06 43.87 -0.54
C ARG L 169 -24.89 42.72 -1.13
N ILE L 170 -25.41 42.93 -2.33
CA ILE L 170 -26.32 41.97 -2.97
C ILE L 170 -25.71 41.45 -4.27
N THR L 171 -25.75 40.13 -4.47
CA THR L 171 -25.21 39.48 -5.67
C THR L 171 -26.09 38.32 -6.12
N GLY L 172 -26.17 38.10 -7.44
CA GLY L 172 -27.02 37.06 -8.01
C GLY L 172 -26.23 35.97 -8.72
N TYR L 173 -26.67 34.72 -8.55
CA TYR L 173 -26.11 33.58 -9.27
C TYR L 173 -27.22 32.61 -9.69
N VAL L 174 -26.88 31.67 -10.56
CA VAL L 174 -27.79 30.61 -10.97
C VAL L 174 -27.17 29.25 -10.64
N TYR L 175 -27.94 28.41 -9.93
CA TYR L 175 -27.49 27.06 -9.58
C TYR L 175 -27.86 26.09 -10.71
N GLU L 176 -26.87 25.33 -11.19
CA GLU L 176 -27.09 24.33 -12.23
C GLU L 176 -27.28 22.95 -11.62
N VAL L 177 -28.51 22.46 -11.61
CA VAL L 177 -28.82 21.14 -11.06
C VAL L 177 -28.08 20.01 -11.79
N GLU L 178 -27.82 20.23 -13.08
CA GLU L 178 -27.11 19.25 -13.91
C GLU L 178 -25.62 19.15 -13.56
N THR L 179 -25.04 20.21 -13.01
CA THR L 179 -23.63 20.25 -12.63
C THR L 179 -23.39 20.38 -11.12
N HIS L 180 -24.46 20.58 -10.34
CA HIS L 180 -24.35 20.90 -8.91
C HIS L 180 -23.35 22.04 -8.68
N ARG L 181 -23.55 23.14 -9.40
CA ARG L 181 -22.57 24.23 -9.46
C ARG L 181 -23.20 25.55 -9.87
N LEU L 182 -22.60 26.66 -9.41
CA LEU L 182 -23.09 28.00 -9.72
C LEU L 182 -22.51 28.57 -11.01
N ARG L 183 -23.22 29.53 -11.59
CA ARG L 183 -22.69 30.36 -12.67
C ARG L 183 -23.18 31.79 -12.49
N LYS L 184 -22.45 32.76 -13.03
CA LYS L 184 -22.93 34.13 -13.11
C LYS L 184 -24.08 34.17 -14.12
N PRO L 185 -25.09 35.03 -13.88
CA PRO L 185 -26.20 35.13 -14.83
C PRO L 185 -25.73 35.41 -16.26
N ASN L 186 -26.25 34.62 -17.20
CA ASN L 186 -26.01 34.79 -18.65
C ASN L 186 -24.58 34.53 -19.11
N GLN L 187 -23.80 33.81 -18.31
CA GLN L 187 -22.47 33.37 -18.72
C GLN L 187 -22.44 31.86 -18.91
N ILE L 188 -22.74 31.43 -20.13
CA ILE L 188 -22.85 30.01 -20.47
C ILE L 188 -21.60 29.60 -21.27
N ILE L 189 -20.73 28.82 -20.64
CA ILE L 189 -19.48 28.39 -21.26
C ILE L 189 -19.63 27.13 -22.11
N TYR L 190 -20.81 26.50 -22.08
CA TYR L 190 -21.02 25.17 -22.63
C TYR L 190 -21.10 25.15 -24.16
N ASN L 191 -21.74 26.17 -24.72
CA ASN L 191 -21.79 26.34 -26.18
C ASN L 191 -20.44 26.76 -26.75
N GLU L 192 -19.70 27.58 -25.97
CA GLU L 192 -18.38 28.06 -26.34
C GLU L 192 -17.32 26.94 -26.42
N THR L 193 -17.49 25.88 -25.62
CA THR L 193 -16.51 24.80 -25.55
C THR L 193 -16.65 23.76 -26.66
N SER L 194 -17.84 23.65 -27.26
CA SER L 194 -18.09 22.67 -28.31
C SER L 194 -18.00 23.25 -29.74
N LYS L 195 -17.68 24.54 -29.83
CA LYS L 195 -17.55 25.23 -31.12
C LYS L 195 -16.10 25.62 -31.38
N PHE L 196 -15.80 25.97 -32.63
CA PHE L 196 -14.50 26.52 -32.96
C PHE L 196 -14.35 27.92 -32.37
N GLU L 197 -13.18 28.17 -31.79
CA GLU L 197 -12.81 29.49 -31.32
C GLU L 197 -11.29 29.61 -31.43
N HIS L 198 -10.82 30.72 -31.99
CA HIS L 198 -9.38 30.90 -32.22
C HIS L 198 -8.63 30.96 -30.89
N GLY L 199 -7.76 29.98 -30.66
CA GLY L 199 -6.95 29.92 -29.45
C GLY L 199 -5.68 30.71 -29.56
N THR L 200 -4.79 30.53 -28.59
CA THR L 200 -3.51 31.25 -28.56
C THR L 200 -2.39 30.33 -28.11
N ILE L 201 -1.19 30.59 -28.62
CA ILE L 201 0.00 29.82 -28.28
C ILE L 201 0.41 30.10 -26.83
N VAL L 202 0.72 29.04 -26.09
CA VAL L 202 1.15 29.18 -24.69
C VAL L 202 2.52 29.84 -24.64
N LYS L 203 2.62 30.93 -23.88
CA LYS L 203 3.83 31.75 -23.83
C LYS L 203 4.82 31.18 -22.82
N VAL M 2 -18.24 36.70 0.92
CA VAL M 2 -18.54 35.34 0.38
C VAL M 2 -18.60 35.36 -1.14
N SER M 3 -19.33 36.33 -1.70
CA SER M 3 -19.50 36.43 -3.14
C SER M 3 -18.19 36.64 -3.90
N GLU M 4 -17.24 37.32 -3.28
CA GLU M 4 -15.95 37.58 -3.90
C GLU M 4 -15.14 36.30 -4.14
N TYR M 5 -15.30 35.32 -3.24
CA TYR M 5 -14.59 34.05 -3.35
C TYR M 5 -15.31 33.08 -4.29
N ILE M 6 -16.62 33.25 -4.42
CA ILE M 6 -17.39 32.53 -5.44
C ILE M 6 -16.98 33.01 -6.83
N ASP M 7 -16.81 34.34 -6.95
CA ASP M 7 -16.37 34.96 -8.20
C ASP M 7 -14.98 34.48 -8.65
N SER M 8 -14.06 34.37 -7.70
CA SER M 8 -12.72 33.86 -8.01
C SER M 8 -12.76 32.38 -8.39
N GLU M 9 -13.71 31.64 -7.81
CA GLU M 9 -13.83 30.21 -8.05
C GLU M 9 -14.35 29.90 -9.46
N LEU M 10 -15.43 30.55 -9.88
CA LEU M 10 -15.99 30.28 -11.19
C LEU M 10 -15.17 30.94 -12.33
N LYS M 11 -14.34 31.92 -11.98
CA LYS M 11 -13.30 32.45 -12.86
C LYS M 11 -12.23 31.37 -13.09
N ARG M 12 -11.92 30.64 -12.02
CA ARG M 12 -10.98 29.53 -12.07
C ARG M 12 -11.51 28.40 -12.94
N LEU M 13 -12.81 28.13 -12.81
CA LEU M 13 -13.47 27.10 -13.61
C LEU M 13 -13.63 27.50 -15.07
N GLU M 14 -13.75 28.80 -15.32
CA GLU M 14 -13.78 29.33 -16.69
C GLU M 14 -12.45 29.08 -17.38
N ASP M 15 -11.35 29.38 -16.68
CA ASP M 15 -10.01 29.14 -17.19
C ASP M 15 -9.72 27.65 -17.42
N TYR M 16 -10.22 26.81 -16.53
CA TYR M 16 -10.03 25.36 -16.67
C TYR M 16 -10.73 24.83 -17.91
N ALA M 17 -11.96 25.27 -18.13
CA ALA M 17 -12.76 24.81 -19.27
C ALA M 17 -12.31 25.37 -20.62
N LEU M 18 -11.47 26.40 -20.62
CA LEU M 18 -11.02 27.05 -21.86
C LEU M 18 -9.50 27.23 -21.94
N ARG M 19 -8.76 26.31 -21.32
CA ARG M 19 -7.30 26.35 -21.33
C ARG M 19 -6.69 26.49 -22.73
N ARG M 20 -7.24 25.73 -23.69
CA ARG M 20 -6.72 25.73 -25.06
C ARG M 20 -7.04 27.02 -25.83
N VAL M 21 -8.17 27.63 -25.51
CA VAL M 21 -8.53 28.94 -26.05
C VAL M 21 -7.62 30.02 -25.45
N LYS M 22 -7.48 30.00 -24.13
CA LYS M 22 -6.78 31.05 -23.38
C LYS M 22 -5.27 30.86 -23.32
N GLY M 23 -4.77 29.71 -23.80
CA GLY M 23 -3.33 29.45 -23.87
C GLY M 23 -2.74 29.09 -22.52
N ILE M 24 -3.44 28.23 -21.79
CA ILE M 24 -2.96 27.72 -20.51
C ILE M 24 -2.43 26.29 -20.73
N PRO M 25 -1.21 25.99 -20.25
CA PRO M 25 -0.67 24.64 -20.44
C PRO M 25 -1.24 23.66 -19.43
N ASN M 26 -0.77 22.42 -19.46
CA ASN M 26 -1.04 21.48 -18.38
C ASN M 26 -0.18 21.85 -17.17
N ASN M 27 -0.50 21.30 -16.00
CA ASN M 27 0.07 21.81 -14.75
C ASN M 27 1.59 21.59 -14.59
N ARG M 28 2.18 20.68 -15.39
CA ARG M 28 3.62 20.44 -15.34
C ARG M 28 4.35 20.68 -16.68
N ARG M 29 3.65 21.21 -17.68
CA ARG M 29 4.21 21.36 -19.03
C ARG M 29 4.90 20.07 -19.46
N LEU M 30 4.16 18.97 -19.38
CA LEU M 30 4.70 17.63 -19.54
C LEU M 30 3.89 16.82 -20.56
N TRP M 31 4.59 16.06 -21.38
CA TRP M 31 3.96 15.17 -22.36
C TRP M 31 4.59 13.79 -22.23
N VAL M 32 3.75 12.77 -22.08
CA VAL M 32 4.23 11.41 -21.88
C VAL M 32 3.90 10.53 -23.08
N LEU M 33 4.91 9.87 -23.63
CA LEU M 33 4.73 8.85 -24.65
C LEU M 33 4.79 7.50 -23.97
N THR M 34 3.66 6.82 -23.89
CA THR M 34 3.62 5.51 -23.25
C THR M 34 2.67 4.55 -23.98
N CYS M 35 2.41 3.42 -23.34
CA CYS M 35 1.72 2.31 -23.98
C CYS M 35 0.25 2.25 -23.59
N MSE M 36 -0.56 1.63 -24.44
CA MSE M 36 -1.99 1.45 -24.19
C MSE M 36 -2.26 0.30 -23.22
O MSE M 36 -3.39 0.14 -22.75
CB MSE M 36 -2.74 1.21 -25.50
CG MSE M 36 -2.43 -0.13 -26.17
SE MSE M 36 -3.42 -0.44 -27.81
CE MSE M 36 -2.82 -2.26 -28.19
N ASP M 37 -1.24 -0.50 -22.93
CA ASP M 37 -1.37 -1.69 -22.08
C ASP M 37 -2.10 -1.36 -20.78
N GLU M 38 -3.07 -2.20 -20.42
CA GLU M 38 -3.93 -1.98 -19.25
C GLU M 38 -3.17 -2.04 -17.91
N ARG M 39 -2.04 -2.74 -17.91
CA ARG M 39 -1.22 -2.91 -16.72
C ARG M 39 -0.26 -1.73 -16.49
N VAL M 40 -0.17 -0.83 -17.48
CA VAL M 40 0.69 0.34 -17.38
C VAL M 40 -0.08 1.49 -16.75
N HIS M 41 -0.04 1.56 -15.43
CA HIS M 41 -0.72 2.62 -14.67
C HIS M 41 0.22 3.81 -14.56
N ILE M 42 0.22 4.62 -15.61
CA ILE M 42 1.28 5.61 -15.87
C ILE M 42 1.34 6.75 -14.85
N GLU M 43 0.19 7.27 -14.42
CA GLU M 43 0.17 8.42 -13.52
C GLU M 43 0.80 8.12 -12.17
N GLN M 44 0.47 6.99 -11.57
CA GLN M 44 1.02 6.64 -10.25
C GLN M 44 2.52 6.32 -10.31
N SER M 45 2.97 5.79 -11.44
CA SER M 45 4.39 5.44 -11.61
C SER M 45 5.27 6.68 -11.76
N LEU M 46 4.72 7.73 -12.37
CA LEU M 46 5.42 9.01 -12.52
C LEU M 46 5.18 9.95 -11.33
N GLY M 47 4.23 9.60 -10.47
CA GLY M 47 3.90 10.42 -9.30
C GLY M 47 3.23 11.74 -9.67
N ILE M 48 2.32 11.70 -10.63
CA ILE M 48 1.68 12.91 -11.15
C ILE M 48 0.17 12.92 -10.92
N GLN M 49 -0.41 14.12 -10.83
CA GLN M 49 -1.84 14.30 -10.69
C GLN M 49 -2.50 14.37 -12.09
N PRO M 50 -3.79 14.03 -12.18
CA PRO M 50 -4.52 13.98 -13.45
C PRO M 50 -4.26 15.14 -14.43
N ASP M 51 -4.30 16.38 -13.92
CA ASP M 51 -4.14 17.56 -14.78
C ASP M 51 -2.68 17.97 -15.02
N ASP M 52 -1.73 17.10 -14.69
CA ASP M 52 -0.31 17.43 -14.82
C ASP M 52 0.24 17.32 -16.24
N ALA M 53 -0.20 16.32 -17.00
CA ALA M 53 0.44 15.99 -18.26
C ALA M 53 -0.51 15.61 -19.38
N HIS M 54 -0.03 15.79 -20.61
CA HIS M 54 -0.67 15.20 -21.78
C HIS M 54 -0.08 13.81 -21.95
N ILE M 55 -0.94 12.80 -21.92
CA ILE M 55 -0.51 11.42 -22.00
C ILE M 55 -0.89 10.83 -23.35
N TYR M 56 0.11 10.65 -24.21
CA TYR M 56 -0.09 10.00 -25.50
C TYR M 56 0.13 8.49 -25.32
N ARG M 57 -0.80 7.69 -25.82
CA ARG M 57 -0.76 6.23 -25.62
C ARG M 57 -1.10 5.45 -26.89
N ASN M 58 -0.24 4.51 -27.24
CA ASN M 58 -0.44 3.66 -28.42
C ASN M 58 0.08 2.25 -28.18
N ALA M 59 0.03 1.42 -29.21
CA ALA M 59 0.51 0.05 -29.13
C ALA M 59 2.04 0.03 -29.06
N GLY M 60 2.57 -0.16 -27.86
CA GLY M 60 4.02 -0.34 -27.66
C GLY M 60 4.77 0.86 -27.10
N GLY M 61 4.13 2.04 -27.11
CA GLY M 61 4.80 3.27 -26.68
C GLY M 61 5.96 3.57 -27.62
N ILE M 62 5.66 3.49 -28.91
CA ILE M 62 6.65 3.61 -29.98
C ILE M 62 6.41 4.91 -30.73
N VAL M 63 7.49 5.61 -31.06
CA VAL M 63 7.36 6.89 -31.74
C VAL M 63 6.88 6.67 -33.17
N THR M 64 5.62 7.03 -33.42
CA THR M 64 5.01 6.90 -34.73
C THR M 64 4.68 8.26 -35.32
N ASP M 65 4.19 8.22 -36.56
CA ASP M 65 3.56 9.36 -37.22
C ASP M 65 2.72 10.20 -36.25
N ASP M 66 1.78 9.56 -35.59
CA ASP M 66 0.78 10.21 -34.74
C ASP M 66 1.40 10.75 -33.45
N ALA M 67 2.45 10.08 -32.96
CA ALA M 67 3.17 10.54 -31.78
C ALA M 67 3.87 11.87 -32.06
N ILE M 68 4.46 11.99 -33.25
CA ILE M 68 5.16 13.21 -33.66
C ILE M 68 4.18 14.35 -33.88
N ARG M 69 3.07 14.06 -34.55
CA ARG M 69 1.99 15.04 -34.71
C ARG M 69 1.58 15.60 -33.36
N SER M 70 1.23 14.70 -32.44
CA SER M 70 0.77 15.08 -31.11
C SER M 70 1.86 15.79 -30.31
N ALA M 71 3.09 15.28 -30.40
CA ALA M 71 4.23 15.85 -29.69
C ALA M 71 4.56 17.27 -30.15
N SER M 72 4.41 17.51 -31.46
CA SER M 72 4.74 18.82 -32.03
C SER M 72 3.77 19.90 -31.58
N LEU M 73 2.49 19.53 -31.47
CA LEU M 73 1.45 20.46 -31.02
C LEU M 73 1.55 20.76 -29.53
N THR M 74 1.81 19.73 -28.72
CA THR M 74 1.88 19.89 -27.27
C THR M 74 3.07 20.74 -26.85
N THR M 75 4.19 20.62 -27.57
CA THR M 75 5.40 21.36 -27.27
C THR M 75 5.34 22.79 -27.79
N ASN M 76 5.05 22.94 -29.09
CA ASN M 76 5.07 24.25 -29.74
C ASN M 76 3.86 25.13 -29.41
N PHE M 77 2.68 24.54 -29.33
CA PHE M 77 1.44 25.32 -29.18
C PHE M 77 0.82 25.28 -27.78
N PHE M 78 0.95 24.15 -27.09
CA PHE M 78 0.40 24.02 -25.74
C PHE M 78 1.47 24.14 -24.65
N GLY M 79 2.70 24.47 -25.05
CA GLY M 79 3.73 24.91 -24.11
C GLY M 79 4.38 23.84 -23.25
N THR M 80 4.52 22.63 -23.79
CA THR M 80 5.17 21.55 -23.06
C THR M 80 6.68 21.70 -23.17
N LYS M 81 7.37 21.56 -22.04
CA LYS M 81 8.83 21.71 -21.98
C LYS M 81 9.56 20.42 -21.57
N GLU M 82 8.80 19.40 -21.19
CA GLU M 82 9.38 18.11 -20.82
C GLU M 82 8.63 16.97 -21.48
N ILE M 83 9.39 16.03 -22.05
CA ILE M 83 8.83 14.80 -22.61
C ILE M 83 9.43 13.60 -21.89
N ILE M 84 8.57 12.64 -21.54
CA ILE M 84 9.02 11.37 -20.97
C ILE M 84 8.48 10.22 -21.81
N VAL M 85 9.38 9.38 -22.31
CA VAL M 85 9.03 8.19 -23.08
C VAL M 85 9.03 6.99 -22.15
N VAL M 86 7.91 6.27 -22.11
CA VAL M 86 7.80 5.10 -21.25
C VAL M 86 7.32 3.88 -22.02
N THR M 87 8.25 2.98 -22.31
CA THR M 87 7.92 1.65 -22.82
C THR M 87 7.63 0.75 -21.62
N HIS M 88 7.26 -0.50 -21.85
CA HIS M 88 6.96 -1.40 -20.73
C HIS M 88 7.35 -2.85 -20.96
N THR M 89 7.42 -3.59 -19.87
CA THR M 89 7.75 -5.02 -19.89
C THR M 89 6.53 -5.86 -20.28
N ASP M 90 6.80 -7.03 -20.88
CA ASP M 90 5.76 -7.89 -21.47
C ASP M 90 4.91 -7.15 -22.49
N CYS M 91 5.57 -6.35 -23.33
CA CYS M 91 4.87 -5.58 -24.35
C CYS M 91 4.42 -6.50 -25.48
N GLY M 92 3.20 -6.28 -25.97
CA GLY M 92 2.67 -7.05 -27.10
C GLY M 92 3.49 -6.93 -28.36
N MSE M 93 4.16 -5.79 -28.52
CA MSE M 93 5.00 -5.54 -29.69
C MSE M 93 6.34 -6.30 -29.63
O MSE M 93 7.12 -6.24 -30.56
CB MSE M 93 5.26 -4.04 -29.86
CG MSE M 93 4.00 -3.18 -29.79
SE MSE M 93 2.53 -3.85 -30.90
CE MSE M 93 1.05 -3.65 -29.65
N LEU M 94 6.58 -7.00 -28.51
CA LEU M 94 7.77 -7.83 -28.34
C LEU M 94 7.36 -9.30 -28.19
N ARG M 95 6.15 -9.62 -28.64
CA ARG M 95 5.58 -10.97 -28.51
C ARG M 95 5.18 -11.59 -29.85
N PHE M 96 5.10 -10.78 -30.90
CA PHE M 96 4.79 -11.24 -32.25
C PHE M 96 5.66 -10.50 -33.27
N THR M 97 5.54 -10.88 -34.54
CA THR M 97 6.24 -10.19 -35.63
C THR M 97 5.23 -9.67 -36.65
N GLY M 98 5.65 -8.69 -37.45
CA GLY M 98 4.82 -8.15 -38.51
C GLY M 98 4.54 -9.17 -39.60
N GLU M 99 5.47 -10.10 -39.79
CA GLU M 99 5.33 -11.16 -40.79
C GLU M 99 4.10 -12.02 -40.49
N GLU M 100 4.06 -12.62 -39.31
CA GLU M 100 2.93 -13.48 -38.92
C GLU M 100 1.61 -12.70 -38.82
N VAL M 101 1.68 -11.43 -38.43
CA VAL M 101 0.47 -10.59 -38.38
C VAL M 101 -0.02 -10.24 -39.78
N ALA M 102 0.91 -10.07 -40.72
CA ALA M 102 0.56 -9.86 -42.12
C ALA M 102 -0.13 -11.09 -42.73
N LYS M 103 0.46 -12.26 -42.51
CA LYS M 103 -0.15 -13.53 -42.93
C LYS M 103 -1.60 -13.62 -42.45
N TYR M 104 -1.79 -13.39 -41.15
CA TYR M 104 -3.11 -13.47 -40.52
C TYR M 104 -4.16 -12.67 -41.27
N PHE M 105 -3.84 -11.43 -41.65
CA PHE M 105 -4.79 -10.58 -42.35
C PHE M 105 -4.99 -11.01 -43.81
N ILE M 106 -3.90 -11.41 -44.46
CA ILE M 106 -3.97 -11.96 -45.82
C ILE M 106 -4.88 -13.19 -45.88
N SER M 107 -4.84 -14.02 -44.84
CA SER M 107 -5.69 -15.22 -44.77
C SER M 107 -7.18 -14.87 -44.58
N LYS M 108 -7.46 -13.67 -44.08
CA LYS M 108 -8.84 -13.20 -43.92
C LYS M 108 -9.33 -12.37 -45.11
N GLY M 109 -8.54 -12.32 -46.18
CA GLY M 109 -8.94 -11.67 -47.42
C GLY M 109 -8.56 -10.20 -47.52
N ILE M 110 -7.71 -9.74 -46.61
CA ILE M 110 -7.20 -8.37 -46.66
C ILE M 110 -6.03 -8.31 -47.63
N LYS M 111 -6.03 -7.31 -48.50
CA LYS M 111 -4.96 -7.12 -49.48
C LYS M 111 -4.06 -5.97 -49.04
N PRO M 112 -2.83 -6.27 -48.57
CA PRO M 112 -1.91 -5.28 -47.97
C PRO M 112 -1.85 -3.93 -48.67
N THR M 113 -1.77 -3.95 -49.99
CA THR M 113 -1.63 -2.72 -50.80
C THR M 113 -2.96 -1.96 -50.93
N GLU M 114 -4.07 -2.66 -50.77
CA GLU M 114 -5.41 -2.11 -51.01
C GLU M 114 -6.02 -1.44 -49.78
N VAL M 115 -5.56 -1.83 -48.58
CA VAL M 115 -6.12 -1.32 -47.33
C VAL M 115 -5.79 0.16 -47.12
N GLN M 116 -6.80 0.93 -46.71
CA GLN M 116 -6.64 2.35 -46.43
C GLN M 116 -6.17 2.52 -44.97
N LEU M 117 -4.87 2.75 -44.80
CA LEU M 117 -4.26 2.81 -43.47
C LEU M 117 -4.70 4.04 -42.67
N ASP M 118 -4.88 5.16 -43.36
CA ASP M 118 -5.39 6.39 -42.74
C ASP M 118 -6.51 6.97 -43.63
N PRO M 119 -7.77 6.61 -43.32
CA PRO M 119 -8.94 7.09 -44.06
C PRO M 119 -9.08 8.63 -44.12
N LEU M 120 -8.60 9.32 -43.10
CA LEU M 120 -8.64 10.79 -43.06
C LEU M 120 -7.41 11.43 -43.71
N LEU M 121 -6.50 10.60 -44.22
CA LEU M 121 -5.32 11.07 -44.94
C LEU M 121 -4.98 10.12 -46.10
N PRO M 122 -5.67 10.27 -47.25
CA PRO M 122 -5.42 9.46 -48.45
C PRO M 122 -3.97 9.48 -48.96
N ALA M 123 -3.24 10.56 -48.66
CA ALA M 123 -1.84 10.69 -49.07
C ALA M 123 -0.93 9.58 -48.56
N PHE M 124 -1.26 9.02 -47.39
CA PHE M 124 -0.49 7.91 -46.81
C PHE M 124 -0.80 6.60 -47.54
N ARG M 125 0.17 6.14 -48.34
CA ARG M 125 0.07 4.87 -49.05
C ARG M 125 1.39 4.11 -48.94
N ILE M 126 1.34 2.79 -49.12
CA ILE M 126 2.53 1.93 -48.98
C ILE M 126 2.95 1.19 -50.26
N SER M 127 1.98 0.63 -50.98
CA SER M 127 2.24 -0.11 -52.23
C SER M 127 3.34 -1.18 -52.12
N SER M 128 3.33 -1.92 -51.02
CA SER M 128 4.31 -2.99 -50.77
C SER M 128 3.91 -3.79 -49.52
N GLU M 129 4.15 -5.09 -49.54
CA GLU M 129 3.84 -5.94 -48.38
C GLU M 129 4.88 -5.77 -47.28
N GLU M 130 6.13 -5.54 -47.68
CA GLU M 130 7.22 -5.30 -46.73
C GLU M 130 6.95 -4.04 -45.90
N ASP M 131 6.38 -3.02 -46.53
CA ASP M 131 6.00 -1.79 -45.86
C ASP M 131 4.81 -2.00 -44.93
N PHE M 132 3.87 -2.86 -45.33
CA PHE M 132 2.73 -3.22 -44.49
C PHE M 132 3.19 -3.92 -43.22
N ILE M 133 4.23 -4.74 -43.34
CA ILE M 133 4.83 -5.43 -42.20
C ILE M 133 5.49 -4.42 -41.25
N LYS M 134 6.32 -3.54 -41.79
CA LYS M 134 7.03 -2.52 -40.98
C LYS M 134 6.08 -1.52 -40.32
N TRP M 135 4.92 -1.30 -40.94
CA TRP M 135 3.90 -0.39 -40.41
C TRP M 135 3.41 -0.78 -39.01
N PHE M 136 3.30 -2.08 -38.76
CA PHE M 136 2.84 -2.58 -37.46
C PHE M 136 3.79 -2.26 -36.30
N LYS M 137 5.06 -2.03 -36.62
CA LYS M 137 6.06 -1.56 -35.66
C LYS M 137 6.35 -2.57 -34.55
N PHE M 138 6.43 -3.85 -34.92
CA PHE M 138 6.84 -4.88 -33.95
C PHE M 138 8.35 -4.75 -33.71
N TYR M 139 8.75 -4.90 -32.45
CA TYR M 139 10.14 -4.72 -32.02
C TYR M 139 11.13 -5.43 -32.94
N GLU M 140 10.86 -6.70 -33.18
CA GLU M 140 11.71 -7.58 -33.98
C GLU M 140 11.99 -7.01 -35.37
N ASP M 141 10.95 -6.49 -36.02
CA ASP M 141 11.08 -5.93 -37.36
C ASP M 141 11.86 -4.61 -37.36
N LEU M 142 11.88 -3.92 -36.23
CA LEU M 142 12.66 -2.68 -36.07
C LEU M 142 14.07 -2.94 -35.54
N GLY M 143 14.37 -4.21 -35.21
CA GLY M 143 15.69 -4.58 -34.70
C GLY M 143 15.91 -4.18 -33.25
N VAL M 144 14.84 -4.20 -32.45
CA VAL M 144 14.88 -3.77 -31.06
C VAL M 144 14.74 -4.97 -30.13
N LYS M 145 15.73 -5.13 -29.24
CA LYS M 145 15.87 -6.30 -28.39
C LYS M 145 14.97 -6.26 -27.15
N SER M 146 14.83 -5.07 -26.56
CA SER M 146 14.16 -4.91 -25.26
C SER M 146 13.37 -3.61 -25.18
N PRO M 147 12.47 -3.50 -24.16
CA PRO M 147 11.81 -2.22 -23.93
C PRO M 147 12.80 -1.11 -23.56
N ASP M 148 13.89 -1.49 -22.90
CA ASP M 148 14.97 -0.56 -22.58
C ASP M 148 15.49 0.10 -23.84
N GLU M 149 15.83 -0.72 -24.83
CA GLU M 149 16.36 -0.23 -26.11
C GLU M 149 15.33 0.62 -26.87
N MSE M 150 14.05 0.27 -26.75
CA MSE M 150 12.99 1.00 -27.44
C MSE M 150 12.72 2.38 -26.83
O MSE M 150 12.45 3.33 -27.54
CB MSE M 150 11.68 0.19 -27.45
CG MSE M 150 10.55 0.82 -28.26
SE MSE M 150 10.98 1.03 -30.17
CE MSE M 150 10.57 -0.78 -30.76
N ALA M 151 12.81 2.47 -25.50
CA ALA M 151 12.66 3.75 -24.80
C ALA M 151 13.79 4.70 -25.21
N LEU M 152 15.01 4.16 -25.31
CA LEU M 152 16.17 4.93 -25.76
C LEU M 152 16.05 5.32 -27.23
N LYS M 153 15.45 4.44 -28.03
CA LYS M 153 15.20 4.72 -29.46
C LYS M 153 14.19 5.85 -29.62
N GLY M 154 13.16 5.86 -28.78
CA GLY M 154 12.14 6.92 -28.80
C GLY M 154 12.68 8.28 -28.37
N VAL M 155 13.55 8.28 -27.38
CA VAL M 155 14.21 9.51 -26.94
C VAL M 155 15.11 10.05 -28.04
N GLU M 156 15.85 9.16 -28.70
CA GLU M 156 16.75 9.53 -29.80
C GLU M 156 15.99 10.22 -30.93
N ILE M 157 14.86 9.64 -31.32
CA ILE M 157 14.08 10.16 -32.45
C ILE M 157 13.49 11.54 -32.15
N LEU M 158 12.92 11.69 -30.96
CA LEU M 158 12.29 12.96 -30.56
C LEU M 158 13.29 14.09 -30.34
N ARG M 159 14.47 13.75 -29.82
CA ARG M 159 15.54 14.75 -29.62
C ARG M 159 16.04 15.32 -30.94
N ASN M 160 16.07 14.49 -31.98
CA ASN M 160 16.62 14.88 -33.29
C ASN M 160 15.58 15.41 -34.28
N HIS M 161 14.30 15.36 -33.91
CA HIS M 161 13.23 15.74 -34.85
C HIS M 161 13.03 17.26 -34.91
N PRO M 162 12.89 17.81 -36.13
CA PRO M 162 12.74 19.27 -36.29
C PRO M 162 11.44 19.87 -35.75
N LEU M 163 10.38 19.05 -35.63
CA LEU M 163 9.09 19.53 -35.13
C LEU M 163 9.05 19.68 -33.61
N ILE M 164 10.02 19.10 -32.92
CA ILE M 164 10.12 19.18 -31.45
C ILE M 164 11.20 20.19 -31.07
N PRO M 165 10.84 21.26 -30.34
CA PRO M 165 11.81 22.28 -29.92
C PRO M 165 13.07 21.72 -29.28
N LYS M 166 14.20 22.36 -29.51
CA LYS M 166 15.49 21.86 -29.04
C LYS M 166 15.64 21.97 -27.52
N ASP M 167 14.97 22.95 -26.92
CA ASP M 167 15.04 23.18 -25.47
C ASP M 167 14.21 22.19 -24.64
N VAL M 168 13.34 21.42 -25.30
CA VAL M 168 12.51 20.43 -24.62
C VAL M 168 13.37 19.28 -24.07
N ARG M 169 13.20 18.99 -22.78
CA ARG M 169 13.91 17.88 -22.13
C ARG M 169 13.23 16.56 -22.44
N ILE M 170 14.02 15.58 -22.86
CA ILE M 170 13.52 14.24 -23.19
C ILE M 170 14.28 13.17 -22.41
N THR M 171 13.53 12.32 -21.71
CA THR M 171 14.10 11.20 -20.95
C THR M 171 13.26 9.94 -21.13
N GLY M 172 13.91 8.78 -21.04
CA GLY M 172 13.23 7.50 -21.24
C GLY M 172 13.22 6.63 -19.99
N TYR M 173 12.16 5.86 -19.82
CA TYR M 173 12.06 4.86 -18.74
C TYR M 173 11.34 3.61 -19.22
N VAL M 174 11.44 2.54 -18.43
CA VAL M 174 10.72 1.31 -18.71
C VAL M 174 9.77 0.98 -17.56
N TYR M 175 8.48 0.86 -17.87
CA TYR M 175 7.47 0.49 -16.89
C TYR M 175 7.51 -1.03 -16.70
N GLU M 176 7.85 -1.46 -15.48
CA GLU M 176 7.83 -2.87 -15.14
C GLU M 176 6.43 -3.26 -14.67
N VAL M 177 5.71 -4.00 -15.50
CA VAL M 177 4.35 -4.43 -15.15
C VAL M 177 4.34 -5.41 -13.99
N GLU M 178 5.46 -6.11 -13.78
CA GLU M 178 5.57 -7.08 -12.69
C GLU M 178 5.81 -6.43 -11.31
N THR M 179 6.19 -5.16 -11.29
CA THR M 179 6.36 -4.42 -10.03
C THR M 179 5.56 -3.10 -9.97
N HIS M 180 4.92 -2.72 -11.07
CA HIS M 180 4.15 -1.47 -11.16
C HIS M 180 4.99 -0.22 -10.85
N ARG M 181 6.24 -0.22 -11.30
CA ARG M 181 7.12 0.94 -11.16
C ARG M 181 8.10 1.03 -12.32
N LEU M 182 8.70 2.21 -12.49
CA LEU M 182 9.64 2.46 -13.58
C LEU M 182 11.05 2.02 -13.23
N ARG M 183 11.88 1.84 -14.25
CA ARG M 183 13.33 1.70 -14.10
C ARG M 183 14.03 2.52 -15.18
N LYS M 184 15.32 2.79 -14.97
CA LYS M 184 16.14 3.44 -16.00
C LYS M 184 16.51 2.40 -17.06
N PRO M 185 16.54 2.79 -18.34
CA PRO M 185 16.92 1.85 -19.39
C PRO M 185 18.27 1.18 -19.12
N ASN M 186 18.31 -0.15 -19.22
CA ASN M 186 19.52 -0.95 -19.00
C ASN M 186 20.07 -0.91 -17.56
N GLN M 187 19.21 -0.58 -16.60
CA GLN M 187 19.60 -0.48 -15.20
C GLN M 187 18.72 -1.41 -14.38
N ILE M 188 18.95 -2.71 -14.53
CA ILE M 188 18.15 -3.75 -13.90
C ILE M 188 18.89 -4.33 -12.68
N ILE M 189 18.38 -4.06 -11.48
CA ILE M 189 19.01 -4.55 -10.24
C ILE M 189 18.78 -6.04 -10.00
N TYR M 190 17.77 -6.62 -10.65
CA TYR M 190 17.33 -7.99 -10.36
C TYR M 190 18.38 -9.07 -10.61
N ASN M 191 19.23 -8.86 -11.61
CA ASN M 191 20.30 -9.80 -11.93
C ASN M 191 21.42 -9.69 -10.90
N GLU M 192 21.85 -8.44 -10.66
CA GLU M 192 22.97 -8.11 -9.78
C GLU M 192 22.79 -8.60 -8.34
N THR M 193 21.56 -8.58 -7.85
CA THR M 193 21.27 -8.96 -6.46
C THR M 193 21.26 -10.48 -6.24
N SER M 194 21.16 -11.25 -7.32
CA SER M 194 21.10 -12.70 -7.22
C SER M 194 22.40 -13.40 -7.68
N LYS M 195 23.44 -12.61 -7.93
CA LYS M 195 24.77 -13.12 -8.31
C LYS M 195 25.78 -12.78 -7.22
N PHE M 196 26.97 -13.35 -7.33
CA PHE M 196 28.10 -12.91 -6.50
C PHE M 196 28.57 -11.54 -6.97
N GLU M 197 29.00 -10.72 -6.02
CA GLU M 197 29.41 -9.34 -6.28
C GLU M 197 30.27 -8.87 -5.12
N HIS M 198 31.47 -8.39 -5.41
CA HIS M 198 32.37 -7.91 -4.36
C HIS M 198 31.76 -6.70 -3.66
N GLY M 199 31.39 -6.88 -2.39
CA GLY M 199 30.85 -5.81 -1.57
C GLY M 199 31.95 -5.07 -0.83
N THR M 200 31.58 -3.98 -0.16
CA THR M 200 32.54 -3.18 0.60
C THR M 200 32.20 -3.17 2.09
N ILE M 201 33.24 -3.02 2.90
CA ILE M 201 33.10 -3.03 4.36
C ILE M 201 32.61 -1.68 4.84
N VAL M 202 31.75 -1.70 5.86
CA VAL M 202 31.24 -0.48 6.48
C VAL M 202 32.28 0.05 7.47
N LYS M 203 32.48 1.37 7.47
CA LYS M 203 33.46 2.03 8.34
C LYS M 203 32.76 2.83 9.43
N VAL N 2 0.54 -22.86 4.25
CA VAL N 2 1.15 -21.55 3.88
C VAL N 2 1.83 -21.63 2.52
N SER N 3 2.60 -22.70 2.29
CA SER N 3 3.29 -22.92 1.02
C SER N 3 2.33 -22.90 -0.17
N GLU N 4 1.18 -23.55 -0.02
CA GLU N 4 0.15 -23.59 -1.05
C GLU N 4 -0.41 -22.22 -1.39
N TYR N 5 -0.58 -21.36 -0.38
CA TYR N 5 -1.04 -19.99 -0.56
C TYR N 5 0.00 -19.16 -1.31
N ILE N 6 1.27 -19.31 -0.96
CA ILE N 6 2.35 -18.56 -1.59
C ILE N 6 2.50 -18.94 -3.05
N ASP N 7 2.54 -20.26 -3.32
CA ASP N 7 2.59 -20.77 -4.70
C ASP N 7 1.43 -20.22 -5.53
N SER N 8 0.23 -20.31 -4.99
CA SER N 8 -0.99 -19.79 -5.63
C SER N 8 -0.90 -18.30 -5.94
N GLU N 9 -0.31 -17.53 -5.02
CA GLU N 9 -0.15 -16.09 -5.20
C GLU N 9 0.90 -15.76 -6.26
N LEU N 10 1.93 -16.59 -6.37
CA LEU N 10 2.99 -16.40 -7.36
C LEU N 10 2.52 -16.74 -8.80
N LYS N 11 1.61 -17.70 -8.94
CA LYS N 11 1.00 -18.00 -10.24
C LYS N 11 0.13 -16.84 -10.72
N ARG N 12 -0.58 -16.22 -9.78
CA ARG N 12 -1.36 -15.01 -10.07
C ARG N 12 -0.47 -13.87 -10.55
N LEU N 13 0.67 -13.68 -9.89
CA LEU N 13 1.67 -12.71 -10.33
C LEU N 13 2.23 -13.08 -11.71
N GLU N 14 2.55 -14.36 -11.90
CA GLU N 14 3.11 -14.85 -13.16
C GLU N 14 2.18 -14.56 -14.34
N ASP N 15 0.91 -14.91 -14.19
CA ASP N 15 -0.09 -14.68 -15.24
C ASP N 15 -0.27 -13.20 -15.56
N TYR N 16 -0.22 -12.36 -14.53
CA TYR N 16 -0.35 -10.91 -14.69
C TYR N 16 0.83 -10.32 -15.45
N ALA N 17 2.04 -10.77 -15.12
CA ALA N 17 3.26 -10.27 -15.73
C ALA N 17 3.51 -10.82 -17.14
N LEU N 18 2.74 -11.85 -17.54
CA LEU N 18 2.94 -12.49 -18.85
C LEU N 18 1.63 -12.67 -19.61
N ARG N 19 0.68 -11.76 -19.38
CA ARG N 19 -0.63 -11.79 -20.04
C ARG N 19 -0.53 -11.87 -21.57
N ARG N 20 0.48 -11.21 -22.13
CA ARG N 20 0.61 -11.10 -23.58
C ARG N 20 1.34 -12.31 -24.16
N VAL N 21 2.17 -12.96 -23.35
CA VAL N 21 2.74 -14.26 -23.72
C VAL N 21 1.65 -15.33 -23.69
N LYS N 22 0.94 -15.38 -22.57
CA LYS N 22 -0.02 -16.46 -22.29
C LYS N 22 -1.37 -16.28 -22.99
N GLY N 23 -1.63 -15.11 -23.54
CA GLY N 23 -2.86 -14.87 -24.30
C GLY N 23 -4.04 -14.49 -23.42
N ILE N 24 -3.79 -13.62 -22.44
CA ILE N 24 -4.84 -13.14 -21.53
C ILE N 24 -5.21 -11.71 -21.93
N PRO N 25 -6.51 -11.43 -22.15
CA PRO N 25 -6.94 -10.09 -22.51
C PRO N 25 -6.98 -9.14 -21.31
N ASN N 26 -7.29 -7.87 -21.55
CA ASN N 26 -7.60 -6.95 -20.45
C ASN N 26 -8.94 -7.34 -19.82
N ASN N 27 -9.20 -6.83 -18.62
CA ASN N 27 -10.29 -7.35 -17.78
C ASN N 27 -11.71 -7.16 -18.32
N ARG N 28 -11.91 -6.16 -19.19
CA ARG N 28 -13.23 -5.93 -19.79
C ARG N 28 -13.24 -6.05 -21.32
N ARG N 29 -12.16 -6.61 -21.88
CA ARG N 29 -12.03 -6.78 -23.33
C ARG N 29 -12.40 -5.49 -24.06
N LEU N 30 -11.76 -4.40 -23.64
CA LEU N 30 -12.13 -3.05 -24.08
C LEU N 30 -10.92 -2.27 -24.58
N TRP N 31 -11.12 -1.52 -25.66
CA TRP N 31 -10.13 -0.60 -26.20
C TRP N 31 -10.77 0.78 -26.31
N VAL N 32 -10.04 1.81 -25.91
CA VAL N 32 -10.56 3.17 -25.91
C VAL N 32 -9.72 4.08 -26.79
N LEU N 33 -10.40 4.90 -27.60
CA LEU N 33 -9.75 5.96 -28.35
C LEU N 33 -10.17 7.26 -27.70
N THR N 34 -9.21 7.95 -27.09
CA THR N 34 -9.51 9.23 -26.46
C THR N 34 -8.38 10.23 -26.63
N CYS N 35 -8.50 11.38 -25.98
CA CYS N 35 -7.60 12.50 -26.18
C CYS N 35 -6.46 12.52 -25.18
N MSE N 36 -5.33 13.08 -25.59
CA MSE N 36 -4.17 13.23 -24.70
C MSE N 36 -4.37 14.34 -23.66
O MSE N 36 -3.65 14.39 -22.66
CB MSE N 36 -2.90 13.50 -25.51
CG MSE N 36 -2.84 14.90 -26.12
SE MSE N 36 -1.23 15.16 -27.20
CE MSE N 36 -1.54 17.02 -27.71
N ASP N 37 -5.33 15.23 -23.91
CA ASP N 37 -5.62 16.35 -23.01
C ASP N 37 -5.60 15.94 -21.53
N GLU N 38 -5.01 16.78 -20.70
CA GLU N 38 -4.81 16.48 -19.28
C GLU N 38 -6.12 16.50 -18.48
N ARG N 39 -7.11 17.20 -19.01
CA ARG N 39 -8.41 17.35 -18.34
C ARG N 39 -9.33 16.16 -18.57
N VAL N 40 -8.96 15.26 -19.50
CA VAL N 40 -9.76 14.08 -19.78
C VAL N 40 -9.33 12.92 -18.87
N HIS N 41 -10.04 12.79 -17.75
CA HIS N 41 -9.82 11.70 -16.80
C HIS N 41 -10.69 10.53 -17.23
N ILE N 42 -10.24 9.84 -18.27
CA ILE N 42 -11.08 8.90 -19.02
C ILE N 42 -11.51 7.69 -18.20
N GLU N 43 -10.57 7.13 -17.44
CA GLU N 43 -10.81 5.95 -16.59
C GLU N 43 -12.07 6.15 -15.73
N GLN N 44 -12.17 7.32 -15.11
CA GLN N 44 -13.21 7.61 -14.13
C GLN N 44 -14.57 7.87 -14.79
N SER N 45 -14.55 8.54 -15.94
CA SER N 45 -15.78 8.88 -16.66
C SER N 45 -16.41 7.67 -17.35
N LEU N 46 -15.59 6.70 -17.74
CA LEU N 46 -16.08 5.44 -18.32
C LEU N 46 -16.58 4.47 -17.25
N GLY N 47 -16.23 4.73 -15.99
CA GLY N 47 -16.64 3.86 -14.88
C GLY N 47 -15.88 2.54 -14.88
N ILE N 48 -14.59 2.59 -15.19
CA ILE N 48 -13.75 1.39 -15.26
C ILE N 48 -12.59 1.46 -14.26
N GLN N 49 -11.99 0.30 -14.01
CA GLN N 49 -10.84 0.16 -13.11
C GLN N 49 -9.53 0.04 -13.90
N PRO N 50 -8.37 0.27 -13.24
CA PRO N 50 -7.06 0.33 -13.91
C PRO N 50 -6.70 -0.75 -14.95
N ASP N 51 -7.02 -2.01 -14.67
CA ASP N 51 -6.66 -3.13 -15.58
C ASP N 51 -7.78 -3.51 -16.57
N ASP N 52 -8.79 -2.65 -16.72
CA ASP N 52 -10.00 -3.01 -17.47
C ASP N 52 -9.93 -2.81 -18.97
N ALA N 53 -9.05 -1.93 -19.45
CA ALA N 53 -9.06 -1.54 -20.85
C ALA N 53 -7.71 -1.13 -21.39
N HIS N 54 -7.55 -1.31 -22.70
CA HIS N 54 -6.45 -0.70 -23.44
C HIS N 54 -6.89 0.70 -23.81
N ILE N 55 -6.12 1.70 -23.41
CA ILE N 55 -6.49 3.10 -23.63
C ILE N 55 -5.52 3.74 -24.62
N TYR N 56 -6.03 4.05 -25.82
CA TYR N 56 -5.27 4.75 -26.83
C TYR N 56 -5.57 6.25 -26.72
N ARG N 57 -4.51 7.05 -26.70
CA ARG N 57 -4.65 8.50 -26.53
C ARG N 57 -3.78 9.27 -27.51
N ASN N 58 -4.38 10.25 -28.18
CA ASN N 58 -3.64 11.12 -29.11
C ASN N 58 -4.19 12.56 -29.11
N ALA N 59 -3.58 13.42 -29.92
CA ALA N 59 -4.05 14.80 -30.05
C ALA N 59 -5.39 14.84 -30.76
N GLY N 60 -6.48 14.86 -29.98
CA GLY N 60 -7.83 15.05 -30.52
C GLY N 60 -8.79 13.88 -30.33
N GLY N 61 -8.27 12.70 -29.98
CA GLY N 61 -9.08 11.48 -29.98
C GLY N 61 -9.59 11.18 -31.37
N ILE N 62 -8.70 11.35 -32.35
CA ILE N 62 -9.06 11.27 -33.76
C ILE N 62 -8.46 10.00 -34.35
N VAL N 63 -9.24 9.33 -35.21
CA VAL N 63 -8.81 8.07 -35.82
C VAL N 63 -7.71 8.31 -36.85
N THR N 64 -6.50 7.84 -36.52
CA THR N 64 -5.34 7.94 -37.40
C THR N 64 -4.87 6.53 -37.74
N ASP N 65 -3.76 6.42 -38.47
CA ASP N 65 -3.19 5.12 -38.81
C ASP N 65 -2.65 4.40 -37.57
N ASP N 66 -2.15 5.16 -36.61
CA ASP N 66 -1.64 4.59 -35.36
C ASP N 66 -2.79 4.09 -34.48
N ALA N 67 -3.91 4.81 -34.48
CA ALA N 67 -5.13 4.35 -33.81
C ALA N 67 -5.69 3.07 -34.46
N ILE N 68 -5.66 3.04 -35.79
CA ILE N 68 -6.09 1.86 -36.55
C ILE N 68 -5.14 0.68 -36.32
N ARG N 69 -3.84 0.96 -36.35
CA ARG N 69 -2.82 -0.05 -36.04
C ARG N 69 -3.03 -0.66 -34.66
N SER N 70 -3.20 0.21 -33.67
CA SER N 70 -3.34 -0.21 -32.27
C SER N 70 -4.65 -0.93 -32.01
N ALA N 71 -5.74 -0.40 -32.55
CA ALA N 71 -7.07 -1.01 -32.40
C ALA N 71 -7.17 -2.33 -33.14
N SER N 72 -6.42 -2.45 -34.23
CA SER N 72 -6.40 -3.67 -35.05
C SER N 72 -5.71 -4.81 -34.32
N LEU N 73 -4.60 -4.51 -33.65
CA LEU N 73 -3.85 -5.51 -32.89
C LEU N 73 -4.61 -5.97 -31.63
N THR N 74 -5.23 -5.03 -30.93
CA THR N 74 -5.94 -5.36 -29.69
C THR N 74 -7.17 -6.23 -29.96
N THR N 75 -7.92 -5.91 -31.01
CA THR N 75 -9.13 -6.65 -31.36
C THR N 75 -8.85 -8.03 -31.93
N ASN N 76 -7.80 -8.14 -32.76
CA ASN N 76 -7.49 -9.39 -33.46
C ASN N 76 -6.61 -10.34 -32.65
N PHE N 77 -5.68 -9.79 -31.87
CA PHE N 77 -4.66 -10.60 -31.18
C PHE N 77 -4.79 -10.62 -29.65
N PHE N 78 -5.23 -9.52 -29.05
CA PHE N 78 -5.31 -9.43 -27.58
C PHE N 78 -6.74 -9.52 -27.05
N GLY N 79 -7.69 -9.90 -27.91
CA GLY N 79 -9.02 -10.32 -27.47
C GLY N 79 -10.05 -9.25 -27.14
N THR N 80 -9.83 -8.03 -27.61
CA THR N 80 -10.74 -6.92 -27.32
C THR N 80 -12.04 -7.02 -28.14
N LYS N 81 -13.17 -6.96 -27.45
CA LYS N 81 -14.50 -7.12 -28.08
C LYS N 81 -15.35 -5.84 -28.08
N GLU N 82 -14.86 -4.79 -27.42
CA GLU N 82 -15.59 -3.52 -27.38
C GLU N 82 -14.65 -2.34 -27.64
N ILE N 83 -15.13 -1.36 -28.40
CA ILE N 83 -14.41 -0.12 -28.62
C ILE N 83 -15.28 1.05 -28.18
N ILE N 84 -14.67 1.99 -27.46
CA ILE N 84 -15.34 3.23 -27.10
C ILE N 84 -14.47 4.41 -27.54
N VAL N 85 -15.05 5.30 -28.34
CA VAL N 85 -14.36 6.50 -28.81
C VAL N 85 -14.83 7.69 -27.96
N VAL N 86 -13.88 8.46 -27.45
CA VAL N 86 -14.21 9.60 -26.61
C VAL N 86 -13.42 10.86 -26.99
N THR N 87 -14.12 11.80 -27.61
CA THR N 87 -13.59 13.13 -27.88
C THR N 87 -13.92 14.00 -26.68
N HIS N 88 -13.48 15.25 -26.69
CA HIS N 88 -13.76 16.15 -25.58
C HIS N 88 -14.01 17.60 -25.99
N THR N 89 -14.65 18.35 -25.09
CA THR N 89 -14.92 19.77 -25.30
C THR N 89 -13.65 20.60 -25.06
N ASP N 90 -13.62 21.79 -25.63
CA ASP N 90 -12.43 22.64 -25.67
C ASP N 90 -11.20 21.88 -26.18
N CYS N 91 -11.40 21.07 -27.20
CA CYS N 91 -10.33 20.29 -27.79
C CYS N 91 -9.37 21.22 -28.53
N GLY N 92 -8.07 21.05 -28.29
CA GLY N 92 -7.05 21.84 -28.96
C GLY N 92 -7.13 21.79 -30.48
N MSE N 93 -7.63 20.68 -31.01
CA MSE N 93 -7.77 20.50 -32.45
C MSE N 93 -8.91 21.32 -33.04
O MSE N 93 -9.05 21.42 -34.26
CB MSE N 93 -7.96 19.02 -32.80
CG MSE N 93 -6.89 18.08 -32.26
SE MSE N 93 -5.07 18.63 -32.67
CE MSE N 93 -4.67 19.68 -31.07
N LEU N 94 -9.74 21.91 -32.17
CA LEU N 94 -10.82 22.79 -32.58
C LEU N 94 -10.52 24.25 -32.20
N ARG N 95 -9.24 24.57 -31.98
CA ARG N 95 -8.82 25.94 -31.62
C ARG N 95 -7.86 26.58 -32.63
N PHE N 96 -7.23 25.75 -33.47
CA PHE N 96 -6.32 26.24 -34.51
C PHE N 96 -6.62 25.53 -35.83
N THR N 97 -5.98 26.01 -36.90
CA THR N 97 -6.11 25.41 -38.23
C THR N 97 -4.77 24.83 -38.68
N GLY N 98 -4.80 23.96 -39.68
CA GLY N 98 -3.59 23.39 -40.26
C GLY N 98 -2.74 24.40 -41.00
N GLU N 99 -3.40 25.44 -41.52
CA GLU N 99 -2.70 26.52 -42.24
C GLU N 99 -1.83 27.34 -41.29
N GLU N 100 -2.39 27.71 -40.14
CA GLU N 100 -1.65 28.43 -39.10
C GLU N 100 -0.45 27.61 -38.62
N VAL N 101 -0.68 26.32 -38.39
CA VAL N 101 0.34 25.42 -37.87
C VAL N 101 1.44 25.19 -38.91
N ALA N 102 1.05 25.01 -40.16
CA ALA N 102 2.02 24.89 -41.26
C ALA N 102 2.88 26.14 -41.38
N LYS N 103 2.23 27.31 -41.43
CA LYS N 103 2.94 28.59 -41.51
C LYS N 103 3.91 28.81 -40.36
N TYR N 104 3.53 28.36 -39.16
CA TYR N 104 4.38 28.45 -37.99
C TYR N 104 5.67 27.66 -38.18
N PHE N 105 5.55 26.43 -38.66
CA PHE N 105 6.72 25.58 -38.89
C PHE N 105 7.57 26.05 -40.07
N ILE N 106 6.93 26.62 -41.08
CA ILE N 106 7.65 27.20 -42.21
C ILE N 106 8.53 28.36 -41.73
N SER N 107 7.98 29.19 -40.84
CA SER N 107 8.73 30.32 -40.27
C SER N 107 9.91 29.88 -39.40
N LYS N 108 9.80 28.70 -38.79
CA LYS N 108 10.90 28.13 -38.00
C LYS N 108 11.98 27.49 -38.88
N GLY N 109 11.67 27.30 -40.16
CA GLY N 109 12.63 26.75 -41.13
C GLY N 109 12.40 25.31 -41.51
N ILE N 110 11.19 24.81 -41.29
CA ILE N 110 10.84 23.43 -41.63
C ILE N 110 10.45 23.33 -43.10
N LYS N 111 10.75 22.18 -43.72
CA LYS N 111 10.41 21.91 -45.10
C LYS N 111 9.36 20.78 -45.14
N PRO N 112 8.07 21.14 -45.30
CA PRO N 112 6.96 20.18 -45.30
C PRO N 112 7.18 18.95 -46.18
N THR N 113 7.84 19.13 -47.32
CA THR N 113 8.13 18.03 -48.23
C THR N 113 9.19 17.08 -47.68
N GLU N 114 10.22 17.64 -47.03
CA GLU N 114 11.41 16.89 -46.66
C GLU N 114 11.48 16.46 -45.17
N VAL N 115 10.51 16.88 -44.37
CA VAL N 115 10.47 16.49 -42.95
C VAL N 115 9.97 15.04 -42.81
N GLN N 116 10.64 14.26 -41.97
CA GLN N 116 10.30 12.85 -41.76
C GLN N 116 9.12 12.70 -40.80
N LEU N 117 7.94 12.42 -41.35
CA LEU N 117 6.73 12.27 -40.53
C LEU N 117 6.77 10.99 -39.70
N ASP N 118 7.42 9.95 -40.22
CA ASP N 118 7.57 8.68 -39.51
C ASP N 118 8.97 8.11 -39.76
N PRO N 119 9.95 8.50 -38.93
CA PRO N 119 11.33 8.01 -39.07
C PRO N 119 11.48 6.49 -39.13
N LEU N 120 10.62 5.76 -38.41
CA LEU N 120 10.65 4.30 -38.42
C LEU N 120 9.91 3.67 -39.62
N LEU N 121 9.17 4.50 -40.36
CA LEU N 121 8.49 4.05 -41.59
C LEU N 121 8.75 5.04 -42.72
N PRO N 122 9.90 4.90 -43.42
CA PRO N 122 10.24 5.79 -44.53
C PRO N 122 9.20 5.78 -45.66
N ALA N 123 8.51 4.67 -45.85
CA ALA N 123 7.47 4.53 -46.88
C ALA N 123 6.36 5.58 -46.78
N PHE N 124 6.21 6.20 -45.61
CA PHE N 124 5.23 7.28 -45.42
C PHE N 124 5.82 8.62 -45.84
N ARG N 125 5.33 9.15 -46.95
CA ARG N 125 5.71 10.47 -47.45
C ARG N 125 4.47 11.22 -47.93
N ILE N 126 4.57 12.53 -48.07
CA ILE N 126 3.41 13.36 -48.46
C ILE N 126 3.60 14.16 -49.76
N SER N 127 4.79 14.75 -49.93
CA SER N 127 5.14 15.50 -51.16
C SER N 127 4.15 16.61 -51.53
N SER N 128 3.67 17.34 -50.53
CA SER N 128 2.74 18.45 -50.75
C SER N 128 2.54 19.26 -49.47
N GLU N 129 2.35 20.57 -49.61
CA GLU N 129 2.04 21.43 -48.47
C GLU N 129 0.62 21.19 -47.98
N GLU N 130 -0.29 20.90 -48.93
CA GLU N 130 -1.70 20.66 -48.61
C GLU N 130 -1.88 19.34 -47.85
N ASP N 131 -1.04 18.36 -48.13
CA ASP N 131 -1.04 17.08 -47.39
C ASP N 131 -0.53 17.27 -45.96
N PHE N 132 0.52 18.08 -45.82
CA PHE N 132 1.09 18.42 -44.51
C PHE N 132 0.07 19.13 -43.61
N ILE N 133 -0.78 19.96 -44.22
CA ILE N 133 -1.86 20.62 -43.49
C ILE N 133 -2.89 19.62 -42.99
N LYS N 134 -3.38 18.76 -43.88
CA LYS N 134 -4.39 17.75 -43.54
C LYS N 134 -3.84 16.69 -42.57
N TRP N 135 -2.51 16.52 -42.56
CA TRP N 135 -1.84 15.57 -41.68
C TRP N 135 -2.04 15.89 -40.18
N PHE N 136 -2.11 17.18 -39.84
CA PHE N 136 -2.31 17.58 -38.44
C PHE N 136 -3.70 17.24 -37.92
N LYS N 137 -4.66 17.07 -38.83
CA LYS N 137 -6.02 16.62 -38.49
C LYS N 137 -6.76 17.56 -37.53
N PHE N 138 -6.66 18.85 -37.79
CA PHE N 138 -7.48 19.83 -37.07
C PHE N 138 -8.91 19.76 -37.56
N TYR N 139 -9.86 19.90 -36.63
CA TYR N 139 -11.29 19.78 -36.89
C TYR N 139 -11.75 20.55 -38.12
N GLU N 140 -11.31 21.80 -38.23
CA GLU N 140 -11.73 22.71 -39.29
C GLU N 140 -11.36 22.20 -40.68
N ASP N 141 -10.15 21.63 -40.80
CA ASP N 141 -9.65 21.13 -42.08
C ASP N 141 -10.29 19.80 -42.50
N LEU N 142 -10.85 19.08 -41.53
CA LEU N 142 -11.55 17.82 -41.80
C LEU N 142 -13.05 18.01 -41.98
N GLY N 143 -13.52 19.25 -41.87
CA GLY N 143 -14.93 19.58 -42.05
C GLY N 143 -15.80 19.17 -40.87
N VAL N 144 -15.20 19.10 -39.68
CA VAL N 144 -15.91 18.72 -38.46
C VAL N 144 -16.16 19.96 -37.59
N LYS N 145 -17.38 20.09 -37.09
CA LYS N 145 -17.81 21.31 -36.41
C LYS N 145 -17.79 21.21 -34.88
N SER N 146 -17.91 20.00 -34.34
CA SER N 146 -17.99 19.79 -32.90
C SER N 146 -17.38 18.46 -32.47
N PRO N 147 -17.00 18.33 -31.18
CA PRO N 147 -16.54 17.04 -30.67
C PRO N 147 -17.61 15.95 -30.76
N ASP N 148 -18.88 16.35 -30.72
CA ASP N 148 -20.00 15.43 -30.95
C ASP N 148 -19.86 14.76 -32.32
N GLU N 149 -19.70 15.59 -33.34
CA GLU N 149 -19.56 15.11 -34.72
C GLU N 149 -18.31 14.24 -34.90
N MSE N 150 -17.21 14.62 -34.27
CA MSE N 150 -15.96 13.88 -34.39
C MSE N 150 -16.03 12.50 -33.75
O MSE N 150 -15.38 11.56 -34.21
CB MSE N 150 -14.79 14.68 -33.79
CG MSE N 150 -13.40 14.08 -34.03
SE MSE N 150 -12.93 13.90 -35.93
CE MSE N 150 -12.33 15.73 -36.26
N ALA N 151 -16.80 12.37 -32.66
CA ALA N 151 -16.98 11.08 -32.00
C ALA N 151 -17.73 10.11 -32.91
N LEU N 152 -18.79 10.60 -33.55
CA LEU N 152 -19.54 9.83 -34.55
C LEU N 152 -18.67 9.43 -35.75
N LYS N 153 -17.83 10.34 -36.20
CA LYS N 153 -16.95 10.09 -37.35
C LYS N 153 -15.93 9.00 -37.04
N GLY N 154 -15.34 9.06 -35.85
CA GLY N 154 -14.41 8.02 -35.40
C GLY N 154 -15.07 6.65 -35.31
N VAL N 155 -16.28 6.62 -34.76
CA VAL N 155 -17.06 5.39 -34.67
C VAL N 155 -17.31 4.80 -36.04
N GLU N 156 -17.73 5.65 -36.98
CA GLU N 156 -18.02 5.24 -38.36
C GLU N 156 -16.78 4.66 -39.03
N ILE N 157 -15.66 5.38 -38.94
CA ILE N 157 -14.42 4.97 -39.60
C ILE N 157 -13.97 3.59 -39.14
N LEU N 158 -13.93 3.39 -37.82
CA LEU N 158 -13.55 2.11 -37.24
C LEU N 158 -14.51 0.99 -37.63
N ARG N 159 -15.81 1.32 -37.64
CA ARG N 159 -16.85 0.34 -37.97
C ARG N 159 -16.76 -0.16 -39.42
N ASN N 160 -16.32 0.71 -40.33
CA ASN N 160 -16.21 0.36 -41.74
C ASN N 160 -14.83 -0.13 -42.18
N HIS N 161 -13.89 -0.25 -41.22
CA HIS N 161 -12.50 -0.60 -41.55
C HIS N 161 -12.29 -2.13 -41.51
N PRO N 162 -11.63 -2.67 -42.55
CA PRO N 162 -11.46 -4.13 -42.67
C PRO N 162 -10.55 -4.77 -41.62
N LEU N 163 -9.61 -4.00 -41.06
CA LEU N 163 -8.68 -4.52 -40.06
C LEU N 163 -9.31 -4.70 -38.67
N ILE N 164 -10.53 -4.18 -38.47
CA ILE N 164 -11.24 -4.31 -37.20
C ILE N 164 -12.45 -5.26 -37.36
N PRO N 165 -12.48 -6.36 -36.58
CA PRO N 165 -13.55 -7.36 -36.68
C PRO N 165 -14.97 -6.80 -36.57
N LYS N 166 -15.91 -7.42 -37.26
CA LYS N 166 -17.27 -6.90 -37.37
C LYS N 166 -18.15 -7.23 -36.16
N ASP N 167 -17.74 -8.23 -35.38
CA ASP N 167 -18.42 -8.58 -34.12
C ASP N 167 -18.08 -7.60 -32.97
N VAL N 168 -17.08 -6.75 -33.18
CA VAL N 168 -16.69 -5.74 -32.18
C VAL N 168 -17.73 -4.62 -32.11
N ARG N 169 -18.20 -4.34 -30.90
CA ARG N 169 -19.16 -3.25 -30.68
C ARG N 169 -18.41 -1.93 -30.57
N ILE N 170 -18.98 -0.88 -31.15
CA ILE N 170 -18.35 0.46 -31.14
C ILE N 170 -19.36 1.54 -30.74
N THR N 171 -19.00 2.36 -29.75
CA THR N 171 -19.84 3.45 -29.27
C THR N 171 -19.03 4.74 -29.10
N GLY N 172 -19.70 5.88 -29.25
CA GLY N 172 -19.05 7.19 -29.17
C GLY N 172 -19.62 8.07 -28.08
N TYR N 173 -18.73 8.82 -27.40
CA TYR N 173 -19.12 9.77 -26.36
C TYR N 173 -18.28 11.03 -26.43
N VAL N 174 -18.76 12.09 -25.79
CA VAL N 174 -18.00 13.33 -25.64
C VAL N 174 -17.74 13.59 -24.16
N TYR N 175 -16.48 13.75 -23.82
CA TYR N 175 -16.07 14.11 -22.46
C TYR N 175 -16.18 15.62 -22.29
N GLU N 176 -17.02 16.05 -21.37
CA GLU N 176 -17.13 17.46 -21.01
C GLU N 176 -16.09 17.82 -19.96
N VAL N 177 -15.07 18.58 -20.37
CA VAL N 177 -14.01 19.01 -19.46
C VAL N 177 -14.52 19.95 -18.36
N GLU N 178 -15.60 20.68 -18.65
CA GLU N 178 -16.18 21.60 -17.68
C GLU N 178 -16.87 20.88 -16.51
N THR N 179 -17.30 19.64 -16.73
CA THR N 179 -17.96 18.85 -15.69
C THR N 179 -17.34 17.46 -15.45
N HIS N 180 -16.21 17.17 -16.09
CA HIS N 180 -15.53 15.88 -15.97
C HIS N 180 -16.48 14.68 -16.15
N ARG N 181 -17.31 14.75 -17.18
CA ARG N 181 -18.40 13.79 -17.37
C ARG N 181 -18.68 13.55 -18.85
N LEU N 182 -19.02 12.32 -19.20
CA LEU N 182 -19.40 11.97 -20.58
C LEU N 182 -20.82 12.46 -20.92
N ARG N 183 -21.05 12.68 -22.21
CA ARG N 183 -22.40 12.85 -22.74
C ARG N 183 -22.55 12.07 -24.05
N LYS N 184 -23.78 11.74 -24.41
CA LYS N 184 -24.07 11.17 -25.73
C LYS N 184 -23.92 12.27 -26.77
N PRO N 185 -23.34 11.95 -27.94
CA PRO N 185 -23.19 12.92 -29.01
C PRO N 185 -24.50 13.66 -29.33
N ASN N 186 -24.43 14.99 -29.36
CA ASN N 186 -25.58 15.86 -29.67
C ASN N 186 -26.68 15.92 -28.61
N GLN N 187 -26.46 15.28 -27.46
CA GLN N 187 -27.42 15.35 -26.35
C GLN N 187 -27.00 16.47 -25.39
N ILE N 188 -27.57 17.65 -25.62
CA ILE N 188 -27.25 18.84 -24.83
C ILE N 188 -28.54 19.32 -24.14
N ILE N 189 -28.52 19.32 -22.81
CA ILE N 189 -29.68 19.75 -22.03
C ILE N 189 -29.44 21.06 -21.26
N TYR N 190 -28.28 21.65 -21.45
CA TYR N 190 -27.92 22.91 -20.80
C TYR N 190 -28.83 24.05 -21.24
N ASN N 191 -29.24 24.02 -22.51
CA ASN N 191 -30.24 24.97 -23.04
C ASN N 191 -31.63 24.68 -22.49
N GLU N 192 -31.98 23.39 -22.47
CA GLU N 192 -33.31 22.92 -22.10
C GLU N 192 -33.68 23.25 -20.64
N THR N 193 -32.67 23.28 -19.77
CA THR N 193 -32.89 23.52 -18.35
C THR N 193 -33.12 25.00 -18.02
N SER N 194 -32.66 25.89 -18.89
CA SER N 194 -32.67 27.33 -18.63
C SER N 194 -33.76 28.11 -19.37
N LYS N 195 -34.74 27.41 -19.92
CA LYS N 195 -35.89 28.04 -20.58
C LYS N 195 -37.16 27.27 -20.25
N PHE N 196 -38.31 27.80 -20.68
CA PHE N 196 -39.59 27.15 -20.39
C PHE N 196 -39.77 25.88 -21.19
N GLU N 197 -40.14 24.81 -20.50
CA GLU N 197 -40.62 23.59 -21.14
C GLU N 197 -41.78 23.07 -20.30
N HIS N 198 -42.91 22.80 -20.95
CA HIS N 198 -44.10 22.34 -20.24
C HIS N 198 -43.84 21.01 -19.55
N GLY N 199 -43.96 21.00 -18.23
CA GLY N 199 -43.74 19.81 -17.42
C GLY N 199 -45.02 19.03 -17.22
N THR N 200 -44.93 17.95 -16.44
CA THR N 200 -46.08 17.10 -16.16
C THR N 200 -46.23 16.89 -14.65
N ILE N 201 -47.48 16.71 -14.21
CA ILE N 201 -47.76 16.47 -12.79
C ILE N 201 -47.26 15.09 -12.40
N VAL N 202 -46.73 14.98 -11.17
CA VAL N 202 -46.24 13.72 -10.66
C VAL N 202 -47.44 12.81 -10.34
N LYS N 203 -47.39 11.58 -10.83
CA LYS N 203 -48.51 10.65 -10.69
C LYS N 203 -48.40 9.85 -9.39
N VAL O 2 9.95 16.51 -13.57
CA VAL O 2 9.49 15.19 -13.07
C VAL O 2 10.61 14.15 -13.16
N SER O 3 11.43 14.25 -14.21
CA SER O 3 12.51 13.32 -14.45
C SER O 3 13.50 13.23 -13.29
N GLU O 4 13.86 14.38 -12.72
CA GLU O 4 14.82 14.42 -11.60
C GLU O 4 14.26 13.84 -10.29
N TYR O 5 12.95 13.86 -10.12
CA TYR O 5 12.29 13.19 -8.99
C TYR O 5 12.31 11.67 -9.15
N ILE O 6 12.03 11.20 -10.36
CA ILE O 6 12.02 9.77 -10.68
C ILE O 6 13.40 9.16 -10.52
N ASP O 7 14.41 9.84 -11.07
CA ASP O 7 15.80 9.41 -10.97
C ASP O 7 16.26 9.38 -9.50
N SER O 8 15.90 10.42 -8.76
CA SER O 8 16.19 10.49 -7.32
C SER O 8 15.58 9.29 -6.59
N GLU O 9 14.34 8.97 -6.94
CA GLU O 9 13.61 7.90 -6.30
C GLU O 9 14.16 6.52 -6.68
N LEU O 10 14.68 6.38 -7.90
CA LEU O 10 15.29 5.12 -8.34
C LEU O 10 16.67 4.88 -7.72
N LYS O 11 17.42 5.96 -7.48
CA LYS O 11 18.70 5.87 -6.78
C LYS O 11 18.51 5.37 -5.35
N ARG O 12 17.44 5.84 -4.70
CA ARG O 12 17.08 5.39 -3.36
C ARG O 12 16.72 3.90 -3.33
N LEU O 13 16.02 3.45 -4.36
CA LEU O 13 15.71 2.02 -4.54
C LEU O 13 17.00 1.21 -4.75
N GLU O 14 17.91 1.75 -5.55
CA GLU O 14 19.17 1.08 -5.83
C GLU O 14 20.01 0.92 -4.56
N ASP O 15 20.10 1.99 -3.77
CA ASP O 15 20.82 1.96 -2.50
C ASP O 15 20.25 0.91 -1.56
N TYR O 16 18.93 0.88 -1.44
CA TYR O 16 18.23 -0.07 -0.57
C TYR O 16 18.44 -1.52 -1.02
N ALA O 17 18.33 -1.77 -2.32
CA ALA O 17 18.49 -3.11 -2.87
C ALA O 17 19.93 -3.63 -2.80
N LEU O 18 20.91 -2.74 -2.75
CA LEU O 18 22.32 -3.12 -2.77
C LEU O 18 23.13 -2.62 -1.56
N ARG O 19 22.50 -2.62 -0.39
CA ARG O 19 23.15 -2.17 0.85
C ARG O 19 24.45 -2.94 1.13
N ARG O 20 24.40 -4.27 0.93
CA ARG O 20 25.54 -5.13 1.20
C ARG O 20 26.67 -5.02 0.18
N VAL O 21 26.34 -4.61 -1.05
CA VAL O 21 27.37 -4.30 -2.03
C VAL O 21 28.00 -2.92 -1.75
N LYS O 22 27.17 -1.94 -1.42
CA LYS O 22 27.61 -0.56 -1.25
C LYS O 22 28.16 -0.21 0.14
N GLY O 23 28.05 -1.13 1.10
CA GLY O 23 28.56 -0.90 2.44
C GLY O 23 27.66 0.03 3.24
N ILE O 24 26.36 -0.28 3.22
CA ILE O 24 25.36 0.49 3.97
C ILE O 24 24.85 -0.40 5.11
N PRO O 25 24.90 0.11 6.36
CA PRO O 25 24.45 -0.67 7.50
C PRO O 25 22.93 -0.66 7.66
N ASN O 26 22.41 -1.40 8.63
CA ASN O 26 21.01 -1.26 9.03
C ASN O 26 20.80 0.09 9.72
N ASN O 27 19.56 0.57 9.75
CA ASN O 27 19.27 1.96 10.13
C ASN O 27 19.77 2.38 11.52
N ARG O 28 19.73 1.46 12.49
CA ARG O 28 20.13 1.76 13.86
C ARG O 28 21.41 1.05 14.28
N ARG O 29 22.13 0.47 13.31
CA ARG O 29 23.40 -0.21 13.55
C ARG O 29 23.28 -1.15 14.76
N LEU O 30 22.26 -2.00 14.74
CA LEU O 30 21.90 -2.86 15.86
C LEU O 30 21.79 -4.31 15.42
N TRP O 31 22.20 -5.22 16.30
CA TRP O 31 22.06 -6.66 16.08
C TRP O 31 21.41 -7.28 17.30
N VAL O 32 20.30 -7.99 17.10
CA VAL O 32 19.54 -8.58 18.21
C VAL O 32 19.68 -10.11 18.24
N LEU O 33 20.06 -10.63 19.41
CA LEU O 33 20.03 -12.07 19.65
C LEU O 33 18.79 -12.34 20.47
N THR O 34 17.79 -12.98 19.86
CA THR O 34 16.56 -13.29 20.55
C THR O 34 16.06 -14.69 20.21
N CYS O 35 14.83 -14.99 20.58
CA CYS O 35 14.32 -16.34 20.54
C CYS O 35 13.49 -16.62 19.29
N MSE O 36 13.50 -17.89 18.93
CA MSE O 36 12.72 -18.44 17.83
C MSE O 36 11.22 -18.44 18.13
O MSE O 36 10.39 -18.35 17.22
CB MSE O 36 13.24 -19.88 17.62
CG MSE O 36 12.37 -20.82 16.87
SE MSE O 36 13.21 -22.57 16.96
CE MSE O 36 12.43 -23.20 18.64
N ASP O 37 10.88 -18.48 19.43
CA ASP O 37 9.49 -18.56 19.90
C ASP O 37 8.53 -17.60 19.19
N GLU O 38 7.33 -18.08 18.88
CA GLU O 38 6.33 -17.33 18.12
C GLU O 38 5.66 -16.21 18.94
N ARG O 39 5.74 -16.31 20.27
CA ARG O 39 5.14 -15.31 21.16
C ARG O 39 6.06 -14.11 21.39
N VAL O 40 7.32 -14.22 20.96
CA VAL O 40 8.28 -13.13 21.09
C VAL O 40 8.18 -12.20 19.89
N HIS O 41 7.36 -11.16 20.04
CA HIS O 41 7.19 -10.15 18.99
C HIS O 41 8.24 -9.07 19.26
N ILE O 42 9.42 -9.30 18.69
CA ILE O 42 10.64 -8.63 19.14
C ILE O 42 10.74 -7.14 18.78
N GLU O 43 10.31 -6.77 17.57
CA GLU O 43 10.51 -5.39 17.08
C GLU O 43 9.79 -4.35 17.93
N GLN O 44 8.51 -4.57 18.21
CA GLN O 44 7.72 -3.61 18.97
C GLN O 44 8.15 -3.50 20.44
N SER O 45 8.70 -4.58 20.99
CA SER O 45 9.19 -4.57 22.37
C SER O 45 10.52 -3.82 22.52
N LEU O 46 11.34 -3.86 21.47
CA LEU O 46 12.58 -3.08 21.42
C LEU O 46 12.31 -1.61 21.03
N GLY O 47 11.13 -1.33 20.51
CA GLY O 47 10.75 0.01 20.10
C GLY O 47 11.35 0.42 18.76
N ILE O 48 11.54 -0.56 17.86
CA ILE O 48 12.19 -0.29 16.58
C ILE O 48 11.28 -0.59 15.39
N GLN O 49 11.71 -0.12 14.22
CA GLN O 49 10.95 -0.20 12.97
C GLN O 49 11.58 -1.26 12.06
N PRO O 50 10.83 -1.70 11.02
CA PRO O 50 11.25 -2.81 10.15
C PRO O 50 12.71 -2.86 9.69
N ASP O 51 13.30 -1.74 9.26
CA ASP O 51 14.66 -1.75 8.69
C ASP O 51 15.76 -1.36 9.68
N ASP O 52 15.47 -1.44 10.98
CA ASP O 52 16.37 -0.90 12.00
C ASP O 52 17.49 -1.84 12.44
N ALA O 53 17.24 -3.15 12.43
CA ALA O 53 18.19 -4.09 13.03
C ALA O 53 18.31 -5.43 12.29
N HIS O 54 19.46 -6.08 12.48
CA HIS O 54 19.65 -7.47 12.09
C HIS O 54 19.19 -8.34 13.24
N ILE O 55 18.17 -9.16 13.01
CA ILE O 55 17.60 -9.97 14.08
C ILE O 55 17.98 -11.44 13.90
N TYR O 56 18.84 -11.91 14.80
CA TYR O 56 19.22 -13.31 14.87
C TYR O 56 18.26 -14.02 15.82
N ARG O 57 17.80 -15.21 15.45
CA ARG O 57 16.83 -15.95 16.27
C ARG O 57 17.12 -17.44 16.24
N ASN O 58 17.16 -18.05 17.44
CA ASN O 58 17.35 -19.49 17.56
C ASN O 58 16.50 -20.06 18.70
N ALA O 59 16.63 -21.36 18.95
CA ALA O 59 15.95 -21.98 20.07
C ALA O 59 16.56 -21.51 21.39
N GLY O 60 15.87 -20.58 22.06
CA GLY O 60 16.26 -20.11 23.39
C GLY O 60 16.87 -18.73 23.47
N GLY O 61 17.37 -18.21 22.35
CA GLY O 61 18.14 -16.96 22.35
C GLY O 61 19.48 -17.16 23.04
N ILE O 62 20.13 -18.27 22.72
CA ILE O 62 21.37 -18.70 23.38
C ILE O 62 22.54 -18.49 22.43
N VAL O 63 23.70 -18.18 22.98
CA VAL O 63 24.91 -17.92 22.19
C VAL O 63 25.51 -19.23 21.68
N THR O 64 25.36 -19.47 20.37
CA THR O 64 25.93 -20.62 19.70
C THR O 64 26.98 -20.14 18.71
N ASP O 65 27.64 -21.08 18.02
CA ASP O 65 28.66 -20.72 17.05
C ASP O 65 28.08 -19.95 15.88
N ASP O 66 26.83 -20.25 15.52
CA ASP O 66 26.13 -19.55 14.44
C ASP O 66 25.81 -18.11 14.88
N ALA O 67 25.43 -17.93 16.13
CA ALA O 67 25.21 -16.59 16.69
C ALA O 67 26.50 -15.78 16.65
N ILE O 68 27.59 -16.40 17.09
CA ILE O 68 28.91 -15.77 17.06
C ILE O 68 29.37 -15.50 15.62
N ARG O 69 29.14 -16.48 14.73
CA ARG O 69 29.40 -16.31 13.30
C ARG O 69 28.64 -15.09 12.78
N SER O 70 27.34 -15.06 13.06
CA SER O 70 26.47 -13.98 12.60
C SER O 70 26.82 -12.64 13.24
N ALA O 71 27.09 -12.66 14.54
CA ALA O 71 27.45 -11.44 15.27
C ALA O 71 28.79 -10.83 14.80
N SER O 72 29.76 -11.69 14.51
CA SER O 72 31.08 -11.23 14.07
C SER O 72 31.03 -10.55 12.70
N LEU O 73 30.22 -11.08 11.79
CA LEU O 73 30.12 -10.51 10.43
C LEU O 73 29.39 -9.18 10.41
N THR O 74 28.28 -9.08 11.15
CA THR O 74 27.50 -7.84 11.20
C THR O 74 28.29 -6.69 11.82
N THR O 75 29.05 -7.00 12.88
CA THR O 75 29.78 -5.98 13.63
C THR O 75 31.08 -5.55 12.93
N ASN O 76 31.82 -6.52 12.39
CA ASN O 76 33.08 -6.23 11.71
C ASN O 76 32.91 -5.69 10.29
N PHE O 77 31.85 -6.12 9.59
CA PHE O 77 31.72 -5.84 8.15
C PHE O 77 30.47 -5.04 7.74
N PHE O 78 29.34 -5.30 8.37
CA PHE O 78 28.09 -4.59 8.04
C PHE O 78 27.82 -3.39 8.95
N GLY O 79 28.76 -3.10 9.86
CA GLY O 79 28.76 -1.84 10.60
C GLY O 79 27.87 -1.73 11.82
N THR O 80 27.52 -2.87 12.42
CA THR O 80 26.70 -2.87 13.63
C THR O 80 27.56 -2.48 14.84
N LYS O 81 27.07 -1.51 15.61
CA LYS O 81 27.80 -0.98 16.76
C LYS O 81 27.11 -1.27 18.11
N GLU O 82 25.94 -1.90 18.07
CA GLU O 82 25.19 -2.22 19.28
C GLU O 82 24.60 -3.63 19.21
N ILE O 83 24.62 -4.34 20.33
CA ILE O 83 24.03 -5.67 20.43
C ILE O 83 23.05 -5.72 21.59
N ILE O 84 21.89 -6.34 21.37
CA ILE O 84 20.92 -6.56 22.43
C ILE O 84 20.55 -8.04 22.47
N VAL O 85 20.73 -8.67 23.65
CA VAL O 85 20.36 -10.06 23.86
C VAL O 85 19.00 -10.10 24.54
N VAL O 86 18.07 -10.89 23.99
CA VAL O 86 16.71 -10.98 24.51
C VAL O 86 16.24 -12.42 24.64
N THR O 87 16.35 -12.97 25.85
CA THR O 87 15.78 -14.28 26.17
C THR O 87 14.30 -14.06 26.50
N HIS O 88 13.57 -15.13 26.86
CA HIS O 88 12.15 -14.98 27.20
C HIS O 88 11.64 -15.95 28.25
N THR O 89 10.46 -15.64 28.78
CA THR O 89 9.78 -16.47 29.76
C THR O 89 9.04 -17.61 29.08
N ASP O 90 8.86 -18.72 29.81
CA ASP O 90 8.27 -19.95 29.28
C ASP O 90 9.03 -20.46 28.07
N CYS O 91 10.37 -20.32 28.11
CA CYS O 91 11.24 -20.75 27.04
C CYS O 91 11.31 -22.27 27.00
N GLY O 92 11.19 -22.85 25.81
CA GLY O 92 11.23 -24.30 25.64
C GLY O 92 12.50 -24.96 26.15
N MSE O 93 13.59 -24.20 26.17
CA MSE O 93 14.87 -24.70 26.64
C MSE O 93 14.90 -24.81 28.18
O MSE O 93 15.86 -25.36 28.75
CB MSE O 93 16.01 -23.79 26.16
CG MSE O 93 16.00 -23.49 24.66
SE MSE O 93 15.85 -25.07 23.50
CE MSE O 93 13.92 -25.15 23.27
N LEU O 94 13.86 -24.30 28.83
CA LEU O 94 13.69 -24.38 30.27
C LEU O 94 12.52 -25.30 30.63
N ARG O 95 12.07 -26.11 29.67
CA ARG O 95 10.99 -27.08 29.90
C ARG O 95 11.40 -28.54 29.68
N PHE O 96 12.60 -28.77 29.16
CA PHE O 96 13.11 -30.12 28.94
C PHE O 96 14.59 -30.19 29.33
N THR O 97 15.08 -31.41 29.48
CA THR O 97 16.49 -31.67 29.73
C THR O 97 17.11 -32.28 28.48
N GLY O 98 18.41 -32.06 28.28
CA GLY O 98 19.13 -32.68 27.17
C GLY O 98 19.16 -34.19 27.23
N GLU O 99 19.06 -34.74 28.45
CA GLU O 99 19.01 -36.18 28.65
C GLU O 99 17.70 -36.76 28.09
N GLU O 100 16.59 -36.10 28.39
CA GLU O 100 15.28 -36.49 27.88
C GLU O 100 15.23 -36.41 26.34
N VAL O 101 15.89 -35.42 25.77
CA VAL O 101 15.88 -35.20 24.32
C VAL O 101 16.81 -36.20 23.61
N ALA O 102 17.99 -36.40 24.16
CA ALA O 102 18.95 -37.35 23.59
C ALA O 102 18.38 -38.78 23.59
N LYS O 103 17.77 -39.17 24.71
CA LYS O 103 17.15 -40.49 24.84
C LYS O 103 16.00 -40.68 23.86
N TYR O 104 15.26 -39.59 23.58
CA TYR O 104 14.17 -39.62 22.61
C TYR O 104 14.68 -39.97 21.21
N PHE O 105 15.81 -39.38 20.82
CA PHE O 105 16.39 -39.61 19.50
C PHE O 105 17.15 -40.93 19.40
N ILE O 106 17.84 -41.31 20.47
CA ILE O 106 18.53 -42.60 20.54
C ILE O 106 17.53 -43.76 20.40
N SER O 107 16.35 -43.60 20.97
CA SER O 107 15.29 -44.61 20.86
C SER O 107 14.73 -44.71 19.43
N LYS O 108 14.85 -43.63 18.65
CA LYS O 108 14.39 -43.59 17.27
C LYS O 108 15.47 -43.99 16.26
N GLY O 109 16.66 -44.32 16.75
CA GLY O 109 17.73 -44.88 15.90
C GLY O 109 18.93 -43.99 15.64
N ILE O 110 18.89 -42.75 16.12
CA ILE O 110 20.00 -41.82 15.91
C ILE O 110 21.21 -42.23 16.77
N LYS O 111 22.40 -42.10 16.19
CA LYS O 111 23.65 -42.44 16.86
C LYS O 111 24.49 -41.19 17.07
N PRO O 112 24.50 -40.64 18.31
CA PRO O 112 25.17 -39.39 18.66
C PRO O 112 26.58 -39.20 18.09
N THR O 113 27.40 -40.24 18.16
CA THR O 113 28.82 -40.16 17.73
C THR O 113 28.99 -39.85 16.24
N GLU O 114 28.06 -40.31 15.40
CA GLU O 114 28.20 -40.17 13.94
C GLU O 114 27.03 -39.49 13.23
N VAL O 115 26.07 -38.97 13.98
CA VAL O 115 25.02 -38.12 13.40
C VAL O 115 25.66 -36.81 12.92
N GLN O 116 25.26 -36.36 11.74
CA GLN O 116 25.89 -35.20 11.11
C GLN O 116 25.22 -33.90 11.56
N LEU O 117 25.84 -33.23 12.51
CA LEU O 117 25.27 -32.03 13.13
C LEU O 117 25.31 -30.80 12.22
N ASP O 118 26.31 -30.73 11.34
CA ASP O 118 26.45 -29.62 10.40
C ASP O 118 26.91 -30.15 9.03
N PRO O 119 25.95 -30.52 8.14
CA PRO O 119 26.26 -31.06 6.82
C PRO O 119 27.22 -30.21 5.97
N LEU O 120 27.11 -28.89 6.09
CA LEU O 120 27.98 -27.97 5.34
C LEU O 120 29.34 -27.73 6.01
N LEU O 121 29.58 -28.35 7.16
CA LEU O 121 30.87 -28.27 7.86
C LEU O 121 31.16 -29.60 8.57
N PRO O 122 31.76 -30.57 7.85
CA PRO O 122 32.01 -31.89 8.44
C PRO O 122 33.11 -31.92 9.51
N ALA O 123 33.85 -30.83 9.66
CA ALA O 123 34.87 -30.71 10.70
C ALA O 123 34.27 -30.70 12.11
N PHE O 124 33.03 -30.23 12.23
CA PHE O 124 32.34 -30.21 13.52
C PHE O 124 31.83 -31.61 13.89
N ARG O 125 32.58 -32.27 14.78
CA ARG O 125 32.21 -33.59 15.29
C ARG O 125 32.24 -33.58 16.82
N ILE O 126 31.61 -34.59 17.43
CA ILE O 126 31.51 -34.67 18.90
C ILE O 126 32.11 -35.96 19.49
N SER O 127 31.73 -37.11 18.92
CA SER O 127 32.21 -38.42 19.38
C SER O 127 31.97 -38.68 20.88
N SER O 128 30.76 -38.37 21.34
CA SER O 128 30.35 -38.65 22.72
C SER O 128 28.86 -38.33 22.90
N GLU O 129 28.17 -39.09 23.75
CA GLU O 129 26.78 -38.79 24.09
C GLU O 129 26.71 -37.60 25.04
N GLU O 130 27.74 -37.44 25.86
CA GLU O 130 27.89 -36.27 26.73
C GLU O 130 27.79 -34.98 25.92
N ASP O 131 28.54 -34.92 24.82
CA ASP O 131 28.57 -33.75 23.95
C ASP O 131 27.24 -33.54 23.22
N PHE O 132 26.57 -34.63 22.85
CA PHE O 132 25.29 -34.57 22.14
C PHE O 132 24.19 -33.97 23.02
N ILE O 133 24.22 -34.28 24.31
CA ILE O 133 23.28 -33.72 25.28
C ILE O 133 23.56 -32.23 25.49
N LYS O 134 24.84 -31.87 25.65
CA LYS O 134 25.25 -30.47 25.81
C LYS O 134 25.00 -29.63 24.56
N TRP O 135 25.02 -30.28 23.40
CA TRP O 135 24.81 -29.61 22.11
C TRP O 135 23.44 -28.94 21.99
N PHE O 136 22.42 -29.55 22.58
CA PHE O 136 21.06 -29.00 22.55
C PHE O 136 20.94 -27.69 23.34
N LYS O 137 21.83 -27.50 24.31
CA LYS O 137 21.91 -26.27 25.11
C LYS O 137 20.62 -25.97 25.89
N PHE O 138 20.09 -26.99 26.57
CA PHE O 138 18.98 -26.80 27.49
C PHE O 138 19.50 -26.15 28.78
N TYR O 139 18.67 -25.29 29.37
CA TYR O 139 19.06 -24.45 30.52
C TYR O 139 19.73 -25.24 31.66
N GLU O 140 19.08 -26.32 32.09
CA GLU O 140 19.59 -27.11 33.22
C GLU O 140 20.97 -27.72 32.97
N ASP O 141 21.24 -28.12 31.73
CA ASP O 141 22.52 -28.73 31.36
C ASP O 141 23.66 -27.71 31.34
N LEU O 142 23.32 -26.44 31.17
CA LEU O 142 24.30 -25.34 31.20
C LEU O 142 24.40 -24.71 32.59
N GLY O 143 23.59 -25.17 33.53
CA GLY O 143 23.59 -24.63 34.90
C GLY O 143 22.93 -23.26 35.01
N VAL O 144 21.95 -23.01 34.14
CA VAL O 144 21.24 -21.74 34.12
C VAL O 144 19.84 -21.94 34.70
N LYS O 145 19.44 -21.03 35.59
CA LYS O 145 18.23 -21.18 36.39
C LYS O 145 17.03 -20.44 35.80
N SER O 146 17.28 -19.38 35.04
CA SER O 146 16.22 -18.50 34.55
C SER O 146 16.61 -17.77 33.27
N PRO O 147 15.61 -17.25 32.53
CA PRO O 147 15.93 -16.46 31.33
C PRO O 147 16.67 -15.17 31.63
N ASP O 148 16.45 -14.60 32.82
CA ASP O 148 17.20 -13.43 33.27
C ASP O 148 18.67 -13.74 33.31
N GLU O 149 19.00 -14.87 33.92
CA GLU O 149 20.38 -15.34 34.07
C GLU O 149 21.02 -15.65 32.71
N MSE O 150 20.23 -16.23 31.81
CA MSE O 150 20.71 -16.57 30.46
C MSE O 150 20.97 -15.33 29.61
O MSE O 150 21.90 -15.32 28.80
CB MSE O 150 19.69 -17.47 29.75
CG MSE O 150 20.17 -18.04 28.42
SE MSE O 150 21.77 -19.14 28.58
CE MSE O 150 20.92 -20.82 29.05
N ALA O 151 20.16 -14.29 29.80
CA ALA O 151 20.38 -13.01 29.15
C ALA O 151 21.73 -12.42 29.54
N LEU O 152 22.03 -12.43 30.83
CA LEU O 152 23.30 -11.94 31.36
C LEU O 152 24.47 -12.81 30.90
N LYS O 153 24.25 -14.13 30.89
CA LYS O 153 25.23 -15.11 30.40
C LYS O 153 25.61 -14.82 28.95
N GLY O 154 24.61 -14.54 28.12
CA GLY O 154 24.81 -14.25 26.70
C GLY O 154 25.59 -12.97 26.45
N VAL O 155 25.20 -11.90 27.14
CA VAL O 155 25.92 -10.63 27.08
C VAL O 155 27.39 -10.82 27.43
N GLU O 156 27.64 -11.52 28.53
CA GLU O 156 28.99 -11.77 29.01
C GLU O 156 29.83 -12.57 28.00
N ILE O 157 29.24 -13.59 27.40
CA ILE O 157 29.92 -14.40 26.38
C ILE O 157 30.34 -13.54 25.19
N LEU O 158 29.42 -12.71 24.70
CA LEU O 158 29.68 -11.84 23.55
C LEU O 158 30.61 -10.68 23.88
N ARG O 159 30.66 -10.31 25.16
CA ARG O 159 31.52 -9.20 25.63
C ARG O 159 32.99 -9.59 25.57
N ASN O 160 33.29 -10.84 25.93
CA ASN O 160 34.67 -11.33 26.04
C ASN O 160 35.18 -12.03 24.78
N HIS O 161 34.37 -12.09 23.73
CA HIS O 161 34.74 -12.83 22.51
C HIS O 161 35.63 -12.00 21.60
N PRO O 162 36.74 -12.59 21.12
CA PRO O 162 37.69 -11.84 20.28
C PRO O 162 37.16 -11.47 18.89
N LEU O 163 36.19 -12.23 18.37
CA LEU O 163 35.60 -11.95 17.06
C LEU O 163 34.66 -10.75 17.07
N ILE O 164 34.16 -10.39 18.26
CA ILE O 164 33.29 -9.21 18.40
C ILE O 164 34.11 -8.03 18.93
N PRO O 165 34.17 -6.92 18.17
CA PRO O 165 34.98 -5.75 18.55
C PRO O 165 34.66 -5.20 19.94
N LYS O 166 35.66 -4.56 20.57
CA LYS O 166 35.52 -3.99 21.91
C LYS O 166 34.61 -2.75 21.93
N ASP O 167 34.53 -2.04 20.81
CA ASP O 167 33.73 -0.80 20.74
C ASP O 167 32.20 -1.04 20.69
N VAL O 168 31.79 -2.28 20.42
CA VAL O 168 30.37 -2.63 20.33
C VAL O 168 29.74 -2.67 21.73
N ARG O 169 28.61 -1.98 21.89
CA ARG O 169 27.91 -1.91 23.17
C ARG O 169 26.90 -3.04 23.28
N ILE O 170 26.87 -3.71 24.43
CA ILE O 170 26.07 -4.92 24.62
C ILE O 170 25.17 -4.82 25.86
N THR O 171 23.89 -5.17 25.70
CA THR O 171 22.91 -5.12 26.78
C THR O 171 21.94 -6.31 26.70
N GLY O 172 21.44 -6.76 27.85
CA GLY O 172 20.54 -7.92 27.92
C GLY O 172 19.19 -7.62 28.54
N TYR O 173 18.14 -8.27 28.01
CA TYR O 173 16.79 -8.13 28.54
C TYR O 173 16.07 -9.47 28.47
N VAL O 174 14.92 -9.54 29.15
CA VAL O 174 14.06 -10.71 29.10
C VAL O 174 12.70 -10.32 28.55
N TYR O 175 12.22 -11.09 27.57
CA TYR O 175 10.90 -10.86 26.99
C TYR O 175 9.86 -11.59 27.81
N GLU O 176 8.88 -10.85 28.31
CA GLU O 176 7.78 -11.45 29.07
C GLU O 176 6.66 -11.84 28.12
N VAL O 177 6.61 -13.13 27.80
CA VAL O 177 5.57 -13.71 26.94
C VAL O 177 4.15 -13.39 27.45
N GLU O 178 4.00 -13.31 28.76
CA GLU O 178 2.71 -13.03 29.38
C GLU O 178 2.25 -11.57 29.27
N THR O 179 3.19 -10.64 29.06
CA THR O 179 2.86 -9.21 28.90
C THR O 179 3.34 -8.59 27.58
N HIS O 180 3.97 -9.39 26.71
CA HIS O 180 4.53 -8.90 25.44
C HIS O 180 5.39 -7.66 25.64
N ARG O 181 6.30 -7.75 26.59
CA ARG O 181 7.05 -6.59 27.07
C ARG O 181 8.39 -7.04 27.64
N LEU O 182 9.39 -6.16 27.54
CA LEU O 182 10.71 -6.44 28.10
C LEU O 182 10.77 -6.12 29.60
N ARG O 183 11.70 -6.78 30.27
CA ARG O 183 12.17 -6.37 31.58
C ARG O 183 13.68 -6.55 31.60
N LYS O 184 14.39 -5.77 32.41
CA LYS O 184 15.83 -6.01 32.58
C LYS O 184 15.99 -7.18 33.55
N PRO O 185 17.07 -7.97 33.40
CA PRO O 185 17.23 -9.18 34.21
C PRO O 185 17.12 -8.96 35.72
N ASN O 186 16.34 -9.81 36.38
CA ASN O 186 16.15 -9.81 37.83
C ASN O 186 15.34 -8.64 38.41
N GLN O 187 14.69 -7.85 37.55
CA GLN O 187 13.82 -6.77 38.02
C GLN O 187 12.36 -7.24 37.98
N ILE O 188 12.02 -8.10 38.93
CA ILE O 188 10.67 -8.65 39.07
C ILE O 188 9.93 -7.91 40.18
N ILE O 189 8.69 -7.50 39.91
CA ILE O 189 7.92 -6.69 40.86
C ILE O 189 6.48 -7.18 41.08
N TYR O 190 6.20 -8.42 40.67
CA TYR O 190 4.83 -8.93 40.66
C TYR O 190 4.32 -9.37 42.04
N ASN O 191 5.24 -9.68 42.96
CA ASN O 191 4.88 -9.96 44.36
C ASN O 191 5.01 -8.71 45.23
N GLU O 192 5.95 -7.82 44.88
CA GLU O 192 6.11 -6.53 45.56
C GLU O 192 4.83 -5.68 45.47
N THR O 193 4.18 -5.70 44.31
CA THR O 193 2.93 -4.97 44.10
C THR O 193 1.72 -5.63 44.77
N SER O 194 1.85 -6.90 45.15
CA SER O 194 0.78 -7.64 45.84
C SER O 194 1.06 -7.81 47.35
N LYS O 195 2.13 -7.19 47.84
CA LYS O 195 2.53 -7.25 49.25
C LYS O 195 2.51 -5.86 49.86
N PHE O 196 2.53 -5.81 51.19
CA PHE O 196 2.69 -4.55 51.90
C PHE O 196 4.12 -4.03 51.74
N GLU O 197 4.22 -2.73 51.47
CA GLU O 197 5.49 -2.02 51.55
C GLU O 197 5.18 -0.58 51.93
N HIS O 198 5.95 -0.02 52.85
CA HIS O 198 5.72 1.34 53.31
C HIS O 198 5.81 2.32 52.16
N GLY O 199 4.69 2.98 51.85
CA GLY O 199 4.65 4.00 50.82
C GLY O 199 5.09 5.35 51.37
N THR O 200 5.03 6.36 50.53
CA THR O 200 5.40 7.72 50.92
C THR O 200 4.34 8.73 50.46
N ILE O 201 4.19 9.79 51.25
CA ILE O 201 3.22 10.85 50.95
C ILE O 201 3.67 11.63 49.72
N VAL O 202 2.73 11.97 48.85
CA VAL O 202 3.03 12.73 47.65
C VAL O 202 3.36 14.17 48.01
N LYS O 203 4.56 14.63 47.64
CA LYS O 203 4.97 16.00 47.89
C LYS O 203 4.43 16.90 46.80
N VAL P 2 -21.30 -12.54 32.89
CA VAL P 2 -20.11 -11.73 32.52
C VAL P 2 -18.83 -12.36 33.05
N SER P 3 -18.88 -12.86 34.29
CA SER P 3 -17.74 -13.53 34.92
C SER P 3 -17.25 -14.74 34.11
N GLU P 4 -18.16 -15.47 33.50
CA GLU P 4 -17.80 -16.68 32.75
C GLU P 4 -16.93 -16.39 31.53
N TYR P 5 -17.14 -15.24 30.91
CA TYR P 5 -16.34 -14.83 29.74
C TYR P 5 -14.99 -14.27 30.18
N ILE P 6 -14.93 -13.67 31.37
CA ILE P 6 -13.67 -13.27 31.97
C ILE P 6 -12.83 -14.51 32.30
N ASP P 7 -13.48 -15.54 32.84
CA ASP P 7 -12.81 -16.78 33.22
C ASP P 7 -12.23 -17.51 32.01
N SER P 8 -12.96 -17.55 30.91
CA SER P 8 -12.49 -18.18 29.68
C SER P 8 -11.34 -17.39 29.04
N GLU P 9 -11.31 -16.07 29.25
CA GLU P 9 -10.21 -15.24 28.77
C GLU P 9 -8.95 -15.43 29.62
N LEU P 10 -9.12 -15.61 30.93
CA LEU P 10 -7.99 -15.92 31.82
C LEU P 10 -7.45 -17.32 31.53
N LYS P 11 -8.34 -18.24 31.17
CA LYS P 11 -7.97 -19.60 30.75
C LYS P 11 -7.06 -19.57 29.52
N ARG P 12 -7.47 -18.83 28.50
CA ARG P 12 -6.70 -18.73 27.25
C ARG P 12 -5.38 -17.99 27.45
N LEU P 13 -5.36 -17.02 28.37
CA LEU P 13 -4.15 -16.27 28.71
C LEU P 13 -3.13 -17.15 29.44
N GLU P 14 -3.59 -18.04 30.29
CA GLU P 14 -2.73 -19.00 30.98
C GLU P 14 -2.10 -19.97 29.97
N ASP P 15 -2.92 -20.47 29.05
CA ASP P 15 -2.46 -21.35 27.97
C ASP P 15 -1.38 -20.68 27.13
N TYR P 16 -1.64 -19.42 26.74
CA TYR P 16 -0.69 -18.63 25.98
C TYR P 16 0.63 -18.45 26.75
N ALA P 17 0.52 -18.17 28.05
CA ALA P 17 1.69 -17.98 28.90
C ALA P 17 2.48 -19.26 29.10
N LEU P 18 1.81 -20.41 29.01
CA LEU P 18 2.42 -21.70 29.29
C LEU P 18 2.29 -22.69 28.12
N ARG P 19 2.43 -22.18 26.89
CA ARG P 19 2.32 -23.03 25.69
C ARG P 19 3.35 -24.14 25.65
N ARG P 20 4.57 -23.83 26.07
CA ARG P 20 5.68 -24.79 25.98
C ARG P 20 5.66 -25.79 27.14
N VAL P 21 4.97 -25.44 28.22
CA VAL P 21 4.74 -26.37 29.32
C VAL P 21 3.61 -27.33 28.98
N LYS P 22 2.54 -26.81 28.38
CA LYS P 22 1.32 -27.58 28.14
C LYS P 22 1.31 -28.37 26.83
N GLY P 23 2.35 -28.23 26.02
CA GLY P 23 2.42 -28.89 24.72
C GLY P 23 1.45 -28.27 23.72
N ILE P 24 1.45 -26.94 23.66
CA ILE P 24 0.66 -26.19 22.69
C ILE P 24 1.64 -25.66 21.63
N PRO P 25 1.36 -25.94 20.34
CA PRO P 25 2.24 -25.48 19.27
C PRO P 25 1.96 -24.03 18.87
N ASN P 26 2.76 -23.49 17.96
CA ASN P 26 2.43 -22.22 17.31
C ASN P 26 1.18 -22.40 16.44
N ASN P 27 0.57 -21.29 16.02
CA ASN P 27 -0.77 -21.34 15.43
C ASN P 27 -0.88 -22.05 14.07
N ARG P 28 0.24 -22.17 13.35
CA ARG P 28 0.24 -22.83 12.04
C ARG P 28 1.11 -24.09 11.99
N ARG P 29 1.68 -24.49 13.13
CA ARG P 29 2.67 -25.58 13.16
C ARG P 29 3.75 -25.36 12.10
N LEU P 30 4.26 -24.14 12.04
CA LEU P 30 5.18 -23.71 10.99
C LEU P 30 6.51 -23.28 11.56
N TRP P 31 7.58 -23.64 10.88
CA TRP P 31 8.93 -23.21 11.23
C TRP P 31 9.59 -22.63 10.00
N VAL P 32 10.22 -21.46 10.15
CA VAL P 32 10.86 -20.77 9.04
C VAL P 32 12.34 -20.56 9.31
N LEU P 33 13.16 -20.86 8.30
CA LEU P 33 14.60 -20.59 8.35
C LEU P 33 14.87 -19.48 7.36
N THR P 34 15.20 -18.30 7.87
CA THR P 34 15.40 -17.14 7.01
C THR P 34 16.63 -16.35 7.45
N CYS P 35 16.78 -15.16 6.88
CA CYS P 35 17.99 -14.35 7.05
C CYS P 35 17.79 -13.27 8.10
N MSE P 36 18.89 -12.86 8.73
CA MSE P 36 18.86 -11.80 9.75
C MSE P 36 18.75 -10.41 9.12
O MSE P 36 18.40 -9.45 9.81
CB MSE P 36 20.11 -11.87 10.63
CG MSE P 36 21.35 -11.31 9.96
SE MSE P 36 22.95 -11.57 11.03
CE MSE P 36 24.20 -10.57 9.92
N ASP P 37 19.05 -10.32 7.83
CA ASP P 37 19.03 -9.05 7.09
C ASP P 37 17.81 -8.18 7.43
N GLU P 38 18.04 -6.89 7.64
CA GLU P 38 17.00 -5.96 8.11
C GLU P 38 15.92 -5.67 7.07
N ARG P 39 16.23 -5.91 5.80
CA ARG P 39 15.28 -5.69 4.70
C ARG P 39 14.39 -6.91 4.46
N VAL P 40 14.63 -8.01 5.16
CA VAL P 40 13.79 -9.20 5.04
C VAL P 40 12.65 -9.14 6.05
N HIS P 41 11.49 -8.68 5.61
CA HIS P 41 10.30 -8.58 6.45
C HIS P 41 9.48 -9.85 6.25
N ILE P 42 9.90 -10.91 6.94
CA ILE P 42 9.48 -12.28 6.59
C ILE P 42 7.99 -12.55 6.82
N GLU P 43 7.44 -12.11 7.95
CA GLU P 43 6.03 -12.36 8.27
C GLU P 43 5.11 -11.75 7.23
N GLN P 44 5.47 -10.55 6.77
CA GLN P 44 4.70 -9.84 5.77
C GLN P 44 4.74 -10.59 4.43
N SER P 45 5.91 -11.12 4.07
CA SER P 45 6.08 -11.83 2.81
C SER P 45 5.37 -13.18 2.78
N LEU P 46 5.30 -13.84 3.93
CA LEU P 46 4.63 -15.14 4.06
C LEU P 46 3.13 -15.00 4.35
N GLY P 47 2.67 -13.76 4.57
CA GLY P 47 1.27 -13.49 4.87
C GLY P 47 0.80 -14.12 6.18
N ILE P 48 1.67 -14.11 7.18
CA ILE P 48 1.38 -14.74 8.48
C ILE P 48 1.28 -13.72 9.63
N GLN P 49 0.53 -14.08 10.66
CA GLN P 49 0.40 -13.28 11.87
C GLN P 49 1.53 -13.64 12.84
N PRO P 50 1.80 -12.76 13.83
CA PRO P 50 2.99 -12.91 14.69
C PRO P 50 3.12 -14.24 15.45
N ASP P 51 2.00 -14.81 15.89
CA ASP P 51 2.00 -16.06 16.65
C ASP P 51 1.89 -17.32 15.77
N ASP P 52 2.11 -17.19 14.46
CA ASP P 52 1.89 -18.29 13.54
C ASP P 52 3.04 -19.29 13.47
N ALA P 53 4.28 -18.82 13.58
CA ALA P 53 5.44 -19.67 13.34
C ALA P 53 6.63 -19.36 14.23
N HIS P 54 7.45 -20.39 14.44
CA HIS P 54 8.78 -20.25 15.00
C HIS P 54 9.69 -19.78 13.89
N ILE P 55 10.36 -18.64 14.08
CA ILE P 55 11.18 -18.06 13.03
C ILE P 55 12.64 -18.07 13.45
N TYR P 56 13.42 -18.90 12.76
CA TYR P 56 14.85 -18.96 12.96
C TYR P 56 15.51 -18.01 11.97
N ARG P 57 16.50 -17.25 12.45
CA ARG P 57 17.17 -16.25 11.62
C ARG P 57 18.67 -16.24 11.89
N ASN P 58 19.46 -16.31 10.82
CA ASN P 58 20.91 -16.24 10.91
C ASN P 58 21.49 -15.50 9.71
N ALA P 59 22.82 -15.37 9.68
CA ALA P 59 23.49 -14.72 8.56
C ALA P 59 23.46 -15.65 7.35
N GLY P 60 22.65 -15.29 6.35
CA GLY P 60 22.57 -16.04 5.10
C GLY P 60 21.30 -16.85 4.90
N GLY P 61 20.63 -17.23 5.98
CA GLY P 61 19.51 -18.16 5.91
C GLY P 61 20.02 -19.53 5.51
N ILE P 62 21.16 -19.90 6.09
CA ILE P 62 21.89 -21.11 5.73
C ILE P 62 21.74 -22.15 6.84
N VAL P 63 21.60 -23.42 6.44
CA VAL P 63 21.47 -24.51 7.40
C VAL P 63 22.79 -24.72 8.14
N THR P 64 22.79 -24.40 9.43
CA THR P 64 23.93 -24.62 10.31
C THR P 64 23.49 -25.61 11.38
N ASP P 65 24.40 -25.95 12.30
CA ASP P 65 24.08 -26.86 13.39
C ASP P 65 23.00 -26.30 14.31
N ASP P 66 23.02 -24.99 14.53
CA ASP P 66 22.04 -24.32 15.37
C ASP P 66 20.65 -24.37 14.70
N ALA P 67 20.64 -24.19 13.37
CA ALA P 67 19.40 -24.32 12.60
C ALA P 67 18.82 -25.74 12.68
N ILE P 68 19.70 -26.75 12.58
CA ILE P 68 19.29 -28.16 12.75
C ILE P 68 18.85 -28.44 14.20
N ARG P 69 19.58 -27.88 15.16
CA ARG P 69 19.19 -27.97 16.57
C ARG P 69 17.79 -27.40 16.77
N SER P 70 17.58 -26.20 16.26
CA SER P 70 16.30 -25.50 16.42
C SER P 70 15.17 -26.20 15.66
N ALA P 71 15.46 -26.64 14.43
CA ALA P 71 14.48 -27.38 13.63
C ALA P 71 14.15 -28.73 14.25
N SER P 72 15.15 -29.38 14.83
CA SER P 72 14.97 -30.68 15.50
C SER P 72 13.97 -30.59 16.65
N LEU P 73 14.06 -29.52 17.44
CA LEU P 73 13.20 -29.33 18.60
C LEU P 73 11.80 -28.87 18.21
N THR P 74 11.70 -27.92 17.28
CA THR P 74 10.41 -27.40 16.87
C THR P 74 9.51 -28.48 16.27
N THR P 75 10.10 -29.39 15.50
CA THR P 75 9.35 -30.45 14.84
C THR P 75 8.93 -31.56 15.81
N ASN P 76 9.90 -32.15 16.48
CA ASN P 76 9.65 -33.29 17.37
C ASN P 76 8.91 -32.92 18.67
N PHE P 77 9.30 -31.80 19.29
CA PHE P 77 8.77 -31.44 20.62
C PHE P 77 7.67 -30.39 20.58
N PHE P 78 7.77 -29.41 19.69
CA PHE P 78 6.80 -28.31 19.63
C PHE P 78 5.79 -28.44 18.49
N GLY P 79 5.76 -29.59 17.83
CA GLY P 79 4.67 -29.96 16.92
C GLY P 79 4.63 -29.30 15.55
N THR P 80 5.76 -28.77 15.09
CA THR P 80 5.82 -28.15 13.77
C THR P 80 5.78 -29.20 12.65
N LYS P 81 4.85 -29.02 11.71
CA LYS P 81 4.67 -29.93 10.57
C LYS P 81 5.07 -29.32 9.23
N GLU P 82 5.44 -28.04 9.22
CA GLU P 82 5.86 -27.37 7.99
C GLU P 82 7.12 -26.56 8.20
N ILE P 83 8.07 -26.70 7.26
CA ILE P 83 9.28 -25.90 7.25
C ILE P 83 9.34 -25.12 5.94
N ILE P 84 9.72 -23.86 6.03
CA ILE P 84 9.90 -22.99 4.86
C ILE P 84 11.27 -22.33 4.97
N VAL P 85 12.10 -22.52 3.95
CA VAL P 85 13.42 -21.92 3.89
C VAL P 85 13.34 -20.68 3.00
N VAL P 86 13.82 -19.55 3.52
CA VAL P 86 13.77 -18.29 2.80
C VAL P 86 15.14 -17.61 2.80
N THR P 87 15.88 -17.79 1.71
CA THR P 87 17.08 -17.01 1.44
C THR P 87 16.65 -15.65 0.90
N HIS P 88 17.59 -14.75 0.64
CA HIS P 88 17.24 -13.44 0.10
C HIS P 88 18.27 -12.88 -0.88
N THR P 89 17.84 -11.88 -1.64
CA THR P 89 18.69 -11.23 -2.64
C THR P 89 19.57 -10.16 -2.00
N ASP P 90 20.72 -9.92 -2.62
CA ASP P 90 21.77 -9.05 -2.06
C ASP P 90 22.15 -9.52 -0.64
N CYS P 91 22.26 -10.83 -0.47
CA CYS P 91 22.69 -11.40 0.79
C CYS P 91 24.18 -11.16 0.97
N GLY P 92 24.57 -10.63 2.13
CA GLY P 92 25.97 -10.38 2.45
C GLY P 92 26.86 -11.60 2.35
N MSE P 93 26.26 -12.79 2.50
CA MSE P 93 26.98 -14.05 2.33
C MSE P 93 27.30 -14.34 0.86
O MSE P 93 28.05 -15.27 0.55
CB MSE P 93 26.17 -15.21 2.90
CG MSE P 93 25.74 -15.06 4.36
SE MSE P 93 27.20 -14.57 5.58
CE MSE P 93 27.01 -12.63 5.54
N LEU P 94 26.73 -13.55 -0.06
CA LEU P 94 27.05 -13.62 -1.48
C LEU P 94 27.83 -12.38 -1.94
N ARG P 95 28.39 -11.63 -0.99
CA ARG P 95 29.18 -10.44 -1.29
C ARG P 95 30.65 -10.54 -0.85
N PHE P 96 30.99 -11.56 -0.06
CA PHE P 96 32.35 -11.76 0.41
C PHE P 96 32.69 -13.26 0.40
N THR P 97 33.95 -13.58 0.68
CA THR P 97 34.38 -14.97 0.83
C THR P 97 35.02 -15.19 2.19
N GLY P 98 35.03 -16.44 2.64
CA GLY P 98 35.62 -16.80 3.93
C GLY P 98 37.12 -16.56 4.00
N GLU P 99 37.77 -16.55 2.84
CA GLU P 99 39.21 -16.29 2.75
C GLU P 99 39.54 -14.84 3.09
N GLU P 100 38.71 -13.92 2.59
CA GLU P 100 38.87 -12.48 2.89
C GLU P 100 38.68 -12.24 4.38
N VAL P 101 37.58 -12.77 4.91
CA VAL P 101 37.22 -12.61 6.32
C VAL P 101 38.30 -13.19 7.24
N ALA P 102 38.84 -14.35 6.86
CA ALA P 102 39.92 -14.98 7.63
C ALA P 102 41.17 -14.10 7.70
N LYS P 103 41.58 -13.56 6.57
CA LYS P 103 42.75 -12.68 6.50
C LYS P 103 42.56 -11.38 7.29
N TYR P 104 41.31 -10.90 7.34
CA TYR P 104 40.97 -9.71 8.14
C TYR P 104 41.19 -9.96 9.63
N PHE P 105 40.64 -11.07 10.14
CA PHE P 105 40.77 -11.41 11.56
C PHE P 105 42.22 -11.73 11.93
N ILE P 106 42.94 -12.42 11.04
CA ILE P 106 44.35 -12.71 11.24
C ILE P 106 45.19 -11.44 11.36
N SER P 107 44.84 -10.42 10.56
CA SER P 107 45.57 -9.15 10.57
C SER P 107 45.36 -8.34 11.86
N LYS P 108 44.34 -8.68 12.64
CA LYS P 108 44.09 -8.05 13.94
C LYS P 108 44.57 -8.92 15.10
N GLY P 109 45.25 -10.02 14.80
CA GLY P 109 45.86 -10.87 15.83
C GLY P 109 45.01 -12.02 16.34
N ILE P 110 43.97 -12.38 15.59
CA ILE P 110 43.16 -13.56 15.93
C ILE P 110 43.79 -14.79 15.28
N LYS P 111 43.81 -15.90 16.02
CA LYS P 111 44.34 -17.16 15.51
C LYS P 111 43.22 -18.17 15.30
N PRO P 112 42.97 -18.58 14.03
CA PRO P 112 41.90 -19.50 13.66
C PRO P 112 41.81 -20.78 14.50
N THR P 113 42.96 -21.36 14.83
CA THR P 113 43.02 -22.63 15.56
C THR P 113 42.58 -22.51 17.02
N GLU P 114 43.02 -21.44 17.69
CA GLU P 114 42.79 -21.28 19.13
C GLU P 114 41.74 -20.21 19.48
N VAL P 115 40.63 -20.23 18.75
CA VAL P 115 39.49 -19.36 19.05
C VAL P 115 38.25 -20.22 19.31
N GLN P 116 37.57 -19.95 20.41
CA GLN P 116 36.36 -20.71 20.78
C GLN P 116 35.17 -20.31 19.91
N LEU P 117 34.79 -21.19 18.99
CA LEU P 117 33.65 -20.95 18.13
C LEU P 117 32.33 -21.04 18.90
N ASP P 118 32.23 -22.04 19.78
CA ASP P 118 31.06 -22.18 20.66
C ASP P 118 31.50 -22.30 22.12
N PRO P 119 31.54 -21.17 22.85
CA PRO P 119 31.92 -21.13 24.27
C PRO P 119 31.18 -22.13 25.17
N LEU P 120 29.89 -22.32 24.93
CA LEU P 120 29.08 -23.24 25.73
C LEU P 120 29.22 -24.70 25.29
N LEU P 121 29.91 -24.94 24.17
CA LEU P 121 30.22 -26.30 23.72
C LEU P 121 31.69 -26.37 23.29
N PRO P 122 32.61 -26.58 24.25
CA PRO P 122 34.03 -26.63 23.94
C PRO P 122 34.46 -27.85 23.11
N ALA P 123 33.59 -28.85 23.02
CA ALA P 123 33.84 -30.04 22.19
C ALA P 123 33.89 -29.73 20.69
N PHE P 124 33.40 -28.54 20.30
CA PHE P 124 33.47 -28.07 18.92
C PHE P 124 34.81 -27.37 18.65
N ARG P 125 35.77 -28.13 18.10
CA ARG P 125 37.03 -27.58 17.62
C ARG P 125 37.13 -27.69 16.11
N ILE P 126 38.05 -26.92 15.52
CA ILE P 126 38.31 -26.96 14.07
C ILE P 126 39.74 -27.39 13.74
N SER P 127 40.72 -26.86 14.48
CA SER P 127 42.14 -27.22 14.31
C SER P 127 42.64 -27.11 12.86
N SER P 128 42.16 -26.10 12.13
CA SER P 128 42.57 -25.86 10.75
C SER P 128 42.03 -24.53 10.24
N GLU P 129 42.86 -23.77 9.52
CA GLU P 129 42.43 -22.51 8.92
C GLU P 129 41.45 -22.74 7.77
N GLU P 130 41.55 -23.89 7.13
CA GLU P 130 40.63 -24.26 6.04
C GLU P 130 39.22 -24.46 6.61
N ASP P 131 39.13 -25.11 7.77
CA ASP P 131 37.86 -25.31 8.46
C ASP P 131 37.29 -23.98 8.98
N PHE P 132 38.18 -23.06 9.35
CA PHE P 132 37.78 -21.73 9.83
C PHE P 132 37.12 -20.90 8.73
N ILE P 133 37.64 -21.02 7.51
CA ILE P 133 37.07 -20.32 6.34
C ILE P 133 35.68 -20.87 5.98
N LYS P 134 35.57 -22.19 5.91
CA LYS P 134 34.29 -22.83 5.57
C LYS P 134 33.23 -22.65 6.67
N TRP P 135 33.68 -22.43 7.90
CA TRP P 135 32.78 -22.21 9.03
C TRP P 135 31.91 -20.95 8.87
N PHE P 136 32.47 -19.90 8.27
CA PHE P 136 31.70 -18.68 7.99
C PHE P 136 30.56 -18.91 7.00
N LYS P 137 30.66 -19.97 6.20
CA LYS P 137 29.60 -20.42 5.30
C LYS P 137 29.17 -19.36 4.28
N PHE P 138 30.17 -18.71 3.67
CA PHE P 138 29.90 -17.83 2.53
C PHE P 138 29.54 -18.69 1.33
N TYR P 139 28.69 -18.14 0.45
CA TYR P 139 28.18 -18.87 -0.70
C TYR P 139 29.29 -19.48 -1.55
N GLU P 140 30.34 -18.71 -1.81
CA GLU P 140 31.44 -19.14 -2.68
C GLU P 140 32.17 -20.39 -2.19
N ASP P 141 32.43 -20.45 -0.89
CA ASP P 141 33.15 -21.58 -0.30
C ASP P 141 32.30 -22.85 -0.30
N LEU P 142 30.98 -22.67 -0.29
CA LEU P 142 30.03 -23.78 -0.38
C LEU P 142 29.70 -24.14 -1.83
N GLY P 143 30.24 -23.38 -2.78
CA GLY P 143 29.99 -23.61 -4.20
C GLY P 143 28.58 -23.28 -4.63
N VAL P 144 27.98 -22.29 -3.97
CA VAL P 144 26.61 -21.86 -4.27
C VAL P 144 26.62 -20.59 -5.11
N LYS P 145 25.82 -20.60 -6.18
CA LYS P 145 25.82 -19.56 -7.20
C LYS P 145 24.87 -18.41 -6.86
N SER P 146 23.72 -18.74 -6.28
CA SER P 146 22.65 -17.77 -6.07
C SER P 146 21.82 -18.08 -4.82
N PRO P 147 21.01 -17.12 -4.35
CA PRO P 147 20.08 -17.41 -3.25
C PRO P 147 19.08 -18.50 -3.60
N ASP P 148 18.69 -18.57 -4.87
CA ASP P 148 17.78 -19.61 -5.37
C ASP P 148 18.35 -20.98 -5.09
N GLU P 149 19.62 -21.16 -5.43
CA GLU P 149 20.33 -22.42 -5.24
C GLU P 149 20.57 -22.71 -3.77
N MSE P 150 20.82 -21.66 -2.98
CA MSE P 150 21.03 -21.82 -1.54
C MSE P 150 19.73 -22.21 -0.83
O MSE P 150 19.76 -23.00 0.11
CB MSE P 150 21.59 -20.54 -0.92
CG MSE P 150 21.94 -20.66 0.56
SE MSE P 150 23.30 -22.03 0.88
CE MSE P 150 24.89 -20.98 0.47
N ALA P 151 18.62 -21.64 -1.28
CA ALA P 151 17.30 -22.00 -0.76
C ALA P 151 17.04 -23.48 -0.99
N LEU P 152 17.34 -23.95 -2.21
CA LEU P 152 17.16 -25.36 -2.57
C LEU P 152 18.12 -26.28 -1.81
N LYS P 153 19.35 -25.82 -1.61
CA LYS P 153 20.35 -26.57 -0.84
C LYS P 153 19.86 -26.79 0.60
N GLY P 154 19.32 -25.74 1.21
CA GLY P 154 18.73 -25.83 2.54
C GLY P 154 17.59 -26.84 2.61
N VAL P 155 16.69 -26.77 1.63
CA VAL P 155 15.54 -27.70 1.55
C VAL P 155 16.01 -29.15 1.41
N GLU P 156 17.00 -29.37 0.55
CA GLU P 156 17.63 -30.68 0.38
C GLU P 156 18.15 -31.22 1.71
N ILE P 157 18.95 -30.41 2.38
CA ILE P 157 19.58 -30.78 3.65
C ILE P 157 18.56 -31.19 4.73
N LEU P 158 17.53 -30.37 4.92
CA LEU P 158 16.54 -30.61 5.98
C LEU P 158 15.66 -31.83 5.69
N ARG P 159 15.41 -32.09 4.39
CA ARG P 159 14.65 -33.26 3.97
C ARG P 159 15.37 -34.58 4.26
N ASN P 160 16.70 -34.56 4.15
CA ASN P 160 17.52 -35.78 4.31
C ASN P 160 18.12 -35.96 5.71
N HIS P 161 17.77 -35.09 6.65
CA HIS P 161 18.35 -35.14 8.00
C HIS P 161 17.46 -35.94 8.94
N PRO P 162 18.05 -36.88 9.70
CA PRO P 162 17.26 -37.78 10.56
C PRO P 162 16.63 -37.13 11.80
N LEU P 163 17.18 -36.00 12.24
CA LEU P 163 16.63 -35.28 13.39
C LEU P 163 15.28 -34.62 13.06
N ILE P 164 15.11 -34.23 11.80
CA ILE P 164 13.84 -33.66 11.33
C ILE P 164 12.95 -34.77 10.76
N PRO P 165 11.75 -34.97 11.35
CA PRO P 165 10.81 -35.99 10.87
C PRO P 165 10.53 -35.91 9.37
N LYS P 166 10.33 -37.07 8.74
CA LYS P 166 10.17 -37.14 7.29
C LYS P 166 8.77 -36.76 6.81
N ASP P 167 7.81 -36.71 7.73
CA ASP P 167 6.43 -36.29 7.39
C ASP P 167 6.25 -34.77 7.36
N VAL P 168 7.29 -34.04 7.77
CA VAL P 168 7.27 -32.57 7.69
C VAL P 168 7.49 -32.13 6.25
N ARG P 169 6.59 -31.28 5.75
CA ARG P 169 6.75 -30.71 4.41
C ARG P 169 7.78 -29.58 4.43
N ILE P 170 8.62 -29.53 3.41
CA ILE P 170 9.73 -28.58 3.34
C ILE P 170 9.75 -27.91 1.97
N THR P 171 9.64 -26.58 1.96
CA THR P 171 9.63 -25.77 0.73
C THR P 171 10.65 -24.63 0.84
N GLY P 172 11.17 -24.20 -0.31
CA GLY P 172 12.15 -23.11 -0.35
C GLY P 172 11.68 -21.94 -1.18
N TYR P 173 12.02 -20.73 -0.75
CA TYR P 173 11.74 -19.50 -1.51
C TYR P 173 12.91 -18.53 -1.39
N VAL P 174 12.87 -17.49 -2.22
CA VAL P 174 13.84 -16.41 -2.15
C VAL P 174 13.11 -15.09 -1.89
N TYR P 175 13.52 -14.37 -0.85
CA TYR P 175 12.99 -13.05 -0.55
C TYR P 175 13.73 -12.02 -1.40
N GLU P 176 12.98 -11.28 -2.21
CA GLU P 176 13.56 -10.20 -3.01
C GLU P 176 13.47 -8.89 -2.24
N VAL P 177 14.62 -8.40 -1.77
CA VAL P 177 14.68 -7.13 -1.03
C VAL P 177 14.26 -5.94 -1.88
N GLU P 178 14.52 -6.03 -3.18
CA GLU P 178 14.18 -4.94 -4.11
C GLU P 178 12.68 -4.82 -4.41
N THR P 179 11.89 -5.84 -4.04
CA THR P 179 10.43 -5.79 -4.21
C THR P 179 9.62 -6.22 -2.96
N HIS P 180 10.31 -6.54 -1.86
CA HIS P 180 9.69 -7.03 -0.62
C HIS P 180 8.69 -8.16 -0.88
N ARG P 181 9.12 -9.14 -1.66
CA ARG P 181 8.24 -10.19 -2.15
C ARG P 181 9.06 -11.46 -2.41
N LEU P 182 8.43 -12.61 -2.18
CA LEU P 182 9.10 -13.89 -2.41
C LEU P 182 9.01 -14.30 -3.88
N ARG P 183 9.92 -15.17 -4.30
CA ARG P 183 9.80 -15.88 -5.57
C ARG P 183 10.18 -17.35 -5.36
N LYS P 184 9.66 -18.22 -6.22
CA LYS P 184 10.10 -19.62 -6.24
C LYS P 184 11.53 -19.64 -6.75
N PRO P 185 12.36 -20.59 -6.27
CA PRO P 185 13.72 -20.70 -6.76
C PRO P 185 13.78 -20.93 -8.27
N ASN P 186 14.67 -20.21 -8.95
CA ASN P 186 14.89 -20.34 -10.40
C ASN P 186 13.68 -19.99 -11.27
N GLN P 187 12.69 -19.31 -10.70
CA GLN P 187 11.52 -18.85 -11.43
C GLN P 187 11.46 -17.32 -11.35
N ILE P 188 12.34 -16.70 -12.14
CA ILE P 188 12.51 -15.25 -12.16
C ILE P 188 11.79 -14.68 -13.38
N ILE P 189 10.78 -13.85 -13.14
CA ILE P 189 9.97 -13.26 -14.22
C ILE P 189 10.65 -12.10 -14.96
N TYR P 190 11.69 -11.53 -14.36
CA TYR P 190 12.34 -10.32 -14.90
C TYR P 190 13.16 -10.60 -16.16
N ASN P 191 13.67 -11.83 -16.29
CA ASN P 191 14.47 -12.23 -17.47
C ASN P 191 13.62 -12.82 -18.61
N GLU P 192 12.29 -12.66 -18.51
CA GLU P 192 11.36 -13.15 -19.51
C GLU P 192 10.53 -12.02 -20.13
N THR P 193 10.18 -11.02 -19.31
CA THR P 193 9.32 -9.92 -19.73
C THR P 193 10.04 -8.84 -20.53
N SER P 194 11.37 -8.84 -20.50
CA SER P 194 12.17 -7.79 -21.16
C SER P 194 12.92 -8.27 -22.42
N LYS P 195 12.69 -9.51 -22.83
CA LYS P 195 13.21 -10.02 -24.10
C LYS P 195 12.05 -10.45 -24.99
N PHE P 196 12.36 -10.74 -26.26
CA PHE P 196 11.36 -11.32 -27.17
C PHE P 196 11.10 -12.77 -26.82
N GLU P 197 9.83 -13.15 -26.88
CA GLU P 197 9.44 -14.55 -26.93
C GLU P 197 8.03 -14.67 -27.50
N HIS P 198 7.76 -15.78 -28.18
CA HIS P 198 6.50 -15.96 -28.90
C HIS P 198 5.31 -15.97 -27.94
N GLY P 199 4.32 -15.14 -28.26
CA GLY P 199 3.08 -15.10 -27.49
C GLY P 199 2.02 -15.97 -28.12
N THR P 200 0.85 -16.01 -27.52
CA THR P 200 -0.29 -16.71 -28.08
C THR P 200 -1.44 -15.74 -28.32
N ILE P 201 -2.15 -15.95 -29.43
CA ILE P 201 -3.31 -15.13 -29.77
C ILE P 201 -4.46 -15.42 -28.82
N VAL P 202 -5.16 -14.37 -28.40
CA VAL P 202 -6.28 -14.51 -27.46
C VAL P 202 -7.51 -15.05 -28.19
N LYS P 203 -8.07 -16.12 -27.65
CA LYS P 203 -9.27 -16.75 -28.20
C LYS P 203 -10.44 -16.63 -27.22
CL CL Q . 2.54 -37.66 -26.49
CL CL R . 21.47 -36.35 -24.54
CL CL S . 43.43 9.25 -12.57
CL CL T . 71.03 12.63 -15.65
CL CL U . 66.29 0.63 -14.11
CL CL V . 40.22 -1.84 -27.85
CL CL W . -24.64 -6.17 3.59
CL CL X . -14.04 -30.92 8.59
CL CL Y . -20.15 -24.95 2.73
CL CL Z . 25.28 20.70 22.94
O22 PE3 AA . -2.42 3.26 6.42
C21 PE3 AA . -2.75 4.57 6.85
C20 PE3 AA . -3.59 4.50 8.11
O19 PE3 AA . -2.88 5.11 9.19
C18 PE3 AA . -2.25 4.10 9.99
C17 PE3 AA . -1.50 4.76 11.14
O16 PE3 AA . -1.30 3.81 12.21
C15 PE3 AA . 0.05 3.29 12.16
C14 PE3 AA . 0.15 1.91 12.83
O13 PE3 AA . -1.15 1.35 13.11
C12 PE3 AA . -1.09 -0.09 13.14
C11 PE3 AA . -2.06 -0.69 12.13
O10 PE3 AA . -3.38 -0.13 12.33
C9 PE3 AA . -4.40 -0.90 11.69
C8 PE3 AA . -4.64 -2.20 12.43
O7 PE3 AA . -5.91 -2.80 12.09
C6 PE3 AA . -5.86 -4.22 12.28
C5 PE3 AA . -5.15 -4.89 11.12
O4 PE3 AA . -5.26 -6.31 11.20
C3 PE3 AA . -5.23 -6.87 9.87
C2 PE3 AA . -3.80 -7.12 9.40
O1 PE3 AA . -3.63 -6.58 8.09
CL CL BA . 2.04 20.12 15.35
CL CL CA . -7.83 2.65 45.33
CL CL DA . -7.19 0.96 58.86
CL CL EA . -26.23 6.17 40.69
CL CL FA . -35.35 31.72 11.97
CL CL GA . -37.87 25.62 -6.10
CL CL HA . 0.85 -1.58 -25.46
CL CL IA . -22.38 -1.52 -32.69
CL CL JA . -6.13 16.31 -27.09
CL CL KA . 12.96 -20.24 21.61
CL CL LA . 23.91 -17.43 25.99
O40 PE3 MA . -9.07 10.85 -0.43
C39 PE3 MA . -7.81 11.08 -1.07
C38 PE3 MA . -7.41 12.55 -0.91
O37 PE3 MA . -6.41 12.97 -1.87
C36 PE3 MA . -5.29 12.07 -1.87
C35 PE3 MA . -4.18 12.53 -2.79
O34 PE3 MA . -2.97 11.81 -2.53
C33 PE3 MA . -3.06 10.42 -2.90
C32 PE3 MA . -1.80 9.96 -3.62
O31 PE3 MA . -1.71 10.53 -4.94
C30 PE3 MA . -0.55 10.02 -5.64
C29 PE3 MA . 0.03 11.09 -6.56
O28 PE3 MA . 1.46 10.93 -6.68
C27 PE3 MA . 2.13 11.72 -5.66
C26 PE3 MA . 3.52 11.14 -5.36
O25 PE3 MA . 3.47 9.70 -5.21
C24 PE3 MA . 4.74 9.12 -5.53
C23 PE3 MA . 4.56 7.90 -6.43
O22 PE3 MA . 5.82 7.26 -6.71
C21 PE3 MA . 6.28 7.56 -8.04
C20 PE3 MA . 7.76 7.92 -8.01
O19 PE3 MA . 8.53 7.04 -8.85
C18 PE3 MA . 8.76 5.77 -8.20
C17 PE3 MA . 10.18 5.26 -8.46
O16 PE3 MA . 10.37 3.94 -7.93
C15 PE3 MA . 10.10 3.83 -6.51
C14 PE3 MA . 11.39 3.48 -5.78
O13 PE3 MA . 11.14 3.38 -4.36
C12 PE3 MA . 12.13 4.13 -3.63
C11 PE3 MA . 12.12 3.71 -2.16
O10 PE3 MA . 12.94 2.54 -1.99
C9 PE3 MA . 12.64 1.89 -0.73
C8 PE3 MA . 12.78 0.39 -0.93
O7 PE3 MA . 11.55 -0.14 -1.47
C6 PE3 MA . 11.81 -1.20 -2.42
C5 PE3 MA . 10.90 -2.39 -2.12
O4 PE3 MA . 9.64 -2.24 -2.81
C3 PE3 MA . 8.65 -1.71 -1.90
C2 PE3 MA . 7.40 -2.60 -1.88
O1 PE3 MA . 7.10 -2.96 -0.54
CL CL NA . 21.60 -12.35 6.33
#